data_7LUA
#
_entry.id   7LUA
#
_cell.length_a   1.00
_cell.length_b   1.00
_cell.length_c   1.00
_cell.angle_alpha   90.00
_cell.angle_beta   90.00
_cell.angle_gamma   90.00
#
_symmetry.space_group_name_H-M   'P 1'
#
loop_
_entity.id
_entity.type
_entity.pdbx_description
1 polymer 'CH848 SOSIP gp120'
2 polymer 'Env polyprotein'
3 polymer 'DH898.1 light chain'
4 polymer 'DH898.1 heavy chain'
5 branched beta-D-mannopyranose-(1-4)-2-acetamido-2-deoxy-beta-D-glucopyranose-(1-4)-2-acetamido-2-deoxy-beta-D-glucopyranose
6 branched 2-acetamido-2-deoxy-beta-D-glucopyranose-(1-4)-2-acetamido-2-deoxy-beta-D-glucopyranose
7 branched alpha-D-mannopyranose-(1-3)-[alpha-D-mannopyranose-(1-6)]beta-D-mannopyranose-(1-4)-2-acetamido-2-deoxy-beta-D-glucopyranose-(1-4)-2-acetamido-2-deoxy-beta-D-glucopyranose
8 branched alpha-D-mannopyranose-(1-6)-alpha-D-mannopyranose-(1-6)-[alpha-D-mannopyranose-(1-3)]beta-D-mannopyranose-(1-4)-2-acetamido-2-deoxy-beta-D-glucopyranose-(1-4)-2-acetamido-2-deoxy-beta-D-glucopyranose
9 non-polymer 2-acetamido-2-deoxy-beta-D-glucopyranose
#
loop_
_entity_poly.entity_id
_entity_poly.type
_entity_poly.pdbx_seq_one_letter_code
_entity_poly.pdbx_strand_id
1 'polypeptide(L)'
;AENLWVTVYYGVPVWKEAKTTLFCASDARAYEKEVHNVWATHACVPTDPSPQELVLGNVTENFNMWKNDMVDQMHEDIIS
LWDQSLKPCVKLTPLCVTLICSNATVKNGTVEEMKNCSFNTTTEIRDKEKKEYALFYKPDIVPLSETNNTSEYRLINCNT
SACTQACPKVTFEPIPIHYCAPAGYAILKCNDETFNGTGPCSNVSTVQCTHGIRPVVSTQLLLNGSLAEKEIVIRSENLT
NNAKIIIVHLHTPVEIVCTRPNNNTRKSVRIGPGQTFYATGDIIGDIKQAHCNISEEKWNDTLQKVGIELQKHFPNKTIK
YNQSAGGDMEITTHSFNCGGEFFYCNTSNLFNGTYNGTYISTNSSANSTSTITLQCRIKQIINMWQGVGRCMYAPPIAGN
ITCRSNITGLLLTRDGGTNSNETETFRPAGGDMRDNWRSELYKYKVVKIEPLGVAPTRCKRRVVGR
;
a,c,e
2 'polypeptide(L)'
;FLGFLGAAGSTMGAASMTLTVQARNLLSGIVQQQSNLLRAPEAQQHLLKLTVWGIKQLQARVLAVERYLRDQQLLGIWGC
SGKLICCTNVPWNSSWSNRNLSEIWDNMTWLQWDKEISNYTQIIYGLLEESQNQQEKNEQDLLALD
;
b,d,f
3 'polypeptide(L)'
;EIVMTQTPLSLSVTPGEPASLSCRSSASLLHGNGNTYLHWYLRKAGQSPQLLIFGGSKRVPGISDRFIGSGAGTNFTLKI
SSVEADDVGFYYCAQGVAFPWTFGQGTKVEIKRAVAAPSVFIFPPSEDQVKSGTVSVVCLLNNFYPREASVKWKVDGVLK
TGNSQESVTEQDSKDNTYSLSSTLTLSNTDYQSHNVYACEVTHQGLSSPVTKSFNRGE
;
g,j
4 'polypeptide(L)'
;QDLLLQSGAEVREPGASVTVSCQASNYTFPDYYIHWVRLVPGQGLEWLGEMKPKVGVTNVSKKIRDRLFMTADTSTDTAY
MVLSALTPGDTAIYYCTRLEPDFLSGWAHWGKGVLVTVSPASTKGPSVFPLAPSSRSTSESTAALGCLVKDYFPEPVTVS
WNSGSLTSGVHTFPAVLQSSGLYSLSSVVTVPSSSLGTQTYVCNVNHKPSNTKVDKRVE
;
h,i
#
# COMPACT_ATOMS: atom_id res chain seq x y z
N ALA A 1 -25.88 -52.36 -57.44
CA ALA A 1 -24.50 -52.74 -57.07
C ALA A 1 -24.42 -53.18 -55.61
N GLU A 2 -24.32 -52.23 -54.66
CA GLU A 2 -24.14 -52.49 -53.23
C GLU A 2 -24.72 -51.33 -52.41
N ASN A 3 -24.98 -51.57 -51.14
CA ASN A 3 -25.39 -50.56 -50.16
C ASN A 3 -24.32 -49.47 -50.03
N LEU A 4 -24.79 -48.27 -49.73
CA LEU A 4 -23.97 -47.06 -49.68
C LEU A 4 -23.85 -46.56 -48.25
N TRP A 5 -22.66 -46.05 -47.95
CA TRP A 5 -22.19 -45.83 -46.60
C TRP A 5 -21.56 -44.48 -46.46
N VAL A 6 -21.80 -43.85 -45.32
CA VAL A 6 -21.13 -42.59 -44.99
C VAL A 6 -19.65 -42.86 -44.93
N THR A 7 -18.90 -42.05 -45.65
CA THR A 7 -17.45 -42.13 -45.66
C THR A 7 -16.91 -40.72 -45.59
N VAL A 8 -15.91 -40.52 -44.74
CA VAL A 8 -15.38 -39.21 -44.39
C VAL A 8 -14.13 -39.01 -45.20
N TYR A 9 -14.00 -37.83 -45.78
CA TYR A 9 -12.84 -37.41 -46.54
C TYR A 9 -12.34 -36.06 -46.05
N TYR A 10 -11.03 -35.94 -45.91
CA TYR A 10 -10.39 -34.77 -45.34
C TYR A 10 -9.38 -34.18 -46.32
N GLY A 11 -9.21 -32.86 -46.31
CA GLY A 11 -8.44 -32.18 -47.34
C GLY A 11 -9.14 -32.24 -48.71
N VAL A 12 -10.46 -32.10 -48.72
CA VAL A 12 -11.28 -32.07 -49.93
C VAL A 12 -11.15 -30.73 -50.66
N PRO A 13 -10.92 -30.64 -51.97
CA PRO A 13 -10.80 -29.35 -52.64
C PRO A 13 -12.15 -28.67 -52.80
N VAL A 14 -12.50 -27.81 -51.86
CA VAL A 14 -13.74 -27.00 -51.84
C VAL A 14 -13.56 -25.75 -50.97
N TRP A 15 -14.32 -24.68 -51.24
CA TRP A 15 -14.14 -23.37 -50.61
C TRP A 15 -15.36 -22.46 -50.73
N LYS A 16 -15.35 -21.33 -50.01
CA LYS A 16 -16.32 -20.21 -50.12
C LYS A 16 -15.62 -18.85 -50.07
N GLU A 17 -16.13 -17.84 -50.78
CA GLU A 17 -15.61 -16.46 -50.65
C GLU A 17 -15.92 -15.87 -49.26
N ALA A 18 -14.96 -15.16 -48.64
CA ALA A 18 -15.14 -14.57 -47.31
C ALA A 18 -14.16 -13.41 -47.03
N LYS A 19 -14.49 -12.58 -46.03
CA LYS A 19 -13.68 -11.46 -45.56
C LYS A 19 -12.59 -11.90 -44.58
N THR A 20 -11.42 -11.31 -44.67
CA THR A 20 -10.29 -11.52 -43.74
C THR A 20 -9.27 -10.42 -43.85
N THR A 21 -8.42 -10.25 -42.84
CA THR A 21 -7.15 -9.54 -42.99
C THR A 21 -6.25 -10.29 -43.96
N LEU A 22 -5.29 -9.60 -44.59
CA LEU A 22 -4.29 -10.18 -45.50
C LEU A 22 -2.89 -9.64 -45.20
N PHE A 23 -1.84 -10.27 -45.73
CA PHE A 23 -0.46 -9.90 -45.41
C PHE A 23 0.10 -8.72 -46.23
N CYS A 24 0.88 -7.83 -45.60
CA CYS A 24 1.64 -6.74 -46.24
C CYS A 24 2.91 -7.27 -46.94
N ALA A 25 2.74 -8.20 -47.87
CA ALA A 25 3.82 -8.85 -48.61
C ALA A 25 4.51 -7.91 -49.61
N SER A 26 5.83 -7.93 -49.66
CA SER A 26 6.59 -6.83 -50.26
C SER A 26 8.00 -7.25 -50.67
N ASP A 27 8.62 -6.47 -51.53
CA ASP A 27 10.08 -6.40 -51.65
C ASP A 27 10.72 -6.17 -50.27
N ALA A 28 11.83 -6.85 -49.98
CA ALA A 28 12.59 -6.70 -48.76
C ALA A 28 13.49 -5.44 -48.72
N ARG A 29 13.98 -4.99 -49.88
CA ARG A 29 15.21 -4.18 -50.00
C ARG A 29 15.12 -2.81 -49.38
N ALA A 30 13.97 -2.16 -49.53
CA ALA A 30 13.68 -0.86 -48.96
C ALA A 30 13.78 -0.81 -47.42
N TYR A 31 13.59 -1.93 -46.72
CA TYR A 31 13.59 -1.95 -45.25
C TYR A 31 14.97 -1.71 -44.66
N GLU A 32 16.02 -2.04 -45.41
CA GLU A 32 17.40 -1.65 -45.10
C GLU A 32 17.56 -0.13 -45.09
N LYS A 33 16.76 0.57 -45.90
CA LYS A 33 16.91 1.99 -46.25
C LYS A 33 15.95 2.90 -45.47
N GLU A 34 14.72 2.47 -45.27
CA GLU A 34 13.56 3.35 -45.07
C GLU A 34 12.69 2.91 -43.89
N VAL A 35 13.19 3.22 -42.68
CA VAL A 35 12.41 3.11 -41.45
C VAL A 35 11.17 4.00 -41.56
N HIS A 36 9.98 3.45 -41.31
CA HIS A 36 8.67 4.07 -41.52
C HIS A 36 8.46 4.59 -42.96
N ASN A 37 8.86 3.81 -43.95
CA ASN A 37 8.55 4.03 -45.36
C ASN A 37 7.05 4.33 -45.61
N VAL A 38 6.70 5.30 -46.45
CA VAL A 38 5.29 5.74 -46.61
C VAL A 38 4.35 4.61 -46.97
N TRP A 39 4.83 3.70 -47.82
CA TRP A 39 4.22 2.40 -48.07
C TRP A 39 5.24 1.30 -47.84
N ALA A 40 4.78 0.15 -47.34
CA ALA A 40 5.63 -0.93 -46.87
C ALA A 40 6.82 -0.43 -46.05
N THR A 41 6.53 0.00 -44.83
CA THR A 41 7.55 0.30 -43.83
C THR A 41 8.54 -0.85 -43.70
N HIS A 42 9.70 -0.56 -43.11
CA HIS A 42 10.63 -1.58 -42.61
C HIS A 42 9.98 -2.71 -41.80
N ALA A 43 8.78 -2.48 -41.24
CA ALA A 43 7.97 -3.46 -40.52
C ALA A 43 6.99 -4.30 -41.38
N CYS A 44 6.81 -4.03 -42.67
CA CYS A 44 6.09 -4.95 -43.58
C CYS A 44 6.93 -6.19 -43.96
N VAL A 45 6.36 -7.09 -44.78
CA VAL A 45 6.87 -8.46 -44.88
C VAL A 45 7.79 -8.62 -46.10
N PRO A 46 9.06 -9.07 -45.91
CA PRO A 46 10.09 -9.14 -46.95
C PRO A 46 9.92 -10.36 -47.87
N THR A 47 8.72 -10.59 -48.34
CA THR A 47 8.29 -11.78 -49.09
C THR A 47 8.94 -11.90 -50.45
N ASP A 48 8.98 -10.79 -51.20
CA ASP A 48 9.44 -10.68 -52.60
C ASP A 48 9.07 -11.93 -53.43
N PRO A 49 7.75 -12.15 -53.62
CA PRO A 49 7.15 -13.47 -53.82
C PRO A 49 7.61 -14.26 -55.04
N SER A 50 7.37 -15.58 -54.98
CA SER A 50 7.48 -16.48 -56.14
C SER A 50 6.09 -16.79 -56.70
N PRO A 51 5.80 -16.48 -57.98
CA PRO A 51 4.43 -16.41 -58.50
C PRO A 51 3.94 -17.78 -58.99
N GLN A 52 3.58 -18.66 -58.06
CA GLN A 52 3.21 -20.05 -58.36
C GLN A 52 1.78 -20.21 -58.86
N GLU A 53 1.44 -19.43 -59.88
CA GLU A 53 0.16 -19.46 -60.57
C GLU A 53 -0.16 -20.85 -61.13
N LEU A 54 -1.42 -21.27 -61.03
CA LEU A 54 -1.91 -22.45 -61.74
C LEU A 54 -3.40 -22.34 -62.03
N VAL A 55 -3.75 -22.33 -63.31
CA VAL A 55 -5.12 -22.52 -63.77
C VAL A 55 -5.60 -23.92 -63.39
N LEU A 56 -6.73 -24.04 -62.70
CA LEU A 56 -7.23 -25.34 -62.27
C LEU A 56 -7.92 -26.13 -63.38
N GLY A 57 -8.46 -25.45 -64.39
CA GLY A 57 -9.28 -26.07 -65.43
C GLY A 57 -10.64 -26.52 -64.92
N ASN A 58 -11.61 -26.61 -65.83
CA ASN A 58 -13.06 -26.81 -65.58
C ASN A 58 -13.64 -25.88 -64.48
N VAL A 59 -13.00 -24.75 -64.24
CA VAL A 59 -13.24 -23.85 -63.10
C VAL A 59 -13.95 -22.58 -63.55
N THR A 60 -15.06 -22.27 -62.93
CA THR A 60 -16.01 -21.28 -63.44
C THR A 60 -16.79 -20.64 -62.29
N GLU A 61 -16.56 -19.36 -62.00
CA GLU A 61 -17.31 -18.66 -60.95
C GLU A 61 -17.32 -17.14 -61.11
N ASN A 62 -18.31 -16.49 -60.49
CA ASN A 62 -18.56 -15.06 -60.60
C ASN A 62 -17.58 -14.22 -59.77
N PHE A 63 -16.79 -13.39 -60.45
CA PHE A 63 -16.05 -12.29 -59.84
C PHE A 63 -16.95 -11.05 -59.71
N ASN A 64 -16.59 -10.12 -58.82
CA ASN A 64 -17.19 -8.79 -58.74
C ASN A 64 -16.19 -7.73 -58.26
N MET A 65 -15.61 -6.98 -59.18
CA MET A 65 -14.59 -5.98 -58.88
C MET A 65 -15.04 -4.86 -57.93
N TRP A 66 -16.33 -4.60 -57.81
CA TRP A 66 -16.86 -3.54 -56.96
C TRP A 66 -17.07 -4.00 -55.52
N LYS A 67 -17.08 -5.31 -55.25
CA LYS A 67 -17.50 -5.89 -53.97
C LYS A 67 -16.43 -6.64 -53.20
N ASN A 68 -15.28 -6.90 -53.80
CA ASN A 68 -14.14 -7.45 -53.07
C ASN A 68 -13.66 -6.45 -51.99
N ASP A 69 -13.86 -6.78 -50.72
CA ASP A 69 -13.47 -5.88 -49.62
C ASP A 69 -11.96 -5.66 -49.51
N MET A 70 -11.13 -6.32 -50.32
CA MET A 70 -9.75 -5.89 -50.47
C MET A 70 -9.65 -4.45 -50.96
N VAL A 71 -10.61 -3.97 -51.75
CA VAL A 71 -10.63 -2.56 -52.11
C VAL A 71 -10.63 -1.73 -50.83
N ASP A 72 -11.48 -2.06 -49.87
CA ASP A 72 -11.49 -1.40 -48.57
C ASP A 72 -10.27 -1.70 -47.72
N GLN A 73 -9.75 -2.92 -47.80
CA GLN A 73 -8.54 -3.31 -47.08
C GLN A 73 -7.41 -2.36 -47.43
N MET A 74 -7.18 -2.19 -48.73
CA MET A 74 -6.13 -1.32 -49.21
C MET A 74 -6.40 0.11 -48.77
N HIS A 75 -7.65 0.58 -48.85
CA HIS A 75 -8.04 1.91 -48.39
C HIS A 75 -7.72 2.14 -46.90
N GLU A 76 -8.25 1.31 -46.02
CA GLU A 76 -7.98 1.44 -44.59
C GLU A 76 -6.49 1.30 -44.27
N ASP A 77 -5.80 0.33 -44.87
CA ASP A 77 -4.39 0.08 -44.62
C ASP A 77 -3.52 1.28 -44.98
N ILE A 78 -3.61 1.75 -46.23
CA ILE A 78 -2.77 2.84 -46.69
C ILE A 78 -3.03 4.10 -45.85
N ILE A 79 -4.29 4.40 -45.54
CA ILE A 79 -4.62 5.57 -44.72
C ILE A 79 -4.05 5.41 -43.31
N SER A 80 -4.24 4.25 -42.70
CA SER A 80 -3.75 4.01 -41.36
C SER A 80 -2.22 4.10 -41.30
N LEU A 81 -1.57 3.47 -42.28
CA LEU A 81 -0.14 3.57 -42.47
C LEU A 81 0.30 5.01 -42.70
N TRP A 82 -0.44 5.84 -43.42
CA TRP A 82 -0.06 7.22 -43.68
C TRP A 82 0.10 8.01 -42.38
N ASP A 83 -0.95 8.05 -41.56
CA ASP A 83 -0.90 8.77 -40.29
C ASP A 83 0.14 8.14 -39.36
N GLN A 84 0.19 6.80 -39.30
CA GLN A 84 1.21 6.11 -38.52
C GLN A 84 2.61 6.53 -38.97
N SER A 85 2.85 6.67 -40.27
CA SER A 85 4.13 7.08 -40.82
C SER A 85 4.49 8.50 -40.44
N LEU A 86 3.50 9.35 -40.13
CA LEU A 86 3.72 10.78 -39.95
C LEU A 86 3.67 11.22 -38.49
N LYS A 87 3.10 10.42 -37.59
CA LYS A 87 3.22 10.64 -36.14
C LYS A 87 4.65 10.91 -35.62
N PRO A 88 5.74 10.34 -36.16
CA PRO A 88 7.09 10.59 -35.66
C PRO A 88 7.64 12.01 -35.89
N CYS A 89 7.02 12.79 -36.79
CA CYS A 89 7.70 13.91 -37.44
C CYS A 89 7.33 15.29 -36.85
N VAL A 90 7.62 16.36 -37.59
CA VAL A 90 7.78 17.70 -37.01
C VAL A 90 6.45 18.44 -36.96
N LYS A 91 5.95 18.70 -35.75
CA LYS A 91 4.71 19.42 -35.50
C LYS A 91 4.91 20.92 -35.69
N LEU A 92 4.16 21.52 -36.60
CA LEU A 92 4.33 22.93 -37.01
C LEU A 92 3.61 23.94 -36.10
N THR A 93 3.05 23.49 -35.00
CA THR A 93 2.28 24.28 -34.04
C THR A 93 2.89 25.63 -33.70
N PRO A 94 4.14 25.73 -33.20
CA PRO A 94 4.70 27.02 -32.84
C PRO A 94 4.95 27.92 -34.06
N LEU A 95 5.03 27.36 -35.26
CA LEU A 95 5.12 28.13 -36.49
C LEU A 95 3.79 28.79 -36.90
N CYS A 96 2.70 28.53 -36.18
CA CYS A 96 1.44 29.20 -36.47
C CYS A 96 1.43 30.65 -35.92
N VAL A 97 1.83 31.63 -36.74
CA VAL A 97 2.09 33.00 -36.31
C VAL A 97 1.67 34.03 -37.35
N THR A 98 1.56 35.30 -36.96
CA THR A 98 1.40 36.41 -37.91
C THR A 98 2.55 36.46 -38.90
N LEU A 99 2.22 36.58 -40.18
CA LEU A 99 3.15 36.71 -41.28
C LEU A 99 3.10 38.10 -41.87
N ILE A 100 4.26 38.73 -42.05
CA ILE A 100 4.36 40.01 -42.74
C ILE A 100 4.94 39.74 -44.12
N CYS A 101 4.22 40.06 -45.17
CA CYS A 101 4.42 39.44 -46.48
C CYS A 101 4.58 40.42 -47.63
N SER A 102 5.25 39.95 -48.67
CA SER A 102 6.01 40.77 -49.60
C SER A 102 6.43 39.95 -50.82
N ASN A 103 7.31 40.51 -51.63
CA ASN A 103 7.70 40.03 -52.94
C ASN A 103 8.64 38.81 -52.86
N ALA A 104 8.30 37.75 -53.59
CA ALA A 104 9.28 36.73 -53.99
C ALA A 104 10.15 37.29 -55.12
N THR A 105 11.15 38.11 -54.77
CA THR A 105 11.98 38.97 -55.67
C THR A 105 12.92 38.23 -56.65
N VAL A 106 12.66 36.97 -56.93
CA VAL A 106 13.48 36.07 -57.76
C VAL A 106 13.77 36.70 -59.12
N LYS A 107 15.04 36.68 -59.54
CA LYS A 107 15.53 37.25 -60.82
C LYS A 107 15.22 38.76 -60.97
N ASN A 108 15.02 39.49 -59.86
CA ASN A 108 14.45 40.84 -59.82
C ASN A 108 13.03 40.94 -60.42
N GLY A 109 12.35 39.82 -60.67
CA GLY A 109 10.93 39.73 -61.00
C GLY A 109 10.14 39.17 -59.81
N THR A 110 8.99 38.54 -60.08
CA THR A 110 8.29 37.72 -59.08
C THR A 110 7.79 36.41 -59.67
N VAL A 111 7.95 35.33 -58.90
CA VAL A 111 7.33 34.04 -59.19
C VAL A 111 5.87 34.13 -58.76
N GLU A 112 4.94 34.21 -59.71
CA GLU A 112 3.65 34.82 -59.40
C GLU A 112 2.70 33.95 -58.57
N GLU A 113 2.82 32.62 -58.56
CA GLU A 113 2.08 31.79 -57.58
C GLU A 113 2.80 31.61 -56.24
N MET A 114 3.84 32.38 -55.98
CA MET A 114 4.61 32.33 -54.74
C MET A 114 4.71 33.73 -54.13
N LYS A 115 4.96 33.79 -52.83
CA LYS A 115 5.24 35.03 -52.10
C LYS A 115 6.27 34.82 -51.01
N ASN A 116 6.68 35.94 -50.43
CA ASN A 116 7.69 36.05 -49.39
C ASN A 116 7.00 36.53 -48.11
N CYS A 117 7.42 36.04 -46.96
CA CYS A 117 6.96 36.51 -45.66
C CYS A 117 8.10 36.48 -44.64
N SER A 118 8.05 37.42 -43.71
CA SER A 118 8.88 37.47 -42.51
C SER A 118 8.01 37.31 -41.26
N PHE A 119 8.58 36.73 -40.22
CA PHE A 119 7.92 36.47 -38.94
C PHE A 119 8.97 36.34 -37.83
N ASN A 120 8.53 35.92 -36.64
CA ASN A 120 9.43 35.56 -35.54
C ASN A 120 9.24 34.09 -35.12
N THR A 121 10.26 33.49 -34.52
CA THR A 121 10.21 32.18 -33.85
C THR A 121 11.11 32.13 -32.63
N THR A 122 10.81 31.21 -31.72
CA THR A 122 11.70 30.82 -30.65
C THR A 122 12.99 30.23 -31.22
N THR A 123 14.11 30.82 -30.82
CA THR A 123 15.37 30.07 -30.75
C THR A 123 15.21 28.97 -29.71
N GLU A 124 16.24 28.17 -29.46
CA GLU A 124 16.26 27.27 -28.31
C GLU A 124 15.88 27.94 -26.99
N ILE A 125 16.36 29.16 -26.74
CA ILE A 125 16.06 29.85 -25.50
C ILE A 125 14.62 30.38 -25.54
N ARG A 126 13.81 30.00 -24.56
CA ARG A 126 12.39 30.34 -24.46
C ARG A 126 12.13 31.85 -24.49
N ASP A 127 12.86 32.62 -23.71
CA ASP A 127 12.72 34.09 -23.67
C ASP A 127 13.18 34.78 -24.97
N LYS A 128 13.98 34.11 -25.79
CA LYS A 128 14.55 34.68 -27.00
C LYS A 128 13.84 34.12 -28.23
N GLU A 129 12.73 34.75 -28.59
CA GLU A 129 12.32 34.73 -29.99
C GLU A 129 13.12 35.76 -30.79
N LYS A 130 13.28 35.51 -32.09
CA LYS A 130 13.98 36.38 -33.02
C LYS A 130 13.27 36.43 -34.37
N LYS A 131 13.67 37.36 -35.24
CA LYS A 131 13.16 37.54 -36.60
C LYS A 131 13.82 36.63 -37.64
N GLU A 132 13.05 36.18 -38.62
CA GLU A 132 13.51 35.59 -39.88
C GLU A 132 12.42 35.65 -41.00
N TYR A 133 12.68 34.99 -42.12
CA TYR A 133 11.78 34.98 -43.28
C TYR A 133 11.82 33.66 -44.07
N ALA A 134 10.81 33.45 -44.89
CA ALA A 134 10.67 32.31 -45.80
C ALA A 134 9.88 32.65 -47.07
N LEU A 135 10.09 31.90 -48.15
CA LEU A 135 9.18 31.86 -49.30
C LEU A 135 8.13 30.76 -49.14
N PHE A 136 6.97 30.97 -49.76
CA PHE A 136 5.88 30.00 -49.80
C PHE A 136 5.17 30.03 -51.16
N TYR A 137 4.64 28.88 -51.56
CA TYR A 137 3.58 28.84 -52.55
C TYR A 137 2.34 29.52 -51.96
N LYS A 138 1.82 30.52 -52.67
CA LYS A 138 0.68 31.35 -52.21
C LYS A 138 -0.54 30.58 -51.70
N PRO A 139 -1.00 29.49 -52.32
CA PRO A 139 -2.34 28.99 -52.07
C PRO A 139 -2.59 28.63 -50.60
N ASP A 140 -1.58 28.14 -49.90
CA ASP A 140 -1.73 27.72 -48.51
C ASP A 140 -1.62 28.88 -47.52
N ILE A 141 -1.52 30.11 -48.01
CA ILE A 141 -1.20 31.29 -47.23
C ILE A 141 -2.37 32.27 -47.35
N VAL A 142 -3.09 32.51 -46.25
CA VAL A 142 -4.35 33.25 -46.29
C VAL A 142 -4.20 34.63 -45.66
N PRO A 143 -4.77 35.70 -46.22
CA PRO A 143 -4.73 37.01 -45.59
C PRO A 143 -5.30 36.93 -44.18
N LEU A 144 -4.70 37.69 -43.27
CA LEU A 144 -4.94 37.53 -41.85
C LEU A 144 -6.36 37.89 -41.42
N SER A 145 -6.74 37.41 -40.24
CA SER A 145 -8.12 37.28 -39.74
C SER A 145 -8.98 38.53 -39.86
N GLU A 146 -8.42 39.72 -39.66
CA GLU A 146 -8.98 40.93 -40.24
C GLU A 146 -7.97 41.58 -41.18
N THR A 147 -8.39 41.86 -42.41
CA THR A 147 -7.51 42.31 -43.50
C THR A 147 -7.15 43.80 -43.42
N ASN A 148 -6.90 44.34 -42.21
CA ASN A 148 -6.54 45.74 -41.99
C ASN A 148 -5.26 46.14 -42.74
N ASN A 149 -4.27 45.25 -42.70
CA ASN A 149 -3.02 45.38 -43.39
C ASN A 149 -2.91 44.30 -44.47
N THR A 150 -2.80 44.71 -45.73
CA THR A 150 -2.72 43.82 -46.89
C THR A 150 -1.43 43.00 -46.96
N SER A 151 -0.39 43.37 -46.20
CA SER A 151 0.80 42.53 -46.03
C SER A 151 0.64 41.43 -44.97
N GLU A 152 -0.42 41.39 -44.18
CA GLU A 152 -0.52 40.43 -43.07
C GLU A 152 -1.25 39.14 -43.46
N TYR A 153 -0.63 37.99 -43.16
CA TYR A 153 -1.12 36.65 -43.53
C TYR A 153 -0.95 35.65 -42.38
N ARG A 154 -1.55 34.47 -42.54
CA ARG A 154 -1.27 33.25 -41.78
C ARG A 154 -1.28 31.99 -42.64
N LEU A 155 -0.78 30.90 -42.10
CA LEU A 155 -0.97 29.57 -42.67
C LEU A 155 -2.45 29.19 -42.66
N ILE A 156 -2.92 28.62 -43.77
CA ILE A 156 -4.32 28.26 -44.02
C ILE A 156 -4.96 27.45 -42.92
N ASN A 157 -4.27 26.44 -42.42
CA ASN A 157 -4.82 25.41 -41.56
C ASN A 157 -4.97 25.86 -40.09
N CYS A 158 -4.28 26.91 -39.69
CA CYS A 158 -3.99 27.22 -38.28
C CYS A 158 -5.22 27.21 -37.36
N ASN A 159 -6.30 27.76 -37.88
CA ASN A 159 -7.59 27.91 -37.21
C ASN A 159 -8.36 26.61 -37.11
N THR A 160 -8.03 25.60 -37.91
CA THR A 160 -8.71 24.30 -37.96
C THR A 160 -7.94 23.20 -37.23
N SER A 161 -6.64 23.10 -37.46
CA SER A 161 -5.83 21.94 -37.09
C SER A 161 -4.33 22.25 -37.17
N ALA A 162 -3.53 21.55 -36.38
CA ALA A 162 -2.07 21.54 -36.52
C ALA A 162 -1.65 20.82 -37.81
N CYS A 163 -0.38 20.92 -38.20
CA CYS A 163 0.15 20.20 -39.36
C CYS A 163 1.54 19.64 -39.11
N THR A 164 1.90 18.61 -39.88
CA THR A 164 3.16 17.88 -39.71
C THR A 164 4.08 18.08 -40.90
N GLN A 165 5.28 18.59 -40.69
CA GLN A 165 6.41 18.43 -41.61
C GLN A 165 6.89 16.98 -41.58
N ALA A 166 6.96 16.33 -42.73
CA ALA A 166 7.45 14.96 -42.84
C ALA A 166 8.96 14.84 -42.61
N CYS A 167 9.39 13.70 -42.07
CA CYS A 167 10.79 13.30 -41.93
C CYS A 167 11.40 12.84 -43.27
N PRO A 168 12.72 12.86 -43.47
CA PRO A 168 13.33 12.41 -44.72
C PRO A 168 13.11 10.92 -44.98
N LYS A 169 13.27 10.07 -43.95
CA LYS A 169 13.12 8.61 -44.02
C LYS A 169 11.70 8.14 -44.35
N VAL A 170 10.69 9.00 -44.15
CA VAL A 170 9.32 8.79 -44.60
C VAL A 170 9.27 9.05 -46.11
N THR A 171 9.89 8.14 -46.85
CA THR A 171 10.04 8.17 -48.30
C THR A 171 8.72 7.90 -49.01
N PHE A 172 8.28 8.85 -49.83
CA PHE A 172 7.13 8.72 -50.73
C PHE A 172 7.49 7.90 -51.97
N GLU A 173 8.05 6.71 -51.76
CA GLU A 173 8.60 5.87 -52.81
C GLU A 173 7.67 4.68 -53.09
N PRO A 174 6.95 4.65 -54.22
CA PRO A 174 5.93 3.65 -54.51
C PRO A 174 6.54 2.31 -54.95
N ILE A 175 7.26 1.64 -54.05
CA ILE A 175 7.77 0.28 -54.23
C ILE A 175 6.63 -0.74 -54.35
N PRO A 176 6.82 -1.88 -55.04
CA PRO A 176 5.72 -2.78 -55.32
C PRO A 176 5.11 -3.43 -54.07
N ILE A 177 3.78 -3.42 -54.00
CA ILE A 177 2.99 -4.01 -52.93
C ILE A 177 2.32 -5.30 -53.38
N HIS A 178 2.41 -6.36 -52.61
CA HIS A 178 1.68 -7.60 -52.84
C HIS A 178 0.73 -7.88 -51.68
N TYR A 179 -0.36 -8.55 -51.97
CA TYR A 179 -1.15 -9.24 -50.95
C TYR A 179 -1.09 -10.74 -51.19
N CYS A 180 -1.14 -11.47 -50.09
CA CYS A 180 -1.08 -12.93 -49.99
C CYS A 180 -1.97 -13.34 -48.80
N ALA A 181 -2.41 -14.59 -48.76
CA ALA A 181 -3.44 -15.06 -47.83
C ALA A 181 -2.95 -16.07 -46.78
N PRO A 182 -3.53 -16.05 -45.56
CA PRO A 182 -3.19 -17.00 -44.51
C PRO A 182 -3.80 -18.37 -44.81
N ALA A 183 -3.17 -19.42 -44.31
CA ALA A 183 -3.56 -20.78 -44.63
C ALA A 183 -4.98 -21.12 -44.19
N GLY A 184 -5.67 -21.89 -45.02
CA GLY A 184 -7.12 -22.01 -44.98
C GLY A 184 -7.83 -20.94 -45.81
N TYR A 185 -7.11 -19.97 -46.35
CA TYR A 185 -7.58 -19.07 -47.38
C TYR A 185 -6.65 -19.12 -48.59
N ALA A 186 -7.18 -18.81 -49.76
CA ALA A 186 -6.41 -18.68 -50.99
C ALA A 186 -7.04 -17.65 -51.93
N ILE A 187 -6.21 -17.17 -52.85
CA ILE A 187 -6.58 -16.10 -53.76
C ILE A 187 -6.77 -16.71 -55.14
N LEU A 188 -7.97 -16.54 -55.68
CA LEU A 188 -8.32 -17.01 -57.00
C LEU A 188 -8.19 -15.84 -57.98
N LYS A 189 -7.35 -16.03 -59.00
CA LYS A 189 -7.06 -15.03 -60.04
C LYS A 189 -7.95 -15.26 -61.24
N CYS A 190 -8.56 -14.21 -61.78
CA CYS A 190 -9.29 -14.34 -63.03
C CYS A 190 -8.32 -14.35 -64.21
N ASN A 191 -8.21 -15.51 -64.85
CA ASN A 191 -7.42 -15.76 -66.05
C ASN A 191 -8.31 -15.91 -67.29
N ASP A 192 -9.60 -15.59 -67.22
CA ASP A 192 -10.44 -15.41 -68.39
C ASP A 192 -10.14 -14.07 -69.06
N GLU A 193 -8.86 -13.85 -69.36
CA GLU A 193 -8.27 -12.55 -69.68
C GLU A 193 -9.02 -11.82 -70.81
N THR A 194 -9.13 -10.49 -70.72
CA THR A 194 -10.16 -9.61 -71.36
C THR A 194 -11.57 -9.68 -70.76
N PHE A 195 -11.79 -10.49 -69.71
CA PHE A 195 -12.89 -10.31 -68.78
C PHE A 195 -12.89 -8.90 -68.17
N ASN A 196 -14.09 -8.38 -67.96
CA ASN A 196 -14.39 -6.98 -67.74
C ASN A 196 -14.95 -6.69 -66.34
N GLY A 197 -14.82 -7.62 -65.39
CA GLY A 197 -14.85 -7.32 -63.95
C GLY A 197 -16.12 -7.64 -63.17
N THR A 198 -17.22 -7.98 -63.84
CA THR A 198 -18.35 -8.67 -63.19
C THR A 198 -18.94 -9.72 -64.13
N GLY A 199 -19.45 -10.81 -63.53
CA GLY A 199 -19.91 -12.01 -64.24
C GLY A 199 -18.97 -13.20 -64.02
N PRO A 200 -19.26 -14.37 -64.60
CA PRO A 200 -18.45 -15.57 -64.45
C PRO A 200 -17.12 -15.41 -65.17
N CYS A 201 -16.02 -15.61 -64.44
CA CYS A 201 -14.70 -15.83 -65.02
C CYS A 201 -14.56 -17.33 -65.27
N SER A 202 -14.40 -17.75 -66.52
CA SER A 202 -14.42 -19.15 -66.93
C SER A 202 -13.05 -19.83 -66.98
N ASN A 203 -12.01 -19.13 -66.53
CA ASN A 203 -10.62 -19.56 -66.59
C ASN A 203 -9.93 -18.96 -65.37
N VAL A 204 -9.60 -19.75 -64.35
CA VAL A 204 -9.26 -19.25 -63.00
C VAL A 204 -8.05 -19.98 -62.46
N SER A 205 -7.16 -19.26 -61.77
CA SER A 205 -5.98 -19.85 -61.13
C SER A 205 -5.93 -19.69 -59.63
N THR A 206 -5.29 -20.66 -58.99
CA THR A 206 -4.61 -20.41 -57.72
C THR A 206 -3.44 -19.49 -57.97
N VAL A 207 -3.32 -18.41 -57.18
CA VAL A 207 -2.04 -17.74 -56.90
C VAL A 207 -1.86 -17.60 -55.41
N GLN A 208 -0.63 -17.75 -54.92
CA GLN A 208 -0.33 -17.48 -53.52
C GLN A 208 -0.13 -15.99 -53.23
N CYS A 209 0.20 -15.17 -54.23
CA CYS A 209 0.35 -13.72 -54.08
C CYS A 209 -0.06 -12.98 -55.36
N THR A 210 -0.53 -11.73 -55.22
CA THR A 210 -0.94 -10.84 -56.32
C THR A 210 0.25 -10.20 -57.04
N HIS A 211 0.02 -9.60 -58.22
CA HIS A 211 1.02 -8.73 -58.85
C HIS A 211 1.32 -7.51 -57.99
N GLY A 212 2.45 -6.87 -58.25
CA GLY A 212 2.90 -5.68 -57.53
C GLY A 212 2.02 -4.48 -57.84
N ILE A 213 1.24 -4.02 -56.87
CA ILE A 213 0.47 -2.78 -56.93
C ILE A 213 1.41 -1.60 -56.69
N ARG A 214 1.12 -0.46 -57.31
CA ARG A 214 1.74 0.84 -56.99
C ARG A 214 0.66 1.80 -56.48
N PRO A 215 0.73 2.28 -55.23
CA PRO A 215 -0.41 2.90 -54.56
C PRO A 215 -0.60 4.40 -54.85
N VAL A 216 0.10 5.00 -55.82
CA VAL A 216 0.07 6.47 -56.01
C VAL A 216 -1.33 6.96 -56.37
N VAL A 217 -1.80 8.00 -55.69
CA VAL A 217 -3.20 8.42 -55.63
C VAL A 217 -3.56 9.34 -56.82
N SER A 218 -3.29 8.89 -58.04
CA SER A 218 -3.49 9.70 -59.24
C SER A 218 -4.97 10.10 -59.38
N THR A 219 -5.27 11.40 -59.50
CA THR A 219 -6.62 11.89 -59.18
C THR A 219 -7.65 11.75 -60.29
N GLN A 220 -7.25 11.65 -61.57
CA GLN A 220 -8.16 11.47 -62.72
C GLN A 220 -7.52 10.58 -63.79
N LEU A 221 -6.23 10.78 -64.02
CA LEU A 221 -5.34 9.83 -64.69
C LEU A 221 -5.15 8.61 -63.80
N LEU A 222 -4.80 7.49 -64.41
CA LEU A 222 -4.20 6.34 -63.75
C LEU A 222 -2.76 6.25 -64.26
N LEU A 223 -1.81 6.13 -63.33
CA LEU A 223 -0.38 6.26 -63.59
C LEU A 223 0.42 5.05 -63.12
N ASN A 224 1.41 4.66 -63.93
CA ASN A 224 2.34 3.55 -63.71
C ASN A 224 1.72 2.21 -63.25
N GLY A 225 0.40 2.07 -63.39
CA GLY A 225 -0.31 0.88 -62.95
C GLY A 225 -0.31 -0.22 -64.00
N SER A 226 -1.21 -1.16 -63.85
CA SER A 226 -1.55 -2.15 -64.85
C SER A 226 -1.97 -1.53 -66.19
N LEU A 227 -1.49 -2.11 -67.27
CA LEU A 227 -2.11 -2.02 -68.58
C LEU A 227 -3.36 -2.92 -68.65
N ALA A 228 -4.22 -2.67 -69.63
CA ALA A 228 -5.27 -3.59 -70.02
C ALA A 228 -4.70 -4.82 -70.75
N GLU A 229 -5.44 -5.93 -70.77
CA GLU A 229 -4.90 -7.24 -71.21
C GLU A 229 -4.64 -7.32 -72.73
N LYS A 230 -5.54 -6.74 -73.54
CA LYS A 230 -5.43 -6.66 -75.02
C LYS A 230 -6.27 -5.53 -75.61
N GLU A 231 -7.53 -5.45 -75.21
CA GLU A 231 -8.42 -4.33 -75.53
C GLU A 231 -8.10 -3.12 -74.65
N ILE A 232 -8.41 -1.90 -75.09
CA ILE A 232 -8.49 -0.70 -74.23
C ILE A 232 -9.83 -0.74 -73.48
N VAL A 233 -9.86 -1.52 -72.40
CA VAL A 233 -11.11 -1.96 -71.75
C VAL A 233 -11.76 -0.85 -70.93
N ILE A 234 -13.09 -0.80 -70.97
CA ILE A 234 -13.89 0.03 -70.07
C ILE A 234 -14.55 -0.86 -69.01
N ARG A 235 -14.43 -0.51 -67.73
CA ARG A 235 -15.16 -1.15 -66.61
C ARG A 235 -15.95 -0.09 -65.86
N SER A 236 -17.19 -0.39 -65.50
CA SER A 236 -18.04 0.47 -64.69
C SER A 236 -19.12 -0.37 -64.02
N GLU A 237 -19.56 0.00 -62.82
CA GLU A 237 -20.53 -0.81 -62.09
C GLU A 237 -21.91 -0.82 -62.75
N ASN A 238 -22.26 0.26 -63.45
CA ASN A 238 -23.42 0.36 -64.33
C ASN A 238 -23.15 1.43 -65.40
N LEU A 239 -22.75 1.01 -66.60
CA LEU A 239 -22.52 1.90 -67.74
C LEU A 239 -23.72 2.83 -68.04
N THR A 240 -24.96 2.37 -67.85
CA THR A 240 -26.16 3.13 -68.20
C THR A 240 -26.51 4.26 -67.23
N ASN A 241 -26.09 4.17 -65.97
CA ASN A 241 -26.14 5.31 -65.04
C ASN A 241 -24.92 6.22 -65.25
N ASN A 242 -25.13 7.46 -65.71
CA ASN A 242 -24.05 8.44 -65.82
C ASN A 242 -23.46 8.85 -64.46
N ALA A 243 -24.16 8.60 -63.35
CA ALA A 243 -23.71 8.94 -61.99
C ALA A 243 -22.70 7.94 -61.39
N LYS A 244 -22.44 6.79 -62.02
CA LYS A 244 -21.30 5.94 -61.64
C LYS A 244 -19.98 6.49 -62.15
N ILE A 245 -18.88 6.08 -61.50
CA ILE A 245 -17.54 6.21 -62.05
C ILE A 245 -17.41 5.29 -63.26
N ILE A 246 -16.62 5.71 -64.23
CA ILE A 246 -16.22 4.89 -65.36
C ILE A 246 -14.70 4.74 -65.32
N ILE A 247 -14.21 3.53 -65.53
CA ILE A 247 -12.79 3.23 -65.59
C ILE A 247 -12.43 2.84 -67.02
N VAL A 248 -11.39 3.47 -67.57
CA VAL A 248 -10.71 3.01 -68.79
C VAL A 248 -9.35 2.46 -68.39
N HIS A 249 -9.02 1.27 -68.84
CA HIS A 249 -7.68 0.72 -68.79
C HIS A 249 -7.09 0.79 -70.20
N LEU A 250 -5.88 1.32 -70.38
CA LEU A 250 -5.22 1.35 -71.69
C LEU A 250 -4.41 0.06 -71.91
N HIS A 251 -4.54 -0.60 -73.06
CA HIS A 251 -3.64 -1.70 -73.44
C HIS A 251 -2.25 -1.21 -73.85
N THR A 252 -2.15 -0.06 -74.52
CA THR A 252 -0.89 0.61 -74.83
C THR A 252 -0.66 1.75 -73.84
N PRO A 253 0.51 1.86 -73.20
CA PRO A 253 0.81 3.02 -72.36
C PRO A 253 0.89 4.28 -73.22
N VAL A 254 0.70 5.43 -72.58
CA VAL A 254 1.10 6.74 -73.14
C VAL A 254 2.03 7.41 -72.14
N GLU A 255 3.22 7.83 -72.55
CA GLU A 255 4.16 8.47 -71.63
C GLU A 255 3.73 9.93 -71.31
N ILE A 256 4.11 10.39 -70.12
CA ILE A 256 3.98 11.77 -69.66
C ILE A 256 5.26 12.17 -68.92
N VAL A 257 5.64 13.43 -68.99
CA VAL A 257 6.65 14.06 -68.13
C VAL A 257 6.01 15.19 -67.35
N CYS A 258 6.47 15.41 -66.13
CA CYS A 258 6.16 16.56 -65.30
C CYS A 258 7.45 17.24 -64.83
N THR A 259 7.42 18.54 -64.58
CA THR A 259 8.57 19.29 -64.07
C THR A 259 8.20 20.54 -63.28
N ARG A 260 9.02 20.89 -62.29
CA ARG A 260 9.21 22.25 -61.81
C ARG A 260 10.46 22.77 -62.53
N PRO A 261 10.32 23.54 -63.62
CA PRO A 261 11.44 24.08 -64.38
C PRO A 261 12.12 25.26 -63.67
N ASN A 262 12.20 25.23 -62.33
CA ASN A 262 12.75 26.30 -61.50
C ASN A 262 13.57 25.70 -60.37
N ASN A 263 14.69 26.33 -60.03
CA ASN A 263 15.76 25.72 -59.23
C ASN A 263 15.71 26.20 -57.77
N ASN A 264 14.84 25.57 -56.99
CA ASN A 264 14.66 25.81 -55.56
C ASN A 264 15.95 25.56 -54.77
N THR A 265 16.15 26.30 -53.68
CA THR A 265 17.23 26.17 -52.70
C THR A 265 16.63 26.02 -51.30
N ARG A 266 17.04 25.02 -50.52
CA ARG A 266 16.44 24.78 -49.20
C ARG A 266 16.95 25.78 -48.15
N LYS A 267 16.10 26.17 -47.20
CA LYS A 267 16.40 27.05 -46.06
C LYS A 267 15.80 26.46 -44.79
N SER A 268 16.38 26.72 -43.62
CA SER A 268 15.93 26.10 -42.37
C SER A 268 16.02 26.99 -41.13
N VAL A 269 15.20 26.67 -40.14
CA VAL A 269 15.09 27.40 -38.88
C VAL A 269 15.00 26.43 -37.70
N ARG A 270 15.81 26.68 -36.67
CA ARG A 270 15.83 25.96 -35.39
C ARG A 270 14.69 26.46 -34.47
N ILE A 271 13.50 25.91 -34.65
CA ILE A 271 12.32 26.33 -33.90
C ILE A 271 12.31 25.63 -32.54
N GLY A 272 12.79 26.31 -31.51
CA GLY A 272 12.99 25.70 -30.19
C GLY A 272 13.96 24.52 -30.21
N PRO A 273 13.99 23.66 -29.18
CA PRO A 273 14.80 22.45 -29.21
C PRO A 273 14.33 21.50 -30.32
N GLY A 274 15.26 20.83 -30.99
CA GLY A 274 15.00 19.72 -31.91
C GLY A 274 14.41 20.09 -33.28
N GLN A 275 13.18 20.60 -33.31
CA GLN A 275 12.41 20.78 -34.55
C GLN A 275 13.03 21.82 -35.49
N THR A 276 13.73 21.33 -36.52
CA THR A 276 14.31 22.13 -37.60
C THR A 276 13.33 22.20 -38.76
N PHE A 277 12.74 23.35 -39.02
CA PHE A 277 11.82 23.51 -40.15
C PHE A 277 12.56 23.51 -41.49
N TYR A 278 11.87 23.15 -42.56
CA TYR A 278 12.30 23.39 -43.94
C TYR A 278 11.40 24.41 -44.62
N ALA A 279 11.99 25.56 -44.94
CA ALA A 279 11.44 26.57 -45.81
C ALA A 279 12.01 26.43 -47.22
N THR A 280 11.31 26.97 -48.21
CA THR A 280 11.98 27.34 -49.44
C THR A 280 12.81 28.60 -49.16
N GLY A 281 14.10 28.52 -49.46
CA GLY A 281 15.01 29.67 -49.55
C GLY A 281 14.91 30.33 -50.92
N ASP A 282 16.03 30.69 -51.52
CA ASP A 282 16.05 31.27 -52.86
C ASP A 282 15.61 30.27 -53.96
N ILE A 283 15.19 30.78 -55.10
CA ILE A 283 15.18 30.03 -56.37
C ILE A 283 16.24 30.65 -57.27
N ILE A 284 17.17 29.84 -57.77
CA ILE A 284 18.14 30.29 -58.78
C ILE A 284 17.35 30.70 -60.03
N GLY A 285 17.65 31.89 -60.54
CA GLY A 285 16.71 32.74 -61.28
C GLY A 285 16.23 32.32 -62.66
N ASP A 286 15.07 31.66 -62.73
CA ASP A 286 14.19 31.70 -63.90
C ASP A 286 12.72 31.54 -63.50
N ILE A 287 11.83 32.19 -64.27
CA ILE A 287 10.41 32.39 -63.93
C ILE A 287 9.49 31.64 -64.94
N LYS A 288 9.89 30.40 -65.29
CA LYS A 288 8.98 29.42 -65.90
C LYS A 288 7.91 28.96 -64.89
N GLN A 289 6.97 28.12 -65.32
CA GLN A 289 5.99 27.51 -64.42
C GLN A 289 5.97 25.98 -64.53
N ALA A 290 5.67 25.32 -63.41
CA ALA A 290 5.59 23.87 -63.34
C ALA A 290 4.47 23.30 -64.22
N HIS A 291 4.78 22.23 -64.95
CA HIS A 291 3.91 21.72 -66.00
C HIS A 291 4.13 20.23 -66.26
N CYS A 292 3.22 19.62 -67.03
CA CYS A 292 3.33 18.27 -67.56
C CYS A 292 2.97 18.20 -69.06
N ASN A 293 3.37 17.13 -69.77
CA ASN A 293 3.32 17.04 -71.24
C ASN A 293 2.65 15.78 -71.82
N ILE A 294 1.90 15.93 -72.92
CA ILE A 294 1.30 14.85 -73.74
C ILE A 294 1.03 15.26 -75.19
N SER A 295 1.31 14.42 -76.19
CA SER A 295 0.98 14.70 -77.60
C SER A 295 -0.47 14.45 -77.97
N GLU A 296 -1.07 15.41 -78.69
CA GLU A 296 -2.45 15.36 -79.20
C GLU A 296 -2.75 14.05 -79.92
N GLU A 297 -1.83 13.57 -80.75
CA GLU A 297 -1.95 12.30 -81.45
C GLU A 297 -2.32 11.17 -80.49
N LYS A 298 -1.46 10.90 -79.52
CA LYS A 298 -1.61 9.74 -78.61
C LYS A 298 -2.93 9.82 -77.88
N TRP A 299 -3.21 11.01 -77.39
CA TRP A 299 -4.38 11.33 -76.60
C TRP A 299 -5.65 11.16 -77.42
N ASN A 300 -5.72 11.81 -78.57
CA ASN A 300 -6.82 11.72 -79.50
C ASN A 300 -7.05 10.28 -79.96
N ASP A 301 -6.02 9.61 -80.43
CA ASP A 301 -6.09 8.24 -80.91
C ASP A 301 -6.59 7.28 -79.82
N THR A 302 -6.11 7.48 -78.60
CA THR A 302 -6.65 6.79 -77.42
C THR A 302 -8.14 7.07 -77.26
N LEU A 303 -8.52 8.34 -77.17
CA LEU A 303 -9.89 8.77 -77.02
C LEU A 303 -10.82 8.30 -78.14
N GLN A 304 -10.32 8.16 -79.37
CA GLN A 304 -11.04 7.59 -80.50
C GLN A 304 -11.32 6.11 -80.25
N LYS A 305 -10.28 5.31 -79.96
CA LYS A 305 -10.44 3.88 -79.67
C LYS A 305 -11.43 3.67 -78.53
N VAL A 306 -11.32 4.50 -77.50
CA VAL A 306 -12.30 4.52 -76.41
C VAL A 306 -13.69 4.89 -76.92
N GLY A 307 -13.81 5.97 -77.67
CA GLY A 307 -15.07 6.53 -78.13
C GLY A 307 -15.82 5.64 -79.12
N ILE A 308 -15.10 4.79 -79.84
CA ILE A 308 -15.65 3.69 -80.62
C ILE A 308 -16.36 2.73 -79.66
N GLU A 309 -15.65 2.18 -78.67
CA GLU A 309 -16.26 1.24 -77.74
C GLU A 309 -17.37 1.85 -76.89
N LEU A 310 -17.15 3.06 -76.35
CA LEU A 310 -18.16 3.77 -75.57
C LEU A 310 -19.44 3.95 -76.37
N GLN A 311 -19.35 4.35 -77.63
CA GLN A 311 -20.56 4.47 -78.45
C GLN A 311 -21.10 3.15 -78.98
N LYS A 312 -20.44 2.02 -78.73
CA LYS A 312 -21.07 0.71 -78.84
C LYS A 312 -21.81 0.34 -77.56
N HIS A 313 -21.48 0.91 -76.40
CA HIS A 313 -22.37 0.87 -75.23
C HIS A 313 -23.56 1.82 -75.38
N PHE A 314 -23.29 3.04 -75.85
CA PHE A 314 -24.24 4.13 -76.02
C PHE A 314 -24.43 4.38 -77.53
N PRO A 315 -25.38 3.70 -78.19
CA PRO A 315 -25.39 3.48 -79.64
C PRO A 315 -25.17 4.74 -80.48
N ASN A 316 -23.97 4.84 -81.07
CA ASN A 316 -23.46 5.88 -81.98
C ASN A 316 -23.48 7.35 -81.50
N LYS A 317 -24.19 7.69 -80.43
CA LYS A 317 -24.42 9.08 -80.00
C LYS A 317 -23.12 9.81 -79.72
N THR A 318 -22.89 10.89 -80.44
CA THR A 318 -21.65 11.68 -80.54
C THR A 318 -21.12 12.09 -79.18
N ILE A 319 -20.23 11.27 -78.62
CA ILE A 319 -19.51 11.60 -77.40
C ILE A 319 -18.56 12.75 -77.69
N LYS A 320 -18.53 13.70 -76.77
CA LYS A 320 -17.59 14.81 -76.70
C LYS A 320 -16.81 14.72 -75.39
N TYR A 321 -15.49 14.62 -75.42
CA TYR A 321 -14.67 14.69 -74.21
C TYR A 321 -14.45 16.16 -73.84
N ASN A 322 -14.62 16.48 -72.55
CA ASN A 322 -14.89 17.82 -72.09
C ASN A 322 -14.27 18.12 -70.70
N GLN A 323 -14.11 19.39 -70.39
CA GLN A 323 -13.55 19.95 -69.16
C GLN A 323 -14.37 19.62 -67.90
N SER A 324 -13.84 19.94 -66.73
CA SER A 324 -14.41 19.58 -65.43
C SER A 324 -15.87 20.02 -65.26
N ALA A 325 -16.64 19.21 -64.53
CA ALA A 325 -17.91 19.60 -63.96
C ALA A 325 -17.80 20.79 -62.98
N GLY A 326 -16.58 21.14 -62.55
CA GLY A 326 -16.32 22.29 -61.68
C GLY A 326 -16.32 21.94 -60.20
N GLY A 327 -15.92 22.91 -59.39
CA GLY A 327 -15.54 22.74 -57.99
C GLY A 327 -14.12 23.22 -57.73
N ASP A 328 -13.55 22.86 -56.58
CA ASP A 328 -12.21 23.28 -56.17
C ASP A 328 -11.12 22.79 -57.14
N MET A 329 -10.11 23.61 -57.45
CA MET A 329 -8.91 23.16 -58.17
C MET A 329 -8.30 21.92 -57.49
N GLU A 330 -8.34 21.86 -56.16
CA GLU A 330 -7.81 20.73 -55.38
C GLU A 330 -8.59 19.41 -55.63
N ILE A 331 -9.76 19.47 -56.26
CA ILE A 331 -10.55 18.30 -56.68
C ILE A 331 -10.47 18.13 -58.20
N THR A 332 -10.51 19.22 -58.93
CA THR A 332 -10.84 19.23 -60.35
C THR A 332 -9.61 19.22 -61.24
N THR A 333 -8.45 19.67 -60.76
CA THR A 333 -7.19 19.52 -61.48
C THR A 333 -6.69 18.09 -61.39
N HIS A 334 -5.69 17.75 -62.19
CA HIS A 334 -5.00 16.50 -62.00
C HIS A 334 -3.88 16.65 -60.97
N SER A 335 -3.73 15.69 -60.05
CA SER A 335 -2.67 15.70 -59.05
C SER A 335 -1.88 14.40 -58.98
N PHE A 336 -0.66 14.51 -58.47
CA PHE A 336 0.45 13.58 -58.57
C PHE A 336 1.32 13.73 -57.32
N ASN A 337 2.13 12.73 -56.99
CA ASN A 337 3.04 12.78 -55.81
C ASN A 337 4.54 12.77 -56.21
N CYS A 338 4.85 13.17 -57.44
CA CYS A 338 6.23 13.20 -57.92
C CYS A 338 7.09 14.11 -57.03
N GLY A 339 8.16 13.56 -56.45
CA GLY A 339 9.04 14.26 -55.51
C GLY A 339 8.38 14.81 -54.25
N GLY A 340 7.09 14.52 -54.00
CA GLY A 340 6.31 15.20 -52.97
C GLY A 340 5.99 16.67 -53.26
N GLU A 341 6.37 17.21 -54.43
CA GLU A 341 6.15 18.60 -54.79
C GLU A 341 4.77 18.74 -55.46
N PHE A 342 3.73 18.37 -54.72
CA PHE A 342 2.40 18.06 -55.25
C PHE A 342 1.90 19.06 -56.30
N PHE A 343 1.70 18.54 -57.50
CA PHE A 343 1.20 19.23 -58.67
C PHE A 343 -0.33 19.32 -58.68
N TYR A 344 -0.86 20.33 -59.37
CA TYR A 344 -2.30 20.54 -59.58
C TYR A 344 -2.55 21.12 -60.97
N CYS A 345 -2.63 20.26 -61.98
CA CYS A 345 -2.47 20.60 -63.40
C CYS A 345 -3.75 20.88 -64.18
N ASN A 346 -3.60 21.59 -65.30
CA ASN A 346 -4.67 22.03 -66.19
C ASN A 346 -5.32 20.93 -67.03
N THR A 347 -5.99 19.99 -66.38
CA THR A 347 -6.91 19.03 -66.99
C THR A 347 -7.87 19.69 -67.99
N SER A 348 -8.20 20.95 -67.74
CA SER A 348 -9.15 21.79 -68.47
C SER A 348 -8.74 22.06 -69.92
N ASN A 349 -7.45 22.07 -70.24
CA ASN A 349 -7.02 22.12 -71.65
C ASN A 349 -7.29 20.79 -72.37
N LEU A 350 -7.02 19.68 -71.67
CA LEU A 350 -6.78 18.39 -72.31
C LEU A 350 -8.05 17.68 -72.80
N PHE A 351 -9.10 17.66 -72.00
CA PHE A 351 -10.36 16.98 -72.35
C PHE A 351 -11.21 17.91 -73.21
N ASN A 352 -11.03 17.80 -74.51
CA ASN A 352 -11.50 18.80 -75.48
C ASN A 352 -11.53 18.22 -76.91
N GLY A 353 -11.80 19.07 -77.91
CA GLY A 353 -11.38 18.85 -79.32
C GLY A 353 -12.09 17.73 -80.08
N THR A 354 -13.20 17.21 -79.55
CA THR A 354 -13.70 15.86 -79.86
C THR A 354 -14.96 15.91 -80.72
N TYR A 355 -14.86 15.40 -81.95
CA TYR A 355 -15.98 14.99 -82.78
C TYR A 355 -16.59 13.68 -82.26
N ASN A 356 -17.60 13.12 -82.91
CA ASN A 356 -18.24 11.87 -82.50
C ASN A 356 -17.19 10.81 -82.11
N GLY A 357 -17.21 10.39 -80.85
CA GLY A 357 -16.27 9.43 -80.27
C GLY A 357 -15.98 8.21 -81.16
N THR A 358 -16.96 7.70 -81.90
CA THR A 358 -16.69 6.75 -82.98
C THR A 358 -16.13 7.44 -84.22
N TYR A 359 -16.87 8.34 -84.86
CA TYR A 359 -16.56 8.86 -86.19
C TYR A 359 -15.32 9.75 -86.26
N ILE A 360 -14.60 9.98 -85.16
CA ILE A 360 -13.17 10.34 -85.21
C ILE A 360 -12.33 9.27 -85.92
N SER A 361 -12.86 8.06 -86.13
CA SER A 361 -12.38 7.12 -87.15
C SER A 361 -12.21 7.74 -88.55
N THR A 362 -12.98 8.78 -88.87
CA THR A 362 -12.85 9.60 -90.08
C THR A 362 -11.50 10.36 -90.09
N ASN A 363 -10.97 10.73 -88.92
CA ASN A 363 -9.62 11.25 -88.74
C ASN A 363 -8.60 10.07 -88.78
N SER A 364 -8.30 9.47 -87.62
CA SER A 364 -7.61 8.19 -87.42
C SER A 364 -6.21 8.00 -88.03
N SER A 365 -5.61 9.04 -88.61
CA SER A 365 -4.30 8.97 -89.24
C SER A 365 -3.69 10.36 -89.44
N ALA A 366 -2.48 10.57 -88.94
CA ALA A 366 -1.73 11.82 -88.99
C ALA A 366 -0.20 11.55 -88.88
N ASN A 367 0.61 12.55 -89.20
CA ASN A 367 2.03 12.61 -88.83
C ASN A 367 2.22 12.98 -87.34
N SER A 368 3.47 12.92 -86.85
CA SER A 368 3.83 13.25 -85.47
C SER A 368 3.45 14.69 -85.06
N THR A 369 3.25 14.93 -83.77
CA THR A 369 2.87 16.25 -83.23
C THR A 369 3.41 16.45 -81.82
N SER A 370 3.72 17.71 -81.50
CA SER A 370 4.30 18.13 -80.23
C SER A 370 3.33 17.97 -79.05
N THR A 371 3.85 18.09 -77.84
CA THR A 371 3.05 17.93 -76.63
C THR A 371 2.22 19.16 -76.31
N ILE A 372 0.93 18.94 -76.11
CA ILE A 372 0.09 19.78 -75.27
C ILE A 372 0.80 19.86 -73.90
N THR A 373 0.91 21.05 -73.32
CA THR A 373 1.59 21.27 -72.05
C THR A 373 0.60 21.84 -71.04
N LEU A 374 0.40 21.12 -69.94
CA LEU A 374 -0.52 21.52 -68.87
C LEU A 374 0.29 22.23 -67.79
N GLN A 375 0.10 23.54 -67.67
CA GLN A 375 0.56 24.25 -66.49
C GLN A 375 -0.20 23.80 -65.23
N CYS A 376 0.42 23.98 -64.08
CA CYS A 376 -0.04 23.42 -62.81
C CYS A 376 0.21 24.35 -61.64
N ARG A 377 -0.56 24.23 -60.54
CA ARG A 377 -0.15 24.79 -59.25
C ARG A 377 0.81 23.82 -58.57
N ILE A 378 1.77 24.33 -57.82
CA ILE A 378 2.42 23.59 -56.74
C ILE A 378 2.08 24.24 -55.41
N LYS A 379 2.02 23.43 -54.36
CA LYS A 379 1.62 23.83 -53.01
C LYS A 379 2.17 22.87 -51.98
N GLN A 380 2.13 23.23 -50.71
CA GLN A 380 2.94 22.62 -49.67
C GLN A 380 2.12 21.99 -48.55
N ILE A 381 0.85 22.35 -48.37
CA ILE A 381 -0.02 21.85 -47.32
C ILE A 381 -1.14 21.03 -47.93
N ILE A 382 -1.33 19.80 -47.46
CA ILE A 382 -2.29 18.87 -48.01
C ILE A 382 -3.06 18.20 -46.89
N ASN A 383 -4.38 18.11 -47.06
CA ASN A 383 -5.25 17.24 -46.27
C ASN A 383 -5.44 15.92 -47.02
N MET A 384 -4.50 14.98 -46.84
CA MET A 384 -4.21 13.91 -47.82
C MET A 384 -5.41 13.11 -48.29
N TRP A 385 -6.19 12.55 -47.37
CA TRP A 385 -7.20 11.55 -47.72
C TRP A 385 -8.54 12.17 -48.03
N GLN A 386 -8.51 13.13 -48.95
CA GLN A 386 -9.67 13.81 -49.53
C GLN A 386 -10.61 14.39 -48.46
N GLY A 387 -10.06 14.72 -47.28
CA GLY A 387 -10.78 15.19 -46.09
C GLY A 387 -10.52 14.45 -44.78
N VAL A 388 -9.86 13.29 -44.76
CA VAL A 388 -9.43 12.61 -43.52
C VAL A 388 -7.90 12.51 -43.40
N GLY A 389 -7.42 12.04 -42.25
CA GLY A 389 -6.01 11.96 -41.89
C GLY A 389 -5.45 13.27 -41.31
N ARG A 390 -4.18 13.24 -40.92
CA ARG A 390 -3.45 14.44 -40.49
C ARG A 390 -3.33 15.45 -41.62
N CYS A 391 -3.15 16.71 -41.26
CA CYS A 391 -2.65 17.72 -42.18
C CYS A 391 -1.13 17.56 -42.39
N MET A 392 -0.70 17.34 -43.62
CA MET A 392 0.71 17.18 -43.95
C MET A 392 1.26 18.42 -44.64
N TYR A 393 2.44 18.84 -44.22
CA TYR A 393 3.30 19.80 -44.90
C TYR A 393 4.44 19.08 -45.62
N ALA A 394 4.54 19.28 -46.93
CA ALA A 394 5.58 18.69 -47.74
C ALA A 394 6.83 19.58 -47.72
N PRO A 395 8.00 19.06 -47.35
CA PRO A 395 9.21 19.83 -47.42
C PRO A 395 9.50 20.19 -48.88
N PRO A 396 10.00 21.40 -49.19
CA PRO A 396 10.46 21.70 -50.51
C PRO A 396 11.77 20.94 -50.75
N ILE A 397 12.02 20.57 -51.99
CA ILE A 397 13.26 19.93 -52.44
C ILE A 397 14.05 20.88 -53.33
N ALA A 398 15.34 21.04 -53.04
CA ALA A 398 16.20 21.87 -53.88
C ALA A 398 16.40 21.25 -55.28
N GLY A 399 16.60 22.09 -56.31
CA GLY A 399 17.07 21.61 -57.61
C GLY A 399 16.00 21.24 -58.64
N ASN A 400 16.22 20.09 -59.29
CA ASN A 400 15.75 19.81 -60.65
C ASN A 400 14.27 19.43 -60.84
N ILE A 401 13.68 18.76 -59.84
CA ILE A 401 12.27 18.32 -59.73
C ILE A 401 11.59 18.12 -61.08
N THR A 402 11.84 16.95 -61.66
CA THR A 402 11.42 16.55 -63.01
C THR A 402 11.30 15.03 -63.05
N CYS A 403 10.27 14.51 -63.70
CA CYS A 403 9.92 13.10 -63.59
C CYS A 403 9.01 12.66 -64.74
N ARG A 404 8.92 11.35 -64.92
CA ARG A 404 8.24 10.69 -66.03
C ARG A 404 7.33 9.58 -65.54
N SER A 405 6.21 9.38 -66.19
CA SER A 405 5.26 8.32 -65.88
C SER A 405 4.65 7.75 -67.14
N ASN A 406 3.98 6.61 -67.01
CA ASN A 406 3.07 6.09 -68.02
C ASN A 406 1.64 6.37 -67.57
N ILE A 407 0.87 7.05 -68.41
CA ILE A 407 -0.58 7.01 -68.39
C ILE A 407 -1.00 5.57 -68.67
N THR A 408 -1.83 5.01 -67.80
CA THR A 408 -2.31 3.64 -67.88
C THR A 408 -3.82 3.55 -67.93
N GLY A 409 -4.55 4.65 -67.70
CA GLY A 409 -6.00 4.63 -67.72
C GLY A 409 -6.62 5.96 -67.29
N LEU A 410 -7.95 6.01 -67.27
CA LEU A 410 -8.70 7.20 -66.88
C LEU A 410 -9.89 6.86 -65.99
N LEU A 411 -10.23 7.80 -65.12
CA LEU A 411 -11.45 7.85 -64.35
C LEU A 411 -12.33 8.98 -64.86
N LEU A 412 -13.56 8.66 -65.24
CA LEU A 412 -14.47 9.57 -65.95
C LEU A 412 -15.89 9.42 -65.42
N THR A 413 -16.76 10.29 -65.90
CA THR A 413 -18.20 10.02 -66.00
C THR A 413 -18.68 10.42 -67.39
N ARG A 414 -19.85 9.90 -67.83
CA ARG A 414 -20.65 10.61 -68.82
C ARG A 414 -21.19 11.89 -68.17
N ASP A 415 -21.47 12.88 -68.97
CA ASP A 415 -22.02 14.16 -68.54
C ASP A 415 -23.51 14.05 -68.16
N GLY A 416 -24.09 15.12 -67.63
CA GLY A 416 -25.53 15.23 -67.41
C GLY A 416 -26.34 15.06 -68.68
N GLY A 417 -27.44 14.30 -68.62
CA GLY A 417 -28.22 13.92 -69.79
C GLY A 417 -29.17 15.02 -70.26
N THR A 418 -28.85 15.65 -71.40
CA THR A 418 -29.83 16.35 -72.25
C THR A 418 -30.71 15.31 -72.97
N ASN A 419 -31.52 15.72 -73.94
CA ASN A 419 -32.17 14.78 -74.87
C ASN A 419 -31.19 13.82 -75.58
N SER A 420 -29.90 14.18 -75.64
CA SER A 420 -28.78 13.32 -76.08
C SER A 420 -28.97 12.68 -77.46
N ASN A 421 -29.80 13.31 -78.30
CA ASN A 421 -30.18 12.79 -79.60
C ASN A 421 -28.93 12.77 -80.49
N GLU A 422 -28.43 11.56 -80.78
CA GLU A 422 -27.13 11.32 -81.43
C GLU A 422 -25.94 12.12 -80.87
N THR A 423 -25.99 12.47 -79.57
CA THR A 423 -25.03 13.35 -78.87
C THR A 423 -24.82 12.89 -77.44
N GLU A 424 -23.61 13.08 -76.90
CA GLU A 424 -23.25 12.81 -75.51
C GLU A 424 -22.02 13.62 -75.13
N THR A 425 -21.76 13.83 -73.85
CA THR A 425 -20.54 14.44 -73.34
C THR A 425 -19.98 13.58 -72.21
N PHE A 426 -18.68 13.69 -71.96
CA PHE A 426 -17.93 12.97 -70.95
C PHE A 426 -16.95 13.92 -70.28
N ARG A 427 -16.65 13.68 -69.00
CA ARG A 427 -15.81 14.55 -68.17
C ARG A 427 -14.89 13.75 -67.25
N PRO A 428 -13.69 14.26 -66.94
CA PRO A 428 -12.79 13.64 -65.99
C PRO A 428 -13.44 13.53 -64.60
N ALA A 429 -12.97 12.57 -63.80
CA ALA A 429 -13.50 12.27 -62.48
C ALA A 429 -12.40 11.87 -61.49
N GLY A 430 -12.68 11.98 -60.20
CA GLY A 430 -11.71 11.76 -59.12
C GLY A 430 -12.35 11.51 -57.76
N GLY A 431 -13.21 10.51 -57.67
CA GLY A 431 -13.99 10.21 -56.46
C GLY A 431 -13.22 9.62 -55.28
N ASP A 432 -12.45 8.54 -55.46
CA ASP A 432 -11.83 7.82 -54.35
C ASP A 432 -10.49 7.18 -54.76
N MET A 433 -9.54 7.05 -53.84
CA MET A 433 -8.40 6.16 -54.03
C MET A 433 -8.86 4.72 -54.30
N ARG A 434 -10.04 4.33 -53.77
CA ARG A 434 -10.69 3.06 -54.14
C ARG A 434 -10.85 2.92 -55.64
N ASP A 435 -10.98 3.99 -56.39
CA ASP A 435 -11.09 3.88 -57.83
C ASP A 435 -9.77 3.45 -58.44
N ASN A 436 -8.66 4.02 -57.99
CA ASN A 436 -7.34 3.52 -58.32
C ASN A 436 -7.21 2.06 -57.88
N TRP A 437 -7.76 1.69 -56.73
CA TRP A 437 -7.72 0.32 -56.29
C TRP A 437 -8.52 -0.60 -57.21
N ARG A 438 -9.77 -0.24 -57.53
CA ARG A 438 -10.63 -0.97 -58.46
C ARG A 438 -9.92 -1.18 -59.78
N SER A 439 -9.17 -0.19 -60.23
CA SER A 439 -8.42 -0.28 -61.49
C SER A 439 -7.35 -1.37 -61.51
N GLU A 440 -6.98 -1.95 -60.37
CA GLU A 440 -6.05 -3.07 -60.29
C GLU A 440 -6.75 -4.35 -59.83
N LEU A 441 -7.52 -4.27 -58.75
CA LEU A 441 -7.97 -5.45 -58.02
C LEU A 441 -9.12 -6.22 -58.69
N TYR A 442 -9.56 -5.83 -59.89
CA TYR A 442 -10.73 -6.44 -60.55
C TYR A 442 -10.60 -7.93 -60.82
N LYS A 443 -9.38 -8.46 -60.81
CA LYS A 443 -9.00 -9.84 -61.17
C LYS A 443 -8.46 -10.70 -60.01
N TYR A 444 -8.76 -10.34 -58.77
CA TYR A 444 -8.63 -11.23 -57.61
C TYR A 444 -9.90 -11.32 -56.79
N LYS A 445 -10.12 -12.47 -56.16
CA LYS A 445 -11.15 -12.73 -55.15
C LYS A 445 -10.64 -13.75 -54.14
N VAL A 446 -11.14 -13.74 -52.90
CA VAL A 446 -10.56 -14.47 -51.78
C VAL A 446 -11.51 -15.45 -51.15
N VAL A 447 -11.07 -16.70 -51.15
CA VAL A 447 -11.86 -17.82 -50.67
C VAL A 447 -11.18 -18.48 -49.48
N LYS A 448 -12.00 -19.05 -48.63
CA LYS A 448 -11.65 -19.87 -47.48
C LYS A 448 -11.98 -21.33 -47.79
N ILE A 449 -11.02 -22.20 -47.64
CA ILE A 449 -11.09 -23.63 -47.88
C ILE A 449 -11.85 -24.30 -46.76
N GLU A 450 -12.65 -25.31 -47.06
CA GLU A 450 -13.51 -25.99 -46.08
C GLU A 450 -13.30 -27.50 -46.18
N PRO A 451 -12.20 -28.01 -45.64
CA PRO A 451 -11.57 -29.26 -46.09
C PRO A 451 -12.28 -30.55 -45.69
N LEU A 452 -13.36 -30.50 -44.91
CA LEU A 452 -14.15 -31.67 -44.50
C LEU A 452 -15.26 -31.97 -45.49
N GLY A 453 -15.46 -33.25 -45.78
CA GLY A 453 -16.63 -33.71 -46.51
C GLY A 453 -16.96 -35.17 -46.21
N VAL A 454 -18.13 -35.60 -46.67
CA VAL A 454 -18.57 -36.99 -46.61
C VAL A 454 -19.22 -37.38 -47.92
N ALA A 455 -19.29 -38.67 -48.21
CA ALA A 455 -19.91 -39.19 -49.41
C ALA A 455 -20.60 -40.54 -49.14
N PRO A 456 -21.57 -40.93 -49.97
CA PRO A 456 -21.95 -42.33 -50.11
C PRO A 456 -20.82 -43.05 -50.85
N THR A 457 -20.50 -44.25 -50.38
CA THR A 457 -19.82 -45.25 -51.22
C THR A 457 -20.03 -46.65 -50.67
N ARG A 458 -19.64 -47.67 -51.44
CA ARG A 458 -19.79 -49.09 -51.11
C ARG A 458 -18.85 -49.55 -49.99
N CYS A 459 -18.43 -48.66 -49.08
CA CYS A 459 -17.61 -49.04 -47.93
C CYS A 459 -18.45 -49.90 -46.98
N LYS A 460 -18.47 -51.21 -47.20
CA LYS A 460 -19.50 -52.11 -46.67
C LYS A 460 -19.75 -51.90 -45.18
N ARG A 461 -18.67 -51.76 -44.41
CA ARG A 461 -18.59 -51.16 -43.07
C ARG A 461 -17.12 -51.12 -42.63
N ARG A 462 -16.74 -50.24 -41.71
CA ARG A 462 -15.56 -50.45 -40.85
C ARG A 462 -15.88 -51.39 -39.69
N VAL A 463 -16.26 -52.63 -40.01
CA VAL A 463 -16.73 -53.65 -39.04
C VAL A 463 -15.81 -53.73 -37.82
N VAL A 464 -16.29 -54.15 -36.66
CA VAL A 464 -15.42 -54.41 -35.51
C VAL A 464 -14.33 -55.42 -35.89
N GLY A 465 -13.07 -55.09 -35.58
CA GLY A 465 -11.89 -55.82 -36.05
C GLY A 465 -11.43 -55.50 -37.48
N ARG A 466 -12.17 -54.66 -38.24
CA ARG A 466 -11.89 -54.21 -39.61
C ARG A 466 -11.98 -52.68 -39.71
N PHE B 1 5.21 -30.51 -57.35
CA PHE B 1 4.01 -29.97 -56.68
C PHE B 1 2.83 -29.94 -57.66
N LEU B 2 1.74 -30.67 -57.38
CA LEU B 2 0.51 -30.64 -58.20
C LEU B 2 -0.27 -29.31 -58.11
N GLY B 3 0.16 -28.38 -57.24
CA GLY B 3 -0.51 -27.11 -57.01
C GLY B 3 -1.62 -27.24 -55.96
N PHE B 4 -1.79 -26.19 -55.17
CA PHE B 4 -2.90 -26.13 -54.22
C PHE B 4 -4.24 -26.01 -54.98
N LEU B 5 -5.28 -26.68 -54.50
CA LEU B 5 -6.56 -26.86 -55.22
C LEU B 5 -6.43 -27.61 -56.56
N GLY B 6 -5.29 -28.25 -56.83
CA GLY B 6 -4.88 -28.74 -58.15
C GLY B 6 -5.75 -29.78 -58.86
N ALA B 7 -6.88 -30.21 -58.29
CA ALA B 7 -7.85 -31.11 -58.92
C ALA B 7 -9.32 -30.68 -58.75
N ALA B 8 -9.63 -29.44 -58.40
CA ALA B 8 -11.02 -29.02 -58.15
C ALA B 8 -11.96 -29.22 -59.35
N GLY B 9 -11.46 -29.03 -60.58
CA GLY B 9 -12.21 -29.26 -61.81
C GLY B 9 -12.40 -30.73 -62.20
N SER B 10 -11.88 -31.65 -61.40
CA SER B 10 -11.93 -33.08 -61.63
C SER B 10 -13.14 -33.72 -60.94
N THR B 11 -13.49 -34.94 -61.35
CA THR B 11 -14.49 -35.75 -60.63
C THR B 11 -13.99 -36.06 -59.22
N MET B 12 -14.89 -36.28 -58.27
CA MET B 12 -14.50 -36.54 -56.88
C MET B 12 -13.56 -37.72 -56.74
N GLY B 13 -13.82 -38.79 -57.50
CA GLY B 13 -12.99 -39.98 -57.56
C GLY B 13 -11.59 -39.63 -58.01
N ALA B 14 -11.47 -38.93 -59.13
CA ALA B 14 -10.19 -38.50 -59.65
C ALA B 14 -9.43 -37.64 -58.63
N ALA B 15 -10.09 -36.64 -58.06
CA ALA B 15 -9.47 -35.74 -57.10
C ALA B 15 -9.08 -36.42 -55.78
N SER B 16 -9.84 -37.43 -55.35
CA SER B 16 -9.67 -38.02 -54.02
C SER B 16 -8.28 -38.57 -53.76
N MET B 17 -7.48 -38.83 -54.79
CA MET B 17 -6.11 -39.32 -54.63
C MET B 17 -5.16 -38.29 -54.02
N THR B 18 -5.47 -37.00 -54.21
CA THR B 18 -4.49 -35.91 -54.03
C THR B 18 -4.21 -35.50 -52.58
N LEU B 19 -4.90 -36.09 -51.61
CA LEU B 19 -5.17 -35.42 -50.33
C LEU B 19 -3.95 -34.88 -49.60
N THR B 20 -2.85 -35.63 -49.55
CA THR B 20 -1.65 -35.25 -48.78
C THR B 20 -1.10 -33.90 -49.22
N VAL B 21 -1.14 -33.60 -50.53
CA VAL B 21 -0.70 -32.33 -51.09
C VAL B 21 -1.53 -31.20 -50.51
N GLN B 22 -2.85 -31.31 -50.65
CA GLN B 22 -3.76 -30.31 -50.13
C GLN B 22 -3.62 -30.13 -48.62
N ALA B 23 -3.52 -31.23 -47.88
CA ALA B 23 -3.43 -31.24 -46.42
C ALA B 23 -2.20 -30.48 -45.93
N ARG B 24 -1.04 -30.69 -46.56
CA ARG B 24 0.19 -29.99 -46.20
C ARG B 24 0.13 -28.47 -46.33
N ASN B 25 -0.78 -27.91 -47.14
CA ASN B 25 -0.95 -26.45 -47.26
C ASN B 25 -1.81 -25.83 -46.14
N LEU B 26 -2.46 -26.64 -45.30
CA LEU B 26 -3.48 -26.14 -44.39
C LEU B 26 -2.93 -25.25 -43.29
N LEU B 27 -1.63 -25.26 -43.02
CA LEU B 27 -1.03 -24.58 -41.87
C LEU B 27 0.38 -24.10 -42.17
N SER B 28 0.50 -22.86 -42.67
CA SER B 28 1.77 -22.16 -42.95
C SER B 28 1.54 -20.65 -43.12
N GLY B 29 2.61 -19.88 -43.31
CA GLY B 29 2.60 -18.43 -43.55
C GLY B 29 4.00 -17.84 -43.73
N LEU B 50 7.89 0.02 -32.54
CA LEU B 50 7.35 1.21 -33.20
C LEU B 50 6.15 0.91 -34.12
N THR B 51 5.53 -0.27 -33.98
CA THR B 51 4.37 -0.71 -34.77
C THR B 51 3.40 -1.62 -34.01
N VAL B 52 2.13 -1.59 -34.41
CA VAL B 52 1.08 -2.56 -34.04
C VAL B 52 0.93 -3.71 -35.02
N TRP B 53 1.59 -3.71 -36.18
CA TRP B 53 1.27 -4.62 -37.30
C TRP B 53 1.42 -6.12 -36.98
N GLY B 54 2.20 -6.47 -35.97
CA GLY B 54 2.20 -7.80 -35.37
C GLY B 54 0.80 -8.29 -34.97
N ILE B 55 -0.07 -7.39 -34.50
CA ILE B 55 -1.47 -7.69 -34.17
C ILE B 55 -2.16 -8.31 -35.37
N LYS B 56 -2.10 -7.68 -36.54
CA LYS B 56 -2.74 -8.21 -37.75
C LYS B 56 -2.27 -9.63 -38.04
N GLN B 57 -0.97 -9.86 -37.91
CA GLN B 57 -0.39 -11.18 -38.16
C GLN B 57 -0.79 -12.22 -37.11
N LEU B 58 -0.64 -11.97 -35.81
CA LEU B 58 -1.08 -12.95 -34.81
C LEU B 58 -2.58 -13.20 -34.90
N GLN B 59 -3.36 -12.14 -35.11
CA GLN B 59 -4.79 -12.23 -35.24
C GLN B 59 -5.23 -13.01 -36.48
N ALA B 60 -4.42 -13.09 -37.53
CA ALA B 60 -4.59 -14.09 -38.58
C ALA B 60 -4.16 -15.48 -38.09
N ARG B 61 -2.94 -15.64 -37.57
CA ARG B 61 -2.35 -16.97 -37.35
C ARG B 61 -3.10 -17.77 -36.30
N VAL B 62 -3.42 -17.13 -35.19
CA VAL B 62 -4.21 -17.71 -34.10
C VAL B 62 -5.71 -17.73 -34.42
N LEU B 63 -6.15 -17.35 -35.62
CA LEU B 63 -7.41 -17.86 -36.17
C LEU B 63 -7.16 -19.22 -36.85
N ALA B 64 -6.17 -19.27 -37.74
CA ALA B 64 -5.90 -20.43 -38.58
C ALA B 64 -5.65 -21.70 -37.76
N VAL B 65 -4.71 -21.65 -36.82
CA VAL B 65 -4.39 -22.76 -35.94
C VAL B 65 -5.64 -23.32 -35.29
N GLU B 66 -6.46 -22.47 -34.70
CA GLU B 66 -7.64 -22.96 -34.00
C GLU B 66 -8.59 -23.64 -34.97
N ARG B 67 -8.80 -23.04 -36.14
CA ARG B 67 -9.70 -23.60 -37.14
C ARG B 67 -9.28 -25.03 -37.46
N TYR B 68 -7.98 -25.24 -37.69
CA TYR B 68 -7.45 -26.57 -37.95
C TYR B 68 -7.81 -27.51 -36.81
N LEU B 69 -7.49 -27.16 -35.56
CA LEU B 69 -7.76 -28.07 -34.46
C LEU B 69 -9.23 -28.41 -34.28
N ARG B 70 -10.16 -27.49 -34.58
CA ARG B 70 -11.57 -27.84 -34.45
C ARG B 70 -11.87 -29.05 -35.31
N ASP B 71 -11.37 -29.07 -36.53
CA ASP B 71 -11.60 -30.20 -37.39
C ASP B 71 -10.91 -31.45 -36.86
N GLN B 72 -9.66 -31.34 -36.39
CA GLN B 72 -8.98 -32.53 -35.89
C GLN B 72 -9.79 -33.14 -34.76
N GLN B 73 -10.35 -32.31 -33.89
CA GLN B 73 -11.19 -32.82 -32.82
C GLN B 73 -12.40 -33.52 -33.39
N LEU B 74 -13.07 -32.96 -34.40
CA LEU B 74 -14.26 -33.60 -34.95
C LEU B 74 -13.96 -34.99 -35.51
N LEU B 75 -12.83 -35.12 -36.22
CA LEU B 75 -12.34 -36.40 -36.71
C LEU B 75 -12.00 -37.35 -35.57
N GLY B 76 -11.48 -36.82 -34.47
CA GLY B 76 -11.35 -37.57 -33.23
C GLY B 76 -12.69 -38.11 -32.74
N ILE B 77 -13.69 -37.24 -32.63
CA ILE B 77 -14.99 -37.61 -32.08
C ILE B 77 -15.66 -38.72 -32.87
N TRP B 78 -15.46 -38.80 -34.19
CA TRP B 78 -16.00 -39.89 -35.01
C TRP B 78 -15.16 -41.17 -35.05
N GLY B 79 -14.01 -41.18 -34.38
CA GLY B 79 -13.09 -42.30 -34.50
C GLY B 79 -12.47 -42.36 -35.88
N CYS B 80 -11.88 -41.25 -36.31
CA CYS B 80 -11.20 -41.08 -37.59
C CYS B 80 -9.89 -40.29 -37.43
N SER B 81 -9.25 -40.36 -36.26
CA SER B 81 -8.06 -39.57 -35.96
C SER B 81 -6.90 -39.92 -36.89
N GLY B 82 -6.04 -38.94 -37.18
CA GLY B 82 -4.84 -39.08 -38.01
C GLY B 82 -5.10 -39.20 -39.52
N LYS B 83 -5.93 -40.15 -39.96
CA LYS B 83 -6.03 -40.56 -41.37
C LYS B 83 -6.87 -39.62 -42.22
N LEU B 84 -6.44 -39.38 -43.47
CA LEU B 84 -7.09 -38.45 -44.41
C LEU B 84 -8.35 -39.02 -45.08
N ILE B 85 -8.53 -40.33 -44.98
CA ILE B 85 -9.75 -41.06 -45.33
C ILE B 85 -10.19 -41.87 -44.12
N CYS B 86 -11.49 -41.99 -43.91
CA CYS B 86 -12.06 -42.83 -42.88
C CYS B 86 -13.46 -43.31 -43.26
N CYS B 87 -13.65 -44.61 -43.36
CA CYS B 87 -14.99 -45.17 -43.46
C CYS B 87 -15.76 -45.12 -42.13
N THR B 88 -17.09 -45.13 -42.17
CA THR B 88 -17.95 -45.22 -40.97
C THR B 88 -18.54 -46.62 -40.81
N ASN B 89 -19.47 -46.76 -39.87
CA ASN B 89 -20.38 -47.90 -39.74
C ASN B 89 -21.86 -47.54 -40.00
N VAL B 90 -22.21 -46.50 -40.78
CA VAL B 90 -23.61 -46.09 -41.03
C VAL B 90 -23.99 -46.05 -42.52
N PRO B 91 -25.14 -46.64 -42.90
CA PRO B 91 -25.62 -46.67 -44.27
C PRO B 91 -26.31 -45.34 -44.64
N TRP B 92 -26.61 -45.18 -45.92
CA TRP B 92 -27.20 -43.98 -46.48
C TRP B 92 -28.71 -43.86 -46.36
N ASN B 93 -29.18 -42.64 -46.55
CA ASN B 93 -30.57 -42.27 -46.63
C ASN B 93 -30.85 -41.63 -48.00
N SER B 94 -31.97 -42.01 -48.63
CA SER B 94 -32.46 -41.40 -49.87
C SER B 94 -32.68 -39.90 -49.75
N SER B 95 -33.01 -39.40 -48.55
CA SER B 95 -33.14 -37.97 -48.29
C SER B 95 -31.80 -37.25 -48.42
N TRP B 96 -30.68 -37.89 -48.08
CA TRP B 96 -29.35 -37.32 -48.22
C TRP B 96 -28.98 -37.22 -49.69
N SER B 97 -29.16 -38.31 -50.43
CA SER B 97 -29.25 -38.34 -51.88
C SER B 97 -29.82 -39.68 -52.33
N ASN B 98 -30.30 -39.71 -53.56
CA ASN B 98 -30.98 -40.84 -54.18
C ASN B 98 -30.46 -41.07 -55.62
N ARG B 99 -29.37 -40.38 -56.00
CA ARG B 99 -28.75 -40.43 -57.33
C ARG B 99 -27.72 -41.56 -57.46
N ASN B 100 -27.36 -41.90 -58.70
CA ASN B 100 -26.42 -42.98 -58.96
C ASN B 100 -24.98 -42.63 -58.51
N LEU B 101 -24.23 -43.63 -58.04
CA LEU B 101 -22.89 -43.46 -57.50
C LEU B 101 -21.86 -42.88 -58.49
N SER B 102 -21.95 -43.22 -59.77
CA SER B 102 -21.08 -42.64 -60.80
C SER B 102 -21.36 -41.16 -61.04
N GLU B 103 -22.55 -40.66 -60.77
CA GLU B 103 -22.80 -39.21 -60.81
C GLU B 103 -21.91 -38.49 -59.79
N ILE B 104 -21.69 -39.16 -58.67
CA ILE B 104 -20.99 -38.67 -57.50
C ILE B 104 -19.47 -38.79 -57.72
N TRP B 105 -18.94 -40.00 -57.81
CA TRP B 105 -17.49 -40.20 -57.88
C TRP B 105 -16.90 -40.00 -59.26
N ASP B 106 -17.61 -40.46 -60.27
CA ASP B 106 -17.10 -40.62 -61.63
C ASP B 106 -17.47 -39.43 -62.52
N ASN B 107 -18.16 -38.44 -61.97
CA ASN B 107 -18.66 -37.31 -62.72
C ASN B 107 -18.48 -36.02 -61.93
N MET B 108 -19.26 -35.77 -60.88
CA MET B 108 -19.28 -34.44 -60.27
C MET B 108 -17.99 -34.12 -59.51
N THR B 109 -17.70 -32.84 -59.38
CA THR B 109 -16.58 -32.35 -58.57
C THR B 109 -16.95 -32.33 -57.09
N TRP B 110 -15.98 -32.12 -56.22
CA TRP B 110 -16.26 -31.94 -54.79
C TRP B 110 -16.98 -30.62 -54.52
N LEU B 111 -16.52 -29.56 -55.13
CA LEU B 111 -17.19 -28.27 -55.15
C LEU B 111 -18.65 -28.37 -55.65
N GLN B 112 -18.95 -29.33 -56.53
CA GLN B 112 -20.29 -29.62 -57.02
C GLN B 112 -21.10 -30.49 -56.03
N TRP B 113 -20.53 -31.58 -55.53
CA TRP B 113 -21.16 -32.43 -54.53
C TRP B 113 -21.50 -31.70 -53.24
N ASP B 114 -20.63 -30.78 -52.84
CA ASP B 114 -20.82 -29.89 -51.70
C ASP B 114 -22.20 -29.23 -51.71
N LYS B 115 -22.64 -28.81 -52.90
CA LYS B 115 -23.92 -28.14 -53.12
C LYS B 115 -25.10 -29.01 -52.73
N GLU B 116 -24.93 -30.32 -52.77
CA GLU B 116 -25.93 -31.28 -52.39
C GLU B 116 -25.81 -31.65 -50.91
N ILE B 117 -24.66 -32.18 -50.53
CA ILE B 117 -24.50 -32.76 -49.20
C ILE B 117 -24.59 -31.71 -48.09
N SER B 118 -24.37 -30.43 -48.42
CA SER B 118 -24.61 -29.27 -47.56
C SER B 118 -25.86 -29.40 -46.70
N ASN B 119 -26.95 -29.92 -47.26
CA ASN B 119 -28.21 -30.15 -46.55
C ASN B 119 -28.04 -30.86 -45.21
N TYR B 120 -27.30 -31.98 -45.18
CA TYR B 120 -27.27 -32.89 -44.05
C TYR B 120 -26.04 -32.70 -43.16
N THR B 121 -25.39 -31.55 -43.32
CA THR B 121 -24.53 -30.93 -42.32
C THR B 121 -25.29 -30.83 -40.99
N GLN B 122 -24.61 -30.94 -39.86
CA GLN B 122 -25.19 -31.20 -38.52
C GLN B 122 -25.87 -32.56 -38.41
N ILE B 123 -26.79 -32.89 -39.32
CA ILE B 123 -27.65 -34.08 -39.26
C ILE B 123 -26.80 -35.36 -39.22
N ILE B 124 -25.96 -35.54 -40.25
CA ILE B 124 -25.01 -36.65 -40.34
C ILE B 124 -23.95 -36.50 -39.25
N TYR B 125 -23.44 -35.29 -38.99
CA TYR B 125 -22.35 -35.07 -38.03
C TYR B 125 -22.68 -35.53 -36.59
N GLY B 126 -23.84 -35.15 -36.07
CA GLY B 126 -24.30 -35.59 -34.74
C GLY B 126 -24.55 -37.08 -34.69
N LEU B 127 -25.10 -37.64 -35.78
CA LEU B 127 -25.20 -39.09 -35.96
C LEU B 127 -23.81 -39.73 -35.90
N LEU B 128 -22.82 -39.22 -36.63
CA LEU B 128 -21.46 -39.72 -36.56
C LEU B 128 -20.88 -39.63 -35.14
N GLU B 129 -21.14 -38.55 -34.41
CA GLU B 129 -20.74 -38.47 -33.01
C GLU B 129 -21.37 -39.59 -32.19
N GLU B 130 -22.69 -39.56 -32.03
CA GLU B 130 -23.32 -40.30 -30.95
C GLU B 130 -23.74 -41.67 -31.45
N SER B 131 -24.86 -41.70 -32.17
CA SER B 131 -25.56 -42.93 -32.54
C SER B 131 -24.72 -43.83 -33.43
N GLN B 132 -23.75 -43.25 -34.14
CA GLN B 132 -22.62 -43.99 -34.64
C GLN B 132 -21.56 -44.13 -33.55
N ASN B 133 -20.63 -43.19 -33.42
CA ASN B 133 -19.34 -43.58 -32.89
C ASN B 133 -19.38 -43.75 -31.39
N GLN B 134 -20.18 -42.98 -30.67
CA GLN B 134 -20.31 -43.26 -29.25
C GLN B 134 -20.94 -44.63 -29.04
N GLN B 135 -21.89 -45.04 -29.88
CA GLN B 135 -22.41 -46.40 -29.82
C GLN B 135 -21.33 -47.44 -30.14
N GLU B 136 -20.46 -47.20 -31.12
CA GLU B 136 -19.30 -48.06 -31.35
C GLU B 136 -18.40 -48.10 -30.10
N LYS B 137 -18.22 -46.97 -29.43
CA LYS B 137 -17.34 -46.87 -28.26
C LYS B 137 -17.98 -47.48 -27.02
N ASN B 138 -19.30 -47.44 -26.89
CA ASN B 138 -20.03 -48.20 -25.90
C ASN B 138 -19.82 -49.69 -26.15
N GLU B 139 -20.04 -50.15 -27.37
CA GLU B 139 -19.77 -51.54 -27.75
C GLU B 139 -18.32 -51.92 -27.45
N GLN B 140 -17.38 -51.04 -27.76
CA GLN B 140 -15.98 -51.29 -27.50
C GLN B 140 -15.67 -51.35 -26.01
N ASP B 141 -16.22 -50.45 -25.22
CA ASP B 141 -16.06 -50.49 -23.77
C ASP B 141 -16.70 -51.76 -23.19
N LEU B 142 -17.86 -52.14 -23.69
CA LEU B 142 -18.54 -53.38 -23.31
C LEU B 142 -17.73 -54.61 -23.70
N LEU B 143 -17.04 -54.57 -24.83
CA LEU B 143 -16.15 -55.63 -25.28
C LEU B 143 -14.84 -55.63 -24.48
N ALA B 144 -14.41 -54.46 -24.01
CA ALA B 144 -13.25 -54.30 -23.15
C ALA B 144 -13.53 -54.82 -21.73
N LEU B 145 -14.73 -54.52 -21.22
CA LEU B 145 -15.33 -55.07 -20.02
C LEU B 145 -15.52 -56.59 -20.14
N ASP B 146 -15.95 -57.03 -21.31
CA ASP B 146 -15.84 -58.38 -21.85
C ASP B 146 -16.67 -59.49 -21.19
N ALA C 1 20.73 -60.88 -43.56
CA ALA C 1 19.52 -60.81 -42.70
C ALA C 1 18.30 -60.36 -43.52
N GLU C 2 18.20 -59.07 -43.84
CA GLU C 2 17.09 -58.47 -44.59
C GLU C 2 17.55 -57.12 -45.17
N ASN C 3 16.76 -56.54 -46.07
CA ASN C 3 16.76 -55.10 -46.31
C ASN C 3 16.70 -54.35 -44.98
N LEU C 4 17.40 -53.23 -44.88
CA LEU C 4 17.13 -52.29 -43.80
C LEU C 4 15.80 -51.58 -44.10
N TRP C 5 15.11 -51.10 -43.07
CA TRP C 5 13.81 -50.44 -43.21
C TRP C 5 13.85 -49.03 -42.64
N VAL C 6 13.16 -48.11 -43.30
CA VAL C 6 12.95 -46.78 -42.78
C VAL C 6 12.10 -46.89 -41.54
N THR C 7 12.51 -46.24 -40.47
CA THR C 7 11.77 -46.18 -39.24
C THR C 7 11.85 -44.78 -38.73
N VAL C 8 10.74 -44.27 -38.24
CA VAL C 8 10.58 -42.89 -37.84
C VAL C 8 10.65 -42.83 -36.32
N TYR C 9 11.34 -41.83 -35.80
CA TYR C 9 11.45 -41.59 -34.37
C TYR C 9 11.13 -40.13 -34.11
N TYR C 10 10.29 -39.88 -33.12
CA TYR C 10 10.04 -38.53 -32.66
C TYR C 10 10.81 -38.23 -31.38
N GLY C 11 10.93 -36.95 -31.04
CA GLY C 11 11.67 -36.51 -29.84
C GLY C 11 13.13 -36.97 -29.80
N VAL C 12 13.74 -37.17 -30.96
CA VAL C 12 15.11 -37.62 -31.10
C VAL C 12 16.07 -36.52 -30.65
N PRO C 13 17.21 -36.82 -30.02
CA PRO C 13 18.19 -35.81 -29.67
C PRO C 13 19.12 -35.44 -30.84
N VAL C 14 18.78 -34.35 -31.55
CA VAL C 14 19.70 -33.59 -32.41
C VAL C 14 19.25 -32.12 -32.53
N TRP C 15 20.17 -31.20 -32.86
CA TRP C 15 19.93 -29.75 -32.93
C TRP C 15 20.73 -29.07 -34.04
N LYS C 16 20.42 -27.80 -34.29
CA LYS C 16 21.22 -26.86 -35.09
C LYS C 16 21.37 -25.53 -34.37
N GLU C 17 22.43 -24.79 -34.66
CA GLU C 17 22.68 -23.48 -34.07
C GLU C 17 21.98 -22.39 -34.87
N ALA C 18 21.23 -21.50 -34.21
CA ALA C 18 20.36 -20.53 -34.89
C ALA C 18 20.04 -19.31 -34.02
N LYS C 19 19.55 -18.25 -34.66
CA LYS C 19 19.10 -17.01 -34.01
C LYS C 19 17.70 -17.14 -33.43
N THR C 20 17.37 -16.42 -32.36
CA THR C 20 15.99 -16.23 -31.89
C THR C 20 15.88 -15.10 -30.87
N THR C 21 14.66 -14.58 -30.69
CA THR C 21 14.25 -13.86 -29.48
C THR C 21 14.32 -14.76 -28.24
N LEU C 22 14.42 -14.19 -27.04
CA LEU C 22 14.45 -14.91 -25.75
C LEU C 22 13.55 -14.23 -24.71
N PHE C 23 13.21 -14.92 -23.62
CA PHE C 23 12.52 -14.29 -22.47
C PHE C 23 13.51 -13.60 -21.53
N CYS C 24 13.15 -12.40 -21.09
CA CYS C 24 13.71 -11.83 -19.86
C CYS C 24 13.01 -12.41 -18.65
N ALA C 25 13.56 -13.47 -18.06
CA ALA C 25 13.15 -13.90 -16.74
C ALA C 25 13.87 -13.09 -15.66
N SER C 26 13.24 -12.94 -14.52
CA SER C 26 13.75 -12.18 -13.38
C SER C 26 13.59 -12.99 -12.11
N ASP C 27 14.39 -12.63 -11.12
CA ASP C 27 14.03 -12.84 -9.72
C ASP C 27 12.66 -12.19 -9.48
N ALA C 28 11.71 -12.95 -8.93
CA ALA C 28 10.33 -12.51 -8.77
C ALA C 28 10.15 -11.35 -7.78
N ARG C 29 11.09 -11.16 -6.84
CA ARG C 29 10.92 -10.28 -5.66
C ARG C 29 10.97 -8.77 -5.97
N ALA C 30 11.36 -8.39 -7.18
CA ALA C 30 11.55 -6.98 -7.59
C ALA C 30 10.24 -6.20 -7.77
N TYR C 31 9.29 -6.75 -8.54
CA TYR C 31 8.13 -5.98 -9.02
C TYR C 31 7.01 -5.82 -7.97
N GLU C 32 7.25 -6.32 -6.76
CA GLU C 32 6.58 -5.85 -5.53
C GLU C 32 6.72 -4.34 -5.34
N LYS C 33 7.91 -3.79 -5.66
CA LYS C 33 8.31 -2.40 -5.38
C LYS C 33 8.75 -1.65 -6.63
N GLU C 34 9.42 -2.35 -7.53
CA GLU C 34 10.23 -1.81 -8.63
C GLU C 34 9.54 -1.94 -9.98
N VAL C 35 8.25 -1.62 -10.03
CA VAL C 35 7.60 -1.21 -11.28
C VAL C 35 8.44 -0.10 -11.90
N HIS C 36 8.78 -0.25 -13.17
CA HIS C 36 9.78 0.55 -13.88
C HIS C 36 11.19 0.54 -13.24
N ASN C 37 11.73 -0.64 -12.91
CA ASN C 37 13.19 -0.84 -12.89
C ASN C 37 13.76 -0.56 -14.28
N VAL C 38 14.66 0.42 -14.39
CA VAL C 38 15.18 0.97 -15.65
C VAL C 38 15.74 -0.09 -16.59
N TRP C 39 16.31 -1.16 -16.03
CA TRP C 39 16.67 -2.38 -16.73
C TRP C 39 16.10 -3.57 -15.97
N ALA C 40 15.58 -4.57 -16.70
CA ALA C 40 14.62 -5.53 -16.16
C ALA C 40 13.45 -4.85 -15.42
N THR C 41 12.61 -4.10 -16.14
CA THR C 41 11.32 -3.64 -15.62
C THR C 41 10.43 -4.83 -15.24
N HIS C 42 9.30 -4.55 -14.61
CA HIS C 42 8.17 -5.46 -14.37
C HIS C 42 7.60 -6.18 -15.61
N ALA C 43 8.03 -5.78 -16.82
CA ALA C 43 7.76 -6.52 -18.04
C ALA C 43 8.54 -7.85 -18.12
N CYS C 44 9.65 -8.00 -17.39
CA CYS C 44 10.37 -9.26 -17.25
C CYS C 44 9.63 -10.24 -16.34
N VAL C 45 9.67 -11.53 -16.65
CA VAL C 45 8.80 -12.50 -16.00
C VAL C 45 9.27 -12.74 -14.56
N PRO C 46 8.46 -12.49 -13.52
CA PRO C 46 8.82 -12.84 -12.16
C PRO C 46 8.88 -14.35 -12.02
N THR C 47 10.08 -14.90 -11.82
CA THR C 47 10.35 -16.32 -12.04
C THR C 47 11.25 -16.94 -10.97
N ASP C 48 12.45 -16.40 -10.77
CA ASP C 48 13.57 -17.06 -10.06
C ASP C 48 13.76 -18.54 -10.52
N PRO C 49 14.19 -18.77 -11.77
CA PRO C 49 14.19 -20.11 -12.36
C PRO C 49 15.14 -21.08 -11.64
N SER C 50 14.75 -22.36 -11.50
CA SER C 50 15.64 -23.37 -10.90
C SER C 50 16.85 -23.66 -11.84
N PRO C 51 18.10 -23.50 -11.37
CA PRO C 51 19.29 -23.43 -12.23
C PRO C 51 19.84 -24.81 -12.62
N GLN C 52 19.01 -25.58 -13.32
CA GLN C 52 19.30 -26.97 -13.65
C GLN C 52 20.15 -27.13 -14.90
N GLU C 53 21.04 -28.10 -14.86
CA GLU C 53 22.13 -28.29 -15.82
C GLU C 53 22.35 -29.79 -16.04
N LEU C 54 22.74 -30.17 -17.25
CA LEU C 54 23.47 -31.41 -17.43
C LEU C 54 24.67 -31.19 -18.32
N VAL C 55 25.85 -31.28 -17.72
CA VAL C 55 27.10 -31.46 -18.45
C VAL C 55 27.01 -32.77 -19.23
N LEU C 56 27.14 -32.70 -20.53
CA LEU C 56 26.64 -33.76 -21.41
C LEU C 56 27.52 -35.01 -21.43
N GLY C 57 28.84 -34.82 -21.48
CA GLY C 57 29.78 -35.87 -21.88
C GLY C 57 29.63 -36.21 -23.36
N ASN C 58 30.71 -36.65 -23.99
CA ASN C 58 30.85 -37.01 -25.41
C ASN C 58 30.41 -35.98 -26.48
N VAL C 59 29.76 -34.87 -26.11
CA VAL C 59 29.46 -33.74 -26.98
C VAL C 59 30.73 -33.19 -27.62
N THR C 60 30.65 -32.70 -28.87
CA THR C 60 31.78 -32.08 -29.57
C THR C 60 31.30 -30.89 -30.41
N GLU C 61 31.59 -29.65 -30.01
CA GLU C 61 31.25 -28.47 -30.81
C GLU C 61 32.14 -27.24 -30.55
N ASN C 62 32.24 -26.35 -31.54
CA ASN C 62 32.93 -25.06 -31.39
C ASN C 62 31.99 -23.98 -30.85
N PHE C 63 32.51 -23.09 -30.02
CA PHE C 63 31.84 -21.85 -29.58
C PHE C 63 32.57 -20.62 -30.15
N ASN C 64 31.86 -19.49 -30.24
CA ASN C 64 32.41 -18.19 -30.63
C ASN C 64 31.61 -17.07 -29.96
N MET C 65 32.11 -16.57 -28.84
CA MET C 65 31.40 -15.56 -28.05
C MET C 65 31.08 -14.31 -28.87
N TRP C 66 32.00 -13.88 -29.73
CA TRP C 66 31.88 -12.65 -30.49
C TRP C 66 30.70 -12.71 -31.46
N LYS C 67 30.29 -13.92 -31.87
CA LYS C 67 29.11 -14.16 -32.71
C LYS C 67 27.83 -14.58 -31.97
N ASN C 68 27.81 -14.69 -30.64
CA ASN C 68 26.52 -14.89 -29.98
C ASN C 68 25.69 -13.61 -30.02
N ASP C 69 24.69 -13.58 -30.89
CA ASP C 69 23.86 -12.40 -31.07
C ASP C 69 23.02 -12.02 -29.85
N MET C 70 22.96 -12.84 -28.79
CA MET C 70 22.41 -12.42 -27.51
C MET C 70 23.07 -11.15 -27.01
N VAL C 71 24.34 -10.96 -27.33
CA VAL C 71 25.06 -9.73 -27.04
C VAL C 71 24.30 -8.54 -27.62
N ASP C 72 23.97 -8.61 -28.90
CA ASP C 72 23.20 -7.56 -29.54
C ASP C 72 21.79 -7.52 -28.99
N GLN C 73 21.16 -8.68 -28.80
CA GLN C 73 19.80 -8.74 -28.29
C GLN C 73 19.71 -8.00 -26.96
N MET C 74 20.65 -8.25 -26.06
CA MET C 74 20.73 -7.59 -24.78
C MET C 74 20.87 -6.08 -24.95
N HIS C 75 21.77 -5.64 -25.83
CA HIS C 75 21.95 -4.24 -26.16
C HIS C 75 20.63 -3.62 -26.67
N GLU C 76 19.86 -4.32 -27.51
CA GLU C 76 18.52 -3.89 -27.88
C GLU C 76 17.55 -3.85 -26.69
N ASP C 77 17.49 -4.91 -25.89
CA ASP C 77 16.59 -5.02 -24.75
C ASP C 77 16.78 -3.86 -23.78
N ILE C 78 18.04 -3.58 -23.44
CA ILE C 78 18.46 -2.48 -22.60
C ILE C 78 17.90 -1.18 -23.15
N ILE C 79 18.22 -0.87 -24.41
CA ILE C 79 17.90 0.43 -24.98
C ILE C 79 16.38 0.57 -25.14
N SER C 80 15.69 -0.50 -25.49
CA SER C 80 14.23 -0.53 -25.51
C SER C 80 13.67 -0.14 -24.14
N LEU C 81 14.11 -0.81 -23.08
CA LEU C 81 13.59 -0.51 -21.75
C LEU C 81 14.00 0.89 -21.29
N TRP C 82 15.17 1.37 -21.68
CA TRP C 82 15.58 2.72 -21.36
C TRP C 82 14.54 3.72 -21.87
N ASP C 83 14.22 3.65 -23.16
CA ASP C 83 13.25 4.57 -23.72
C ASP C 83 11.87 4.37 -23.12
N GLN C 84 11.47 3.12 -22.80
CA GLN C 84 10.24 2.91 -22.05
C GLN C 84 10.26 3.63 -20.70
N SER C 85 11.36 3.54 -19.97
CA SER C 85 11.44 4.04 -18.61
C SER C 85 11.29 5.55 -18.52
N LEU C 86 11.72 6.31 -19.53
CA LEU C 86 11.70 7.77 -19.47
C LEU C 86 10.42 8.41 -20.02
N LYS C 87 9.63 7.67 -20.78
CA LYS C 87 8.44 8.17 -21.46
C LYS C 87 7.42 8.90 -20.56
N PRO C 88 7.15 8.49 -19.30
CA PRO C 88 6.14 9.13 -18.46
C PRO C 88 6.50 10.55 -18.03
N CYS C 89 7.76 10.98 -18.22
CA CYS C 89 8.35 12.03 -17.39
C CYS C 89 8.53 13.39 -18.09
N VAL C 90 8.96 14.38 -17.32
CA VAL C 90 8.86 15.80 -17.66
C VAL C 90 10.15 16.29 -18.33
N LYS C 91 10.01 17.08 -19.40
CA LYS C 91 11.14 17.65 -20.16
C LYS C 91 11.77 18.83 -19.41
N LEU C 92 13.04 19.09 -19.71
CA LEU C 92 13.69 20.35 -19.33
C LEU C 92 13.13 21.57 -20.05
N THR C 93 12.42 21.40 -21.16
CA THR C 93 12.04 22.45 -22.11
C THR C 93 11.61 23.78 -21.52
N PRO C 94 10.62 23.88 -20.62
CA PRO C 94 10.21 25.17 -20.04
C PRO C 94 11.35 25.90 -19.28
N LEU C 95 12.35 25.17 -18.78
CA LEU C 95 13.51 25.70 -18.09
C LEU C 95 14.62 26.17 -19.03
N CYS C 96 14.51 25.98 -20.34
CA CYS C 96 15.50 26.48 -21.29
C CYS C 96 15.40 28.01 -21.50
N VAL C 97 15.56 28.80 -20.44
CA VAL C 97 15.64 30.28 -20.47
C VAL C 97 17.08 30.77 -20.41
N THR C 98 17.33 32.05 -20.67
CA THR C 98 18.63 32.68 -20.39
C THR C 98 18.97 32.52 -18.91
N LEU C 99 20.19 32.06 -18.65
CA LEU C 99 20.69 31.83 -17.29
C LEU C 99 21.71 32.90 -16.91
N ILE C 100 21.55 33.49 -15.73
CA ILE C 100 22.42 34.54 -15.19
C ILE C 100 23.20 33.98 -14.01
N CYS C 101 24.52 33.98 -14.08
CA CYS C 101 25.33 33.00 -13.36
C CYS C 101 26.51 33.57 -12.58
N SER C 102 26.82 32.85 -11.52
CA SER C 102 27.54 33.28 -10.31
C SER C 102 28.22 32.06 -9.67
N ASN C 103 28.58 32.13 -8.39
CA ASN C 103 29.37 31.10 -7.73
C ASN C 103 28.57 30.25 -6.74
N ALA C 104 29.05 29.04 -6.48
CA ALA C 104 28.64 28.16 -5.38
C ALA C 104 29.21 28.66 -4.03
N THR C 105 28.82 29.88 -3.66
CA THR C 105 29.21 30.61 -2.43
C THR C 105 28.81 29.84 -1.15
N VAL C 106 29.64 28.92 -0.68
CA VAL C 106 29.35 28.05 0.48
C VAL C 106 30.58 27.89 1.38
N LYS C 107 30.40 28.01 2.70
CA LYS C 107 31.45 27.92 3.73
C LYS C 107 32.67 28.80 3.40
N ASN C 108 32.40 30.05 3.00
CA ASN C 108 33.41 31.04 2.57
C ASN C 108 34.30 30.56 1.40
N GLY C 109 33.78 29.69 0.54
CA GLY C 109 34.46 29.04 -0.57
C GLY C 109 33.53 28.75 -1.73
N THR C 110 34.01 28.01 -2.72
CA THR C 110 33.32 27.74 -4.00
C THR C 110 33.68 26.34 -4.55
N VAL C 111 32.84 25.77 -5.43
CA VAL C 111 33.07 24.45 -6.05
C VAL C 111 33.39 24.62 -7.53
N GLU C 112 34.65 24.38 -7.93
CA GLU C 112 35.13 24.93 -9.20
C GLU C 112 34.72 24.14 -10.45
N GLU C 113 34.33 22.87 -10.34
CA GLU C 113 33.66 22.17 -11.47
C GLU C 113 32.14 22.41 -11.50
N MET C 114 31.66 23.42 -10.78
CA MET C 114 30.28 23.85 -10.76
C MET C 114 30.14 25.35 -11.00
N LYS C 115 28.92 25.77 -11.30
CA LYS C 115 28.49 27.16 -11.34
C LYS C 115 27.13 27.26 -10.66
N ASN C 116 26.81 28.47 -10.22
CA ASN C 116 25.49 28.85 -9.79
C ASN C 116 24.82 29.64 -10.92
N CYS C 117 23.52 29.52 -11.10
CA CYS C 117 22.78 30.20 -12.16
C CYS C 117 21.38 30.57 -11.71
N SER C 118 20.84 31.62 -12.32
CA SER C 118 19.59 32.27 -11.94
C SER C 118 18.72 32.42 -13.17
N PHE C 119 17.42 32.26 -13.00
CA PHE C 119 16.48 32.00 -14.08
C PHE C 119 15.03 32.18 -13.61
N ASN C 120 14.12 32.20 -14.57
CA ASN C 120 12.69 32.35 -14.33
C ASN C 120 11.91 31.20 -14.95
N THR C 121 10.81 30.87 -14.31
CA THR C 121 9.82 29.89 -14.75
C THR C 121 8.43 30.39 -14.42
N THR C 122 7.41 29.88 -15.11
CA THR C 122 6.05 30.11 -14.63
C THR C 122 5.79 29.30 -13.38
N THR C 123 4.92 29.84 -12.54
CA THR C 123 4.12 29.05 -11.62
C THR C 123 3.19 28.10 -12.40
N GLU C 124 2.26 27.47 -11.71
CA GLU C 124 1.10 26.82 -12.31
C GLU C 124 0.25 27.78 -13.17
N ILE C 125 0.37 29.08 -13.00
CA ILE C 125 -0.41 30.09 -13.72
C ILE C 125 0.43 30.62 -14.89
N ARG C 126 -0.11 30.57 -16.12
CA ARG C 126 0.65 30.89 -17.34
C ARG C 126 1.19 32.31 -17.37
N ASP C 127 0.40 33.29 -16.94
CA ASP C 127 0.81 34.70 -16.96
C ASP C 127 1.81 35.07 -15.86
N LYS C 128 2.12 34.16 -14.92
CA LYS C 128 2.90 34.48 -13.72
C LYS C 128 4.20 33.70 -13.65
N GLU C 129 5.30 34.41 -13.87
CA GLU C 129 6.63 33.98 -13.45
C GLU C 129 7.08 34.66 -12.16
N LYS C 130 8.09 34.04 -11.55
CA LYS C 130 8.97 34.59 -10.51
C LYS C 130 10.44 34.25 -10.87
N LYS C 131 11.38 34.39 -9.94
CA LYS C 131 12.82 34.20 -10.14
C LYS C 131 13.40 33.20 -9.14
N GLU C 132 14.35 32.39 -9.57
CA GLU C 132 15.01 31.36 -8.77
C GLU C 132 16.41 31.04 -9.29
N TYR C 133 17.18 30.28 -8.51
CA TYR C 133 18.57 29.93 -8.80
C TYR C 133 18.86 28.49 -8.43
N ALA C 134 19.95 27.92 -8.94
CA ALA C 134 20.49 26.63 -8.51
C ALA C 134 21.93 26.45 -8.99
N LEU C 135 22.62 25.43 -8.48
CA LEU C 135 23.95 25.07 -8.93
C LEU C 135 23.93 23.91 -9.93
N PHE C 136 24.95 23.83 -10.77
CA PHE C 136 25.14 22.82 -11.81
C PHE C 136 26.62 22.55 -12.02
N TYR C 137 26.98 21.37 -12.51
CA TYR C 137 28.33 21.10 -12.94
C TYR C 137 28.63 21.82 -14.26
N LYS C 138 29.88 22.22 -14.49
CA LYS C 138 30.25 22.99 -15.68
C LYS C 138 29.95 22.27 -17.00
N PRO C 139 30.06 20.94 -17.11
CA PRO C 139 29.57 20.20 -18.26
C PRO C 139 28.07 20.32 -18.48
N ASP C 140 27.27 20.59 -17.45
CA ASP C 140 25.82 20.74 -17.59
C ASP C 140 25.46 22.06 -18.28
N ILE C 141 26.17 23.13 -17.92
CA ILE C 141 25.79 24.50 -18.24
C ILE C 141 26.91 25.18 -19.00
N VAL C 142 26.63 25.57 -20.22
CA VAL C 142 27.61 26.12 -21.17
C VAL C 142 27.48 27.65 -21.23
N PRO C 143 28.58 28.42 -21.28
CA PRO C 143 28.49 29.86 -21.49
C PRO C 143 27.67 30.17 -22.73
N LEU C 144 26.84 31.20 -22.66
CA LEU C 144 25.73 31.39 -23.59
C LEU C 144 26.22 31.53 -25.04
N SER C 145 25.37 31.17 -26.00
CA SER C 145 25.67 31.10 -27.43
C SER C 145 26.18 32.40 -28.07
N GLU C 146 26.11 33.54 -27.38
CA GLU C 146 26.69 34.80 -27.83
C GLU C 146 27.54 35.44 -26.72
N THR C 147 28.73 35.93 -27.06
CA THR C 147 29.77 36.40 -26.11
C THR C 147 29.53 37.80 -25.51
N ASN C 148 28.28 38.16 -25.25
CA ASN C 148 27.92 39.47 -24.72
C ASN C 148 28.37 39.68 -23.26
N ASN C 149 28.41 38.60 -22.46
CA ASN C 149 28.45 38.67 -21.00
C ASN C 149 28.92 37.34 -20.40
N THR C 150 30.03 37.37 -19.65
CA THR C 150 30.60 36.20 -18.97
C THR C 150 29.63 35.50 -18.03
N SER C 151 28.73 36.24 -17.37
CA SER C 151 27.72 35.67 -16.48
C SER C 151 26.55 34.97 -17.19
N GLU C 152 26.47 35.00 -18.52
CA GLU C 152 25.35 34.39 -19.24
C GLU C 152 25.66 32.97 -19.72
N TYR C 153 24.71 32.07 -19.50
CA TYR C 153 24.82 30.65 -19.82
C TYR C 153 23.49 30.07 -20.32
N ARG C 154 23.52 28.83 -20.80
CA ARG C 154 22.34 28.00 -21.12
C ARG C 154 22.52 26.54 -20.72
N LEU C 155 21.44 25.77 -20.78
CA LEU C 155 21.52 24.31 -20.83
C LEU C 155 22.40 23.87 -22.01
N ILE C 156 23.29 22.90 -21.78
CA ILE C 156 24.20 22.37 -22.82
C ILE C 156 23.46 21.81 -24.03
N ASN C 157 22.41 21.05 -23.79
CA ASN C 157 21.74 20.29 -24.82
C ASN C 157 20.72 21.09 -25.63
N CYS C 158 20.08 22.10 -25.04
CA CYS C 158 18.78 22.59 -25.52
C CYS C 158 18.81 23.22 -26.92
N ASN C 159 19.99 23.64 -27.40
CA ASN C 159 20.22 24.02 -28.78
C ASN C 159 20.19 22.85 -29.79
N THR C 160 19.92 21.62 -29.33
CA THR C 160 19.88 20.42 -30.18
C THR C 160 18.64 19.56 -29.98
N SER C 161 18.26 19.30 -28.73
CA SER C 161 17.34 18.21 -28.42
C SER C 161 16.84 18.30 -26.99
N ALA C 162 15.53 18.19 -26.81
CA ALA C 162 14.92 18.15 -25.49
C ALA C 162 15.30 16.87 -24.76
N CYS C 163 15.48 16.93 -23.45
CA CYS C 163 15.79 15.79 -22.60
C CYS C 163 14.87 15.81 -21.38
N THR C 164 14.57 14.65 -20.81
CA THR C 164 13.67 14.53 -19.64
C THR C 164 14.42 14.36 -18.33
N GLN C 165 13.90 14.92 -17.25
CA GLN C 165 14.24 14.52 -15.89
C GLN C 165 13.54 13.20 -15.59
N ALA C 166 14.28 12.18 -15.18
CA ALA C 166 13.66 10.91 -14.78
C ALA C 166 12.70 11.12 -13.61
N CYS C 167 11.55 10.47 -13.63
CA CYS C 167 10.63 10.43 -12.51
C CYS C 167 11.27 9.72 -11.30
N PRO C 168 11.04 10.15 -10.06
CA PRO C 168 11.82 9.65 -8.92
C PRO C 168 11.66 8.16 -8.64
N LYS C 169 10.46 7.60 -8.88
CA LYS C 169 10.13 6.19 -8.60
C LYS C 169 10.92 5.24 -9.49
N VAL C 170 11.02 5.55 -10.78
CA VAL C 170 11.72 4.76 -11.80
C VAL C 170 13.13 4.44 -11.32
N THR C 171 13.47 3.15 -11.25
CA THR C 171 14.53 2.65 -10.35
C THR C 171 15.75 2.10 -11.08
N PHE C 172 16.93 2.60 -10.73
CA PHE C 172 18.20 2.38 -11.44
C PHE C 172 19.01 1.16 -10.95
N GLU C 173 18.41 0.25 -10.18
CA GLU C 173 19.12 -0.94 -9.72
C GLU C 173 19.48 -1.88 -10.87
N PRO C 174 20.77 -2.19 -11.10
CA PRO C 174 21.17 -3.16 -12.12
C PRO C 174 21.00 -4.57 -11.55
N ILE C 175 19.77 -5.00 -11.29
CA ILE C 175 19.45 -6.28 -10.63
C ILE C 175 19.86 -7.49 -11.48
N PRO C 176 20.06 -8.65 -10.85
CA PRO C 176 20.26 -9.90 -11.57
C PRO C 176 19.10 -10.27 -12.49
N ILE C 177 19.42 -10.68 -13.72
CA ILE C 177 18.48 -11.05 -14.79
C ILE C 177 18.78 -12.48 -15.23
N HIS C 178 17.77 -13.29 -15.51
CA HIS C 178 17.95 -14.62 -16.10
C HIS C 178 17.46 -14.63 -17.55
N TYR C 179 18.30 -14.99 -18.49
CA TYR C 179 17.82 -15.34 -19.82
C TYR C 179 17.44 -16.83 -19.83
N CYS C 180 16.27 -17.15 -20.39
CA CYS C 180 15.76 -18.51 -20.56
C CYS C 180 15.07 -18.61 -21.92
N ALA C 181 15.21 -19.72 -22.62
CA ALA C 181 14.70 -19.90 -23.96
C ALA C 181 13.30 -20.54 -24.01
N PRO C 182 12.46 -20.25 -25.02
CA PRO C 182 11.15 -20.87 -25.21
C PRO C 182 11.26 -22.24 -25.86
N ALA C 183 10.17 -23.01 -25.76
CA ALA C 183 10.15 -24.44 -26.05
C ALA C 183 10.60 -24.78 -27.47
N GLY C 184 11.43 -25.82 -27.62
CA GLY C 184 12.03 -26.19 -28.90
C GLY C 184 13.39 -25.54 -29.14
N TYR C 185 13.78 -24.55 -28.35
CA TYR C 185 15.19 -24.21 -28.21
C TYR C 185 15.75 -24.75 -26.89
N ALA C 186 17.07 -24.69 -26.73
CA ALA C 186 17.71 -24.82 -25.43
C ALA C 186 18.96 -23.96 -25.37
N ILE C 187 19.40 -23.68 -24.15
CA ILE C 187 20.65 -22.95 -23.90
C ILE C 187 21.73 -23.98 -23.65
N LEU C 188 22.88 -23.81 -24.30
CA LEU C 188 24.06 -24.62 -24.08
C LEU C 188 25.13 -23.81 -23.37
N LYS C 189 25.57 -24.29 -22.21
CA LYS C 189 26.76 -23.74 -21.54
C LYS C 189 28.02 -24.35 -22.13
N CYS C 190 28.95 -23.52 -22.56
CA CYS C 190 30.32 -23.98 -22.64
C CYS C 190 30.92 -23.99 -21.23
N ASN C 191 30.86 -25.13 -20.55
CA ASN C 191 31.57 -25.36 -19.28
C ASN C 191 33.08 -25.55 -19.48
N ASP C 192 33.61 -25.53 -20.69
CA ASP C 192 35.03 -25.78 -20.97
C ASP C 192 35.94 -24.59 -20.61
N GLU C 193 36.10 -24.24 -19.33
CA GLU C 193 37.07 -23.23 -18.90
C GLU C 193 38.47 -23.50 -19.48
N THR C 194 39.19 -22.41 -19.80
CA THR C 194 40.25 -22.30 -20.82
C THR C 194 39.76 -22.15 -22.26
N PHE C 195 38.46 -22.18 -22.52
CA PHE C 195 37.89 -21.72 -23.80
C PHE C 195 38.24 -20.24 -23.99
N ASN C 196 39.02 -19.95 -25.02
CA ASN C 196 39.60 -18.63 -25.26
C ASN C 196 38.77 -17.86 -26.28
N GLY C 197 37.46 -17.77 -26.05
CA GLY C 197 36.51 -16.95 -26.82
C GLY C 197 36.13 -17.52 -28.20
N THR C 198 36.99 -18.31 -28.82
CA THR C 198 36.65 -19.21 -29.93
C THR C 198 37.39 -20.54 -29.79
N GLY C 199 36.82 -21.58 -30.42
CA GLY C 199 37.43 -22.91 -30.53
C GLY C 199 36.47 -24.04 -30.15
N PRO C 200 36.92 -25.30 -30.25
CA PRO C 200 36.16 -26.44 -29.75
C PRO C 200 36.00 -26.34 -28.24
N CYS C 201 34.76 -26.16 -27.80
CA CYS C 201 34.38 -26.35 -26.41
C CYS C 201 34.17 -27.86 -26.20
N SER C 202 35.16 -28.52 -25.65
CA SER C 202 35.17 -29.98 -25.48
C SER C 202 34.17 -30.48 -24.44
N ASN C 203 33.54 -29.57 -23.72
CA ASN C 203 32.85 -29.84 -22.46
C ASN C 203 31.68 -28.87 -22.32
N VAL C 204 30.49 -29.36 -22.64
CA VAL C 204 29.29 -28.53 -22.84
C VAL C 204 28.13 -29.09 -22.01
N SER C 205 27.24 -28.22 -21.54
CA SER C 205 26.03 -28.61 -20.83
C SER C 205 24.76 -28.09 -21.49
N THR C 206 23.69 -28.85 -21.41
CA THR C 206 22.36 -28.25 -21.47
C THR C 206 22.09 -27.45 -20.20
N VAL C 207 21.49 -26.28 -20.32
CA VAL C 207 20.78 -25.60 -19.23
C VAL C 207 19.46 -25.02 -19.68
N GLN C 208 18.51 -24.89 -18.77
CA GLN C 208 17.26 -24.21 -19.07
C GLN C 208 17.34 -22.68 -18.91
N CYS C 209 18.24 -22.19 -18.06
CA CYS C 209 18.38 -20.75 -17.80
C CYS C 209 19.83 -20.35 -17.50
N THR C 210 20.18 -19.08 -17.76
CA THR C 210 21.46 -18.47 -17.33
C THR C 210 21.46 -18.16 -15.84
N HIS C 211 22.65 -17.93 -15.30
CA HIS C 211 22.81 -17.23 -14.01
C HIS C 211 22.27 -15.80 -14.09
N GLY C 212 22.18 -15.15 -12.94
CA GLY C 212 21.70 -13.77 -12.79
C GLY C 212 22.72 -12.74 -13.28
N ILE C 213 22.68 -12.40 -14.57
CA ILE C 213 23.49 -11.32 -15.18
C ILE C 213 23.06 -9.98 -14.59
N ARG C 214 24.00 -9.10 -14.25
CA ARG C 214 23.68 -7.71 -13.88
C ARG C 214 24.04 -6.76 -15.01
N PRO C 215 23.14 -5.85 -15.42
CA PRO C 215 23.39 -4.90 -16.48
C PRO C 215 24.17 -3.68 -15.97
N VAL C 216 25.30 -3.85 -15.29
CA VAL C 216 26.09 -2.70 -14.80
C VAL C 216 26.75 -1.97 -15.98
N VAL C 217 26.42 -0.69 -16.16
CA VAL C 217 27.02 0.15 -17.19
C VAL C 217 28.41 0.62 -16.74
N SER C 218 29.38 0.63 -17.64
CA SER C 218 30.76 1.03 -17.35
C SER C 218 31.48 1.43 -18.64
N THR C 219 32.66 2.05 -18.55
CA THR C 219 33.37 2.57 -19.74
C THR C 219 34.73 1.97 -20.04
N GLN C 220 35.43 1.35 -19.08
CA GLN C 220 36.77 0.76 -19.26
C GLN C 220 37.02 -0.45 -18.35
N LEU C 221 36.23 -0.59 -17.30
CA LEU C 221 36.38 -1.61 -16.27
C LEU C 221 35.14 -2.50 -16.31
N LEU C 222 35.30 -3.77 -15.97
CA LEU C 222 34.20 -4.71 -15.87
C LEU C 222 33.96 -5.00 -14.40
N LEU C 223 32.71 -4.91 -13.97
CA LEU C 223 32.36 -4.96 -12.56
C LEU C 223 31.43 -6.12 -12.23
N ASN C 224 31.49 -6.56 -10.98
CA ASN C 224 30.46 -7.36 -10.31
C ASN C 224 29.95 -8.59 -11.10
N GLY C 225 30.81 -9.21 -11.91
CA GLY C 225 30.43 -10.23 -12.89
C GLY C 225 31.39 -11.43 -12.97
N SER C 226 31.86 -11.71 -14.18
CA SER C 226 32.56 -12.92 -14.62
C SER C 226 33.95 -13.17 -14.01
N LEU C 227 33.97 -13.56 -12.74
CA LEU C 227 35.15 -14.05 -12.07
C LEU C 227 35.65 -15.33 -12.75
N ALA C 228 36.78 -15.25 -13.43
CA ALA C 228 37.42 -16.43 -13.98
C ALA C 228 38.25 -17.14 -12.90
N GLU C 229 37.63 -18.03 -12.13
CA GLU C 229 38.31 -18.83 -11.09
C GLU C 229 39.43 -19.74 -11.64
N LYS C 230 39.59 -19.81 -12.96
CA LYS C 230 40.66 -20.52 -13.66
C LYS C 230 41.98 -19.73 -13.74
N GLU C 231 41.92 -18.47 -14.15
CA GLU C 231 43.06 -17.64 -14.59
C GLU C 231 42.61 -16.18 -14.73
N ILE C 232 43.53 -15.20 -14.81
CA ILE C 232 43.20 -13.84 -15.26
C ILE C 232 43.00 -13.87 -16.78
N VAL C 233 41.94 -14.50 -17.27
CA VAL C 233 41.81 -14.86 -18.69
C VAL C 233 41.75 -13.62 -19.58
N ILE C 234 42.64 -13.55 -20.57
CA ILE C 234 42.66 -12.48 -21.56
C ILE C 234 42.11 -12.97 -22.91
N ARG C 235 41.23 -12.18 -23.51
CA ARG C 235 40.41 -12.53 -24.69
C ARG C 235 40.28 -11.37 -25.67
N SER C 236 40.01 -11.69 -26.92
CA SER C 236 39.61 -10.78 -27.99
C SER C 236 39.02 -11.60 -29.13
N GLU C 237 38.33 -11.00 -30.08
CA GLU C 237 38.00 -11.68 -31.33
C GLU C 237 39.27 -12.05 -32.14
N ASN C 238 40.37 -11.30 -31.99
CA ASN C 238 41.71 -11.64 -32.48
C ASN C 238 42.76 -10.79 -31.74
N LEU C 239 43.36 -11.32 -30.67
CA LEU C 239 44.40 -10.61 -29.92
C LEU C 239 45.56 -10.12 -30.81
N THR C 240 45.88 -10.85 -31.89
CA THR C 240 46.95 -10.51 -32.83
C THR C 240 46.76 -9.16 -33.56
N ASN C 241 45.58 -8.54 -33.55
CA ASN C 241 45.36 -7.20 -34.11
C ASN C 241 45.04 -6.15 -33.04
N ASN C 242 45.77 -5.03 -33.01
CA ASN C 242 45.46 -3.93 -32.08
C ASN C 242 44.19 -3.12 -32.44
N ALA C 243 43.61 -3.34 -33.62
CA ALA C 243 42.32 -2.76 -34.01
C ALA C 243 41.13 -3.35 -33.24
N LYS C 244 41.30 -4.53 -32.63
CA LYS C 244 40.27 -5.21 -31.85
C LYS C 244 40.26 -4.74 -30.39
N ILE C 245 39.11 -4.89 -29.73
CA ILE C 245 38.96 -4.70 -28.29
C ILE C 245 39.49 -5.94 -27.57
N ILE C 246 40.02 -5.74 -26.37
CA ILE C 246 40.56 -6.77 -25.49
C ILE C 246 39.71 -6.85 -24.23
N ILE C 247 39.32 -8.04 -23.84
CA ILE C 247 38.67 -8.37 -22.56
C ILE C 247 39.73 -8.97 -21.64
N VAL C 248 39.73 -8.56 -20.38
CA VAL C 248 40.40 -9.32 -19.32
C VAL C 248 39.40 -9.72 -18.24
N HIS C 249 39.30 -11.00 -17.92
CA HIS C 249 38.72 -11.46 -16.66
C HIS C 249 39.79 -11.33 -15.57
N LEU C 250 39.47 -10.73 -14.44
CA LEU C 250 40.28 -10.92 -13.24
C LEU C 250 40.09 -12.34 -12.70
N HIS C 251 41.10 -12.87 -12.03
CA HIS C 251 41.02 -14.18 -11.37
C HIS C 251 40.31 -14.12 -10.01
N THR C 252 40.10 -12.91 -9.49
CA THR C 252 39.64 -12.59 -8.13
C THR C 252 38.86 -11.29 -8.14
N PRO C 253 37.91 -11.06 -7.23
CA PRO C 253 37.27 -9.76 -7.07
C PRO C 253 38.29 -8.77 -6.52
N VAL C 254 38.41 -7.60 -7.14
CA VAL C 254 39.26 -6.48 -6.67
C VAL C 254 38.34 -5.31 -6.32
N GLU C 255 38.27 -4.95 -5.05
CA GLU C 255 37.34 -3.91 -4.61
C GLU C 255 37.74 -2.51 -5.09
N ILE C 256 36.74 -1.66 -5.28
CA ILE C 256 36.86 -0.22 -5.46
C ILE C 256 35.87 0.50 -4.57
N VAL C 257 36.29 1.62 -4.01
CA VAL C 257 35.45 2.53 -3.22
C VAL C 257 35.37 3.87 -3.93
N CYS C 258 34.22 4.54 -3.90
CA CYS C 258 34.04 5.86 -4.49
C CYS C 258 33.16 6.75 -3.62
N THR C 259 33.47 8.04 -3.53
CA THR C 259 32.75 9.00 -2.70
C THR C 259 32.48 10.31 -3.42
N ARG C 260 31.29 10.88 -3.17
CA ARG C 260 31.04 12.31 -3.27
C ARG C 260 31.29 12.85 -1.85
N PRO C 261 32.44 13.46 -1.53
CA PRO C 261 32.63 14.16 -0.27
C PRO C 261 32.10 15.58 -0.44
N ASN C 262 30.86 15.69 -0.89
CA ASN C 262 30.23 16.95 -1.28
C ASN C 262 28.73 16.82 -1.04
N ASN C 263 28.15 17.57 -0.11
CA ASN C 263 26.89 17.15 0.53
C ASN C 263 25.70 18.07 0.27
N ASN C 264 25.14 17.98 -0.94
CA ASN C 264 24.00 18.78 -1.43
C ASN C 264 22.70 18.69 -0.61
N THR C 265 21.95 19.79 -0.58
CA THR C 265 20.53 19.86 -0.20
C THR C 265 19.71 20.07 -1.48
N ARG C 266 18.79 19.16 -1.79
CA ARG C 266 18.10 19.17 -3.09
C ARG C 266 17.09 20.32 -3.20
N LYS C 267 17.46 21.34 -3.98
CA LYS C 267 16.55 22.42 -4.37
C LYS C 267 15.49 21.87 -5.32
N SER C 268 14.25 22.30 -5.15
CA SER C 268 13.07 21.66 -5.76
C SER C 268 12.08 22.72 -6.24
N VAL C 269 12.01 22.95 -7.55
CA VAL C 269 11.27 24.08 -8.13
C VAL C 269 10.04 23.58 -8.86
N ARG C 270 8.86 24.08 -8.48
CA ARG C 270 7.63 23.84 -9.24
C ARG C 270 7.62 24.66 -10.52
N ILE C 271 7.59 23.95 -11.65
CA ILE C 271 7.57 24.50 -13.01
C ILE C 271 6.27 24.04 -13.67
N GLY C 272 5.57 24.92 -14.36
CA GLY C 272 4.38 24.55 -15.13
C GLY C 272 3.24 23.95 -14.27
N PRO C 273 2.26 23.28 -14.90
CA PRO C 273 1.04 22.80 -14.26
C PRO C 273 1.26 21.53 -13.41
N GLY C 274 2.08 21.64 -12.37
CA GLY C 274 2.27 20.60 -11.34
C GLY C 274 3.46 19.68 -11.56
N GLN C 275 4.59 20.19 -12.05
CA GLN C 275 5.82 19.41 -12.23
C GLN C 275 6.97 20.02 -11.41
N THR C 276 7.83 19.20 -10.83
CA THR C 276 8.97 19.68 -10.03
C THR C 276 10.30 19.28 -10.64
N PHE C 277 11.11 20.27 -10.95
CA PHE C 277 12.51 20.06 -11.31
C PHE C 277 13.38 20.07 -10.07
N TYR C 278 14.34 19.16 -10.02
CA TYR C 278 15.22 18.93 -8.89
C TYR C 278 16.67 19.32 -9.23
N ALA C 279 17.33 20.01 -8.31
CA ALA C 279 18.55 20.76 -8.58
C ALA C 279 19.44 20.90 -7.34
N THR C 280 20.65 21.38 -7.54
CA THR C 280 21.58 21.65 -6.43
C THR C 280 21.16 22.89 -5.65
N GLY C 281 21.05 22.77 -4.33
CA GLY C 281 20.79 23.88 -3.41
C GLY C 281 22.03 24.25 -2.61
N ASP C 282 21.84 24.57 -1.32
CA ASP C 282 22.96 24.73 -0.39
C ASP C 282 23.69 23.38 -0.15
N ILE C 283 24.96 23.44 0.26
CA ILE C 283 25.78 22.26 0.56
C ILE C 283 26.09 22.21 2.08
N ILE C 284 25.77 21.10 2.76
CA ILE C 284 26.23 20.85 4.13
C ILE C 284 27.78 20.76 4.10
N GLY C 285 28.48 21.20 5.15
CA GLY C 285 29.91 21.52 5.14
C GLY C 285 30.93 20.42 4.78
N ASP C 286 30.51 19.22 4.37
CA ASP C 286 31.35 18.30 3.60
C ASP C 286 31.42 18.78 2.14
N ILE C 287 32.53 19.44 1.75
CA ILE C 287 32.69 20.10 0.45
C ILE C 287 34.12 19.94 -0.12
N LYS C 288 34.36 18.81 -0.76
CA LYS C 288 35.60 18.41 -1.45
C LYS C 288 35.28 17.62 -2.74
N GLN C 289 36.27 17.45 -3.61
CA GLN C 289 36.12 16.75 -4.90
C GLN C 289 35.82 15.24 -4.75
N ALA C 290 34.90 14.74 -5.58
CA ALA C 290 34.60 13.30 -5.64
C ALA C 290 35.83 12.47 -6.02
N HIS C 291 36.00 11.29 -5.46
CA HIS C 291 37.16 10.44 -5.74
C HIS C 291 36.91 8.97 -5.45
N CYS C 292 37.83 8.13 -5.90
CA CYS C 292 37.78 6.69 -5.74
C CYS C 292 39.12 6.08 -5.32
N ASN C 293 39.10 4.88 -4.74
CA ASN C 293 40.24 4.24 -4.09
C ASN C 293 40.40 2.74 -4.42
N ILE C 294 41.64 2.32 -4.66
CA ILE C 294 42.14 0.92 -4.70
C ILE C 294 43.57 0.87 -4.14
N SER C 295 43.98 -0.19 -3.41
CA SER C 295 45.37 -0.33 -2.95
C SER C 295 46.38 -0.57 -4.08
N GLU C 296 47.58 0.01 -3.95
CA GLU C 296 48.61 -0.04 -4.99
C GLU C 296 49.06 -1.46 -5.32
N GLU C 297 49.45 -2.29 -4.34
CA GLU C 297 49.89 -3.64 -4.68
C GLU C 297 48.76 -4.47 -5.28
N LYS C 298 47.50 -4.24 -4.84
CA LYS C 298 46.35 -4.93 -5.43
C LYS C 298 46.31 -4.68 -6.93
N TRP C 299 46.37 -3.40 -7.30
CA TRP C 299 46.34 -2.96 -8.68
C TRP C 299 47.58 -3.41 -9.46
N ASN C 300 48.75 -3.06 -8.95
CA ASN C 300 50.05 -3.38 -9.50
C ASN C 300 50.19 -4.88 -9.78
N ASP C 301 50.06 -5.71 -8.75
CA ASP C 301 50.39 -7.12 -8.86
C ASP C 301 49.41 -7.84 -9.79
N THR C 302 48.16 -7.37 -9.83
CA THR C 302 47.21 -7.79 -10.87
C THR C 302 47.74 -7.42 -12.25
N LEU C 303 48.11 -6.16 -12.50
CA LEU C 303 48.65 -5.72 -13.79
C LEU C 303 49.92 -6.47 -14.17
N GLN C 304 50.73 -6.86 -13.19
CA GLN C 304 51.84 -7.76 -13.40
C GLN C 304 51.36 -9.13 -13.91
N LYS C 305 50.43 -9.77 -13.19
CA LYS C 305 49.88 -11.08 -13.53
C LYS C 305 49.21 -11.05 -14.91
N VAL C 306 48.49 -9.97 -15.21
CA VAL C 306 48.00 -9.63 -16.56
C VAL C 306 49.14 -9.68 -17.57
N GLY C 307 50.26 -9.08 -17.21
CA GLY C 307 51.44 -9.06 -18.05
C GLY C 307 51.98 -10.45 -18.35
N ILE C 308 51.85 -11.37 -17.41
CA ILE C 308 52.17 -12.77 -17.65
C ILE C 308 51.28 -13.33 -18.77
N GLU C 309 49.96 -13.17 -18.69
CA GLU C 309 49.09 -13.58 -19.80
C GLU C 309 49.48 -12.85 -21.08
N LEU C 310 49.77 -11.56 -21.04
CA LEU C 310 50.15 -10.85 -22.25
C LEU C 310 51.44 -11.39 -22.85
N GLN C 311 52.45 -11.76 -22.07
CA GLN C 311 53.64 -12.42 -22.62
C GLN C 311 53.52 -13.94 -22.74
N LYS C 312 52.33 -14.50 -22.52
CA LYS C 312 51.92 -15.82 -23.02
C LYS C 312 51.22 -15.70 -24.38
N HIS C 313 50.35 -14.70 -24.55
CA HIS C 313 49.66 -14.44 -25.82
C HIS C 313 50.51 -13.67 -26.84
N PHE C 314 51.55 -12.97 -26.38
CA PHE C 314 52.59 -12.34 -27.19
C PHE C 314 53.97 -12.84 -26.80
N PRO C 315 54.93 -12.91 -27.72
CA PRO C 315 56.30 -13.36 -27.41
C PRO C 315 57.08 -12.32 -26.59
N ASN C 316 57.09 -12.46 -25.26
CA ASN C 316 58.08 -11.93 -24.29
C ASN C 316 58.28 -10.42 -24.12
N LYS C 317 57.92 -9.57 -25.09
CA LYS C 317 58.30 -8.15 -25.15
C LYS C 317 57.79 -7.29 -23.98
N THR C 318 58.36 -6.09 -23.86
CA THR C 318 58.03 -5.10 -22.84
C THR C 318 56.75 -4.34 -23.16
N ILE C 319 55.63 -4.96 -22.83
CA ILE C 319 54.35 -4.27 -22.72
C ILE C 319 54.34 -3.40 -21.47
N LYS C 320 53.71 -2.23 -21.57
CA LYS C 320 53.54 -1.22 -20.53
C LYS C 320 52.05 -0.84 -20.43
N TYR C 321 51.65 -0.18 -19.35
CA TYR C 321 50.26 0.20 -19.09
C TYR C 321 50.15 1.71 -18.93
N ASN C 322 49.23 2.33 -19.68
CA ASN C 322 49.20 3.79 -19.84
C ASN C 322 47.77 4.32 -20.06
N GLN C 323 47.55 5.62 -19.90
CA GLN C 323 46.25 6.29 -19.96
C GLN C 323 45.48 6.10 -21.29
N SER C 324 44.18 6.32 -21.26
CA SER C 324 43.34 6.39 -22.46
C SER C 324 43.67 7.66 -23.26
N ALA C 325 44.18 7.50 -24.48
CA ALA C 325 44.94 8.52 -25.19
C ALA C 325 44.15 9.75 -25.70
N GLY C 326 42.81 9.72 -25.72
CA GLY C 326 42.01 10.83 -26.25
C GLY C 326 40.49 10.63 -26.20
N GLY C 327 39.76 11.69 -26.54
CA GLY C 327 38.30 11.80 -26.42
C GLY C 327 37.85 12.62 -25.22
N ASP C 328 36.53 12.73 -25.01
CA ASP C 328 35.94 13.41 -23.86
C ASP C 328 36.16 12.63 -22.55
N MET C 329 35.76 13.20 -21.41
CA MET C 329 35.77 12.53 -20.11
C MET C 329 35.02 11.19 -20.14
N GLU C 330 33.97 11.10 -20.95
CA GLU C 330 33.19 9.87 -21.17
C GLU C 330 34.07 8.70 -21.64
N ILE C 331 35.06 8.98 -22.47
CA ILE C 331 35.96 7.98 -23.05
C ILE C 331 37.16 7.76 -22.13
N THR C 332 37.75 8.86 -21.70
CA THR C 332 39.07 8.87 -21.08
C THR C 332 39.04 8.58 -19.60
N THR C 333 37.98 8.96 -18.88
CA THR C 333 37.78 8.51 -17.51
C THR C 333 37.12 7.16 -17.48
N HIS C 334 37.29 6.45 -16.38
CA HIS C 334 36.28 5.46 -16.08
C HIS C 334 35.03 6.14 -15.56
N SER C 335 33.86 5.69 -16.01
CA SER C 335 32.60 6.23 -15.56
C SER C 335 31.64 5.16 -15.06
N PHE C 336 30.91 5.53 -14.01
CA PHE C 336 30.09 4.66 -13.18
C PHE C 336 28.82 5.41 -12.81
N ASN C 337 27.79 4.68 -12.40
CA ASN C 337 26.78 5.28 -11.54
C ASN C 337 26.99 4.82 -10.09
N CYS C 338 27.15 5.77 -9.17
CA CYS C 338 27.39 5.55 -7.74
C CYS C 338 26.08 5.30 -6.97
N GLY C 339 25.15 4.56 -7.57
CA GLY C 339 23.80 4.37 -7.03
C GLY C 339 23.00 5.67 -6.91
N GLY C 340 23.25 6.63 -7.78
CA GLY C 340 22.60 7.91 -7.84
C GLY C 340 23.23 8.81 -8.90
N GLU C 341 24.25 9.57 -8.50
CA GLU C 341 24.99 10.43 -9.42
C GLU C 341 25.92 9.64 -10.36
N PHE C 342 26.35 10.27 -11.45
CA PHE C 342 27.33 9.72 -12.40
C PHE C 342 28.74 10.28 -12.17
N PHE C 343 29.73 9.39 -12.18
CA PHE C 343 31.12 9.67 -11.80
C PHE C 343 32.03 9.50 -13.01
N TYR C 344 33.14 10.23 -13.05
CA TYR C 344 34.08 10.29 -14.17
C TYR C 344 35.53 10.40 -13.67
N CYS C 345 36.18 9.28 -13.39
CA CYS C 345 37.38 9.21 -12.57
C CYS C 345 38.73 9.14 -13.32
N ASN C 346 39.79 9.61 -12.64
CA ASN C 346 41.18 9.70 -13.10
C ASN C 346 41.88 8.34 -13.26
N THR C 347 41.32 7.42 -14.03
CA THR C 347 42.00 6.19 -14.43
C THR C 347 43.23 6.44 -15.29
N SER C 348 43.37 7.64 -15.85
CA SER C 348 44.61 8.07 -16.48
C SER C 348 45.80 8.19 -15.51
N ASN C 349 45.58 8.53 -14.24
CA ASN C 349 46.57 8.37 -13.17
C ASN C 349 46.79 6.89 -12.80
N LEU C 350 45.71 6.11 -12.74
CA LEU C 350 45.77 4.71 -12.35
C LEU C 350 46.65 3.87 -13.30
N PHE C 351 46.52 4.08 -14.61
CA PHE C 351 47.32 3.41 -15.64
C PHE C 351 48.71 4.04 -15.76
N ASN C 352 49.61 3.67 -14.85
CA ASN C 352 50.96 4.22 -14.76
C ASN C 352 51.93 3.26 -14.03
N GLY C 353 53.13 3.70 -13.67
CA GLY C 353 54.06 3.06 -12.72
C GLY C 353 54.72 1.77 -13.19
N THR C 354 54.64 1.47 -14.48
CA THR C 354 54.76 0.11 -15.02
C THR C 354 56.07 -0.16 -15.76
N TYR C 355 56.75 -1.25 -15.37
CA TYR C 355 57.79 -1.94 -16.15
C TYR C 355 57.16 -3.02 -17.06
N ASN C 356 57.95 -3.80 -17.80
CA ASN C 356 57.49 -4.96 -18.56
C ASN C 356 56.48 -5.78 -17.74
N GLY C 357 55.27 -5.95 -18.28
CA GLY C 357 54.13 -6.59 -17.62
C GLY C 357 54.52 -7.81 -16.77
N THR C 358 55.14 -8.81 -17.38
CA THR C 358 55.65 -9.98 -16.65
C THR C 358 56.80 -9.65 -15.74
N TYR C 359 57.85 -8.99 -16.25
CA TYR C 359 59.12 -8.83 -15.54
C TYR C 359 59.04 -7.88 -14.35
N ILE C 360 57.87 -7.29 -14.06
CA ILE C 360 57.49 -6.81 -12.73
C ILE C 360 57.60 -7.93 -11.67
N SER C 361 57.74 -9.20 -12.07
CA SER C 361 58.30 -10.31 -11.30
C SER C 361 59.66 -9.98 -10.64
N THR C 362 60.34 -8.91 -11.05
CA THR C 362 61.45 -8.27 -10.31
C THR C 362 61.03 -7.89 -8.88
N ASN C 363 59.79 -7.45 -8.67
CA ASN C 363 59.08 -7.50 -7.38
C ASN C 363 58.43 -8.87 -7.15
N SER C 364 57.58 -9.34 -8.06
CA SER C 364 56.68 -10.49 -7.93
C SER C 364 55.59 -10.33 -6.86
N SER C 365 56.01 -10.09 -5.63
CA SER C 365 55.16 -10.06 -4.44
C SER C 365 55.71 -9.07 -3.40
N ALA C 366 54.84 -8.59 -2.52
CA ALA C 366 55.12 -7.57 -1.51
C ALA C 366 54.06 -7.57 -0.39
N ASN C 367 54.34 -6.84 0.70
CA ASN C 367 53.34 -6.40 1.68
C ASN C 367 52.26 -5.48 1.04
N SER C 368 51.13 -5.28 1.74
CA SER C 368 50.06 -4.38 1.31
C SER C 368 50.34 -2.90 1.66
N THR C 369 49.79 -1.97 0.87
CA THR C 369 50.06 -0.53 0.99
C THR C 369 48.82 0.33 0.65
N SER C 370 48.97 1.65 0.77
CA SER C 370 47.89 2.64 0.72
C SER C 370 47.09 2.66 -0.59
N THR C 371 45.92 3.29 -0.55
CA THR C 371 45.11 3.51 -1.75
C THR C 371 45.79 4.44 -2.74
N ILE C 372 45.89 4.01 -4.00
CA ILE C 372 45.92 4.94 -5.12
C ILE C 372 44.55 5.62 -5.10
N THR C 373 44.52 6.94 -5.14
CA THR C 373 43.28 7.73 -5.06
C THR C 373 43.09 8.52 -6.36
N LEU C 374 41.92 8.41 -6.96
CA LEU C 374 41.59 8.94 -8.26
C LEU C 374 40.51 10.02 -8.11
N GLN C 375 40.77 11.26 -8.54
CA GLN C 375 39.76 12.31 -8.59
C GLN C 375 38.67 11.98 -9.62
N CYS C 376 37.45 12.47 -9.42
CA CYS C 376 36.32 12.19 -10.28
C CYS C 376 35.51 13.44 -10.58
N ARG C 377 35.14 13.63 -11.85
CA ARG C 377 34.09 14.58 -12.24
C ARG C 377 32.73 13.99 -11.86
N ILE C 378 31.78 14.86 -11.53
CA ILE C 378 30.34 14.55 -11.53
C ILE C 378 29.62 15.55 -12.45
N LYS C 379 28.53 15.11 -13.10
CA LYS C 379 27.67 15.87 -14.03
C LYS C 379 26.31 15.20 -14.16
N GLN C 380 25.29 15.89 -14.66
CA GLN C 380 23.90 15.41 -14.67
C GLN C 380 23.19 15.44 -16.03
N ILE C 381 23.84 15.86 -17.12
CA ILE C 381 23.27 15.76 -18.47
C ILE C 381 24.01 14.68 -19.25
N ILE C 382 23.28 13.70 -19.78
CA ILE C 382 23.86 12.49 -20.34
C ILE C 382 23.20 12.12 -21.66
N ASN C 383 24.00 11.86 -22.70
CA ASN C 383 23.56 11.27 -23.97
C ASN C 383 23.79 9.76 -23.92
N MET C 384 23.09 9.12 -22.99
CA MET C 384 23.35 7.82 -22.37
C MET C 384 24.12 6.79 -23.21
N TRP C 385 23.50 6.24 -24.25
CA TRP C 385 24.06 5.09 -24.97
C TRP C 385 24.92 5.52 -26.14
N GLN C 386 25.92 6.35 -25.85
CA GLN C 386 26.81 6.92 -26.86
C GLN C 386 26.01 7.71 -27.91
N GLY C 387 25.03 8.49 -27.45
CA GLY C 387 24.08 9.21 -28.29
C GLY C 387 22.84 8.40 -28.70
N VAL C 388 22.91 7.06 -28.64
CA VAL C 388 21.74 6.21 -28.87
C VAL C 388 20.77 6.32 -27.67
N GLY C 389 19.48 6.16 -27.94
CA GLY C 389 18.40 6.32 -26.97
C GLY C 389 18.15 7.77 -26.55
N ARG C 390 17.10 7.98 -25.76
CA ARG C 390 16.73 9.32 -25.28
C ARG C 390 17.82 9.91 -24.39
N CYS C 391 18.21 11.14 -24.68
CA CYS C 391 19.00 11.99 -23.77
C CYS C 391 18.22 12.31 -22.49
N MET C 392 18.90 12.38 -21.36
CA MET C 392 18.27 12.48 -20.05
C MET C 392 18.99 13.46 -19.16
N TYR C 393 18.25 14.14 -18.29
CA TYR C 393 18.80 14.72 -17.08
C TYR C 393 18.59 13.78 -15.90
N ALA C 394 19.66 13.45 -15.21
CA ALA C 394 19.56 12.76 -13.94
C ALA C 394 19.18 13.76 -12.85
N PRO C 395 18.09 13.57 -12.10
CA PRO C 395 17.81 14.40 -10.94
C PRO C 395 18.89 14.18 -9.88
N PRO C 396 19.31 15.22 -9.14
CA PRO C 396 20.32 15.09 -8.12
C PRO C 396 19.77 14.39 -6.88
N ILE C 397 20.66 13.88 -6.04
CA ILE C 397 20.30 13.29 -4.75
C ILE C 397 21.00 14.07 -3.64
N ALA C 398 20.26 14.46 -2.61
CA ALA C 398 20.80 15.10 -1.41
C ALA C 398 21.69 14.14 -0.58
N GLY C 399 22.34 14.65 0.45
CA GLY C 399 22.85 13.80 1.52
C GLY C 399 24.07 12.94 1.15
N ASN C 400 24.25 11.85 1.89
CA ASN C 400 25.53 11.17 2.04
C ASN C 400 25.86 10.17 0.90
N ILE C 401 25.93 10.64 -0.34
CA ILE C 401 26.30 9.81 -1.49
C ILE C 401 27.76 9.30 -1.39
N THR C 402 27.93 7.97 -1.36
CA THR C 402 29.20 7.20 -1.38
C THR C 402 28.88 5.74 -1.70
N CYS C 403 29.74 5.02 -2.42
CA CYS C 403 29.45 3.71 -3.05
C CYS C 403 30.70 2.83 -3.21
N ARG C 404 30.50 1.54 -3.53
CA ARG C 404 31.56 0.52 -3.61
C ARG C 404 31.22 -0.55 -4.65
N SER C 405 32.22 -1.14 -5.32
CA SER C 405 32.06 -2.22 -6.33
C SER C 405 33.24 -3.18 -6.31
N ASN C 406 33.17 -4.28 -7.05
CA ASN C 406 34.35 -5.05 -7.43
C ASN C 406 34.66 -4.84 -8.89
N ILE C 407 35.90 -4.51 -9.20
CA ILE C 407 36.50 -4.82 -10.48
C ILE C 407 36.55 -6.34 -10.59
N THR C 408 36.06 -6.85 -11.70
CA THR C 408 36.04 -8.27 -12.02
C THR C 408 36.67 -8.53 -13.38
N GLY C 409 37.00 -7.47 -14.11
CA GLY C 409 37.68 -7.54 -15.38
C GLY C 409 37.92 -6.15 -15.97
N LEU C 410 38.44 -6.11 -17.19
CA LEU C 410 38.88 -4.89 -17.85
C LEU C 410 38.57 -4.91 -19.35
N LEU C 411 38.41 -3.71 -19.92
CA LEU C 411 38.38 -3.47 -21.37
C LEU C 411 39.58 -2.62 -21.78
N LEU C 412 40.35 -3.12 -22.74
CA LEU C 412 41.59 -2.51 -23.19
C LEU C 412 41.73 -2.55 -24.71
N THR C 413 42.72 -1.82 -25.19
CA THR C 413 43.41 -2.09 -26.44
C THR C 413 44.90 -2.14 -26.16
N ARG C 414 45.69 -2.71 -27.08
CA ARG C 414 47.10 -2.29 -27.14
C ARG C 414 47.14 -0.82 -27.59
N ASP C 415 48.28 -0.20 -27.49
CA ASP C 415 48.53 1.11 -28.05
C ASP C 415 48.67 1.04 -29.59
N GLY C 416 48.84 2.19 -30.24
CA GLY C 416 49.32 2.26 -31.62
C GLY C 416 50.69 1.60 -31.77
N GLY C 417 50.91 0.87 -32.87
CA GLY C 417 52.18 0.21 -33.13
C GLY C 417 53.24 1.16 -33.70
N THR C 418 54.29 1.44 -32.94
CA THR C 418 55.56 1.98 -33.47
C THR C 418 56.30 0.86 -34.23
N ASN C 419 57.63 0.95 -34.41
CA ASN C 419 58.44 -0.25 -34.72
C ASN C 419 58.19 -1.41 -33.72
N SER C 420 57.69 -1.12 -32.52
CA SER C 420 57.25 -2.07 -31.49
C SER C 420 58.34 -3.10 -31.09
N ASN C 421 59.60 -2.75 -31.36
CA ASN C 421 60.75 -3.63 -31.24
C ASN C 421 61.01 -3.92 -29.76
N GLU C 422 60.73 -5.16 -29.33
CA GLU C 422 60.76 -5.58 -27.92
C GLU C 422 59.96 -4.70 -26.95
N THR C 423 59.07 -3.84 -27.45
CA THR C 423 58.39 -2.78 -26.69
C THR C 423 56.96 -2.60 -27.18
N GLU C 424 56.04 -2.35 -26.27
CA GLU C 424 54.64 -2.08 -26.56
C GLU C 424 53.98 -1.38 -25.37
N THR C 425 52.81 -0.78 -25.55
CA THR C 425 51.94 -0.23 -24.50
C THR C 425 50.52 -0.75 -24.70
N PHE C 426 49.74 -0.81 -23.63
CA PHE C 426 48.30 -1.09 -23.61
C PHE C 426 47.59 0.00 -22.80
N ARG C 427 46.31 0.24 -23.10
CA ARG C 427 45.51 1.38 -22.60
C ARG C 427 44.07 0.99 -22.30
N PRO C 428 43.40 1.59 -21.30
CA PRO C 428 41.99 1.35 -21.01
C PRO C 428 41.11 1.88 -22.15
N ALA C 429 40.04 1.16 -22.47
CA ALA C 429 39.29 1.35 -23.72
C ALA C 429 37.80 1.61 -23.50
N GLY C 430 37.24 2.56 -24.26
CA GLY C 430 35.84 3.03 -24.18
C GLY C 430 34.78 2.01 -24.63
N GLY C 431 34.96 1.41 -25.80
CA GLY C 431 34.20 0.26 -26.28
C GLY C 431 32.67 0.44 -26.37
N ASP C 432 31.93 -0.61 -26.04
CA ASP C 432 30.48 -0.72 -26.08
C ASP C 432 29.99 -1.44 -24.82
N MET C 433 28.76 -1.18 -24.38
CA MET C 433 28.13 -2.07 -23.40
C MET C 433 28.02 -3.52 -23.94
N ARG C 434 28.00 -3.73 -25.26
CA ARG C 434 28.20 -5.07 -25.88
C ARG C 434 29.43 -5.80 -25.34
N ASP C 435 30.47 -5.08 -24.96
CA ASP C 435 31.70 -5.69 -24.50
C ASP C 435 31.56 -6.18 -23.06
N ASN C 436 30.84 -5.42 -22.21
CA ASN C 436 30.34 -5.96 -20.96
C ASN C 436 29.51 -7.21 -21.25
N TRP C 437 28.62 -7.16 -22.22
CA TRP C 437 27.77 -8.32 -22.51
C TRP C 437 28.58 -9.54 -23.01
N ARG C 438 29.54 -9.35 -23.92
CA ARG C 438 30.49 -10.40 -24.34
C ARG C 438 31.18 -11.02 -23.14
N SER C 439 31.74 -10.19 -22.25
CA SER C 439 32.41 -10.67 -21.05
C SER C 439 31.50 -11.45 -20.11
N GLU C 440 30.21 -11.16 -20.12
CA GLU C 440 29.25 -11.82 -19.25
C GLU C 440 28.49 -12.99 -19.91
N LEU C 441 28.53 -13.13 -21.24
CA LEU C 441 27.68 -14.10 -21.96
C LEU C 441 28.43 -15.18 -22.75
N TYR C 442 29.75 -15.07 -22.94
CA TYR C 442 30.55 -15.99 -23.78
C TYR C 442 30.23 -17.47 -23.58
N LYS C 443 29.97 -17.85 -22.33
CA LYS C 443 29.67 -19.22 -21.90
C LYS C 443 28.26 -19.68 -22.20
N TYR C 444 27.46 -18.90 -22.90
CA TYR C 444 26.14 -19.28 -23.38
C TYR C 444 26.06 -19.24 -24.90
N LYS C 445 25.16 -20.07 -25.42
CA LYS C 445 24.79 -20.26 -26.83
C LYS C 445 23.35 -20.76 -26.89
N VAL C 446 22.62 -20.42 -27.95
CA VAL C 446 21.22 -20.83 -28.15
C VAL C 446 21.07 -21.72 -29.38
N VAL C 447 20.39 -22.86 -29.25
CA VAL C 447 20.23 -23.84 -30.33
C VAL C 447 18.78 -24.26 -30.53
N LYS C 448 18.47 -24.70 -31.74
CA LYS C 448 17.15 -25.21 -32.15
C LYS C 448 17.17 -26.72 -32.21
N ILE C 449 16.32 -27.33 -31.41
CA ILE C 449 16.09 -28.76 -31.39
C ILE C 449 15.36 -29.14 -32.65
N GLU C 450 15.81 -30.14 -33.40
CA GLU C 450 14.98 -30.80 -34.41
C GLU C 450 14.62 -32.19 -33.88
N PRO C 451 13.37 -32.45 -33.52
CA PRO C 451 13.01 -33.69 -32.83
C PRO C 451 12.88 -34.88 -33.78
N LEU C 452 12.88 -34.66 -35.09
CA LEU C 452 12.60 -35.68 -36.09
C LEU C 452 13.88 -36.39 -36.53
N GLY C 453 13.79 -37.68 -36.79
CA GLY C 453 14.86 -38.44 -37.40
C GLY C 453 14.37 -39.75 -37.98
N VAL C 454 15.02 -40.20 -39.04
CA VAL C 454 14.75 -41.50 -39.64
C VAL C 454 16.02 -42.34 -39.54
N ALA C 455 15.84 -43.64 -39.37
CA ALA C 455 16.97 -44.57 -39.29
C ALA C 455 16.67 -45.88 -40.03
N PRO C 456 17.70 -46.55 -40.55
CA PRO C 456 17.59 -47.95 -40.88
C PRO C 456 17.39 -48.71 -39.58
N THR C 457 16.51 -49.68 -39.57
CA THR C 457 16.60 -50.83 -38.65
C THR C 457 15.79 -51.97 -39.21
N ARG C 458 15.96 -53.16 -38.66
CA ARG C 458 15.23 -54.35 -39.07
C ARG C 458 13.97 -54.57 -38.25
N CYS C 459 13.14 -53.54 -38.14
CA CYS C 459 11.73 -53.84 -37.95
C CYS C 459 11.35 -54.51 -39.27
N LYS C 460 11.12 -55.82 -39.28
CA LYS C 460 11.19 -56.59 -40.53
C LYS C 460 10.13 -56.12 -41.55
N ARG C 461 9.01 -55.59 -41.06
CA ARG C 461 8.09 -54.62 -41.66
C ARG C 461 6.98 -54.26 -40.66
N ARG C 462 6.20 -53.21 -40.92
CA ARG C 462 4.83 -53.07 -40.39
C ARG C 462 3.79 -53.61 -41.40
N VAL C 463 3.80 -54.94 -41.59
CA VAL C 463 2.91 -55.63 -42.55
C VAL C 463 1.45 -55.19 -42.33
N VAL C 464 0.64 -55.10 -43.39
CA VAL C 464 -0.74 -54.60 -43.29
C VAL C 464 -1.53 -55.32 -42.18
N GLY C 465 -2.04 -54.57 -41.21
CA GLY C 465 -2.76 -55.09 -40.04
C GLY C 465 -1.90 -55.67 -38.91
N ARG C 466 -0.57 -55.61 -38.97
CA ARG C 466 0.35 -56.11 -37.92
C ARG C 466 0.19 -55.32 -36.63
N PHE D 1 13.34 -33.56 -14.17
CA PHE D 1 13.46 -33.57 -15.65
C PHE D 1 14.86 -34.01 -16.08
N LEU D 2 14.95 -34.99 -17.01
CA LEU D 2 16.22 -35.49 -17.58
C LEU D 2 17.03 -34.45 -18.35
N GLY D 3 16.44 -33.30 -18.65
CA GLY D 3 17.08 -32.25 -19.45
C GLY D 3 16.91 -32.50 -20.94
N PHE D 4 16.79 -31.43 -21.70
CA PHE D 4 16.72 -31.55 -23.15
C PHE D 4 17.96 -32.27 -23.66
N LEU D 5 17.73 -33.28 -24.49
CA LEU D 5 18.75 -34.14 -25.09
C LEU D 5 19.68 -34.78 -24.03
N GLY D 6 19.10 -35.23 -22.93
CA GLY D 6 19.79 -35.88 -21.81
C GLY D 6 20.59 -37.17 -22.13
N ALA D 7 20.54 -37.66 -23.36
CA ALA D 7 21.40 -38.74 -23.85
C ALA D 7 22.04 -38.39 -25.22
N ALA D 8 22.24 -37.10 -25.54
CA ALA D 8 22.87 -36.71 -26.81
C ALA D 8 24.21 -37.41 -27.02
N GLY D 9 25.01 -37.41 -25.97
CA GLY D 9 26.31 -38.05 -25.90
C GLY D 9 26.24 -39.56 -25.78
N SER D 10 25.20 -40.20 -26.31
CA SER D 10 24.92 -41.62 -26.14
C SER D 10 24.44 -42.23 -27.45
N THR D 11 24.53 -43.56 -27.57
CA THR D 11 24.25 -44.25 -28.84
C THR D 11 22.78 -44.11 -29.25
N MET D 12 22.47 -44.26 -30.54
CA MET D 12 21.07 -44.17 -30.99
C MET D 12 20.19 -45.24 -30.36
N GLY D 13 20.75 -46.44 -30.17
CA GLY D 13 20.14 -47.50 -29.36
C GLY D 13 19.79 -47.01 -27.97
N ALA D 14 20.74 -46.43 -27.24
CA ALA D 14 20.48 -45.86 -25.92
C ALA D 14 19.42 -44.76 -25.98
N ALA D 15 19.48 -43.88 -26.98
CA ALA D 15 18.61 -42.73 -27.06
C ALA D 15 17.13 -43.13 -27.14
N SER D 16 16.83 -44.21 -27.84
CA SER D 16 15.48 -44.76 -27.98
C SER D 16 14.76 -45.02 -26.65
N MET D 17 15.48 -45.16 -25.55
CA MET D 17 14.88 -45.40 -24.23
C MET D 17 14.32 -44.13 -23.57
N THR D 18 14.66 -42.96 -24.09
CA THR D 18 14.53 -41.68 -23.38
C THR D 18 13.42 -40.76 -23.91
N LEU D 19 12.76 -41.18 -24.98
CA LEU D 19 12.11 -40.28 -25.93
C LEU D 19 10.91 -39.52 -25.34
N THR D 20 10.12 -40.16 -24.50
CA THR D 20 8.91 -39.55 -23.91
C THR D 20 9.24 -38.27 -23.16
N VAL D 21 10.34 -38.25 -22.41
CA VAL D 21 10.71 -37.11 -21.58
C VAL D 21 11.19 -35.95 -22.44
N GLN D 22 12.05 -36.23 -23.43
CA GLN D 22 12.47 -35.22 -24.37
C GLN D 22 11.29 -34.66 -25.17
N ALA D 23 10.32 -35.49 -25.54
CA ALA D 23 9.16 -35.06 -26.29
C ALA D 23 8.24 -34.15 -25.48
N ARG D 24 8.01 -34.42 -24.19
CA ARG D 24 7.08 -33.66 -23.34
C ARG D 24 7.37 -32.16 -23.36
N ASN D 25 8.65 -31.81 -23.36
CA ASN D 25 9.08 -30.42 -23.20
C ASN D 25 9.25 -29.65 -24.53
N LEU D 26 8.85 -30.22 -25.66
CA LEU D 26 8.64 -29.46 -26.90
C LEU D 26 7.48 -28.43 -26.82
N LEU D 27 6.82 -28.32 -25.67
CA LEU D 27 5.65 -27.49 -25.45
C LEU D 27 5.57 -27.06 -23.97
N SER D 28 5.77 -25.79 -23.66
CA SER D 28 5.80 -25.28 -22.27
C SER D 28 5.60 -23.77 -22.17
N GLY D 29 5.26 -23.27 -20.98
CA GLY D 29 5.03 -21.85 -20.69
C GLY D 29 6.26 -21.14 -20.12
N LEU D 50 1.39 -0.97 -20.46
CA LEU D 50 2.34 0.10 -20.82
C LEU D 50 3.48 -0.38 -21.74
N THR D 51 3.51 -1.66 -22.09
CA THR D 51 4.54 -2.27 -22.95
C THR D 51 3.96 -3.12 -24.09
N VAL D 52 4.61 -3.07 -25.25
CA VAL D 52 4.32 -3.96 -26.38
C VAL D 52 4.96 -5.35 -26.22
N TRP D 53 5.75 -5.59 -25.17
CA TRP D 53 6.48 -6.86 -24.98
C TRP D 53 5.60 -8.10 -25.06
N GLY D 54 4.33 -7.97 -24.69
CA GLY D 54 3.33 -9.03 -24.86
C GLY D 54 3.33 -9.61 -26.26
N ILE D 55 3.50 -8.78 -27.31
CA ILE D 55 3.68 -9.27 -28.69
C ILE D 55 4.80 -10.29 -28.77
N LYS D 56 6.00 -9.95 -28.30
CA LYS D 56 7.18 -10.79 -28.41
C LYS D 56 6.98 -12.09 -27.65
N GLN D 57 6.48 -11.96 -26.43
CA GLN D 57 6.22 -13.07 -25.53
C GLN D 57 5.21 -14.05 -26.14
N LEU D 58 4.10 -13.57 -26.71
CA LEU D 58 3.16 -14.44 -27.41
C LEU D 58 3.78 -15.05 -28.66
N GLN D 59 4.45 -14.24 -29.46
CA GLN D 59 4.99 -14.66 -30.75
C GLN D 59 5.90 -15.88 -30.59
N ALA D 60 6.71 -15.91 -29.56
CA ALA D 60 7.54 -17.06 -29.25
C ALA D 60 6.71 -18.33 -29.05
N ARG D 61 5.69 -18.30 -28.19
CA ARG D 61 4.88 -19.49 -27.93
C ARG D 61 4.10 -19.92 -29.15
N VAL D 62 3.56 -18.96 -29.90
CA VAL D 62 2.87 -19.26 -31.15
C VAL D 62 3.80 -19.98 -32.11
N LEU D 63 5.04 -19.54 -32.22
CA LEU D 63 6.03 -20.21 -33.05
C LEU D 63 6.28 -21.64 -32.54
N ALA D 64 6.41 -21.82 -31.24
CA ALA D 64 6.54 -23.16 -30.68
C ALA D 64 5.35 -24.06 -31.04
N VAL D 65 4.12 -23.60 -30.81
CA VAL D 65 2.92 -24.36 -31.19
C VAL D 65 2.96 -24.73 -32.64
N GLU D 66 3.31 -23.80 -33.51
CA GLU D 66 3.30 -24.05 -34.94
C GLU D 66 4.19 -25.23 -35.32
N ARG D 67 5.42 -25.28 -34.83
CA ARG D 67 6.30 -26.41 -35.11
C ARG D 67 5.69 -27.72 -34.62
N TYR D 68 5.09 -27.73 -33.43
CA TYR D 68 4.54 -28.98 -32.87
C TYR D 68 3.46 -29.57 -33.77
N LEU D 69 2.54 -28.75 -34.26
CA LEU D 69 1.51 -29.23 -35.15
C LEU D 69 2.09 -29.70 -36.48
N ARG D 70 3.05 -28.99 -37.07
CA ARG D 70 3.62 -29.42 -38.36
C ARG D 70 4.17 -30.83 -38.24
N ASP D 71 4.83 -31.12 -37.12
CA ASP D 71 5.29 -32.47 -36.87
C ASP D 71 4.14 -33.48 -36.80
N GLN D 72 3.15 -33.24 -35.95
CA GLN D 72 2.06 -34.18 -35.75
C GLN D 72 1.41 -34.51 -37.10
N GLN D 73 1.11 -33.48 -37.88
CA GLN D 73 0.50 -33.65 -39.18
C GLN D 73 1.35 -34.55 -40.07
N LEU D 74 2.65 -34.29 -40.12
CA LEU D 74 3.57 -35.07 -40.92
C LEU D 74 3.56 -36.55 -40.51
N LEU D 75 3.59 -36.82 -39.22
CA LEU D 75 3.57 -38.19 -38.71
C LEU D 75 2.29 -38.91 -39.08
N GLY D 76 1.16 -38.20 -39.01
CA GLY D 76 -0.10 -38.69 -39.56
C GLY D 76 0.01 -39.00 -41.05
N ILE D 77 0.62 -38.10 -41.82
CA ILE D 77 0.78 -38.31 -43.25
C ILE D 77 1.54 -39.58 -43.57
N TRP D 78 2.52 -39.97 -42.78
CA TRP D 78 3.28 -41.21 -42.95
C TRP D 78 2.59 -42.45 -42.37
N GLY D 79 1.39 -42.33 -41.80
CA GLY D 79 0.76 -43.45 -41.10
C GLY D 79 1.53 -43.80 -39.82
N CYS D 80 2.12 -42.79 -39.20
CA CYS D 80 2.89 -42.87 -37.98
C CYS D 80 2.38 -41.89 -36.92
N SER D 81 1.09 -41.58 -36.93
CA SER D 81 0.44 -40.88 -35.82
C SER D 81 0.56 -41.65 -34.50
N GLY D 82 0.46 -40.96 -33.38
CA GLY D 82 0.58 -41.53 -32.04
C GLY D 82 2.00 -41.96 -31.68
N LYS D 83 2.40 -43.19 -32.08
CA LYS D 83 3.61 -43.86 -31.60
C LYS D 83 4.87 -43.00 -31.74
N LEU D 84 5.67 -42.87 -30.69
CA LEU D 84 6.95 -42.16 -30.78
C LEU D 84 7.99 -42.88 -31.63
N ILE D 85 7.96 -44.20 -31.67
CA ILE D 85 8.75 -45.01 -32.59
C ILE D 85 7.78 -45.69 -33.54
N CYS D 86 7.87 -45.42 -34.83
CA CYS D 86 7.04 -46.01 -35.87
C CYS D 86 7.88 -46.77 -36.88
N CYS D 87 7.60 -48.07 -36.99
CA CYS D 87 8.01 -48.86 -38.12
C CYS D 87 7.25 -48.43 -39.39
N THR D 88 7.93 -48.52 -40.53
CA THR D 88 7.33 -48.29 -41.86
C THR D 88 7.40 -49.59 -42.66
N ASN D 89 7.11 -49.51 -43.94
CA ASN D 89 7.33 -50.54 -44.94
C ASN D 89 8.30 -50.10 -46.06
N VAL D 90 9.02 -48.98 -45.93
CA VAL D 90 9.99 -48.55 -46.94
C VAL D 90 11.33 -49.28 -46.73
N PRO D 91 11.78 -50.11 -47.68
CA PRO D 91 13.11 -50.70 -47.64
C PRO D 91 14.16 -49.64 -47.99
N TRP D 92 15.37 -49.85 -47.53
CA TRP D 92 16.47 -48.91 -47.71
C TRP D 92 17.04 -48.85 -49.11
N ASN D 93 17.61 -47.69 -49.41
CA ASN D 93 18.54 -47.56 -50.52
C ASN D 93 19.96 -47.44 -49.99
N SER D 94 20.85 -48.30 -50.47
CA SER D 94 22.28 -48.33 -50.10
C SER D 94 23.01 -47.01 -50.39
N SER D 95 22.48 -46.20 -51.30
CA SER D 95 22.91 -44.82 -51.54
C SER D 95 22.76 -43.93 -50.32
N TRP D 96 21.74 -44.14 -49.50
CA TRP D 96 21.53 -43.39 -48.27
C TRP D 96 22.70 -43.70 -47.34
N SER D 97 22.93 -44.99 -47.09
CA SER D 97 24.17 -45.55 -46.55
C SER D 97 24.14 -47.06 -46.65
N ASN D 98 25.30 -47.68 -46.50
CA ASN D 98 25.47 -49.13 -46.56
C ASN D 98 26.44 -49.66 -45.49
N ARG D 99 26.81 -48.83 -44.52
CA ARG D 99 27.55 -49.22 -43.33
C ARG D 99 26.77 -50.26 -42.48
N ASN D 100 27.46 -51.01 -41.63
CA ASN D 100 26.83 -52.01 -40.80
C ASN D 100 25.88 -51.39 -39.74
N LEU D 101 24.79 -52.09 -39.45
CA LEU D 101 23.71 -51.58 -38.60
C LEU D 101 24.15 -51.29 -37.16
N SER D 102 25.09 -52.04 -36.61
CA SER D 102 25.62 -51.74 -35.28
C SER D 102 26.44 -50.47 -35.23
N GLU D 103 27.08 -50.07 -36.32
CA GLU D 103 27.77 -48.77 -36.38
C GLU D 103 26.81 -47.63 -36.07
N ILE D 104 25.61 -47.76 -36.61
CA ILE D 104 24.50 -46.81 -36.55
C ILE D 104 23.87 -46.83 -35.16
N TRP D 105 23.38 -47.98 -34.72
CA TRP D 105 22.63 -48.10 -33.47
C TRP D 105 23.49 -48.16 -32.22
N ASP D 106 24.56 -48.93 -32.27
CA ASP D 106 25.28 -49.44 -31.10
C ASP D 106 26.59 -48.70 -30.83
N ASN D 107 26.89 -47.68 -31.61
CA ASN D 107 28.21 -47.07 -31.67
C ASN D 107 28.15 -45.56 -31.87
N MET D 108 27.50 -45.06 -32.91
CA MET D 108 27.43 -43.61 -33.12
C MET D 108 26.28 -42.96 -32.37
N THR D 109 26.39 -41.65 -32.19
CA THR D 109 25.30 -40.83 -31.68
C THR D 109 24.39 -40.37 -32.81
N TRP D 110 23.15 -39.99 -32.46
CA TRP D 110 22.26 -39.23 -33.34
C TRP D 110 22.94 -37.97 -33.85
N LEU D 111 23.68 -37.29 -32.99
CA LEU D 111 24.39 -36.09 -33.33
C LEU D 111 25.47 -36.33 -34.39
N GLN D 112 26.01 -37.54 -34.53
CA GLN D 112 26.71 -37.94 -35.74
C GLN D 112 25.71 -38.22 -36.87
N TRP D 113 24.81 -39.19 -36.66
CA TRP D 113 24.04 -39.83 -37.72
C TRP D 113 23.28 -38.84 -38.60
N ASP D 114 22.69 -37.83 -37.98
CA ASP D 114 21.96 -36.76 -38.66
C ASP D 114 22.75 -36.17 -39.83
N LYS D 115 24.03 -35.91 -39.61
CA LYS D 115 24.91 -35.28 -40.60
C LYS D 115 25.14 -36.18 -41.80
N GLU D 116 24.88 -37.46 -41.66
CA GLU D 116 24.99 -38.43 -42.74
C GLU D 116 23.64 -38.59 -43.43
N ILE D 117 22.58 -38.86 -42.68
CA ILE D 117 21.25 -39.11 -43.24
C ILE D 117 20.61 -37.84 -43.85
N SER D 118 21.05 -36.64 -43.47
CA SER D 118 20.48 -35.38 -43.96
C SER D 118 20.49 -35.26 -45.47
N ASN D 119 21.39 -35.94 -46.19
CA ASN D 119 21.39 -35.95 -47.65
C ASN D 119 20.05 -36.36 -48.24
N TYR D 120 19.38 -37.31 -47.59
CA TYR D 120 18.25 -38.06 -48.14
C TYR D 120 16.91 -37.58 -47.56
N THR D 121 16.97 -36.44 -46.86
CA THR D 121 15.85 -35.55 -46.59
C THR D 121 15.05 -35.30 -47.86
N GLN D 122 13.72 -35.18 -47.79
CA GLN D 122 12.81 -35.14 -48.95
C GLN D 122 12.73 -36.46 -49.73
N ILE D 123 13.86 -37.04 -50.12
CA ILE D 123 13.95 -38.29 -50.88
C ILE D 123 13.16 -39.37 -50.17
N ILE D 124 13.46 -39.56 -48.88
CA ILE D 124 12.76 -40.52 -48.04
C ILE D 124 11.33 -40.04 -47.74
N TYR D 125 11.15 -38.74 -47.53
CA TYR D 125 9.90 -38.19 -47.01
C TYR D 125 8.74 -38.37 -47.98
N GLY D 126 8.94 -37.96 -49.25
CA GLY D 126 7.92 -38.04 -50.27
C GLY D 126 7.47 -39.47 -50.50
N LEU D 127 8.42 -40.41 -50.46
CA LEU D 127 8.13 -41.82 -50.56
C LEU D 127 7.23 -42.27 -49.40
N LEU D 128 7.60 -41.96 -48.16
CA LEU D 128 6.77 -42.30 -47.00
C LEU D 128 5.36 -41.75 -47.14
N GLU D 129 5.22 -40.51 -47.59
CA GLU D 129 3.91 -39.89 -47.75
C GLU D 129 3.07 -40.60 -48.79
N GLU D 130 3.57 -40.68 -50.03
CA GLU D 130 2.74 -41.08 -51.14
C GLU D 130 2.84 -42.58 -51.40
N SER D 131 3.86 -42.97 -52.15
CA SER D 131 4.01 -44.32 -52.71
C SER D 131 4.13 -45.39 -51.63
N GLN D 132 4.51 -45.00 -50.42
CA GLN D 132 4.15 -45.77 -49.26
C GLN D 132 2.75 -45.42 -48.78
N ASN D 133 2.61 -44.52 -47.81
CA ASN D 133 1.44 -44.60 -46.97
C ASN D 133 0.16 -44.17 -47.66
N GLN D 134 0.19 -43.20 -48.57
CA GLN D 134 -1.00 -42.94 -49.37
C GLN D 134 -1.36 -44.18 -50.19
N GLN D 135 -0.40 -44.89 -50.75
CA GLN D 135 -0.71 -46.13 -51.44
C GLN D 135 -1.22 -47.22 -50.49
N GLU D 136 -0.67 -47.33 -49.28
CA GLU D 136 -1.26 -48.15 -48.21
C GLU D 136 -2.71 -47.73 -47.92
N LYS D 137 -3.00 -46.44 -47.96
CA LYS D 137 -4.33 -45.90 -47.73
C LYS D 137 -5.24 -46.08 -48.92
N ASN D 138 -4.75 -46.07 -50.15
CA ASN D 138 -5.50 -46.44 -51.34
C ASN D 138 -5.88 -47.92 -51.26
N GLU D 139 -4.94 -48.77 -50.87
CA GLU D 139 -5.19 -50.18 -50.60
C GLU D 139 -6.22 -50.35 -49.48
N GLN D 140 -6.09 -49.61 -48.37
CA GLN D 140 -7.08 -49.68 -47.31
C GLN D 140 -8.46 -49.20 -47.75
N ASP D 141 -8.53 -48.12 -48.52
CA ASP D 141 -9.75 -47.62 -49.14
C ASP D 141 -10.41 -48.74 -49.95
N LEU D 142 -9.69 -49.30 -50.92
CA LEU D 142 -10.21 -50.38 -51.76
C LEU D 142 -10.58 -51.61 -50.93
N LEU D 143 -9.82 -51.93 -49.89
CA LEU D 143 -10.11 -53.00 -48.96
C LEU D 143 -11.33 -52.71 -48.07
N ALA D 144 -11.67 -51.45 -47.79
CA ALA D 144 -12.83 -51.02 -47.00
C ALA D 144 -14.13 -51.00 -47.85
N LEU D 145 -14.01 -50.67 -49.13
CA LEU D 145 -15.03 -51.00 -50.12
C LEU D 145 -15.15 -52.51 -50.32
N ASP D 146 -14.11 -53.26 -49.95
CA ASP D 146 -14.01 -54.71 -49.91
C ASP D 146 -14.06 -55.39 -51.29
N ALA E 1 -14.29 -61.28 -8.06
CA ALA E 1 -14.33 -61.28 -9.53
C ALA E 1 -12.93 -61.11 -10.10
N GLU E 2 -12.39 -59.90 -10.11
CA GLU E 2 -10.99 -59.58 -10.40
C GLU E 2 -10.66 -58.21 -9.80
N ASN E 3 -9.38 -57.86 -9.68
CA ASN E 3 -8.93 -56.50 -9.45
C ASN E 3 -9.44 -55.54 -10.54
N LEU E 4 -9.40 -54.25 -10.23
CA LEU E 4 -9.78 -53.22 -11.17
C LEU E 4 -8.54 -52.75 -11.93
N TRP E 5 -8.75 -52.06 -13.04
CA TRP E 5 -7.69 -51.62 -13.96
C TRP E 5 -7.76 -50.13 -14.21
N VAL E 6 -6.59 -49.49 -14.33
CA VAL E 6 -6.50 -48.06 -14.60
C VAL E 6 -7.03 -47.79 -15.98
N THR E 7 -7.95 -46.87 -16.04
CA THR E 7 -8.57 -46.47 -17.27
C THR E 7 -8.72 -44.96 -17.28
N VAL E 8 -8.66 -44.40 -18.48
CA VAL E 8 -8.62 -42.98 -18.70
C VAL E 8 -9.97 -42.57 -19.26
N TYR E 9 -10.68 -41.73 -18.53
CA TYR E 9 -11.86 -41.07 -19.06
C TYR E 9 -11.44 -39.66 -19.39
N TYR E 10 -11.43 -39.31 -20.67
CA TYR E 10 -11.33 -37.92 -21.05
C TYR E 10 -12.65 -37.22 -20.78
N GLY E 11 -12.65 -35.90 -20.75
CA GLY E 11 -13.90 -35.15 -20.79
C GLY E 11 -14.79 -35.39 -19.59
N VAL E 12 -14.19 -35.67 -18.44
CA VAL E 12 -14.92 -35.83 -17.19
C VAL E 12 -15.46 -34.47 -16.74
N PRO E 13 -16.72 -34.36 -16.32
CA PRO E 13 -17.21 -33.15 -15.68
C PRO E 13 -16.54 -32.99 -14.33
N VAL E 14 -15.79 -31.92 -14.14
CA VAL E 14 -15.19 -31.52 -12.86
C VAL E 14 -14.69 -30.08 -12.94
N TRP E 15 -14.55 -29.37 -11.83
CA TRP E 15 -13.97 -28.02 -11.85
C TRP E 15 -13.19 -27.68 -10.59
N LYS E 16 -12.35 -26.66 -10.71
CA LYS E 16 -11.49 -26.10 -9.65
C LYS E 16 -11.69 -24.60 -9.54
N GLU E 17 -11.52 -24.08 -8.34
CA GLU E 17 -11.43 -22.65 -8.08
C GLU E 17 -10.25 -22.05 -8.84
N ALA E 18 -10.42 -20.87 -9.44
CA ALA E 18 -9.48 -20.33 -10.42
C ALA E 18 -9.64 -18.81 -10.60
N LYS E 19 -8.71 -18.18 -11.32
CA LYS E 19 -8.81 -16.77 -11.75
C LYS E 19 -8.46 -16.59 -13.21
N THR E 20 -9.13 -15.67 -13.91
CA THR E 20 -8.87 -15.38 -15.32
C THR E 20 -9.41 -14.02 -15.78
N THR E 21 -8.84 -13.46 -16.85
CA THR E 21 -9.46 -12.38 -17.62
C THR E 21 -10.71 -12.90 -18.34
N LEU E 22 -11.64 -12.04 -18.72
CA LEU E 22 -12.94 -12.43 -19.29
C LEU E 22 -13.34 -11.57 -20.50
N PHE E 23 -14.20 -12.09 -21.37
CA PHE E 23 -14.72 -11.34 -22.51
C PHE E 23 -15.60 -10.18 -22.05
N CYS E 24 -15.53 -9.07 -22.78
CA CYS E 24 -16.46 -7.95 -22.69
C CYS E 24 -17.55 -8.07 -23.75
N ALA E 25 -18.58 -8.87 -23.49
CA ALA E 25 -19.67 -9.10 -24.43
C ALA E 25 -20.71 -8.00 -24.32
N SER E 26 -21.24 -7.57 -25.45
CA SER E 26 -21.96 -6.30 -25.53
C SER E 26 -23.18 -6.37 -26.43
N ASP E 27 -24.13 -5.47 -26.16
CA ASP E 27 -25.07 -4.97 -27.15
C ASP E 27 -24.36 -4.63 -28.45
N ALA E 28 -24.90 -5.08 -29.59
CA ALA E 28 -24.27 -4.87 -30.88
C ALA E 28 -24.61 -3.51 -31.54
N ARG E 29 -25.75 -2.91 -31.21
CA ARG E 29 -26.24 -1.70 -31.88
C ARG E 29 -25.46 -0.46 -31.49
N ALA E 30 -24.91 -0.41 -30.28
CA ALA E 30 -24.09 0.72 -29.82
C ALA E 30 -22.89 1.03 -30.74
N TYR E 31 -22.35 0.01 -31.41
CA TYR E 31 -21.15 0.11 -32.27
C TYR E 31 -21.42 0.93 -33.54
N GLU E 32 -22.68 1.03 -33.92
CA GLU E 32 -23.17 1.87 -35.01
C GLU E 32 -23.18 3.38 -34.63
N LYS E 33 -23.26 3.69 -33.33
CA LYS E 33 -23.78 4.99 -32.86
C LYS E 33 -22.69 6.07 -32.70
N GLU E 34 -21.58 5.76 -32.04
CA GLU E 34 -20.45 6.69 -31.83
C GLU E 34 -19.09 6.06 -32.19
N VAL E 35 -18.12 6.89 -32.62
CA VAL E 35 -16.87 6.43 -33.27
C VAL E 35 -16.04 5.57 -32.32
N HIS E 36 -15.70 6.12 -31.16
CA HIS E 36 -15.50 5.33 -29.95
C HIS E 36 -16.89 5.17 -29.29
N ASN E 37 -17.10 4.15 -28.46
CA ASN E 37 -18.23 4.20 -27.52
C ASN E 37 -17.76 3.83 -26.11
N VAL E 38 -18.32 4.50 -25.11
CA VAL E 38 -17.68 4.68 -23.79
C VAL E 38 -17.61 3.39 -22.98
N TRP E 39 -18.73 2.69 -23.02
CA TRP E 39 -18.81 1.25 -22.83
C TRP E 39 -19.46 0.67 -24.08
N ALA E 40 -19.73 -0.64 -24.12
CA ALA E 40 -20.03 -1.35 -25.37
C ALA E 40 -18.95 -1.04 -26.43
N THR E 41 -17.70 -0.99 -25.97
CA THR E 41 -16.69 -0.20 -26.67
C THR E 41 -16.25 -0.85 -27.97
N HIS E 42 -15.67 -0.02 -28.83
CA HIS E 42 -14.80 -0.39 -29.93
C HIS E 42 -13.70 -1.40 -29.56
N ALA E 43 -13.35 -1.54 -28.29
CA ALA E 43 -12.42 -2.54 -27.76
C ALA E 43 -13.09 -3.83 -27.21
N CYS E 44 -14.36 -3.76 -26.84
CA CYS E 44 -15.24 -4.88 -26.48
C CYS E 44 -15.86 -5.56 -27.72
N VAL E 45 -16.58 -6.66 -27.53
CA VAL E 45 -17.12 -7.44 -28.65
C VAL E 45 -18.65 -7.39 -28.71
N PRO E 46 -19.25 -7.06 -29.86
CA PRO E 46 -20.69 -7.09 -30.10
C PRO E 46 -21.21 -8.51 -30.30
N THR E 47 -20.74 -9.46 -29.50
CA THR E 47 -21.23 -10.86 -29.48
C THR E 47 -22.71 -10.94 -29.08
N ASP E 48 -23.20 -9.93 -28.34
CA ASP E 48 -24.62 -9.70 -28.07
C ASP E 48 -25.36 -10.98 -27.65
N PRO E 49 -24.91 -11.61 -26.55
CA PRO E 49 -25.06 -13.03 -26.33
C PRO E 49 -26.50 -13.48 -26.01
N SER E 50 -26.83 -14.69 -26.44
CA SER E 50 -27.99 -15.42 -25.95
C SER E 50 -27.84 -15.78 -24.46
N PRO E 51 -28.89 -15.63 -23.64
CA PRO E 51 -28.84 -15.91 -22.21
C PRO E 51 -28.97 -17.40 -21.89
N GLN E 52 -28.00 -18.22 -22.31
CA GLN E 52 -28.00 -19.65 -22.01
C GLN E 52 -27.68 -19.91 -20.53
N GLU E 53 -28.61 -20.57 -19.85
CA GLU E 53 -28.50 -20.98 -18.46
C GLU E 53 -28.98 -22.41 -18.30
N LEU E 54 -28.23 -23.23 -17.56
CA LEU E 54 -28.64 -24.58 -17.22
C LEU E 54 -28.60 -24.80 -15.72
N VAL E 55 -29.77 -25.01 -15.14
CA VAL E 55 -29.90 -25.51 -13.77
C VAL E 55 -29.27 -26.89 -13.69
N LEU E 56 -28.39 -27.10 -12.73
CA LEU E 56 -27.71 -28.38 -12.60
C LEU E 56 -28.52 -29.38 -11.79
N GLY E 57 -28.90 -28.99 -10.57
CA GLY E 57 -29.48 -29.90 -9.58
C GLY E 57 -28.47 -30.88 -8.98
N ASN E 58 -28.82 -31.42 -7.80
CA ASN E 58 -27.99 -32.24 -6.91
C ASN E 58 -26.68 -31.59 -6.42
N VAL E 59 -25.83 -31.07 -7.29
CA VAL E 59 -24.58 -30.42 -6.92
C VAL E 59 -24.82 -29.14 -6.11
N THR E 60 -23.92 -28.84 -5.16
CA THR E 60 -23.87 -27.60 -4.38
C THR E 60 -22.43 -27.19 -4.11
N GLU E 61 -22.14 -25.89 -4.05
CA GLU E 61 -20.84 -25.39 -3.59
C GLU E 61 -20.94 -23.94 -3.08
N ASN E 62 -19.86 -23.46 -2.45
CA ASN E 62 -19.80 -22.12 -1.88
C ASN E 62 -19.68 -21.02 -2.94
N PHE E 63 -20.27 -19.87 -2.63
CA PHE E 63 -20.06 -18.59 -3.29
C PHE E 63 -19.54 -17.62 -2.23
N ASN E 64 -18.70 -16.67 -2.59
CA ASN E 64 -18.24 -15.67 -1.65
C ASN E 64 -18.11 -14.32 -2.31
N MET E 65 -19.10 -13.44 -2.12
CA MET E 65 -19.16 -12.15 -2.81
C MET E 65 -18.05 -11.17 -2.41
N TRP E 66 -17.43 -11.39 -1.25
CA TRP E 66 -16.34 -10.55 -0.78
C TRP E 66 -15.07 -10.95 -1.48
N LYS E 67 -14.78 -12.25 -1.54
CA LYS E 67 -13.56 -12.76 -2.14
C LYS E 67 -13.63 -12.94 -3.66
N ASN E 68 -14.80 -12.90 -4.29
CA ASN E 68 -14.92 -13.02 -5.74
C ASN E 68 -14.12 -11.91 -6.42
N ASP E 69 -13.13 -12.29 -7.22
CA ASP E 69 -12.14 -11.35 -7.75
C ASP E 69 -12.70 -10.43 -8.85
N MET E 70 -13.81 -10.80 -9.47
CA MET E 70 -14.35 -10.07 -10.60
C MET E 70 -14.73 -8.65 -10.22
N VAL E 71 -15.06 -8.45 -8.95
CA VAL E 71 -15.21 -7.14 -8.37
C VAL E 71 -14.03 -6.26 -8.77
N ASP E 72 -12.82 -6.74 -8.54
CA ASP E 72 -11.63 -6.01 -8.91
C ASP E 72 -11.35 -6.03 -10.40
N GLN E 73 -11.68 -7.13 -11.07
CA GLN E 73 -11.47 -7.19 -12.51
C GLN E 73 -12.22 -6.04 -13.18
N MET E 74 -13.50 -5.91 -12.88
CA MET E 74 -14.32 -4.83 -13.40
C MET E 74 -13.81 -3.46 -12.95
N HIS E 75 -13.39 -3.31 -11.68
CA HIS E 75 -12.84 -2.05 -11.21
C HIS E 75 -11.65 -1.61 -12.05
N GLU E 76 -10.74 -2.52 -12.35
CA GLU E 76 -9.63 -2.22 -13.26
C GLU E 76 -10.11 -1.99 -14.69
N ASP E 77 -11.02 -2.82 -15.20
CA ASP E 77 -11.54 -2.67 -16.55
C ASP E 77 -12.12 -1.27 -16.78
N ILE E 78 -12.94 -0.80 -15.85
CA ILE E 78 -13.55 0.51 -15.96
C ILE E 78 -12.47 1.59 -16.04
N ILE E 79 -11.54 1.62 -15.08
CA ILE E 79 -10.57 2.72 -15.04
C ILE E 79 -9.64 2.63 -16.23
N SER E 80 -9.29 1.42 -16.64
CA SER E 80 -8.46 1.19 -17.83
C SER E 80 -9.14 1.73 -19.09
N LEU E 81 -10.44 1.50 -19.27
CA LEU E 81 -11.18 2.14 -20.34
C LEU E 81 -11.17 3.64 -20.19
N TRP E 82 -11.23 4.17 -18.97
CA TRP E 82 -11.34 5.59 -18.74
C TRP E 82 -10.18 6.36 -19.35
N ASP E 83 -8.94 6.05 -18.99
CA ASP E 83 -7.80 6.83 -19.46
C ASP E 83 -7.69 6.81 -20.99
N GLN E 84 -7.75 5.64 -21.62
CA GLN E 84 -7.66 5.52 -23.07
C GLN E 84 -8.83 6.24 -23.77
N SER E 85 -10.03 6.18 -23.21
CA SER E 85 -11.19 6.87 -23.79
C SER E 85 -11.11 8.39 -23.69
N LEU E 86 -10.24 8.94 -22.86
CA LEU E 86 -9.96 10.37 -22.83
C LEU E 86 -8.68 10.80 -23.53
N LYS E 87 -7.68 9.93 -23.63
CA LYS E 87 -6.30 10.35 -23.91
C LYS E 87 -6.08 11.29 -25.10
N PRO E 88 -6.77 11.18 -26.25
CA PRO E 88 -6.54 12.12 -27.35
C PRO E 88 -7.15 13.51 -27.16
N CYS E 89 -8.09 13.67 -26.23
CA CYS E 89 -8.96 14.84 -26.17
C CYS E 89 -8.28 16.15 -25.69
N VAL E 90 -9.00 17.25 -25.84
CA VAL E 90 -8.50 18.63 -25.59
C VAL E 90 -8.15 18.88 -24.12
N LYS E 91 -7.07 19.65 -23.88
CA LYS E 91 -6.48 19.89 -22.55
C LYS E 91 -6.73 21.31 -22.07
N LEU E 92 -6.99 21.49 -20.78
CA LEU E 92 -7.18 22.82 -20.16
C LEU E 92 -5.90 23.68 -20.12
N THR E 93 -4.71 23.13 -20.36
CA THR E 93 -3.45 23.83 -20.02
C THR E 93 -3.37 25.30 -20.43
N PRO E 94 -3.59 25.69 -21.70
CA PRO E 94 -3.52 27.09 -22.10
C PRO E 94 -4.55 27.98 -21.42
N LEU E 95 -5.65 27.43 -20.91
CA LEU E 95 -6.66 28.19 -20.16
C LEU E 95 -6.22 28.60 -18.75
N CYS E 96 -5.14 28.04 -18.20
CA CYS E 96 -4.75 28.28 -16.81
C CYS E 96 -4.10 29.66 -16.56
N VAL E 97 -4.87 30.72 -16.71
CA VAL E 97 -4.45 32.11 -16.47
C VAL E 97 -5.10 32.69 -15.22
N THR E 98 -4.62 33.83 -14.73
CA THR E 98 -5.34 34.55 -13.67
C THR E 98 -6.75 34.88 -14.13
N LEU E 99 -7.74 34.56 -13.32
CA LEU E 99 -9.14 34.83 -13.59
C LEU E 99 -9.59 36.06 -12.83
N ILE E 100 -10.33 36.91 -13.52
CA ILE E 100 -10.97 38.10 -12.95
C ILE E 100 -12.45 37.79 -12.74
N CYS E 101 -12.79 37.31 -11.56
CA CYS E 101 -14.16 36.91 -11.23
C CYS E 101 -15.03 38.07 -10.72
N SER E 102 -16.34 37.85 -10.78
CA SER E 102 -17.40 38.84 -10.63
C SER E 102 -18.74 38.14 -10.41
N ASN E 103 -19.77 38.88 -10.04
CA ASN E 103 -21.08 38.29 -9.80
C ASN E 103 -21.77 37.88 -11.08
N ALA E 104 -22.58 36.83 -10.99
CA ALA E 104 -23.37 36.30 -12.07
C ALA E 104 -24.68 37.08 -12.22
N THR E 105 -24.57 38.38 -12.47
CA THR E 105 -25.72 39.30 -12.52
C THR E 105 -26.62 38.99 -13.70
N VAL E 106 -27.87 38.64 -13.44
CA VAL E 106 -28.82 38.16 -14.47
C VAL E 106 -30.25 38.59 -14.11
N LYS E 107 -30.88 39.37 -14.98
CA LYS E 107 -32.33 39.60 -15.05
C LYS E 107 -32.98 39.83 -13.67
N ASN E 108 -32.65 40.98 -13.08
CA ASN E 108 -33.09 41.40 -11.74
C ASN E 108 -32.66 40.43 -10.62
N GLY E 109 -31.48 39.82 -10.75
CA GLY E 109 -30.98 38.86 -9.78
C GLY E 109 -29.56 38.40 -10.09
N THR E 110 -29.21 37.24 -9.55
CA THR E 110 -27.90 36.62 -9.67
C THR E 110 -28.01 35.10 -9.81
N VAL E 111 -26.95 34.43 -10.27
CA VAL E 111 -26.81 32.96 -10.25
C VAL E 111 -25.91 32.55 -9.09
N GLU E 112 -26.44 32.48 -7.88
CA GLU E 112 -25.62 32.51 -6.66
C GLU E 112 -24.81 31.25 -6.37
N GLU E 113 -25.07 30.14 -7.05
CA GLU E 113 -24.17 28.98 -7.03
C GLU E 113 -22.92 29.17 -7.90
N MET E 114 -22.77 30.33 -8.54
CA MET E 114 -21.80 30.55 -9.60
C MET E 114 -21.01 31.83 -9.41
N LYS E 115 -19.92 31.95 -10.15
CA LYS E 115 -19.25 33.23 -10.43
C LYS E 115 -19.31 33.45 -11.94
N ASN E 116 -19.28 34.71 -12.34
CA ASN E 116 -18.98 35.12 -13.71
C ASN E 116 -17.52 35.54 -13.74
N CYS E 117 -16.73 35.06 -14.67
CA CYS E 117 -15.31 35.31 -14.67
C CYS E 117 -14.80 35.66 -16.05
N SER E 118 -13.76 36.48 -16.07
CA SER E 118 -13.12 36.99 -17.27
C SER E 118 -11.63 36.63 -17.29
N PHE E 119 -11.11 36.41 -18.49
CA PHE E 119 -9.81 35.78 -18.74
C PHE E 119 -9.38 36.03 -20.19
N ASN E 120 -8.18 35.58 -20.57
CA ASN E 120 -7.68 35.64 -21.93
C ASN E 120 -7.15 34.29 -22.37
N THR E 121 -7.01 34.10 -23.68
CA THR E 121 -6.34 32.95 -24.26
C THR E 121 -5.57 33.36 -25.49
N THR E 122 -4.54 32.59 -25.84
CA THR E 122 -3.94 32.66 -27.17
C THR E 122 -5.03 32.49 -28.22
N THR E 123 -5.03 33.31 -29.25
CA THR E 123 -5.74 32.97 -30.48
C THR E 123 -5.05 31.80 -31.16
N GLU E 124 -5.60 31.32 -32.27
CA GLU E 124 -4.89 30.43 -33.18
C GLU E 124 -3.52 30.97 -33.57
N ILE E 125 -3.39 32.28 -33.73
CA ILE E 125 -2.11 32.94 -33.90
C ILE E 125 -1.42 33.04 -32.54
N ARG E 126 -0.27 32.37 -32.40
CA ARG E 126 0.45 32.28 -31.12
C ARG E 126 0.84 33.63 -30.54
N ASP E 127 1.01 34.63 -31.41
CA ASP E 127 1.41 36.00 -31.05
C ASP E 127 0.24 36.97 -30.78
N LYS E 128 -0.99 36.47 -30.57
CA LYS E 128 -2.13 37.32 -30.20
C LYS E 128 -2.99 36.68 -29.12
N GLU E 129 -3.62 37.52 -28.32
CA GLU E 129 -4.73 37.20 -27.41
C GLU E 129 -5.86 38.22 -27.60
N LYS E 130 -7.02 37.91 -27.04
CA LYS E 130 -8.01 38.91 -26.61
C LYS E 130 -8.60 38.51 -25.25
N LYS E 131 -9.63 39.23 -24.80
CA LYS E 131 -10.38 38.97 -23.56
C LYS E 131 -11.69 38.25 -23.80
N GLU E 132 -12.00 37.28 -22.94
CA GLU E 132 -13.18 36.41 -23.01
C GLU E 132 -13.73 36.06 -21.62
N TYR E 133 -14.99 35.62 -21.55
CA TYR E 133 -15.68 35.37 -20.28
C TYR E 133 -16.66 34.21 -20.35
N ALA E 134 -16.92 33.65 -19.17
CA ALA E 134 -17.82 32.52 -18.92
C ALA E 134 -18.30 32.50 -17.46
N LEU E 135 -19.42 31.83 -17.17
CA LEU E 135 -19.82 31.51 -15.81
C LEU E 135 -19.19 30.19 -15.37
N PHE E 136 -19.06 29.95 -14.08
CA PHE E 136 -18.71 28.66 -13.50
C PHE E 136 -19.42 28.46 -12.17
N TYR E 137 -19.71 27.22 -11.83
CA TYR E 137 -20.14 26.88 -10.49
C TYR E 137 -18.95 27.02 -9.54
N LYS E 138 -19.23 27.57 -8.36
CA LYS E 138 -18.19 28.01 -7.43
C LYS E 138 -17.11 26.97 -7.12
N PRO E 139 -17.41 25.67 -6.95
CA PRO E 139 -16.41 24.75 -6.42
C PRO E 139 -15.13 24.68 -7.24
N ASP E 140 -15.22 24.83 -8.55
CA ASP E 140 -14.05 24.70 -9.41
C ASP E 140 -13.09 25.88 -9.27
N ILE E 141 -13.58 27.04 -8.84
CA ILE E 141 -12.88 28.31 -8.93
C ILE E 141 -12.52 28.80 -7.53
N VAL E 142 -11.24 29.05 -7.27
CA VAL E 142 -10.71 29.41 -5.95
C VAL E 142 -9.93 30.72 -6.04
N PRO E 143 -9.92 31.59 -5.02
CA PRO E 143 -9.13 32.80 -5.06
C PRO E 143 -7.67 32.54 -5.39
N LEU E 144 -7.02 33.53 -5.99
CA LEU E 144 -5.58 33.55 -6.20
C LEU E 144 -4.84 33.44 -4.87
N SER E 145 -3.59 32.94 -4.89
CA SER E 145 -2.76 32.68 -3.70
C SER E 145 -2.72 33.85 -2.70
N GLU E 146 -2.74 35.09 -3.19
CA GLU E 146 -3.18 36.25 -2.40
C GLU E 146 -4.24 37.03 -3.17
N THR E 147 -5.32 37.45 -2.50
CA THR E 147 -6.28 38.43 -3.04
C THR E 147 -5.73 39.85 -2.86
N ASN E 148 -4.83 40.27 -3.74
CA ASN E 148 -4.41 41.67 -3.84
C ASN E 148 -5.60 42.54 -4.28
N ASN E 149 -6.49 41.94 -5.09
CA ASN E 149 -7.90 42.27 -5.20
C ASN E 149 -8.73 40.98 -5.13
N THR E 150 -9.92 41.03 -4.53
CA THR E 150 -10.74 39.83 -4.34
C THR E 150 -11.20 39.17 -5.65
N SER E 151 -11.28 39.91 -6.77
CA SER E 151 -11.60 39.33 -8.09
C SER E 151 -10.53 38.40 -8.65
N GLU E 152 -9.33 38.34 -8.06
CA GLU E 152 -8.28 37.44 -8.51
C GLU E 152 -8.57 35.98 -8.10
N TYR E 153 -8.69 35.10 -9.08
CA TYR E 153 -9.10 33.69 -8.92
C TYR E 153 -8.34 32.78 -9.90
N ARG E 154 -8.40 31.46 -9.69
CA ARG E 154 -7.90 30.41 -10.58
C ARG E 154 -8.78 29.17 -10.55
N LEU E 155 -8.64 28.31 -11.55
CA LEU E 155 -9.15 26.95 -11.45
C LEU E 155 -8.41 26.18 -10.36
N ILE E 156 -9.12 25.28 -9.69
CA ILE E 156 -8.62 24.51 -8.56
C ILE E 156 -7.43 23.61 -8.89
N ASN E 157 -7.30 23.11 -10.11
CA ASN E 157 -6.39 22.02 -10.43
C ASN E 157 -4.91 22.38 -10.65
N CYS E 158 -4.59 23.55 -11.23
CA CYS E 158 -3.31 23.73 -11.94
C CYS E 158 -2.06 23.55 -11.07
N ASN E 159 -2.14 23.87 -9.78
CA ASN E 159 -1.06 23.62 -8.84
C ASN E 159 -0.79 22.12 -8.57
N THR E 160 -1.46 21.22 -9.28
CA THR E 160 -1.32 19.77 -9.12
C THR E 160 -1.22 19.03 -10.47
N SER E 161 -2.07 19.37 -11.44
CA SER E 161 -2.27 18.50 -12.61
C SER E 161 -3.07 19.19 -13.72
N ALA E 162 -2.71 18.89 -14.97
CA ALA E 162 -3.50 19.26 -16.14
C ALA E 162 -4.79 18.42 -16.19
N CYS E 163 -5.79 18.87 -16.93
CA CYS E 163 -7.09 18.24 -17.04
C CYS E 163 -7.57 18.24 -18.47
N THR E 164 -8.48 17.34 -18.83
CA THR E 164 -8.97 17.27 -20.20
C THR E 164 -10.48 17.35 -20.28
N GLN E 165 -10.95 18.12 -21.26
CA GLN E 165 -12.34 18.16 -21.67
C GLN E 165 -12.69 16.85 -22.37
N ALA E 166 -13.86 16.30 -22.13
CA ALA E 166 -14.29 15.11 -22.86
C ALA E 166 -14.55 15.47 -24.31
N CYS E 167 -14.03 14.69 -25.25
CA CYS E 167 -14.49 14.71 -26.63
C CYS E 167 -16.02 14.48 -26.63
N PRO E 168 -16.86 15.40 -27.15
CA PRO E 168 -18.31 15.34 -26.94
C PRO E 168 -18.99 14.00 -27.31
N LYS E 169 -18.42 13.24 -28.25
CA LYS E 169 -18.93 11.94 -28.70
C LYS E 169 -18.94 10.87 -27.61
N VAL E 170 -18.10 11.01 -26.60
CA VAL E 170 -17.84 10.00 -25.59
C VAL E 170 -18.92 10.08 -24.50
N THR E 171 -20.19 9.95 -24.88
CA THR E 171 -21.35 10.21 -23.98
C THR E 171 -21.50 9.14 -22.91
N PHE E 172 -21.56 9.50 -21.63
CA PHE E 172 -21.37 8.61 -20.47
C PHE E 172 -22.54 7.65 -20.15
N GLU E 173 -23.36 7.28 -21.12
CA GLU E 173 -24.41 6.29 -20.93
C GLU E 173 -23.80 4.93 -20.54
N PRO E 174 -24.11 4.39 -19.35
CA PRO E 174 -23.63 3.09 -18.94
C PRO E 174 -24.47 2.00 -19.63
N ILE E 175 -24.14 1.73 -20.88
CA ILE E 175 -24.79 0.73 -21.74
C ILE E 175 -24.49 -0.68 -21.21
N PRO E 176 -25.45 -1.60 -21.08
CA PRO E 176 -25.23 -2.87 -20.39
C PRO E 176 -24.02 -3.65 -20.91
N ILE E 177 -23.19 -4.19 -20.02
CA ILE E 177 -22.12 -5.13 -20.35
C ILE E 177 -22.52 -6.52 -19.85
N HIS E 178 -22.30 -7.55 -20.64
CA HIS E 178 -22.35 -8.93 -20.19
C HIS E 178 -20.92 -9.44 -20.02
N TYR E 179 -20.59 -10.03 -18.89
CA TYR E 179 -19.34 -10.77 -18.77
C TYR E 179 -19.54 -12.19 -19.26
N CYS E 180 -18.52 -12.78 -19.89
CA CYS E 180 -18.52 -14.15 -20.43
C CYS E 180 -17.11 -14.77 -20.38
N ALA E 181 -16.98 -16.09 -20.39
CA ALA E 181 -15.70 -16.73 -20.12
C ALA E 181 -15.14 -17.55 -21.31
N PRO E 182 -13.82 -17.59 -21.49
CA PRO E 182 -13.17 -18.33 -22.56
C PRO E 182 -13.15 -19.83 -22.28
N ALA E 183 -12.97 -20.60 -23.33
CA ALA E 183 -13.09 -22.05 -23.31
C ALA E 183 -12.16 -22.70 -22.29
N GLY E 184 -12.62 -23.80 -21.68
CA GLY E 184 -11.97 -24.42 -20.53
C GLY E 184 -12.35 -23.79 -19.17
N TYR E 185 -12.87 -22.57 -19.13
CA TYR E 185 -13.56 -22.02 -17.95
C TYR E 185 -15.08 -22.14 -18.07
N ALA E 186 -15.78 -21.95 -16.96
CA ALA E 186 -17.22 -21.79 -16.95
C ALA E 186 -17.67 -20.89 -15.80
N ILE E 187 -18.87 -20.34 -15.92
CA ILE E 187 -19.45 -19.45 -14.92
C ILE E 187 -20.60 -20.14 -14.20
N LEU E 188 -20.56 -20.10 -12.88
CA LEU E 188 -21.56 -20.67 -11.99
C LEU E 188 -22.36 -19.55 -11.34
N LYS E 189 -23.68 -19.72 -11.27
CA LYS E 189 -24.62 -18.80 -10.61
C LYS E 189 -25.28 -19.44 -9.42
N CYS E 190 -25.50 -18.63 -8.40
CA CYS E 190 -26.26 -18.99 -7.22
C CYS E 190 -27.73 -18.58 -7.40
N ASN E 191 -28.47 -19.36 -8.17
CA ASN E 191 -29.91 -19.16 -8.37
C ASN E 191 -30.66 -19.63 -7.12
N ASP E 192 -30.57 -18.87 -6.04
CA ASP E 192 -31.01 -19.31 -4.72
C ASP E 192 -31.50 -18.10 -3.91
N GLU E 193 -32.82 -17.99 -3.74
CA GLU E 193 -33.39 -16.87 -2.99
C GLU E 193 -32.90 -16.88 -1.56
N THR E 194 -32.69 -15.71 -0.98
CA THR E 194 -32.14 -15.56 0.37
C THR E 194 -30.77 -16.18 0.59
N PHE E 195 -30.02 -16.47 -0.48
CA PHE E 195 -28.57 -16.55 -0.34
C PHE E 195 -28.04 -15.21 0.17
N ASN E 196 -27.18 -15.27 1.18
CA ASN E 196 -26.74 -14.11 1.95
C ASN E 196 -25.21 -13.95 1.85
N GLY E 197 -24.70 -13.91 0.62
CA GLY E 197 -23.36 -13.42 0.29
C GLY E 197 -22.20 -14.40 0.51
N THR E 198 -22.38 -15.40 1.35
CA THR E 198 -21.35 -16.40 1.70
C THR E 198 -21.97 -17.75 2.08
N GLY E 199 -21.15 -18.79 2.17
CA GLY E 199 -21.56 -20.15 2.44
C GLY E 199 -22.05 -20.90 1.21
N PRO E 200 -22.55 -22.13 1.37
CA PRO E 200 -22.99 -22.96 0.27
C PRO E 200 -24.25 -22.40 -0.38
N CYS E 201 -24.40 -22.61 -1.67
CA CYS E 201 -25.62 -22.32 -2.39
C CYS E 201 -26.32 -23.63 -2.72
N SER E 202 -27.59 -23.71 -2.36
CA SER E 202 -28.36 -24.97 -2.44
C SER E 202 -28.67 -25.39 -3.87
N ASN E 203 -28.59 -24.44 -4.80
CA ASN E 203 -29.01 -24.65 -6.16
C ASN E 203 -28.20 -23.79 -7.11
N VAL E 204 -27.63 -24.42 -8.13
CA VAL E 204 -26.62 -23.82 -8.99
C VAL E 204 -26.98 -24.01 -10.45
N SER E 205 -26.68 -22.99 -11.24
CA SER E 205 -26.72 -23.07 -12.70
C SER E 205 -25.38 -22.76 -13.31
N THR E 206 -25.15 -23.28 -14.50
CA THR E 206 -24.07 -22.84 -15.37
C THR E 206 -24.59 -21.86 -16.39
N VAL E 207 -23.86 -20.79 -16.63
CA VAL E 207 -24.12 -19.86 -17.73
C VAL E 207 -22.87 -19.60 -18.53
N GLN E 208 -23.03 -19.34 -19.82
CA GLN E 208 -21.95 -18.77 -20.63
C GLN E 208 -21.71 -17.28 -20.32
N CYS E 209 -22.74 -16.55 -19.90
CA CYS E 209 -22.68 -15.11 -19.74
C CYS E 209 -23.59 -14.59 -18.62
N THR E 210 -23.23 -13.45 -18.05
CA THR E 210 -24.02 -12.80 -16.99
C THR E 210 -25.25 -12.09 -17.53
N HIS E 211 -26.19 -11.74 -16.65
CA HIS E 211 -27.13 -10.66 -16.94
C HIS E 211 -26.38 -9.38 -17.23
N GLY E 212 -26.97 -8.49 -18.03
CA GLY E 212 -26.30 -7.24 -18.39
C GLY E 212 -26.14 -6.34 -17.16
N ILE E 213 -24.92 -5.92 -16.85
CA ILE E 213 -24.61 -5.04 -15.74
C ILE E 213 -24.52 -3.63 -16.26
N ARG E 214 -25.22 -2.68 -15.62
CA ARG E 214 -25.10 -1.26 -15.95
C ARG E 214 -24.06 -0.64 -15.03
N PRO E 215 -22.91 -0.18 -15.53
CA PRO E 215 -21.83 0.29 -14.68
C PRO E 215 -22.04 1.72 -14.17
N VAL E 216 -23.20 2.04 -13.62
CA VAL E 216 -23.43 3.36 -13.00
C VAL E 216 -22.47 3.56 -11.85
N VAL E 217 -21.98 4.79 -11.69
CA VAL E 217 -21.09 5.15 -10.58
C VAL E 217 -21.87 6.06 -9.64
N SER E 218 -21.98 5.68 -8.37
CA SER E 218 -22.66 6.49 -7.38
C SER E 218 -22.15 6.21 -5.96
N THR E 219 -22.24 7.22 -5.11
CA THR E 219 -21.53 7.28 -3.82
C THR E 219 -22.29 6.69 -2.64
N GLN E 220 -23.61 6.77 -2.64
CA GLN E 220 -24.47 6.45 -1.49
C GLN E 220 -25.70 5.64 -1.87
N LEU E 221 -26.30 5.96 -3.00
CA LEU E 221 -27.50 5.29 -3.50
C LEU E 221 -27.16 4.54 -4.79
N LEU E 222 -27.41 3.23 -4.82
CA LEU E 222 -27.42 2.46 -6.05
C LEU E 222 -28.56 2.95 -6.94
N LEU E 223 -28.24 3.38 -8.14
CA LEU E 223 -29.20 3.72 -9.18
C LEU E 223 -29.20 2.65 -10.26
N ASN E 224 -30.38 2.24 -10.70
CA ASN E 224 -30.61 1.30 -11.79
C ASN E 224 -29.90 -0.06 -11.66
N GLY E 225 -29.40 -0.42 -10.48
CA GLY E 225 -29.05 -1.81 -10.17
C GLY E 225 -30.28 -2.71 -10.16
N SER E 226 -30.09 -4.00 -10.36
CA SER E 226 -31.13 -4.99 -10.54
C SER E 226 -32.12 -5.10 -9.39
N LEU E 227 -33.32 -5.59 -9.69
CA LEU E 227 -34.42 -5.71 -8.74
C LEU E 227 -34.24 -6.96 -7.89
N ALA E 228 -34.12 -6.80 -6.58
CA ALA E 228 -33.77 -7.92 -5.71
C ALA E 228 -34.97 -8.86 -5.46
N GLU E 229 -34.68 -10.08 -5.03
CA GLU E 229 -35.51 -11.26 -5.30
C GLU E 229 -36.94 -11.25 -4.75
N LYS E 230 -37.10 -11.13 -3.44
CA LYS E 230 -38.30 -11.63 -2.73
C LYS E 230 -38.64 -10.81 -1.50
N GLU E 231 -37.65 -10.62 -0.66
CA GLU E 231 -37.66 -9.73 0.48
C GLU E 231 -36.29 -9.11 0.63
N ILE E 232 -36.23 -8.02 1.40
CA ILE E 232 -34.99 -7.32 1.66
C ILE E 232 -33.95 -8.25 2.26
N VAL E 233 -32.69 -8.07 1.88
CA VAL E 233 -31.54 -8.86 2.31
C VAL E 233 -30.44 -7.94 2.76
N ILE E 234 -29.68 -8.36 3.73
CA ILE E 234 -28.51 -7.68 4.24
C ILE E 234 -27.29 -8.51 3.86
N ARG E 235 -26.28 -7.90 3.24
CA ARG E 235 -25.01 -8.55 2.95
C ARG E 235 -23.87 -7.76 3.56
N SER E 236 -22.90 -8.45 4.14
CA SER E 236 -21.68 -7.85 4.64
C SER E 236 -20.54 -8.84 4.68
N GLU E 237 -19.30 -8.40 4.59
CA GLU E 237 -18.17 -9.27 4.92
C GLU E 237 -18.16 -9.63 6.42
N ASN E 238 -18.78 -8.81 7.29
CA ASN E 238 -18.96 -9.13 8.70
C ASN E 238 -20.16 -8.38 9.30
N LEU E 239 -21.30 -9.06 9.38
CA LEU E 239 -22.52 -8.58 10.02
C LEU E 239 -22.28 -7.92 11.38
N THR E 240 -21.44 -8.55 12.21
CA THR E 240 -21.26 -8.14 13.61
C THR E 240 -20.45 -6.85 13.74
N ASN E 241 -19.45 -6.63 12.88
CA ASN E 241 -18.57 -5.48 12.98
C ASN E 241 -19.24 -4.23 12.40
N ASN E 242 -19.48 -3.20 13.20
CA ASN E 242 -20.04 -1.95 12.69
C ASN E 242 -19.09 -1.21 11.73
N ALA E 243 -17.78 -1.46 11.82
CA ALA E 243 -16.75 -0.88 10.95
C ALA E 243 -16.66 -1.51 9.54
N LYS E 244 -17.44 -2.55 9.26
CA LYS E 244 -17.61 -3.18 7.95
C LYS E 244 -18.95 -2.77 7.34
N ILE E 245 -18.96 -2.48 6.05
CA ILE E 245 -20.15 -1.95 5.38
C ILE E 245 -21.32 -2.94 5.48
N ILE E 246 -22.53 -2.44 5.56
CA ILE E 246 -23.75 -3.20 5.27
C ILE E 246 -24.32 -2.67 3.97
N ILE E 247 -24.51 -3.55 2.99
CA ILE E 247 -25.13 -3.27 1.69
C ILE E 247 -26.54 -3.85 1.71
N VAL E 248 -27.53 -3.09 1.28
CA VAL E 248 -28.93 -3.53 1.32
C VAL E 248 -29.59 -3.26 -0.02
N HIS E 249 -30.17 -4.28 -0.64
CA HIS E 249 -31.14 -4.06 -1.69
C HIS E 249 -32.49 -3.68 -1.10
N LEU E 250 -33.20 -2.78 -1.75
CA LEU E 250 -34.64 -2.77 -1.61
C LEU E 250 -35.18 -4.04 -2.28
N HIS E 251 -36.32 -4.59 -1.89
CA HIS E 251 -36.98 -5.57 -2.76
C HIS E 251 -37.63 -4.88 -3.96
N THR E 252 -38.71 -4.12 -3.73
CA THR E 252 -39.33 -3.30 -4.76
C THR E 252 -38.48 -2.03 -5.00
N PRO E 253 -38.31 -1.54 -6.22
CA PRO E 253 -37.60 -0.29 -6.47
C PRO E 253 -38.38 0.94 -5.95
N VAL E 254 -37.71 2.08 -5.83
CA VAL E 254 -38.30 3.40 -5.52
C VAL E 254 -37.81 4.44 -6.52
N GLU E 255 -38.69 5.30 -7.03
CA GLU E 255 -38.33 6.27 -8.05
C GLU E 255 -37.65 7.53 -7.50
N ILE E 256 -36.65 8.06 -8.21
CA ILE E 256 -35.97 9.33 -7.90
C ILE E 256 -35.90 10.20 -9.16
N VAL E 257 -36.11 11.50 -8.98
CA VAL E 257 -36.26 12.46 -10.08
C VAL E 257 -35.34 13.65 -9.85
N CYS E 258 -34.68 14.16 -10.88
CA CYS E 258 -33.79 15.31 -10.77
C CYS E 258 -33.86 16.25 -11.96
N THR E 259 -33.54 17.52 -11.71
CA THR E 259 -33.23 18.46 -12.77
C THR E 259 -32.40 19.64 -12.27
N ARG E 260 -31.53 20.11 -13.15
CA ARG E 260 -31.08 21.50 -13.19
C ARG E 260 -32.05 22.20 -14.15
N PRO E 261 -33.11 22.87 -13.69
CA PRO E 261 -34.08 23.48 -14.59
C PRO E 261 -33.50 24.70 -15.29
N ASN E 262 -32.43 25.25 -14.74
CA ASN E 262 -31.81 26.49 -15.19
C ASN E 262 -31.33 26.39 -16.63
N ASN E 263 -31.75 27.30 -17.48
CA ASN E 263 -31.59 27.17 -18.90
C ASN E 263 -30.24 27.73 -19.36
N ASN E 264 -29.20 26.93 -19.17
CA ASN E 264 -27.79 27.19 -19.49
C ASN E 264 -27.50 27.26 -21.00
N THR E 265 -26.82 28.32 -21.44
CA THR E 265 -26.44 28.52 -22.84
C THR E 265 -25.00 28.09 -23.06
N ARG E 266 -24.78 27.21 -24.05
CA ARG E 266 -23.45 26.76 -24.48
C ARG E 266 -22.68 27.85 -25.23
N LYS E 267 -21.37 27.97 -24.97
CA LYS E 267 -20.45 28.97 -25.55
C LYS E 267 -19.06 28.36 -25.77
N SER E 268 -18.26 28.93 -26.66
CA SER E 268 -16.94 28.43 -27.04
C SER E 268 -15.88 29.51 -27.21
N VAL E 269 -14.61 29.14 -27.03
CA VAL E 269 -13.43 29.95 -27.35
C VAL E 269 -12.40 29.04 -27.98
N ARG E 270 -11.69 29.51 -29.01
CA ARG E 270 -10.67 28.73 -29.71
C ARG E 270 -9.33 28.92 -29.01
N ILE E 271 -9.11 28.12 -27.97
CA ILE E 271 -8.00 28.23 -27.03
C ILE E 271 -6.68 27.78 -27.66
N GLY E 272 -6.05 28.69 -28.40
CA GLY E 272 -4.91 28.40 -29.27
C GLY E 272 -5.33 27.85 -30.63
N PRO E 273 -4.38 27.35 -31.43
CA PRO E 273 -4.71 26.59 -32.64
C PRO E 273 -5.21 25.18 -32.27
N GLY E 274 -5.75 24.46 -33.26
CA GLY E 274 -5.91 23.01 -33.24
C GLY E 274 -6.60 22.39 -32.02
N GLN E 275 -7.69 22.97 -31.56
CA GLN E 275 -8.56 22.44 -30.51
C GLN E 275 -9.98 23.00 -30.69
N THR E 276 -10.93 22.60 -29.86
CA THR E 276 -12.18 23.36 -29.62
C THR E 276 -12.67 23.12 -28.20
N PHE E 277 -13.35 24.07 -27.60
CA PHE E 277 -13.67 24.08 -26.17
C PHE E 277 -15.08 24.59 -25.86
N TYR E 278 -15.59 24.27 -24.68
CA TYR E 278 -16.92 24.68 -24.22
C TYR E 278 -16.96 25.14 -22.76
N ALA E 279 -17.80 26.14 -22.50
CA ALA E 279 -18.05 26.64 -21.17
C ALA E 279 -19.43 27.28 -21.08
N THR E 280 -19.92 27.45 -19.86
CA THR E 280 -21.23 28.04 -19.64
C THR E 280 -21.18 29.51 -20.00
N GLY E 281 -21.99 29.88 -20.98
CA GLY E 281 -22.28 31.25 -21.33
C GLY E 281 -23.46 31.79 -20.53
N ASP E 282 -24.40 32.40 -21.22
CA ASP E 282 -25.55 33.06 -20.60
C ASP E 282 -26.54 32.11 -19.92
N ILE E 283 -27.36 32.65 -19.01
CA ILE E 283 -28.51 32.00 -18.41
C ILE E 283 -29.78 32.74 -18.83
N ILE E 284 -30.78 32.04 -19.37
CA ILE E 284 -32.14 32.60 -19.48
C ILE E 284 -32.82 32.47 -18.13
N GLY E 285 -33.31 33.57 -17.57
CA GLY E 285 -33.53 33.67 -16.12
C GLY E 285 -34.87 33.15 -15.61
N ASP E 286 -34.84 32.15 -14.74
CA ASP E 286 -35.90 31.75 -13.81
C ASP E 286 -35.26 30.94 -12.67
N ILE E 287 -34.09 31.38 -12.24
CA ILE E 287 -33.08 30.52 -11.64
C ILE E 287 -33.51 29.87 -10.32
N LYS E 288 -33.32 28.57 -10.20
CA LYS E 288 -33.54 27.74 -9.02
C LYS E 288 -32.28 27.01 -8.57
N GLN E 289 -32.26 26.61 -7.32
CA GLN E 289 -31.27 25.67 -6.81
C GLN E 289 -31.41 24.30 -7.52
N ALA E 290 -30.29 23.70 -7.95
CA ALA E 290 -30.34 22.38 -8.55
C ALA E 290 -30.76 21.32 -7.52
N HIS E 291 -31.63 20.39 -7.90
CA HIS E 291 -32.35 19.59 -6.92
C HIS E 291 -32.87 18.26 -7.47
N CYS E 292 -33.22 17.40 -6.51
CA CYS E 292 -33.82 16.10 -6.73
C CYS E 292 -34.97 15.82 -5.76
N ASN E 293 -35.85 14.90 -6.11
CA ASN E 293 -37.10 14.61 -5.41
C ASN E 293 -37.41 13.11 -5.25
N ILE E 294 -37.95 12.76 -4.08
CA ILE E 294 -38.43 11.43 -3.72
C ILE E 294 -39.70 11.56 -2.85
N SER E 295 -40.71 10.74 -3.09
CA SER E 295 -41.95 10.70 -2.31
C SER E 295 -41.75 10.08 -0.91
N GLU E 296 -42.10 10.82 0.14
CA GLU E 296 -41.94 10.36 1.55
C GLU E 296 -42.58 8.99 1.78
N GLU E 297 -43.81 8.83 1.29
CA GLU E 297 -44.61 7.62 1.42
C GLU E 297 -43.79 6.37 1.16
N LYS E 298 -43.27 6.27 -0.07
CA LYS E 298 -42.49 5.11 -0.50
C LYS E 298 -41.24 4.97 0.34
N TRP E 299 -40.51 6.07 0.48
CA TRP E 299 -39.19 6.06 1.11
C TRP E 299 -39.25 5.58 2.55
N ASN E 300 -40.13 6.18 3.35
CA ASN E 300 -40.35 5.81 4.74
C ASN E 300 -40.79 4.35 4.84
N ASP E 301 -41.81 3.96 4.09
CA ASP E 301 -42.35 2.60 4.12
C ASP E 301 -41.33 1.56 3.63
N THR E 302 -40.27 1.99 2.95
CA THR E 302 -39.14 1.13 2.62
C THR E 302 -38.21 1.00 3.81
N LEU E 303 -37.76 2.14 4.34
CA LEU E 303 -36.88 2.16 5.50
C LEU E 303 -37.44 1.39 6.69
N GLN E 304 -38.76 1.39 6.85
CA GLN E 304 -39.49 0.53 7.76
C GLN E 304 -39.07 -0.93 7.62
N LYS E 305 -39.31 -1.51 6.46
CA LYS E 305 -39.03 -2.93 6.18
C LYS E 305 -37.54 -3.22 6.37
N VAL E 306 -36.67 -2.31 5.92
CA VAL E 306 -35.23 -2.45 6.10
C VAL E 306 -34.87 -2.48 7.58
N GLY E 307 -35.48 -1.62 8.38
CA GLY E 307 -35.27 -1.60 9.82
C GLY E 307 -35.69 -2.92 10.46
N ILE E 308 -36.80 -3.48 10.01
CA ILE E 308 -37.30 -4.75 10.51
C ILE E 308 -36.32 -5.88 10.19
N GLU E 309 -35.75 -5.90 8.98
CA GLU E 309 -34.74 -6.89 8.63
C GLU E 309 -33.46 -6.73 9.43
N LEU E 310 -33.01 -5.49 9.64
CA LEU E 310 -31.90 -5.22 10.55
C LEU E 310 -32.20 -5.75 11.95
N GLN E 311 -33.42 -5.57 12.45
CA GLN E 311 -33.79 -6.12 13.76
C GLN E 311 -33.69 -7.64 13.82
N LYS E 312 -33.91 -8.34 12.70
CA LYS E 312 -33.68 -9.78 12.61
C LYS E 312 -32.22 -10.21 12.62
N HIS E 313 -31.29 -9.25 12.72
CA HIS E 313 -29.89 -9.47 13.12
C HIS E 313 -29.48 -8.64 14.35
N PHE E 314 -30.41 -7.86 14.90
CA PHE E 314 -30.22 -6.95 16.02
C PHE E 314 -31.49 -6.96 16.88
N PRO E 315 -31.63 -7.95 17.78
CA PRO E 315 -32.92 -8.31 18.36
C PRO E 315 -33.47 -7.23 19.30
N ASN E 316 -34.78 -7.00 19.20
CA ASN E 316 -35.62 -6.05 19.95
C ASN E 316 -35.27 -4.56 19.79
N LYS E 317 -33.99 -4.23 19.87
CA LYS E 317 -33.45 -2.88 19.94
C LYS E 317 -33.88 -1.99 18.78
N THR E 318 -34.11 -0.73 19.11
CA THR E 318 -34.49 0.35 18.20
C THR E 318 -33.36 0.67 17.23
N ILE E 319 -33.70 0.91 15.96
CA ILE E 319 -32.76 1.16 14.87
C ILE E 319 -33.17 2.43 14.15
N LYS E 320 -32.22 3.32 13.86
CA LYS E 320 -32.48 4.63 13.27
C LYS E 320 -31.53 5.01 12.14
N TYR E 321 -31.97 5.93 11.30
CA TYR E 321 -31.16 6.49 10.23
C TYR E 321 -30.85 7.96 10.47
N ASN E 322 -29.62 8.37 10.16
CA ASN E 322 -29.01 9.63 10.55
C ASN E 322 -28.15 10.20 9.41
N GLN E 323 -27.87 11.51 9.42
CA GLN E 323 -27.05 12.21 8.43
C GLN E 323 -25.67 11.59 8.27
N SER E 324 -25.01 11.89 7.17
CA SER E 324 -23.61 11.50 6.91
C SER E 324 -22.69 11.92 8.05
N ALA E 325 -21.64 11.14 8.27
CA ALA E 325 -20.59 11.45 9.23
C ALA E 325 -19.75 12.70 8.88
N GLY E 326 -19.96 13.29 7.70
CA GLY E 326 -19.35 14.57 7.33
C GLY E 326 -18.00 14.47 6.63
N GLY E 327 -17.35 15.62 6.42
CA GLY E 327 -16.14 15.78 5.62
C GLY E 327 -16.42 16.34 4.23
N ASP E 328 -15.71 15.83 3.23
CA ASP E 328 -15.80 16.29 1.84
C ASP E 328 -17.21 16.05 1.27
N MET E 329 -17.75 16.99 0.48
CA MET E 329 -18.98 16.73 -0.27
C MET E 329 -18.85 15.56 -1.26
N GLU E 330 -17.62 15.20 -1.65
CA GLU E 330 -17.29 13.94 -2.34
C GLU E 330 -17.65 12.68 -1.56
N ILE E 331 -17.96 12.81 -0.27
CA ILE E 331 -18.37 11.73 0.59
C ILE E 331 -19.79 11.98 1.07
N THR E 332 -20.11 13.19 1.50
CA THR E 332 -21.43 13.47 2.08
C THR E 332 -22.57 13.49 1.08
N THR E 333 -22.35 13.76 -0.20
CA THR E 333 -23.46 13.75 -1.16
C THR E 333 -23.68 12.39 -1.78
N HIS E 334 -24.92 12.14 -2.17
CA HIS E 334 -25.21 11.23 -3.26
C HIS E 334 -24.73 11.99 -4.49
N SER E 335 -23.66 11.51 -5.12
CA SER E 335 -23.15 12.04 -6.38
C SER E 335 -23.38 11.04 -7.49
N PHE E 336 -23.79 11.54 -8.65
CA PHE E 336 -24.21 10.76 -9.79
C PHE E 336 -24.11 11.61 -11.05
N ASN E 337 -24.21 10.98 -12.21
CA ASN E 337 -24.18 11.68 -13.49
C ASN E 337 -25.34 11.23 -14.39
N CYS E 338 -25.96 12.16 -15.09
CA CYS E 338 -26.89 11.87 -16.17
C CYS E 338 -26.70 12.83 -17.34
N GLY E 339 -26.86 12.31 -18.56
CA GLY E 339 -26.60 13.07 -19.79
C GLY E 339 -25.17 13.62 -19.92
N GLY E 340 -24.26 13.21 -19.04
CA GLY E 340 -22.91 13.77 -18.92
C GLY E 340 -22.79 14.86 -17.87
N GLU E 341 -23.87 15.52 -17.47
CA GLU E 341 -23.83 16.55 -16.44
C GLU E 341 -23.65 15.93 -15.06
N PHE E 342 -22.71 16.46 -14.26
CA PHE E 342 -22.49 15.99 -12.90
C PHE E 342 -23.45 16.62 -11.88
N PHE E 343 -23.71 15.87 -10.80
CA PHE E 343 -24.54 16.26 -9.69
C PHE E 343 -23.99 15.78 -8.35
N TYR E 344 -24.26 16.55 -7.31
CA TYR E 344 -23.77 16.40 -5.94
C TYR E 344 -24.89 16.76 -4.98
N CYS E 345 -25.75 15.80 -4.67
CA CYS E 345 -26.95 16.02 -3.90
C CYS E 345 -26.80 15.61 -2.45
N ASN E 346 -27.20 16.52 -1.57
CA ASN E 346 -27.20 16.36 -0.14
C ASN E 346 -28.20 15.30 0.33
N THR E 347 -27.79 14.45 1.27
CA THR E 347 -28.67 13.46 1.90
C THR E 347 -29.03 13.78 3.35
N SER E 348 -28.54 14.87 3.94
CA SER E 348 -28.83 15.20 5.35
C SER E 348 -30.32 15.45 5.62
N ASN E 349 -31.09 15.85 4.61
CA ASN E 349 -32.53 15.96 4.75
C ASN E 349 -33.24 14.60 4.78
N LEU E 350 -32.63 13.55 4.25
CA LEU E 350 -33.28 12.27 3.98
C LEU E 350 -33.27 11.30 5.17
N PHE E 351 -32.10 11.13 5.79
CA PHE E 351 -31.83 10.09 6.78
C PHE E 351 -32.09 10.57 8.21
N ASN E 352 -33.34 10.50 8.65
CA ASN E 352 -33.78 11.10 9.91
C ASN E 352 -35.02 10.45 10.48
N GLY E 353 -35.25 10.67 11.77
CA GLY E 353 -36.60 10.67 12.34
C GLY E 353 -37.19 9.31 12.66
N THR E 354 -36.36 8.34 13.01
CA THR E 354 -36.75 6.93 12.95
C THR E 354 -37.16 6.42 14.31
N TYR E 355 -38.40 5.96 14.40
CA TYR E 355 -38.88 5.16 15.52
C TYR E 355 -38.27 3.74 15.43
N ASN E 356 -38.66 2.80 16.28
CA ASN E 356 -38.18 1.42 16.16
C ASN E 356 -38.72 0.79 14.88
N GLY E 357 -37.91 0.09 14.08
CA GLY E 357 -38.36 -0.47 12.79
C GLY E 357 -39.68 -1.25 12.88
N THR E 358 -39.81 -2.08 13.89
CA THR E 358 -41.04 -2.83 14.20
C THR E 358 -42.19 -1.90 14.53
N TYR E 359 -41.99 -0.86 15.33
CA TYR E 359 -43.02 0.13 15.57
C TYR E 359 -43.39 0.92 14.31
N ILE E 360 -42.50 1.12 13.33
CA ILE E 360 -42.78 1.89 12.10
C ILE E 360 -43.83 1.18 11.21
N SER E 361 -44.10 -0.11 11.45
CA SER E 361 -45.34 -0.76 10.98
C SER E 361 -46.63 -0.01 11.35
N THR E 362 -46.59 0.92 12.31
CA THR E 362 -47.68 1.85 12.62
C THR E 362 -48.01 2.80 11.47
N ASN E 363 -47.01 3.22 10.68
CA ASN E 363 -47.23 4.00 9.47
C ASN E 363 -47.84 3.09 8.39
N SER E 364 -47.00 2.47 7.56
CA SER E 364 -47.28 1.34 6.66
C SER E 364 -48.40 1.47 5.61
N SER E 365 -49.22 2.53 5.64
CA SER E 365 -50.27 2.88 4.67
C SER E 365 -50.76 4.31 4.89
N ALA E 366 -50.98 5.06 3.81
CA ALA E 366 -51.59 6.40 3.82
C ALA E 366 -52.11 6.80 2.42
N ASN E 367 -52.93 7.85 2.34
CA ASN E 367 -53.13 8.60 1.08
C ASN E 367 -51.83 9.32 0.66
N SER E 368 -51.63 9.54 -0.64
CA SER E 368 -50.34 9.99 -1.17
C SER E 368 -50.01 11.47 -0.87
N THR E 369 -48.73 11.84 -1.00
CA THR E 369 -48.13 13.08 -0.47
C THR E 369 -47.04 13.64 -1.38
N SER E 370 -46.58 14.86 -1.10
CA SER E 370 -45.52 15.55 -1.83
C SER E 370 -44.15 14.91 -1.61
N THR E 371 -43.17 15.31 -2.41
CA THR E 371 -41.79 14.82 -2.26
C THR E 371 -41.01 15.57 -1.17
N ILE E 372 -40.09 14.86 -0.53
CA ILE E 372 -38.92 15.49 0.07
C ILE E 372 -38.11 16.08 -1.10
N THR E 373 -37.32 17.12 -0.87
CA THR E 373 -36.36 17.59 -1.87
C THR E 373 -34.94 17.55 -1.33
N LEU E 374 -34.00 17.08 -2.14
CA LEU E 374 -32.58 17.03 -1.84
C LEU E 374 -31.86 18.13 -2.60
N GLN E 375 -31.01 18.87 -1.90
CA GLN E 375 -30.32 20.04 -2.43
C GLN E 375 -29.04 19.63 -3.17
N CYS E 376 -28.79 20.14 -4.38
CA CYS E 376 -27.68 19.66 -5.19
C CYS E 376 -26.72 20.77 -5.62
N ARG E 377 -25.45 20.55 -5.35
CA ARG E 377 -24.34 21.34 -5.86
C ARG E 377 -24.02 20.91 -7.28
N ILE E 378 -23.19 21.69 -7.95
CA ILE E 378 -22.67 21.40 -9.28
C ILE E 378 -21.17 21.66 -9.28
N LYS E 379 -20.42 20.84 -9.99
CA LYS E 379 -19.00 21.05 -10.28
C LYS E 379 -18.62 20.45 -11.61
N GLN E 380 -17.55 20.92 -12.23
CA GLN E 380 -17.18 20.56 -13.60
C GLN E 380 -15.70 20.22 -13.74
N ILE E 381 -14.89 20.40 -12.71
CA ILE E 381 -13.65 19.65 -12.51
C ILE E 381 -13.98 18.46 -11.62
N ILE E 382 -13.52 17.28 -12.01
CA ILE E 382 -13.85 16.02 -11.33
C ILE E 382 -12.59 15.17 -11.17
N ASN E 383 -12.57 14.36 -10.12
CA ASN E 383 -11.55 13.36 -9.82
C ASN E 383 -12.26 12.01 -9.66
N MET E 384 -12.47 11.35 -10.79
CA MET E 384 -13.58 10.42 -10.99
C MET E 384 -13.72 9.33 -9.92
N TRP E 385 -12.69 8.53 -9.72
CA TRP E 385 -12.78 7.27 -8.98
C TRP E 385 -12.48 7.51 -7.50
N GLN E 386 -13.37 8.26 -6.86
CA GLN E 386 -13.26 8.65 -5.46
C GLN E 386 -11.90 9.32 -5.17
N GLY E 387 -11.48 10.19 -6.08
CA GLY E 387 -10.20 10.87 -6.04
C GLY E 387 -9.08 10.30 -6.93
N VAL E 388 -9.22 9.08 -7.49
CA VAL E 388 -8.24 8.55 -8.47
C VAL E 388 -8.74 8.63 -9.91
N GLY E 389 -7.85 8.35 -10.85
CA GLY E 389 -8.01 8.68 -12.27
C GLY E 389 -7.51 10.07 -12.63
N ARG E 390 -7.55 10.41 -13.92
CA ARG E 390 -7.19 11.73 -14.43
C ARG E 390 -8.04 12.85 -13.82
N CYS E 391 -7.55 14.08 -13.90
CA CYS E 391 -8.41 15.25 -13.76
C CYS E 391 -9.26 15.48 -15.01
N MET E 392 -10.58 15.60 -14.84
CA MET E 392 -11.50 15.55 -15.96
C MET E 392 -12.47 16.72 -15.96
N TYR E 393 -12.72 17.32 -17.13
CA TYR E 393 -13.57 18.51 -17.27
C TYR E 393 -14.85 18.23 -18.05
N ALA E 394 -15.98 18.53 -17.42
CA ALA E 394 -17.29 18.25 -17.97
C ALA E 394 -17.86 19.47 -18.71
N PRO E 395 -18.14 19.38 -20.01
CA PRO E 395 -18.75 20.46 -20.74
C PRO E 395 -20.22 20.60 -20.35
N PRO E 396 -20.73 21.81 -20.29
CA PRO E 396 -22.15 22.01 -20.03
C PRO E 396 -22.98 21.58 -21.23
N ILE E 397 -24.06 20.86 -20.96
CA ILE E 397 -25.07 20.49 -21.95
C ILE E 397 -26.07 21.63 -22.11
N ALA E 398 -26.66 21.73 -23.29
CA ALA E 398 -27.69 22.69 -23.64
C ALA E 398 -28.91 22.67 -22.70
N GLY E 399 -29.13 23.75 -21.95
CA GLY E 399 -30.40 24.08 -21.32
C GLY E 399 -30.97 23.04 -20.35
N ASN E 400 -32.22 22.66 -20.58
CA ASN E 400 -32.98 21.68 -19.82
C ASN E 400 -32.25 20.34 -19.68
N ILE E 401 -31.88 19.97 -18.46
CA ILE E 401 -31.53 18.59 -18.13
C ILE E 401 -32.62 18.07 -17.24
N THR E 402 -33.25 16.98 -17.62
CA THR E 402 -34.20 16.27 -16.78
C THR E 402 -33.88 14.79 -16.89
N CYS E 403 -33.78 14.09 -15.77
CA CYS E 403 -33.49 12.67 -15.80
C CYS E 403 -33.91 12.00 -14.49
N ARG E 404 -33.99 10.68 -14.55
CA ARG E 404 -34.81 9.84 -13.70
C ARG E 404 -34.09 8.55 -13.43
N SER E 405 -34.36 7.89 -12.32
CA SER E 405 -33.73 6.62 -11.96
C SER E 405 -34.53 5.86 -10.92
N ASN E 406 -34.15 4.60 -10.73
CA ASN E 406 -34.69 3.72 -9.72
C ASN E 406 -33.64 3.48 -8.65
N ILE E 407 -33.96 3.84 -7.42
CA ILE E 407 -33.23 3.42 -6.23
C ILE E 407 -33.50 1.94 -6.04
N THR E 408 -32.44 1.17 -5.88
CA THR E 408 -32.60 -0.23 -5.51
C THR E 408 -31.62 -0.71 -4.48
N GLY E 409 -30.73 0.13 -3.94
CA GLY E 409 -29.98 -0.26 -2.75
C GLY E 409 -29.03 0.78 -2.16
N LEU E 410 -28.63 0.55 -0.93
CA LEU E 410 -28.05 1.54 -0.03
C LEU E 410 -26.69 1.04 0.46
N LEU E 411 -25.76 1.95 0.72
CA LEU E 411 -24.53 1.66 1.46
C LEU E 411 -24.62 2.24 2.88
N LEU E 412 -24.54 1.41 3.91
CA LEU E 412 -24.72 1.81 5.31
C LEU E 412 -23.60 1.32 6.22
N THR E 413 -23.42 2.00 7.36
CA THR E 413 -22.73 1.45 8.56
C THR E 413 -23.54 1.79 9.80
N ARG E 414 -23.50 0.92 10.81
CA ARG E 414 -23.96 1.27 12.16
C ARG E 414 -22.89 2.13 12.84
N ASP E 415 -23.30 3.13 13.61
CA ASP E 415 -22.42 4.12 14.22
C ASP E 415 -21.62 3.53 15.38
N GLY E 416 -20.66 4.30 15.91
CA GLY E 416 -19.82 3.90 17.04
C GLY E 416 -20.63 3.56 18.30
N GLY E 417 -20.10 2.66 19.14
CA GLY E 417 -20.80 2.13 20.30
C GLY E 417 -20.86 3.09 21.50
N THR E 418 -21.99 3.79 21.65
CA THR E 418 -22.41 4.42 22.92
C THR E 418 -22.88 3.37 23.92
N ASN E 419 -23.60 3.75 24.98
CA ASN E 419 -24.32 2.79 25.84
C ASN E 419 -25.14 1.76 25.04
N SER E 420 -25.67 2.17 23.88
CA SER E 420 -26.38 1.32 22.92
C SER E 420 -27.55 0.52 23.53
N ASN E 421 -28.03 0.90 24.71
CA ASN E 421 -29.02 0.12 25.45
C ASN E 421 -30.35 0.19 24.71
N GLU E 422 -30.87 -0.97 24.27
CA GLU E 422 -32.04 -1.08 23.39
C GLU E 422 -31.95 -0.22 22.12
N THR E 423 -30.76 0.19 21.67
CA THR E 423 -30.60 1.20 20.62
C THR E 423 -29.40 0.97 19.71
N GLU E 424 -29.57 1.30 18.44
CA GLU E 424 -28.53 1.40 17.42
C GLU E 424 -28.92 2.46 16.37
N THR E 425 -27.96 3.10 15.71
CA THR E 425 -28.24 4.14 14.70
C THR E 425 -27.21 4.08 13.59
N PHE E 426 -27.59 4.45 12.36
CA PHE E 426 -26.85 4.18 11.14
C PHE E 426 -26.76 5.41 10.24
N ARG E 427 -25.79 5.41 9.34
CA ARG E 427 -25.51 6.51 8.40
C ARG E 427 -25.15 5.98 7.02
N PRO E 428 -25.37 6.75 5.93
CA PRO E 428 -24.83 6.39 4.63
C PRO E 428 -23.32 6.32 4.68
N ALA E 429 -22.73 5.27 4.13
CA ALA E 429 -21.29 5.05 4.15
C ALA E 429 -20.51 5.90 3.12
N GLY E 430 -19.18 5.81 3.12
CA GLY E 430 -18.36 6.41 2.05
C GLY E 430 -18.37 5.59 0.76
N GLY E 431 -18.46 4.26 0.88
CA GLY E 431 -18.60 3.31 -0.21
C GLY E 431 -17.38 3.13 -1.11
N ASP E 432 -17.46 2.13 -1.99
CA ASP E 432 -16.57 1.87 -3.13
C ASP E 432 -17.43 1.30 -4.26
N MET E 433 -17.27 1.75 -5.51
CA MET E 433 -17.99 1.14 -6.61
C MET E 433 -17.66 -0.34 -6.80
N ARG E 434 -16.58 -0.88 -6.21
CA ARG E 434 -16.42 -2.32 -5.98
C ARG E 434 -17.66 -2.94 -5.36
N ASP E 435 -18.21 -2.27 -4.37
CA ASP E 435 -19.36 -2.75 -3.66
C ASP E 435 -20.63 -2.53 -4.43
N ASN E 436 -20.69 -1.48 -5.26
CA ASN E 436 -21.74 -1.37 -6.26
C ASN E 436 -21.65 -2.57 -7.21
N TRP E 437 -20.46 -2.97 -7.64
CA TRP E 437 -20.30 -4.20 -8.41
C TRP E 437 -20.69 -5.41 -7.57
N ARG E 438 -20.30 -5.52 -6.30
CA ARG E 438 -20.71 -6.65 -5.45
C ARG E 438 -22.20 -6.77 -5.37
N SER E 439 -22.91 -5.65 -5.30
CA SER E 439 -24.36 -5.63 -5.23
C SER E 439 -25.01 -6.37 -6.40
N GLU E 440 -24.32 -6.45 -7.53
CA GLU E 440 -24.72 -7.28 -8.65
C GLU E 440 -24.04 -8.64 -8.64
N LEU E 441 -22.72 -8.68 -8.54
CA LEU E 441 -21.94 -9.87 -8.83
C LEU E 441 -21.98 -10.95 -7.74
N TYR E 442 -22.60 -10.68 -6.59
CA TYR E 442 -22.64 -11.63 -5.49
C TYR E 442 -23.04 -13.03 -5.93
N LYS E 443 -23.99 -13.16 -6.86
CA LYS E 443 -24.52 -14.43 -7.35
C LYS E 443 -23.79 -15.01 -8.58
N TYR E 444 -22.47 -14.80 -8.64
CA TYR E 444 -21.60 -15.42 -9.64
C TYR E 444 -20.26 -15.86 -9.06
N LYS E 445 -19.61 -16.81 -9.73
CA LYS E 445 -18.21 -17.23 -9.55
C LYS E 445 -17.68 -17.89 -10.82
N VAL E 446 -16.37 -17.97 -10.98
CA VAL E 446 -15.68 -18.48 -12.16
C VAL E 446 -14.72 -19.60 -11.78
N VAL E 447 -14.66 -20.65 -12.60
CA VAL E 447 -13.91 -21.88 -12.31
C VAL E 447 -13.29 -22.44 -13.58
N LYS E 448 -12.26 -23.26 -13.44
CA LYS E 448 -11.57 -23.93 -14.56
C LYS E 448 -11.80 -25.43 -14.52
N ILE E 449 -11.94 -26.03 -15.69
CA ILE E 449 -12.26 -27.44 -15.85
C ILE E 449 -10.97 -28.23 -16.08
N GLU E 450 -10.82 -29.38 -15.44
CA GLU E 450 -9.60 -30.22 -15.52
C GLU E 450 -9.99 -31.59 -16.08
N PRO E 451 -10.23 -31.69 -17.38
CA PRO E 451 -11.07 -32.72 -17.98
C PRO E 451 -10.59 -34.17 -17.89
N LEU E 452 -9.43 -34.46 -17.29
CA LEU E 452 -9.01 -35.83 -17.04
C LEU E 452 -9.52 -36.37 -15.70
N GLY E 453 -9.75 -37.67 -15.65
CA GLY E 453 -10.03 -38.39 -14.41
C GLY E 453 -9.66 -39.86 -14.54
N VAL E 454 -8.66 -40.30 -13.81
CA VAL E 454 -8.30 -41.71 -13.75
C VAL E 454 -9.31 -42.48 -12.91
N ALA E 455 -9.54 -43.75 -13.24
CA ALA E 455 -10.53 -44.55 -12.54
C ALA E 455 -10.30 -46.07 -12.63
N PRO E 456 -10.93 -46.84 -11.73
CA PRO E 456 -11.07 -48.27 -11.85
C PRO E 456 -12.21 -48.69 -12.76
N THR E 457 -12.01 -49.80 -13.46
CA THR E 457 -13.05 -50.70 -13.99
C THR E 457 -12.50 -52.10 -14.20
N ARG E 458 -13.34 -53.14 -14.27
CA ARG E 458 -12.94 -54.46 -14.77
C ARG E 458 -12.88 -54.49 -16.30
N CYS E 459 -12.31 -53.46 -16.93
CA CYS E 459 -11.80 -53.68 -18.27
C CYS E 459 -10.77 -54.81 -18.19
N LYS E 460 -10.89 -55.83 -19.03
CA LYS E 460 -9.91 -56.91 -19.13
C LYS E 460 -8.67 -56.51 -19.92
N ARG E 461 -8.23 -55.29 -19.64
CA ARG E 461 -7.01 -54.64 -20.13
C ARG E 461 -6.98 -54.46 -21.65
N ARG E 462 -5.85 -53.98 -22.18
CA ARG E 462 -5.49 -53.95 -23.59
C ARG E 462 -4.14 -54.63 -23.82
N VAL E 463 -4.11 -55.94 -23.59
CA VAL E 463 -2.95 -56.81 -23.85
C VAL E 463 -2.55 -56.73 -25.33
N VAL E 464 -1.36 -57.18 -25.73
CA VAL E 464 -0.95 -57.18 -27.15
C VAL E 464 -1.97 -57.90 -28.02
N GLY E 465 -2.34 -57.27 -29.14
CA GLY E 465 -3.42 -57.74 -30.02
C GLY E 465 -4.85 -57.42 -29.55
N ARG E 466 -5.05 -56.85 -28.35
CA ARG E 466 -6.36 -56.43 -27.80
C ARG E 466 -6.57 -54.92 -27.93
N PHE F 1 -27.14 -30.09 -28.35
CA PHE F 1 -26.48 -29.70 -27.08
C PHE F 1 -27.20 -30.30 -25.87
N LEU F 2 -26.69 -31.40 -25.31
CA LEU F 2 -27.27 -32.10 -24.14
C LEU F 2 -26.97 -31.41 -22.79
N GLY F 3 -26.41 -30.19 -22.82
CA GLY F 3 -26.00 -29.46 -21.63
C GLY F 3 -24.53 -29.70 -21.29
N PHE F 4 -23.69 -28.72 -21.56
CA PHE F 4 -22.33 -28.66 -21.04
C PHE F 4 -22.35 -28.69 -19.50
N LEU F 5 -21.56 -29.55 -18.87
CA LEU F 5 -21.62 -29.86 -17.43
C LEU F 5 -22.95 -30.48 -16.96
N GLY F 6 -23.88 -30.78 -17.87
CA GLY F 6 -25.28 -31.14 -17.63
C GLY F 6 -25.55 -32.50 -16.98
N ALA F 7 -24.51 -33.22 -16.58
CA ALA F 7 -24.62 -34.44 -15.80
C ALA F 7 -23.63 -34.49 -14.62
N ALA F 8 -22.98 -33.37 -14.30
CA ALA F 8 -21.88 -33.38 -13.35
C ALA F 8 -22.30 -33.98 -12.01
N GLY F 9 -23.42 -33.56 -11.45
CA GLY F 9 -23.85 -34.01 -10.12
C GLY F 9 -24.39 -35.43 -10.06
N SER F 10 -24.48 -36.12 -11.19
CA SER F 10 -25.09 -37.44 -11.28
C SER F 10 -24.11 -38.57 -10.92
N THR F 11 -24.41 -39.81 -11.33
CA THR F 11 -23.48 -40.93 -11.23
C THR F 11 -22.35 -40.83 -12.24
N MET F 12 -21.20 -41.44 -11.93
CA MET F 12 -20.12 -41.67 -12.91
C MET F 12 -20.69 -42.30 -14.17
N GLY F 13 -21.54 -43.31 -13.97
CA GLY F 13 -22.24 -43.99 -15.05
C GLY F 13 -22.89 -42.97 -15.97
N ALA F 14 -23.74 -42.10 -15.44
CA ALA F 14 -24.38 -41.05 -16.21
C ALA F 14 -23.33 -40.18 -16.94
N ALA F 15 -22.35 -39.64 -16.23
CA ALA F 15 -21.37 -38.75 -16.83
C ALA F 15 -20.63 -39.39 -18.00
N SER F 16 -20.33 -40.68 -17.92
CA SER F 16 -19.60 -41.40 -18.96
C SER F 16 -20.29 -41.38 -20.32
N MET F 17 -21.58 -41.13 -20.37
CA MET F 17 -22.33 -41.08 -21.63
C MET F 17 -22.25 -39.73 -22.33
N THR F 18 -21.59 -38.75 -21.72
CA THR F 18 -21.68 -37.32 -22.11
C THR F 18 -20.37 -36.71 -22.60
N LEU F 19 -19.29 -37.50 -22.66
CA LEU F 19 -17.93 -36.98 -22.59
C LEU F 19 -17.61 -36.07 -23.76
N THR F 20 -18.01 -36.47 -24.96
CA THR F 20 -17.87 -35.65 -26.17
C THR F 20 -18.48 -34.26 -26.02
N VAL F 21 -19.63 -34.15 -25.37
CA VAL F 21 -20.39 -32.89 -25.27
C VAL F 21 -19.54 -31.84 -24.58
N GLN F 22 -18.92 -32.23 -23.47
CA GLN F 22 -17.97 -31.39 -22.78
C GLN F 22 -16.66 -31.24 -23.55
N ALA F 23 -16.12 -32.32 -24.14
CA ALA F 23 -14.83 -32.27 -24.81
C ALA F 23 -14.79 -31.24 -25.93
N ARG F 24 -15.85 -31.13 -26.70
CA ARG F 24 -15.97 -30.13 -27.77
C ARG F 24 -16.01 -28.70 -27.26
N ASN F 25 -16.65 -28.47 -26.12
CA ASN F 25 -16.71 -27.14 -25.49
C ASN F 25 -15.35 -26.66 -24.97
N LEU F 26 -14.36 -27.54 -24.79
CA LEU F 26 -13.05 -27.13 -24.25
C LEU F 26 -12.32 -26.12 -25.12
N LEU F 27 -12.65 -26.08 -26.42
CA LEU F 27 -11.77 -25.51 -27.44
C LEU F 27 -12.58 -24.83 -28.53
N SER F 28 -12.96 -23.58 -28.31
CA SER F 28 -13.75 -22.80 -29.28
C SER F 28 -13.78 -21.30 -28.94
N GLY F 29 -14.35 -20.48 -29.82
CA GLY F 29 -14.72 -19.09 -29.57
C GLY F 29 -15.67 -18.50 -30.62
N LEU F 50 -5.96 2.25 -31.92
CA LEU F 50 -6.70 2.97 -30.90
C LEU F 50 -6.77 2.23 -29.56
N THR F 51 -6.53 0.92 -29.56
CA THR F 51 -6.64 0.05 -28.38
C THR F 51 -5.84 -1.23 -28.53
N VAL F 52 -5.56 -1.92 -27.42
CA VAL F 52 -4.79 -3.18 -27.36
C VAL F 52 -5.47 -4.28 -26.53
N TRP F 53 -6.78 -4.17 -26.30
CA TRP F 53 -7.60 -5.25 -25.71
C TRP F 53 -7.45 -6.57 -26.47
N GLY F 54 -7.16 -6.50 -27.77
CA GLY F 54 -6.73 -7.63 -28.57
C GLY F 54 -5.61 -8.47 -27.96
N ILE F 55 -4.63 -7.87 -27.28
CA ILE F 55 -3.60 -8.67 -26.58
C ILE F 55 -4.26 -9.56 -25.55
N LYS F 56 -5.19 -9.01 -24.75
CA LYS F 56 -5.92 -9.75 -23.72
C LYS F 56 -6.65 -10.94 -24.36
N GLN F 57 -7.35 -10.66 -25.44
CA GLN F 57 -8.19 -11.63 -26.14
C GLN F 57 -7.33 -12.73 -26.78
N LEU F 58 -6.22 -12.38 -27.43
CA LEU F 58 -5.26 -13.34 -27.95
C LEU F 58 -4.64 -14.18 -26.84
N GLN F 59 -4.19 -13.55 -25.76
CA GLN F 59 -3.49 -14.24 -24.68
C GLN F 59 -4.37 -15.37 -24.13
N ALA F 60 -5.67 -15.12 -23.96
CA ALA F 60 -6.59 -16.14 -23.51
C ALA F 60 -6.64 -17.35 -24.46
N ARG F 61 -6.72 -17.12 -25.77
CA ARG F 61 -6.86 -18.23 -26.72
C ARG F 61 -5.55 -18.98 -26.85
N VAL F 62 -4.40 -18.31 -26.81
CA VAL F 62 -3.11 -19.00 -26.72
C VAL F 62 -3.03 -19.84 -25.46
N LEU F 63 -3.53 -19.37 -24.33
CA LEU F 63 -3.61 -20.22 -23.13
C LEU F 63 -4.49 -21.45 -23.38
N ALA F 64 -5.69 -21.28 -23.92
CA ALA F 64 -6.61 -22.39 -24.13
C ALA F 64 -6.01 -23.45 -25.06
N VAL F 65 -5.53 -23.01 -26.22
CA VAL F 65 -4.93 -23.89 -27.20
C VAL F 65 -3.70 -24.58 -26.61
N GLU F 66 -2.78 -23.86 -25.96
CA GLU F 66 -1.60 -24.47 -25.36
C GLU F 66 -2.01 -25.56 -24.38
N ARG F 67 -2.95 -25.28 -23.48
CA ARG F 67 -3.41 -26.26 -22.51
C ARG F 67 -3.92 -27.51 -23.20
N TYR F 68 -4.80 -27.35 -24.17
CA TYR F 68 -5.43 -28.49 -24.83
C TYR F 68 -4.37 -29.40 -25.41
N LEU F 69 -3.38 -28.79 -26.02
CA LEU F 69 -2.30 -29.54 -26.60
C LEU F 69 -1.48 -30.26 -25.55
N ARG F 70 -1.33 -29.75 -24.32
CA ARG F 70 -0.64 -30.52 -23.27
C ARG F 70 -1.30 -31.88 -23.10
N ASP F 71 -2.61 -31.89 -22.99
CA ASP F 71 -3.29 -33.11 -22.62
C ASP F 71 -3.41 -34.07 -23.78
N GLN F 72 -3.57 -33.58 -25.01
CA GLN F 72 -3.47 -34.46 -26.17
C GLN F 72 -2.12 -35.18 -26.15
N GLN F 73 -1.02 -34.49 -25.82
CA GLN F 73 0.26 -35.14 -25.70
C GLN F 73 0.24 -36.16 -24.58
N LEU F 74 -0.37 -35.88 -23.43
CA LEU F 74 -0.40 -36.88 -22.37
C LEU F 74 -1.18 -38.13 -22.77
N LEU F 75 -2.25 -38.00 -23.57
CA LEU F 75 -2.89 -39.16 -24.16
C LEU F 75 -1.96 -39.90 -25.12
N GLY F 76 -1.15 -39.18 -25.87
CA GLY F 76 -0.11 -39.78 -26.71
C GLY F 76 0.89 -40.56 -25.86
N ILE F 77 1.31 -39.98 -24.76
CA ILE F 77 2.25 -40.59 -23.84
C ILE F 77 1.67 -41.84 -23.19
N TRP F 78 0.40 -41.86 -22.81
CA TRP F 78 -0.24 -43.08 -22.29
C TRP F 78 -0.79 -43.99 -23.38
N GLY F 79 -0.62 -43.65 -24.64
CA GLY F 79 -1.14 -44.42 -25.75
C GLY F 79 -2.67 -44.50 -25.77
N CYS F 80 -3.35 -43.54 -25.14
CA CYS F 80 -4.79 -43.31 -25.21
C CYS F 80 -5.17 -42.25 -26.26
N SER F 81 -4.34 -42.08 -27.27
CA SER F 81 -4.64 -41.23 -28.43
C SER F 81 -5.92 -41.68 -29.15
N GLY F 82 -6.68 -40.75 -29.72
CA GLY F 82 -7.78 -41.06 -30.64
C GLY F 82 -8.95 -41.85 -30.06
N LYS F 83 -9.11 -41.83 -28.73
CA LYS F 83 -10.25 -42.37 -27.98
C LYS F 83 -10.62 -41.41 -26.85
N LEU F 84 -11.78 -41.60 -26.23
CA LEU F 84 -12.20 -40.82 -25.06
C LEU F 84 -12.55 -41.65 -23.82
N ILE F 85 -12.82 -42.93 -24.00
CA ILE F 85 -12.66 -43.95 -22.95
C ILE F 85 -11.53 -44.86 -23.39
N CYS F 86 -10.56 -45.12 -22.53
CA CYS F 86 -9.37 -45.86 -22.91
C CYS F 86 -8.86 -46.76 -21.80
N CYS F 87 -8.74 -48.05 -22.09
CA CYS F 87 -8.21 -49.05 -21.18
C CYS F 87 -6.67 -49.18 -21.26
N THR F 88 -6.03 -49.78 -20.27
CA THR F 88 -4.57 -49.99 -20.20
C THR F 88 -4.26 -51.42 -19.77
N ASN F 89 -3.19 -51.69 -19.03
CA ASN F 89 -2.90 -52.96 -18.37
C ASN F 89 -2.42 -52.78 -16.91
N VAL F 90 -2.69 -51.63 -16.27
CA VAL F 90 -2.22 -51.35 -14.90
C VAL F 90 -3.28 -51.71 -13.87
N PRO F 91 -2.99 -52.50 -12.84
CA PRO F 91 -3.96 -52.86 -11.82
C PRO F 91 -4.17 -51.73 -10.82
N TRP F 92 -5.31 -51.77 -10.15
CA TRP F 92 -5.63 -50.94 -8.98
C TRP F 92 -4.87 -51.32 -7.71
N ASN F 93 -4.88 -50.42 -6.73
CA ASN F 93 -4.40 -50.65 -5.37
C ASN F 93 -5.46 -50.25 -4.34
N SER F 94 -5.60 -51.00 -3.25
CA SER F 94 -6.55 -50.66 -2.17
C SER F 94 -6.20 -49.32 -1.51
N SER F 95 -4.92 -48.94 -1.48
CA SER F 95 -4.49 -47.62 -0.98
C SER F 95 -5.05 -46.49 -1.82
N TRP F 96 -5.23 -46.71 -3.13
CA TRP F 96 -5.89 -45.77 -4.03
C TRP F 96 -7.36 -45.67 -3.69
N SER F 97 -8.01 -46.81 -3.47
CA SER F 97 -9.35 -46.93 -2.88
C SER F 97 -9.70 -48.38 -2.58
N ASN F 98 -10.29 -48.61 -1.42
CA ASN F 98 -10.97 -49.87 -1.10
C ASN F 98 -12.40 -49.94 -1.65
N ARG F 99 -13.10 -48.79 -1.78
CA ARG F 99 -14.50 -48.73 -2.22
C ARG F 99 -14.67 -49.49 -3.54
N ASN F 100 -15.64 -50.40 -3.60
CA ASN F 100 -15.82 -51.29 -4.75
C ASN F 100 -16.33 -50.55 -5.99
N LEU F 101 -16.49 -51.30 -7.08
CA LEU F 101 -16.92 -50.78 -8.36
C LEU F 101 -18.21 -49.93 -8.25
N SER F 102 -19.25 -50.44 -7.61
CA SER F 102 -20.52 -49.72 -7.43
C SER F 102 -20.42 -48.52 -6.49
N GLU F 103 -19.65 -48.65 -5.41
CA GLU F 103 -19.37 -47.61 -4.42
C GLU F 103 -18.58 -46.42 -5.00
N ILE F 104 -18.08 -46.53 -6.22
CA ILE F 104 -17.76 -45.41 -7.09
C ILE F 104 -18.88 -45.22 -8.12
N TRP F 105 -18.98 -46.13 -9.08
CA TRP F 105 -19.61 -45.88 -10.37
C TRP F 105 -21.10 -45.60 -10.33
N ASP F 106 -21.77 -46.33 -9.47
CA ASP F 106 -23.21 -46.20 -9.24
C ASP F 106 -23.50 -45.21 -8.12
N ASN F 107 -22.51 -44.94 -7.27
CA ASN F 107 -22.70 -44.29 -6.00
C ASN F 107 -22.39 -42.78 -6.00
N MET F 108 -21.53 -42.27 -6.89
CA MET F 108 -21.08 -40.88 -6.79
C MET F 108 -20.84 -40.16 -8.13
N THR F 109 -20.61 -38.87 -8.01
CA THR F 109 -20.17 -37.97 -9.07
C THR F 109 -18.65 -37.94 -9.22
N TRP F 110 -18.17 -37.64 -10.43
CA TRP F 110 -16.77 -37.33 -10.68
C TRP F 110 -16.29 -36.15 -9.85
N LEU F 111 -17.16 -35.17 -9.62
CA LEU F 111 -16.85 -33.99 -8.82
C LEU F 111 -16.40 -34.39 -7.41
N GLN F 112 -16.90 -35.53 -6.92
CA GLN F 112 -16.45 -36.16 -5.69
C GLN F 112 -15.25 -37.07 -5.91
N TRP F 113 -15.32 -37.95 -6.91
CA TRP F 113 -14.29 -38.96 -7.14
C TRP F 113 -12.91 -38.37 -7.33
N ASP F 114 -12.78 -37.20 -7.95
CA ASP F 114 -11.47 -36.57 -8.09
C ASP F 114 -10.89 -36.17 -6.73
N LYS F 115 -11.75 -35.62 -5.86
CA LYS F 115 -11.38 -35.17 -4.52
C LYS F 115 -11.04 -36.36 -3.63
N GLU F 116 -11.67 -37.50 -3.90
CA GLU F 116 -11.27 -38.78 -3.31
C GLU F 116 -9.89 -39.19 -3.86
N ILE F 117 -9.72 -39.34 -5.18
CA ILE F 117 -8.57 -40.05 -5.75
C ILE F 117 -7.28 -39.23 -5.83
N SER F 118 -7.34 -37.94 -5.51
CA SER F 118 -6.27 -36.96 -5.73
C SER F 118 -4.87 -37.39 -5.26
N ASN F 119 -4.77 -38.24 -4.25
CA ASN F 119 -3.51 -38.72 -3.70
C ASN F 119 -2.58 -39.37 -4.72
N TYR F 120 -3.12 -39.95 -5.78
CA TYR F 120 -2.36 -40.75 -6.74
C TYR F 120 -2.26 -40.07 -8.11
N THR F 121 -2.64 -38.80 -8.15
CA THR F 121 -2.20 -37.84 -9.15
C THR F 121 -0.67 -37.84 -9.18
N GLN F 122 -0.06 -37.63 -10.34
CA GLN F 122 1.35 -37.92 -10.62
C GLN F 122 1.70 -39.41 -10.55
N ILE F 123 1.29 -40.09 -9.49
CA ILE F 123 1.67 -41.49 -9.25
C ILE F 123 1.22 -42.35 -10.42
N ILE F 124 -0.08 -42.39 -10.66
CA ILE F 124 -0.65 -43.18 -11.76
C ILE F 124 -0.12 -42.66 -13.09
N TYR F 125 0.12 -41.36 -13.20
CA TYR F 125 0.52 -40.70 -14.44
C TYR F 125 1.89 -41.20 -14.91
N GLY F 126 2.88 -41.15 -14.03
CA GLY F 126 4.23 -41.59 -14.33
C GLY F 126 4.28 -43.11 -14.45
N LEU F 127 3.54 -43.79 -13.57
CA LEU F 127 3.38 -45.23 -13.60
C LEU F 127 2.86 -45.67 -14.98
N LEU F 128 1.90 -44.95 -15.54
CA LEU F 128 1.51 -45.18 -16.91
C LEU F 128 2.66 -44.87 -17.88
N GLU F 129 3.18 -43.64 -17.85
CA GLU F 129 4.07 -43.12 -18.91
C GLU F 129 5.13 -44.13 -19.31
N GLU F 130 5.99 -44.48 -18.36
CA GLU F 130 6.95 -45.53 -18.61
C GLU F 130 6.24 -46.87 -18.47
N SER F 131 5.94 -47.23 -17.23
CA SER F 131 5.81 -48.65 -16.87
C SER F 131 4.59 -49.30 -17.51
N GLN F 132 3.63 -48.49 -17.96
CA GLN F 132 2.65 -48.98 -18.89
C GLN F 132 3.09 -48.72 -20.30
N ASN F 133 2.91 -47.51 -20.82
CA ASN F 133 2.84 -47.39 -22.27
C ASN F 133 4.20 -47.47 -22.90
N GLN F 134 5.25 -46.94 -22.27
CA GLN F 134 6.56 -47.23 -22.81
C GLN F 134 6.84 -48.73 -22.74
N GLN F 135 6.43 -49.42 -21.69
CA GLN F 135 6.65 -50.85 -21.65
C GLN F 135 5.88 -51.58 -22.74
N GLU F 136 4.63 -51.19 -23.02
CA GLU F 136 3.92 -51.68 -24.19
C GLU F 136 4.69 -51.38 -25.48
N LYS F 137 5.27 -50.19 -25.60
CA LYS F 137 6.06 -49.80 -26.75
C LYS F 137 7.42 -50.51 -26.81
N ASN F 138 7.99 -50.93 -25.69
CA ASN F 138 9.16 -51.81 -25.67
C ASN F 138 8.76 -53.17 -26.23
N GLU F 139 7.67 -53.73 -25.72
CA GLU F 139 7.13 -55.01 -26.17
C GLU F 139 6.74 -54.96 -27.65
N GLN F 140 6.13 -53.86 -28.06
CA GLN F 140 5.72 -53.64 -29.45
C GLN F 140 6.93 -53.42 -30.36
N ASP F 141 7.97 -52.74 -29.90
CA ASP F 141 9.22 -52.64 -30.63
C ASP F 141 9.80 -54.03 -30.85
N LEU F 142 9.86 -54.84 -29.79
CA LEU F 142 10.36 -56.20 -29.89
C LEU F 142 9.44 -57.09 -30.74
N LEU F 143 8.16 -56.75 -30.90
CA LEU F 143 7.27 -57.40 -31.85
C LEU F 143 7.54 -56.93 -33.28
N ALA F 144 7.77 -55.65 -33.50
CA ALA F 144 8.12 -55.05 -34.78
C ALA F 144 9.46 -55.59 -35.29
N LEU F 145 10.39 -55.85 -34.38
CA LEU F 145 11.67 -56.54 -34.62
C LEU F 145 11.50 -58.01 -35.06
N ASP F 146 10.29 -58.57 -34.93
CA ASP F 146 9.85 -59.88 -35.42
C ASP F 146 10.69 -61.06 -34.95
N GLU G 1 -7.85 35.88 29.75
CA GLU G 1 -8.39 35.47 31.07
C GLU G 1 -9.31 36.55 31.63
N ILE G 2 -10.35 36.16 32.38
CA ILE G 2 -11.10 37.14 33.17
C ILE G 2 -10.22 37.60 34.35
N VAL G 3 -10.11 38.91 34.51
CA VAL G 3 -9.54 39.55 35.70
C VAL G 3 -10.59 40.52 36.24
N MET G 4 -10.82 40.52 37.55
CA MET G 4 -12.00 41.15 38.14
C MET G 4 -11.76 41.52 39.61
N THR G 5 -12.50 42.51 40.12
CA THR G 5 -12.43 42.96 41.51
C THR G 5 -13.83 43.10 42.11
N GLN G 6 -13.90 43.17 43.43
CA GLN G 6 -15.15 43.39 44.16
C GLN G 6 -14.91 44.32 45.36
N THR G 7 -15.83 45.24 45.63
CA THR G 7 -15.63 46.37 46.56
C THR G 7 -16.96 46.85 47.18
N PRO G 8 -16.97 47.57 48.32
CA PRO G 8 -15.86 47.88 49.22
C PRO G 8 -15.14 46.64 49.77
N LEU G 9 -13.85 46.76 50.02
CA LEU G 9 -13.02 45.63 50.44
C LEU G 9 -13.57 45.00 51.73
N SER G 10 -13.96 45.83 52.68
CA SER G 10 -14.75 45.45 53.85
C SER G 10 -15.61 46.62 54.28
N LEU G 11 -16.75 46.32 54.91
CA LEU G 11 -17.69 47.32 55.40
C LEU G 11 -18.35 46.86 56.69
N SER G 12 -18.30 47.68 57.73
CA SER G 12 -19.20 47.55 58.87
C SER G 12 -20.58 48.13 58.55
N VAL G 13 -21.65 47.38 58.80
CA VAL G 13 -23.03 47.84 58.60
C VAL G 13 -23.98 47.34 59.70
N THR G 14 -24.91 48.18 60.12
CA THR G 14 -25.67 47.99 61.37
C THR G 14 -26.77 46.94 61.21
N PRO G 15 -27.20 46.24 62.27
CA PRO G 15 -28.54 45.65 62.32
C PRO G 15 -29.60 46.67 61.86
N GLY G 16 -30.26 46.40 60.74
CA GLY G 16 -31.25 47.29 60.11
C GLY G 16 -30.72 48.18 58.96
N GLU G 17 -29.42 48.21 58.68
CA GLU G 17 -28.84 49.17 57.73
C GLU G 17 -28.78 48.60 56.30
N PRO G 18 -29.21 49.30 55.25
CA PRO G 18 -28.99 48.87 53.88
C PRO G 18 -27.50 48.97 53.49
N ALA G 19 -27.02 47.98 52.74
CA ALA G 19 -25.64 47.89 52.30
C ALA G 19 -25.56 47.57 50.80
N SER G 20 -24.45 47.84 50.15
CA SER G 20 -24.19 47.26 48.83
C SER G 20 -22.73 47.05 48.51
N LEU G 21 -22.49 46.06 47.67
CA LEU G 21 -21.20 45.69 47.11
C LEU G 21 -21.27 45.81 45.60
N SER G 22 -20.19 46.16 44.94
CA SER G 22 -20.03 46.01 43.49
C SER G 22 -19.03 44.93 43.15
N CYS G 23 -19.35 44.15 42.11
CA CYS G 23 -18.43 43.25 41.43
C CYS G 23 -18.12 43.83 40.05
N ARG G 24 -16.85 43.88 39.69
CA ARG G 24 -16.31 44.71 38.61
C ARG G 24 -15.35 43.87 37.79
N SER G 25 -15.88 43.22 36.76
CA SER G 25 -15.06 42.52 35.78
C SER G 25 -14.36 43.50 34.86
N SER G 26 -13.13 43.17 34.44
CA SER G 26 -12.49 43.85 33.31
C SER G 26 -13.11 43.47 31.95
N ALA G 27 -13.89 42.39 31.87
CA ALA G 27 -14.47 41.87 30.63
C ALA G 27 -16.00 41.71 30.71
N SER G 28 -16.69 41.91 29.58
CA SER G 28 -18.14 41.76 29.50
C SER G 28 -18.54 40.28 29.53
N LEU G 29 -19.36 39.90 30.49
CA LEU G 29 -19.83 38.52 30.59
C LEU G 29 -20.89 38.25 29.51
N LEU G 30 -20.58 37.40 28.54
CA LEU G 30 -21.46 37.10 27.42
C LEU G 30 -21.17 35.70 26.84
N HIS G 31 -21.14 34.72 27.73
CA HIS G 31 -20.67 33.35 27.51
C HIS G 31 -21.55 32.54 26.56
N GLY G 32 -21.00 31.54 25.88
CA GLY G 32 -21.76 30.47 25.21
C GLY G 32 -22.85 30.94 24.24
N ASN G 33 -24.11 30.76 24.62
CA ASN G 33 -25.30 31.29 23.91
C ASN G 33 -25.43 32.84 23.93
N GLY G 34 -24.38 33.54 24.38
CA GLY G 34 -24.30 34.99 24.45
C GLY G 34 -24.93 35.54 25.73
N ASN G 35 -24.52 35.02 26.89
CA ASN G 35 -25.26 35.17 28.14
C ASN G 35 -24.38 35.54 29.35
N THR G 36 -24.88 36.44 30.18
CA THR G 36 -24.14 37.13 31.24
C THR G 36 -24.06 36.32 32.53
N TYR G 37 -23.52 35.11 32.44
CA TYR G 37 -23.32 34.19 33.56
C TYR G 37 -22.17 34.61 34.49
N LEU G 38 -22.46 35.67 35.26
CA LEU G 38 -21.74 36.06 36.46
C LEU G 38 -22.64 35.86 37.67
N HIS G 39 -22.05 35.50 38.79
CA HIS G 39 -22.74 35.01 39.97
C HIS G 39 -21.99 35.42 41.22
N TRP G 40 -22.66 35.41 42.36
CA TRP G 40 -22.09 35.78 43.65
C TRP G 40 -22.44 34.78 44.73
N TYR G 41 -21.63 34.77 45.78
CA TYR G 41 -21.68 33.85 46.89
C TYR G 41 -21.31 34.55 48.21
N LEU G 42 -21.82 34.04 49.33
CA LEU G 42 -21.38 34.37 50.71
C LEU G 42 -20.76 33.14 51.35
N ARG G 43 -19.59 33.29 51.97
CA ARG G 43 -18.95 32.28 52.81
C ARG G 43 -18.71 32.86 54.21
N LYS G 44 -18.75 31.99 55.21
CA LYS G 44 -18.49 32.30 56.62
C LYS G 44 -17.60 31.21 57.21
N ALA G 45 -17.12 31.44 58.42
CA ALA G 45 -16.21 30.56 59.16
C ALA G 45 -16.69 29.11 59.20
N GLY G 46 -16.00 28.22 58.48
CA GLY G 46 -16.34 26.81 58.37
C GLY G 46 -17.62 26.52 57.58
N GLN G 47 -18.16 27.48 56.85
CA GLN G 47 -19.42 27.35 56.12
C GLN G 47 -19.17 27.16 54.62
N SER G 48 -19.90 26.25 53.99
CA SER G 48 -19.92 26.11 52.53
C SER G 48 -20.37 27.43 51.88
N PRO G 49 -19.74 27.85 50.78
CA PRO G 49 -20.21 28.95 49.96
C PRO G 49 -21.70 28.88 49.63
N GLN G 50 -22.47 29.83 50.15
CA GLN G 50 -23.87 30.05 49.82
C GLN G 50 -23.96 30.78 48.50
N LEU G 51 -24.66 30.20 47.53
CA LEU G 51 -25.03 30.88 46.29
C LEU G 51 -25.89 32.09 46.65
N LEU G 52 -25.77 33.21 45.92
CA LEU G 52 -26.59 34.40 46.17
C LEU G 52 -27.35 34.84 44.92
N ILE G 53 -26.62 35.16 43.87
CA ILE G 53 -27.16 35.67 42.62
C ILE G 53 -26.36 35.10 41.45
N PHE G 54 -26.91 35.22 40.26
CA PHE G 54 -26.47 34.55 39.05
C PHE G 54 -26.97 35.29 37.81
N GLY G 55 -26.45 34.93 36.64
CA GLY G 55 -26.86 35.56 35.38
C GLY G 55 -26.73 37.09 35.42
N GLY G 56 -25.74 37.61 36.15
CA GLY G 56 -25.70 38.99 36.59
C GLY G 56 -26.61 39.22 37.79
N SER G 57 -27.69 39.97 37.59
CA SER G 57 -28.57 40.50 38.63
C SER G 57 -29.58 39.50 39.25
N LYS G 58 -29.67 38.25 38.77
CA LYS G 58 -30.77 37.35 39.12
C LYS G 58 -30.54 36.69 40.48
N ARG G 59 -31.42 36.86 41.47
CA ARG G 59 -31.24 36.21 42.79
C ARG G 59 -31.59 34.73 42.71
N VAL G 60 -30.70 33.88 43.20
CA VAL G 60 -30.87 32.42 43.19
C VAL G 60 -32.03 31.99 44.11
N PRO G 61 -32.82 30.96 43.75
CA PRO G 61 -33.92 30.49 44.59
C PRO G 61 -33.53 30.11 46.02
N GLY G 62 -34.50 30.16 46.92
CA GLY G 62 -34.36 29.83 48.34
C GLY G 62 -33.73 30.95 49.19
N ILE G 63 -32.83 31.74 48.61
CA ILE G 63 -32.24 32.91 49.29
C ILE G 63 -33.27 34.03 49.45
N SER G 64 -33.24 34.73 50.59
CA SER G 64 -34.18 35.79 50.89
C SER G 64 -34.06 37.03 49.98
N ASP G 65 -35.20 37.67 49.76
CA ASP G 65 -35.32 38.91 48.98
C ASP G 65 -34.64 40.15 49.58
N ARG G 66 -34.06 40.02 50.78
CA ARG G 66 -33.12 40.99 51.34
C ARG G 66 -32.00 41.27 50.36
N PHE G 67 -31.52 40.24 49.67
CA PHE G 67 -30.50 40.34 48.62
C PHE G 67 -31.06 40.88 47.30
N ILE G 68 -30.37 41.86 46.74
CA ILE G 68 -30.77 42.65 45.59
C ILE G 68 -29.67 42.63 44.54
N GLY G 69 -29.75 41.71 43.59
CA GLY G 69 -28.80 41.64 42.49
C GLY G 69 -29.03 42.72 41.44
N SER G 70 -27.94 43.21 40.87
CA SER G 70 -27.94 44.39 40.02
C SER G 70 -26.82 44.35 38.96
N GLY G 71 -27.01 45.07 37.85
CA GLY G 71 -26.01 45.32 36.82
C GLY G 71 -25.84 44.24 35.74
N ALA G 72 -24.91 44.49 34.83
CA ALA G 72 -24.72 43.80 33.56
C ALA G 72 -23.31 44.01 32.95
N GLY G 73 -22.95 43.18 31.97
CA GLY G 73 -21.73 43.36 31.17
C GLY G 73 -20.46 43.15 31.99
N THR G 74 -19.73 44.23 32.29
CA THR G 74 -18.60 44.27 33.23
C THR G 74 -19.01 44.64 34.65
N ASN G 75 -20.11 45.37 34.81
CA ASN G 75 -20.40 46.12 36.03
C ASN G 75 -21.65 45.58 36.73
N PHE G 76 -21.48 45.18 37.99
CA PHE G 76 -22.53 44.49 38.75
C PHE G 76 -22.52 44.93 40.19
N THR G 77 -23.66 44.78 40.86
CA THR G 77 -23.85 45.16 42.26
C THR G 77 -24.75 44.16 42.96
N LEU G 78 -24.54 43.99 44.24
CA LEU G 78 -25.39 43.22 45.12
C LEU G 78 -25.64 44.07 46.36
N LYS G 79 -26.82 44.69 46.43
CA LYS G 79 -27.33 45.35 47.63
C LYS G 79 -27.93 44.31 48.58
N ILE G 80 -27.93 44.61 49.87
CA ILE G 80 -28.83 43.99 50.83
C ILE G 80 -29.69 45.09 51.43
N SER G 81 -31.02 44.97 51.34
CA SER G 81 -32.00 46.01 51.70
C SER G 81 -31.99 46.39 53.19
N SER G 82 -31.52 45.47 54.02
CA SER G 82 -31.23 45.62 55.44
C SER G 82 -30.09 44.66 55.75
N VAL G 83 -29.30 44.95 56.77
CA VAL G 83 -28.24 44.09 57.27
C VAL G 83 -28.57 43.54 58.65
N GLU G 84 -28.29 42.26 58.85
CA GLU G 84 -28.42 41.51 60.09
C GLU G 84 -27.20 40.59 60.30
N ALA G 85 -27.02 40.05 61.51
CA ALA G 85 -25.79 39.35 61.92
C ALA G 85 -25.37 38.20 60.99
N ASP G 86 -26.35 37.50 60.43
CA ASP G 86 -26.19 36.46 59.42
C ASP G 86 -25.42 36.91 58.17
N ASP G 87 -25.35 38.21 57.87
CA ASP G 87 -24.64 38.75 56.71
C ASP G 87 -23.15 38.97 56.93
N VAL G 88 -22.69 39.07 58.18
CA VAL G 88 -21.28 39.28 58.51
C VAL G 88 -20.50 38.07 57.99
N GLY G 89 -19.54 38.30 57.10
CA GLY G 89 -18.95 37.23 56.31
C GLY G 89 -18.31 37.71 55.02
N PHE G 90 -17.78 36.77 54.24
CA PHE G 90 -17.05 37.05 53.01
C PHE G 90 -17.94 36.83 51.78
N TYR G 91 -18.09 37.86 50.97
CA TYR G 91 -18.81 37.78 49.70
C TYR G 91 -17.83 37.57 48.57
N TYR G 92 -18.29 36.95 47.49
CA TYR G 92 -17.51 36.61 46.31
C TYR G 92 -18.35 36.75 45.06
N CYS G 93 -17.70 36.88 43.92
CA CYS G 93 -18.34 36.79 42.62
C CYS G 93 -17.43 36.11 41.59
N ALA G 94 -18.03 35.56 40.53
CA ALA G 94 -17.41 34.62 39.62
C ALA G 94 -18.10 34.59 38.25
N GLN G 95 -17.38 34.13 37.23
CA GLN G 95 -17.85 33.87 35.85
C GLN G 95 -17.99 32.36 35.60
N GLY G 96 -18.92 31.92 34.73
CA GLY G 96 -18.94 30.51 34.29
C GLY G 96 -19.73 30.17 33.02
N VAL G 97 -19.22 29.18 32.27
CA VAL G 97 -19.92 28.24 31.34
C VAL G 97 -18.93 27.23 30.77
N ALA G 98 -17.76 27.71 30.33
CA ALA G 98 -16.73 26.90 29.67
C ALA G 98 -15.28 27.30 29.96
N PHE G 99 -15.04 28.31 30.82
CA PHE G 99 -13.72 28.57 31.43
C PHE G 99 -13.83 29.03 32.90
N PRO G 100 -14.39 28.22 33.83
CA PRO G 100 -14.91 28.70 35.11
C PRO G 100 -13.87 29.14 36.16
N TRP G 101 -12.58 29.23 35.80
CA TRP G 101 -11.53 29.80 36.64
C TRP G 101 -11.68 31.32 36.77
N THR G 102 -12.55 31.77 37.67
CA THR G 102 -12.77 33.19 37.95
C THR G 102 -13.40 33.41 39.30
N PHE G 103 -12.69 34.09 40.17
CA PHE G 103 -13.22 34.71 41.37
C PHE G 103 -12.68 36.13 41.56
N GLY G 104 -13.52 37.01 42.09
CA GLY G 104 -13.07 38.21 42.80
C GLY G 104 -12.36 37.85 44.10
N GLN G 105 -11.60 38.80 44.67
CA GLN G 105 -10.70 38.54 45.79
C GLN G 105 -11.36 38.34 47.17
N GLY G 106 -12.68 38.37 47.25
CA GLY G 106 -13.44 38.33 48.50
C GLY G 106 -13.60 39.70 49.16
N THR G 107 -14.76 39.95 49.77
CA THR G 107 -15.05 41.21 50.49
C THR G 107 -15.79 40.95 51.80
N LYS G 108 -15.33 41.55 52.91
CA LYS G 108 -15.84 41.22 54.26
C LYS G 108 -16.89 42.20 54.78
N VAL G 109 -18.12 41.75 54.92
CA VAL G 109 -19.15 42.43 55.73
C VAL G 109 -18.86 42.17 57.21
N GLU G 110 -19.04 43.21 57.99
CA GLU G 110 -18.89 43.29 59.44
C GLU G 110 -20.10 44.04 59.98
N ILE G 111 -20.41 43.91 61.27
CA ILE G 111 -21.48 44.71 61.88
C ILE G 111 -20.96 46.11 62.26
N LYS G 112 -21.76 47.14 62.00
CA LYS G 112 -21.60 48.50 62.57
C LYS G 112 -22.29 48.59 63.94
N ARG G 113 -21.66 49.29 64.87
CA ARG G 113 -21.98 49.30 66.32
C ARG G 113 -21.62 50.66 66.94
N ALA G 114 -22.13 50.97 68.12
CA ALA G 114 -21.57 52.00 68.98
C ALA G 114 -20.11 51.71 69.36
N VAL G 115 -19.27 52.76 69.37
CA VAL G 115 -17.84 52.65 69.71
C VAL G 115 -17.64 52.27 71.18
N ALA G 116 -16.62 51.46 71.44
CA ALA G 116 -16.21 51.06 72.78
C ALA G 116 -14.68 50.94 72.89
N ALA G 117 -14.12 51.36 74.01
CA ALA G 117 -12.73 51.07 74.37
C ALA G 117 -12.57 49.58 74.71
N PRO G 118 -11.40 48.97 74.43
CA PRO G 118 -11.09 47.65 74.98
C PRO G 118 -11.05 47.71 76.52
N SER G 119 -11.52 46.67 77.18
CA SER G 119 -11.03 46.32 78.51
C SER G 119 -9.57 45.91 78.36
N VAL G 120 -8.68 46.57 79.07
CA VAL G 120 -7.22 46.37 78.96
C VAL G 120 -6.68 45.79 80.25
N PHE G 121 -5.90 44.73 80.09
CA PHE G 121 -5.19 44.04 81.15
C PHE G 121 -3.83 43.54 80.62
N ILE G 122 -2.95 43.08 81.51
CA ILE G 122 -1.63 42.55 81.18
C ILE G 122 -1.31 41.37 82.08
N PHE G 123 -0.44 40.45 81.67
CA PHE G 123 0.31 39.60 82.62
C PHE G 123 1.51 38.93 81.95
N PRO G 124 2.47 38.39 82.72
CA PRO G 124 3.44 37.43 82.21
C PRO G 124 2.91 35.98 82.32
N PRO G 125 3.57 35.03 81.66
CA PRO G 125 3.64 33.64 82.08
C PRO G 125 4.15 33.52 83.52
N SER G 126 3.87 32.41 84.22
CA SER G 126 4.68 32.09 85.41
C SER G 126 6.18 32.04 85.09
N GLU G 127 7.02 32.28 86.11
CA GLU G 127 8.49 32.22 85.98
C GLU G 127 9.00 30.83 85.56
N ASP G 128 8.17 29.79 85.60
CA ASP G 128 8.48 28.51 84.96
C ASP G 128 8.75 28.64 83.46
N GLN G 129 8.17 29.62 82.77
CA GLN G 129 8.45 29.84 81.35
C GLN G 129 9.84 30.44 81.15
N VAL G 130 10.28 31.29 82.09
CA VAL G 130 11.59 31.96 82.06
C VAL G 130 12.69 30.91 82.12
N LYS G 131 12.57 29.95 83.04
CA LYS G 131 13.46 28.78 83.10
C LYS G 131 13.21 27.72 82.02
N SER G 132 12.08 27.82 81.30
CA SER G 132 11.83 27.16 80.01
C SER G 132 12.33 27.98 78.80
N GLY G 133 13.07 29.07 79.02
CA GLY G 133 13.77 29.84 78.00
C GLY G 133 13.06 31.11 77.48
N THR G 134 11.83 31.40 77.89
CA THR G 134 10.98 32.44 77.26
C THR G 134 10.00 33.09 78.23
N VAL G 135 9.60 34.33 77.98
CA VAL G 135 8.31 34.81 78.45
C VAL G 135 7.51 35.35 77.27
N SER G 136 6.41 34.69 76.96
CA SER G 136 5.39 35.20 76.08
C SER G 136 4.47 36.14 76.86
N VAL G 137 4.92 37.37 77.13
CA VAL G 137 4.17 38.35 77.94
C VAL G 137 2.91 38.78 77.20
N VAL G 138 1.82 39.03 77.92
CA VAL G 138 0.47 39.12 77.35
C VAL G 138 -0.20 40.44 77.69
N CYS G 139 -0.86 41.03 76.71
CA CYS G 139 -1.65 42.25 76.85
C CYS G 139 -3.00 42.09 76.17
N LEU G 140 -4.05 42.53 76.86
CA LEU G 140 -5.42 42.21 76.50
C LEU G 140 -6.11 43.46 75.95
N LEU G 141 -6.86 43.25 74.89
CA LEU G 141 -7.54 44.27 74.11
C LEU G 141 -8.96 43.76 73.93
N ASN G 142 -9.74 43.69 75.01
CA ASN G 142 -10.94 42.88 75.03
C ASN G 142 -12.19 43.71 74.86
N ASN G 143 -13.03 43.33 73.91
CA ASN G 143 -14.37 43.89 73.70
C ASN G 143 -14.36 45.38 73.28
N PHE G 144 -13.55 45.75 72.28
CA PHE G 144 -13.54 47.08 71.65
C PHE G 144 -14.42 47.18 70.39
N TYR G 145 -14.82 48.38 69.98
CA TYR G 145 -15.39 48.64 68.64
C TYR G 145 -15.04 50.07 68.18
N PRO G 146 -14.72 50.38 66.91
CA PRO G 146 -14.69 49.57 65.67
C PRO G 146 -13.56 48.53 65.58
N ARG G 147 -13.25 48.09 64.37
CA ARG G 147 -12.52 46.84 64.07
C ARG G 147 -11.05 46.78 64.46
N GLU G 148 -10.42 47.92 64.69
CA GLU G 148 -8.96 48.02 64.71
C GLU G 148 -8.44 48.38 66.11
N ALA G 149 -7.49 47.62 66.63
CA ALA G 149 -6.68 47.96 67.80
C ALA G 149 -5.26 47.38 67.67
N SER G 150 -4.28 48.04 68.31
CA SER G 150 -2.86 47.69 68.22
C SER G 150 -2.16 47.95 69.56
N VAL G 151 -0.98 47.39 69.79
CA VAL G 151 -0.32 47.45 71.10
C VAL G 151 1.21 47.41 71.04
N LYS G 152 1.85 48.05 72.01
CA LYS G 152 3.31 48.04 72.27
C LYS G 152 3.60 47.58 73.71
N TRP G 153 4.86 47.56 74.09
CA TRP G 153 5.33 47.16 75.42
C TRP G 153 6.45 48.09 75.91
N LYS G 154 6.62 48.15 77.23
CA LYS G 154 7.65 48.88 77.96
C LYS G 154 8.09 48.02 79.15
N VAL G 155 9.25 47.39 79.07
CA VAL G 155 9.70 46.36 80.02
C VAL G 155 11.09 46.73 80.56
N ASP G 156 11.15 47.20 81.81
CA ASP G 156 12.24 48.06 82.31
C ASP G 156 12.70 49.11 81.28
N GLY G 157 11.74 49.77 80.63
CA GLY G 157 11.99 50.80 79.62
C GLY G 157 12.38 50.30 78.24
N VAL G 158 12.79 49.04 78.08
CA VAL G 158 12.96 48.43 76.75
C VAL G 158 11.58 48.40 76.08
N LEU G 159 11.49 48.92 74.86
CA LEU G 159 10.22 49.08 74.14
C LEU G 159 9.74 47.76 73.51
N LYS G 160 8.73 47.80 72.62
CA LYS G 160 8.36 46.65 71.80
C LYS G 160 9.62 46.15 71.05
N THR G 161 10.03 44.91 71.34
CA THR G 161 11.22 44.27 70.76
C THR G 161 10.96 42.78 70.49
N GLY G 162 11.50 42.25 69.39
CA GLY G 162 11.27 40.87 68.97
C GLY G 162 9.82 40.56 68.58
N ASN G 163 9.51 39.26 68.54
CA ASN G 163 8.22 38.73 68.10
C ASN G 163 7.04 39.19 68.96
N SER G 164 5.94 39.55 68.31
CA SER G 164 4.63 39.68 68.95
C SER G 164 3.50 39.36 67.96
N GLN G 165 2.35 38.92 68.48
CA GLN G 165 1.16 38.69 67.69
C GLN G 165 -0.12 39.02 68.45
N GLU G 166 -1.12 39.45 67.70
CA GLU G 166 -2.50 39.65 68.12
C GLU G 166 -3.33 38.44 67.72
N SER G 167 -4.02 37.79 68.67
CA SER G 167 -5.02 36.76 68.35
C SER G 167 -6.42 37.28 68.68
N VAL G 168 -7.28 37.40 67.66
CA VAL G 168 -8.48 38.27 67.68
C VAL G 168 -9.77 37.48 67.47
N THR G 169 -10.86 37.88 68.11
CA THR G 169 -12.21 37.33 67.90
C THR G 169 -12.87 37.80 66.60
N GLU G 170 -13.85 37.00 66.17
CA GLU G 170 -14.71 37.13 64.99
C GLU G 170 -15.72 38.28 65.10
N GLN G 171 -15.25 39.52 65.27
CA GLN G 171 -16.06 40.52 65.95
C GLN G 171 -16.43 39.93 67.32
N ASP G 172 -17.70 39.92 67.71
CA ASP G 172 -18.17 39.28 68.93
C ASP G 172 -19.63 38.93 68.71
N SER G 173 -19.98 37.65 68.80
CA SER G 173 -21.32 37.17 68.45
C SER G 173 -22.44 37.87 69.24
N LYS G 174 -22.28 37.94 70.57
CA LYS G 174 -23.20 38.64 71.46
C LYS G 174 -22.92 40.15 71.47
N ASP G 175 -21.67 40.55 71.71
CA ASP G 175 -21.31 41.94 72.02
C ASP G 175 -21.09 42.83 70.79
N ASN G 176 -20.84 42.25 69.62
CA ASN G 176 -20.43 42.89 68.36
C ASN G 176 -19.22 43.82 68.43
N THR G 177 -18.49 43.78 69.54
CA THR G 177 -17.13 44.29 69.70
C THR G 177 -16.10 43.36 69.03
N TYR G 178 -14.82 43.51 69.36
CA TYR G 178 -13.71 42.62 69.04
C TYR G 178 -12.91 42.44 70.32
N SER G 179 -12.31 41.28 70.53
CA SER G 179 -11.55 40.96 71.72
C SER G 179 -10.24 40.28 71.35
N LEU G 180 -9.19 40.46 72.14
CA LEU G 180 -7.85 40.13 71.66
C LEU G 180 -6.82 39.91 72.79
N SER G 181 -6.29 38.69 72.86
CA SER G 181 -4.97 38.47 73.49
C SER G 181 -3.85 38.80 72.52
N SER G 182 -3.17 39.92 72.74
CA SER G 182 -1.85 40.14 72.16
C SER G 182 -0.79 39.51 73.07
N THR G 183 0.27 38.97 72.49
CA THR G 183 1.44 38.56 73.26
C THR G 183 2.73 38.86 72.52
N LEU G 184 3.79 39.14 73.29
CA LEU G 184 5.14 39.43 72.84
C LEU G 184 6.09 38.40 73.45
N THR G 185 6.91 37.75 72.62
CA THR G 185 7.77 36.63 73.02
C THR G 185 9.17 37.10 73.36
N LEU G 186 9.40 37.41 74.63
CA LEU G 186 10.73 37.65 75.18
C LEU G 186 11.53 36.35 75.25
N SER G 187 12.82 36.39 74.94
CA SER G 187 13.77 35.38 75.43
C SER G 187 14.01 35.62 76.92
N ASN G 188 14.28 34.57 77.69
CA ASN G 188 14.38 34.67 79.15
C ASN G 188 15.43 35.70 79.62
N THR G 189 16.51 35.85 78.87
CA THR G 189 17.48 36.96 78.91
C THR G 189 16.85 38.31 79.16
N ASP G 190 15.87 38.66 78.35
CA ASP G 190 15.18 39.93 78.35
C ASP G 190 14.39 40.04 79.66
N TYR G 191 13.47 39.10 79.90
CA TYR G 191 12.57 39.16 81.05
C TYR G 191 13.34 39.09 82.39
N GLN G 192 14.50 38.43 82.44
CA GLN G 192 15.42 38.45 83.58
C GLN G 192 16.09 39.83 83.74
N SER G 193 16.46 40.49 82.64
CA SER G 193 16.97 41.87 82.65
C SER G 193 15.92 42.88 83.15
N HIS G 194 14.65 42.54 83.01
CA HIS G 194 13.52 43.37 83.40
C HIS G 194 12.95 42.96 84.77
N ASN G 195 12.06 43.78 85.35
CA ASN G 195 11.50 43.65 86.70
C ASN G 195 10.08 44.23 86.81
N VAL G 196 9.76 45.28 86.04
CA VAL G 196 8.43 45.86 85.92
C VAL G 196 8.10 46.05 84.45
N TYR G 197 6.90 45.66 84.09
CA TYR G 197 6.51 45.36 82.73
C TYR G 197 5.20 46.07 82.43
N ALA G 198 5.06 46.62 81.24
CA ALA G 198 3.88 47.36 80.84
C ALA G 198 3.54 47.15 79.36
N CYS G 199 2.27 47.28 79.02
CA CYS G 199 1.73 47.11 77.69
C CYS G 199 0.78 48.25 77.34
N GLU G 200 0.83 48.66 76.08
CA GLU G 200 0.50 50.01 75.65
C GLU G 200 -0.51 49.94 74.49
N VAL G 201 -1.81 50.03 74.78
CA VAL G 201 -2.90 49.67 73.86
C VAL G 201 -3.53 50.89 73.19
N THR G 202 -3.64 50.87 71.87
CA THR G 202 -4.29 51.89 71.05
C THR G 202 -5.46 51.32 70.24
N HIS G 203 -6.47 52.14 70.01
CA HIS G 203 -7.74 51.84 69.32
C HIS G 203 -8.39 53.18 68.91
N GLN G 204 -9.39 53.18 68.01
CA GLN G 204 -10.17 54.38 67.63
C GLN G 204 -10.70 55.16 68.86
N GLY G 205 -11.24 54.43 69.84
CA GLY G 205 -11.78 54.99 71.09
C GLY G 205 -10.75 55.32 72.18
N LEU G 206 -9.45 55.24 71.90
CA LEU G 206 -8.37 55.60 72.82
C LEU G 206 -7.49 56.71 72.22
N SER G 207 -6.94 57.56 73.08
CA SER G 207 -6.07 58.68 72.68
C SER G 207 -4.69 58.24 72.13
N SER G 208 -4.22 57.07 72.56
CA SER G 208 -2.81 56.68 72.49
C SER G 208 -2.63 55.19 72.86
N PRO G 209 -1.39 54.67 72.85
CA PRO G 209 -1.00 53.42 73.50
C PRO G 209 -1.16 53.44 75.05
N VAL G 210 -2.39 53.30 75.54
CA VAL G 210 -2.78 53.29 76.97
C VAL G 210 -2.07 52.18 77.75
N THR G 211 -1.38 52.54 78.83
CA THR G 211 -0.58 51.58 79.62
C THR G 211 -1.37 50.77 80.65
N LYS G 212 -1.04 49.48 80.79
CA LYS G 212 -1.26 48.64 81.99
C LYS G 212 0.05 47.95 82.36
N SER G 213 0.27 47.62 83.64
CA SER G 213 1.58 47.11 84.13
C SER G 213 1.50 46.04 85.23
N PHE G 214 2.61 45.30 85.41
CA PHE G 214 2.84 44.32 86.49
C PHE G 214 4.30 44.30 86.97
N ASN G 215 4.52 43.87 88.21
CA ASN G 215 5.83 43.46 88.73
C ASN G 215 6.07 41.97 88.44
N ARG G 216 7.34 41.58 88.23
CA ARG G 216 7.86 40.22 88.02
C ARG G 216 6.90 39.10 88.52
N GLY G 217 6.20 38.47 87.58
CA GLY G 217 5.14 37.51 87.85
C GLY G 217 3.85 38.26 88.23
N GLU G 218 3.79 38.67 89.50
CA GLU G 218 2.71 39.45 90.13
C GLU G 218 3.26 40.52 91.09
N GLN H 1 -31.89 16.08 50.89
CA GLN H 1 -31.44 17.47 50.67
C GLN H 1 -30.22 17.52 49.74
N ASP H 2 -30.01 18.63 49.05
CA ASP H 2 -28.92 18.86 48.10
C ASP H 2 -27.55 18.96 48.80
N LEU H 3 -26.78 17.87 48.77
CA LEU H 3 -25.57 17.71 49.58
C LEU H 3 -24.42 17.10 48.80
N LEU H 4 -23.21 17.53 49.16
CA LEU H 4 -22.00 16.73 48.99
C LEU H 4 -21.36 16.55 50.36
N LEU H 5 -21.39 15.33 50.87
CA LEU H 5 -20.61 14.97 52.05
C LEU H 5 -19.13 14.93 51.70
N GLN H 6 -18.27 15.39 52.60
CA GLN H 6 -16.82 15.26 52.46
C GLN H 6 -16.24 14.77 53.79
N SER H 7 -15.05 14.20 53.75
CA SER H 7 -14.41 13.52 54.89
C SER H 7 -13.66 14.47 55.85
N GLY H 8 -12.89 13.91 56.78
CA GLY H 8 -12.12 14.65 57.79
C GLY H 8 -10.79 15.22 57.30
N ALA H 9 -10.18 16.09 58.09
CA ALA H 9 -8.92 16.76 57.76
C ALA H 9 -7.73 15.78 57.64
N GLU H 10 -6.66 16.21 56.97
CA GLU H 10 -5.44 15.43 56.76
C GLU H 10 -4.17 16.26 57.01
N VAL H 11 -3.05 15.58 57.25
CA VAL H 11 -1.73 16.17 57.51
C VAL H 11 -0.62 15.40 56.78
N ARG H 12 0.33 16.13 56.18
CA ARG H 12 1.34 15.62 55.24
C ARG H 12 2.68 16.32 55.42
N GLU H 13 3.78 15.65 55.07
CA GLU H 13 5.07 16.31 54.87
C GLU H 13 5.06 17.20 53.61
N PRO H 14 5.92 18.22 53.53
CA PRO H 14 6.24 18.85 52.25
C PRO H 14 6.88 17.83 51.31
N GLY H 15 6.62 17.98 50.02
CA GLY H 15 6.96 17.02 48.97
C GLY H 15 6.08 15.76 48.96
N ALA H 16 5.18 15.57 49.92
CA ALA H 16 4.34 14.37 49.99
C ALA H 16 3.18 14.37 48.96
N SER H 17 2.26 13.42 49.09
CA SER H 17 1.00 13.33 48.33
C SER H 17 -0.22 13.04 49.21
N VAL H 18 -1.40 13.38 48.71
CA VAL H 18 -2.64 13.47 49.48
C VAL H 18 -3.85 13.15 48.61
N THR H 19 -4.95 12.72 49.24
CA THR H 19 -6.21 12.42 48.57
C THR H 19 -7.38 12.98 49.35
N VAL H 20 -8.30 13.69 48.70
CA VAL H 20 -9.53 14.20 49.30
C VAL H 20 -10.72 13.43 48.75
N SER H 21 -11.64 13.04 49.63
CA SER H 21 -12.82 12.24 49.27
C SER H 21 -14.15 12.97 49.44
N CYS H 22 -15.04 12.82 48.45
CA CYS H 22 -16.39 13.34 48.48
C CYS H 22 -17.42 12.26 48.21
N GLN H 23 -18.48 12.26 48.99
CA GLN H 23 -19.59 11.33 48.88
C GLN H 23 -20.84 12.08 48.43
N ALA H 24 -21.49 11.64 47.37
CA ALA H 24 -22.72 12.27 46.90
C ALA H 24 -23.86 12.15 47.92
N SER H 25 -24.85 13.05 47.84
CA SER H 25 -26.18 12.80 48.44
C SER H 25 -26.82 11.54 47.86
N ASN H 26 -27.96 11.10 48.40
CA ASN H 26 -28.79 10.04 47.81
C ASN H 26 -29.39 10.52 46.48
N TYR H 27 -28.59 10.43 45.42
CA TYR H 27 -28.79 11.07 44.13
C TYR H 27 -28.08 10.27 43.02
N THR H 28 -28.49 10.42 41.75
CA THR H 28 -27.92 9.73 40.58
C THR H 28 -26.56 10.32 40.19
N PHE H 29 -25.55 9.99 40.99
CA PHE H 29 -24.24 10.64 40.98
C PHE H 29 -23.60 10.95 39.62
N PRO H 30 -23.62 10.07 38.59
CA PRO H 30 -22.99 10.32 37.31
C PRO H 30 -23.47 11.55 36.53
N ASP H 31 -24.59 12.18 36.89
CA ASP H 31 -25.20 13.23 36.08
C ASP H 31 -24.90 14.66 36.54
N TYR H 32 -24.49 14.87 37.79
CA TYR H 32 -23.87 16.13 38.19
C TYR H 32 -22.61 16.36 37.36
N TYR H 33 -22.33 17.62 37.09
CA TYR H 33 -20.95 18.01 36.88
C TYR H 33 -20.35 18.40 38.23
N ILE H 34 -19.03 18.24 38.38
CA ILE H 34 -18.32 18.53 39.61
C ILE H 34 -17.15 19.44 39.30
N HIS H 35 -17.25 20.71 39.69
CA HIS H 35 -16.03 21.49 39.86
C HIS H 35 -15.31 21.05 41.13
N TRP H 36 -13.99 21.19 41.14
CA TRP H 36 -13.12 21.18 42.32
C TRP H 36 -12.56 22.57 42.57
N VAL H 37 -12.65 23.05 43.81
CA VAL H 37 -12.06 24.33 44.23
C VAL H 37 -11.49 24.20 45.63
N ARG H 38 -10.52 25.05 45.98
CA ARG H 38 -10.00 25.13 47.35
C ARG H 38 -9.99 26.55 47.89
N LEU H 39 -10.39 26.68 49.14
CA LEU H 39 -10.29 27.91 49.90
C LEU H 39 -8.85 28.10 50.31
N VAL H 40 -8.12 28.87 49.52
CA VAL H 40 -6.89 29.52 49.93
C VAL H 40 -7.18 30.46 51.11
N PRO H 41 -6.40 30.40 52.20
CA PRO H 41 -6.65 31.22 53.39
C PRO H 41 -6.74 32.72 53.07
N GLY H 42 -7.85 33.31 53.48
CA GLY H 42 -8.13 34.75 53.35
C GLY H 42 -8.29 35.27 51.93
N GLN H 43 -8.55 34.42 50.92
CA GLN H 43 -8.50 34.84 49.52
C GLN H 43 -9.64 34.31 48.62
N GLY H 44 -9.75 34.91 47.44
CA GLY H 44 -10.66 34.50 46.37
C GLY H 44 -10.47 33.03 46.01
N LEU H 45 -11.57 32.30 45.89
CA LEU H 45 -11.56 30.85 45.83
C LEU H 45 -10.68 30.35 44.67
N GLU H 46 -9.80 29.39 44.94
CA GLU H 46 -8.94 28.84 43.91
C GLU H 46 -9.69 27.72 43.17
N TRP H 47 -10.09 27.99 41.93
CA TRP H 47 -10.71 27.00 41.07
C TRP H 47 -9.66 26.02 40.54
N LEU H 48 -10.00 24.74 40.47
CA LEU H 48 -9.04 23.66 40.19
C LEU H 48 -9.44 22.84 38.97
N GLY H 49 -10.72 22.54 38.79
CA GLY H 49 -11.16 21.77 37.65
C GLY H 49 -12.66 21.63 37.53
N GLU H 50 -13.10 21.05 36.41
CA GLU H 50 -14.42 20.52 36.17
C GLU H 50 -14.29 19.07 35.74
N MET H 51 -15.08 18.20 36.34
CA MET H 51 -14.99 16.76 36.22
C MET H 51 -16.42 16.21 36.08
N LYS H 52 -16.63 15.26 35.19
CA LYS H 52 -17.91 14.57 35.01
C LYS H 52 -17.68 13.07 35.24
N PRO H 53 -18.35 12.36 36.17
CA PRO H 53 -17.83 11.11 36.71
C PRO H 53 -17.32 10.11 35.69
N LYS H 54 -18.16 9.66 34.76
CA LYS H 54 -17.75 8.62 33.81
C LYS H 54 -16.77 9.11 32.75
N VAL H 55 -16.73 10.42 32.48
CA VAL H 55 -15.72 11.02 31.59
C VAL H 55 -14.37 11.09 32.28
N GLY H 56 -14.38 11.51 33.53
CA GLY H 56 -13.23 12.06 34.22
C GLY H 56 -13.11 13.57 34.05
N VAL H 57 -11.86 14.03 34.04
CA VAL H 57 -11.49 15.44 33.92
C VAL H 57 -12.04 16.03 32.62
N THR H 58 -12.40 17.31 32.65
CA THR H 58 -12.89 18.04 31.45
C THR H 58 -12.07 19.30 31.19
N ASN H 59 -11.94 20.16 32.21
CA ASN H 59 -11.39 21.50 32.13
C ASN H 59 -10.68 21.78 33.47
N VAL H 60 -9.58 22.51 33.49
CA VAL H 60 -8.62 22.40 34.61
C VAL H 60 -7.81 23.66 34.86
N SER H 61 -7.40 23.86 36.10
CA SER H 61 -6.51 24.93 36.54
C SER H 61 -5.06 24.56 36.21
N LYS H 62 -4.59 24.97 35.03
CA LYS H 62 -3.23 24.75 34.48
C LYS H 62 -2.08 24.89 35.50
N LYS H 63 -2.20 25.80 36.47
CA LYS H 63 -1.24 26.05 37.55
C LYS H 63 -0.94 24.81 38.40
N ILE H 64 -1.97 24.03 38.70
CA ILE H 64 -1.92 22.86 39.60
C ILE H 64 -2.11 21.55 38.83
N ARG H 65 -2.77 21.61 37.66
CA ARG H 65 -3.09 20.53 36.71
C ARG H 65 -2.12 19.35 36.73
N ASP H 66 -0.83 19.62 36.57
CA ASP H 66 0.15 18.57 36.37
C ASP H 66 0.60 17.88 37.67
N ARG H 67 0.35 18.47 38.84
CA ARG H 67 0.55 17.85 40.15
C ARG H 67 -0.63 16.97 40.59
N LEU H 68 -1.76 17.09 39.91
CA LEU H 68 -3.10 16.74 40.36
C LEU H 68 -3.67 15.58 39.53
N PHE H 69 -4.42 14.69 40.17
CA PHE H 69 -5.30 13.76 39.48
C PHE H 69 -6.66 13.68 40.15
N MET H 70 -7.70 13.42 39.36
CA MET H 70 -9.06 13.82 39.66
C MET H 70 -10.03 12.94 38.89
N THR H 71 -10.96 12.28 39.57
CA THR H 71 -11.91 11.34 38.96
C THR H 71 -13.03 11.01 39.95
N ALA H 72 -13.77 9.95 39.65
CA ALA H 72 -14.86 9.45 40.44
C ALA H 72 -14.98 7.94 40.36
N ASP H 73 -15.69 7.38 41.31
CA ASP H 73 -16.06 5.97 41.32
C ASP H 73 -17.58 5.85 41.14
N THR H 74 -17.95 5.15 40.08
CA THR H 74 -19.35 4.81 39.76
C THR H 74 -19.98 3.84 40.75
N SER H 75 -19.19 3.08 41.50
CA SER H 75 -19.67 2.03 42.41
C SER H 75 -20.26 2.62 43.68
N THR H 76 -19.61 3.64 44.22
CA THR H 76 -19.83 4.17 45.58
C THR H 76 -20.28 5.63 45.56
N ASP H 77 -20.79 6.12 44.43
CA ASP H 77 -21.36 7.47 44.27
C ASP H 77 -20.44 8.59 44.77
N THR H 78 -19.16 8.51 44.41
CA THR H 78 -18.12 9.26 45.12
C THR H 78 -17.06 9.80 44.18
N ALA H 79 -16.49 10.94 44.53
CA ALA H 79 -15.40 11.57 43.82
C ALA H 79 -14.13 11.59 44.65
N TYR H 80 -13.00 11.39 43.98
CA TYR H 80 -11.69 11.57 44.57
C TYR H 80 -10.90 12.60 43.76
N MET H 81 -10.09 13.38 44.45
CA MET H 81 -9.00 14.11 43.83
C MET H 81 -7.75 14.00 44.68
N VAL H 82 -6.63 14.17 44.01
CA VAL H 82 -5.32 13.69 44.41
C VAL H 82 -4.32 14.77 44.09
N LEU H 83 -3.38 15.03 45.00
CA LEU H 83 -2.34 16.04 44.78
C LEU H 83 -0.99 15.54 45.27
N SER H 84 0.09 16.03 44.66
CA SER H 84 1.45 15.54 44.84
C SER H 84 2.45 16.70 44.96
N ALA H 85 3.66 16.40 45.42
CA ALA H 85 4.73 17.37 45.68
C ALA H 85 4.30 18.49 46.62
N LEU H 86 3.65 18.12 47.73
CA LEU H 86 2.87 19.02 48.57
C LEU H 86 3.65 20.18 49.20
N THR H 87 2.96 21.27 49.47
CA THR H 87 3.55 22.51 50.00
C THR H 87 2.64 23.21 51.01
N PRO H 88 3.20 23.95 51.97
CA PRO H 88 2.51 25.09 52.55
C PRO H 88 2.03 25.99 51.41
N GLY H 89 0.76 26.41 51.45
CA GLY H 89 0.07 27.03 50.31
C GLY H 89 -0.90 26.07 49.62
N ASP H 90 -0.62 24.77 49.59
CA ASP H 90 -1.65 23.76 49.35
C ASP H 90 -2.49 23.45 50.60
N THR H 91 -2.04 23.95 51.74
CA THR H 91 -2.69 23.96 53.04
C THR H 91 -3.97 24.80 53.02
N ALA H 92 -5.08 24.16 52.67
CA ALA H 92 -6.32 24.81 52.24
C ALA H 92 -7.53 23.90 52.50
N ILE H 93 -8.75 24.44 52.35
CA ILE H 93 -9.96 23.64 52.53
C ILE H 93 -10.51 23.29 51.14
N TYR H 94 -10.73 22.02 50.88
CA TYR H 94 -11.00 21.48 49.56
C TYR H 94 -12.48 21.13 49.41
N TYR H 95 -13.05 21.51 48.27
CA TYR H 95 -14.45 21.33 47.96
C TYR H 95 -14.66 20.72 46.59
N CYS H 96 -15.31 19.55 46.59
CA CYS H 96 -16.08 19.12 45.44
C CYS H 96 -17.34 19.99 45.37
N THR H 97 -17.95 20.07 44.20
CA THR H 97 -19.14 20.88 43.99
C THR H 97 -20.17 20.15 43.16
N ARG H 98 -21.42 20.58 43.27
CA ARG H 98 -22.58 20.02 42.58
C ARG H 98 -23.03 20.99 41.52
N LEU H 99 -23.14 20.52 40.28
CA LEU H 99 -23.67 21.29 39.16
C LEU H 99 -24.71 20.44 38.45
N GLU H 100 -25.97 20.84 38.50
CA GLU H 100 -27.07 20.20 37.73
C GLU H 100 -28.35 21.03 37.53
N PRO H 101 -28.71 21.96 38.44
CA PRO H 101 -29.74 23.00 38.21
C PRO H 101 -29.34 24.02 37.12
N ASP H 102 -29.57 25.33 37.29
CA ASP H 102 -28.98 26.33 36.37
C ASP H 102 -27.52 26.61 36.74
N PHE H 103 -26.73 25.57 36.98
CA PHE H 103 -25.32 25.68 37.35
C PHE H 103 -24.55 26.59 36.40
N LEU H 104 -24.78 26.44 35.09
CA LEU H 104 -24.18 27.25 34.05
C LEU H 104 -24.59 28.73 34.13
N SER H 105 -25.79 29.04 34.60
CA SER H 105 -26.16 30.43 34.88
C SER H 105 -25.42 31.02 36.09
N GLY H 106 -24.96 30.12 36.96
CA GLY H 106 -24.15 30.40 38.12
C GLY H 106 -24.41 29.50 39.33
N TRP H 107 -25.32 28.52 39.25
CA TRP H 107 -25.80 27.77 40.42
C TRP H 107 -24.89 26.60 40.87
N ALA H 108 -23.55 26.69 40.81
CA ALA H 108 -22.69 25.66 41.41
C ALA H 108 -22.83 25.63 42.95
N HIS H 109 -22.67 24.48 43.58
CA HIS H 109 -22.99 24.29 45.00
C HIS H 109 -21.92 23.49 45.75
N TRP H 110 -21.66 23.83 47.00
CA TRP H 110 -20.49 23.36 47.74
C TRP H 110 -20.83 22.27 48.76
N GLY H 111 -19.96 21.26 48.82
CA GLY H 111 -19.94 20.32 49.94
C GLY H 111 -19.44 20.94 51.25
N LYS H 112 -19.24 20.12 52.29
CA LYS H 112 -18.87 20.58 53.64
C LYS H 112 -17.42 21.06 53.83
N GLY H 113 -16.54 20.79 52.87
CA GLY H 113 -15.11 21.17 52.87
C GLY H 113 -14.18 20.19 53.58
N VAL H 114 -12.92 20.08 53.13
CA VAL H 114 -11.89 19.23 53.79
C VAL H 114 -10.56 19.96 53.93
N LEU H 115 -10.08 20.14 55.15
CA LEU H 115 -8.77 20.77 55.39
C LEU H 115 -7.61 19.82 55.06
N VAL H 116 -6.59 20.35 54.40
CA VAL H 116 -5.28 19.71 54.24
C VAL H 116 -4.23 20.53 54.98
N THR H 117 -3.30 19.84 55.64
CA THR H 117 -2.29 20.43 56.53
C THR H 117 -0.90 19.96 56.11
N VAL H 118 0.09 20.84 56.06
CA VAL H 118 1.44 20.47 55.58
C VAL H 118 2.51 21.08 56.47
N SER H 119 3.42 20.24 56.97
CA SER H 119 4.61 20.67 57.71
C SER H 119 5.65 19.55 57.76
N PRO H 120 6.95 19.87 57.83
CA PRO H 120 7.98 18.89 58.20
C PRO H 120 7.90 18.48 59.68
N ALA H 121 7.15 19.21 60.52
CA ALA H 121 6.98 18.87 61.93
C ALA H 121 6.31 17.50 62.09
N SER H 122 6.92 16.58 62.83
CA SER H 122 6.20 15.43 63.41
C SER H 122 5.45 15.87 64.66
N THR H 123 4.50 15.06 65.13
CA THR H 123 3.55 15.51 66.17
C THR H 123 4.24 15.83 67.50
N LYS H 124 3.93 17.03 68.00
CA LYS H 124 4.46 17.62 69.22
C LYS H 124 3.35 17.80 70.23
N GLY H 125 3.56 17.23 71.42
CA GLY H 125 2.73 17.54 72.56
C GLY H 125 2.81 19.03 72.96
N PRO H 126 1.75 19.55 73.57
CA PRO H 126 1.62 20.96 73.90
C PRO H 126 2.57 21.39 75.02
N SER H 127 3.21 22.55 74.86
CA SER H 127 3.70 23.32 76.01
C SER H 127 2.53 24.06 76.66
N VAL H 128 1.63 23.32 77.31
CA VAL H 128 0.51 23.89 78.07
C VAL H 128 1.02 24.61 79.33
N PHE H 129 0.48 25.79 79.61
CA PHE H 129 1.21 26.75 80.45
C PHE H 129 0.37 27.77 81.26
N PRO H 130 0.64 27.98 82.56
CA PRO H 130 -0.01 29.02 83.36
C PRO H 130 0.46 30.43 83.02
N LEU H 131 -0.47 31.33 82.78
CA LEU H 131 -0.22 32.76 82.69
C LEU H 131 -0.80 33.43 83.93
N ALA H 132 -0.01 34.27 84.57
CA ALA H 132 -0.39 34.89 85.83
C ALA H 132 -1.71 35.68 85.70
N PRO H 133 -2.39 35.97 86.81
CA PRO H 133 -3.31 37.08 86.84
C PRO H 133 -2.55 38.39 86.57
N SER H 134 -3.29 39.44 86.21
CA SER H 134 -2.80 40.82 86.10
C SER H 134 -2.40 41.43 87.45
N SER H 135 -1.45 40.80 88.15
CA SER H 135 -1.10 41.03 89.55
C SER H 135 -2.33 41.07 90.47
N ARG H 136 -2.77 39.87 90.93
CA ARG H 136 -4.04 39.64 91.67
C ARG H 136 -4.27 40.55 92.88
N SER H 137 -3.18 40.88 93.58
CA SER H 137 -3.18 41.75 94.76
C SER H 137 -3.39 43.23 94.43
N THR H 138 -3.20 43.66 93.18
CA THR H 138 -3.22 45.08 92.78
C THR H 138 -4.22 45.44 91.68
N SER H 139 -4.74 44.48 90.91
CA SER H 139 -5.77 44.76 89.88
C SER H 139 -7.04 45.32 90.54
N GLU H 140 -7.85 46.01 89.76
CA GLU H 140 -9.19 46.45 90.15
C GLU H 140 -10.17 45.26 90.35
N SER H 141 -11.47 45.55 90.51
CA SER H 141 -12.57 44.58 90.62
C SER H 141 -12.56 43.45 89.57
N THR H 142 -11.94 43.69 88.42
CA THR H 142 -11.65 42.72 87.40
C THR H 142 -10.18 42.75 86.97
N ALA H 143 -9.76 41.64 86.38
CA ALA H 143 -8.40 41.40 85.86
C ALA H 143 -8.46 40.40 84.70
N ALA H 144 -7.38 40.25 83.95
CA ALA H 144 -7.17 39.03 83.20
C ALA H 144 -6.36 38.02 84.05
N LEU H 145 -6.53 36.75 83.76
CA LEU H 145 -5.61 35.63 84.04
C LEU H 145 -5.62 34.77 82.79
N GLY H 146 -4.60 33.96 82.49
CA GLY H 146 -4.66 33.14 81.30
C GLY H 146 -3.91 31.83 81.33
N CYS H 147 -3.97 31.13 80.20
CA CYS H 147 -3.17 29.95 79.94
C CYS H 147 -2.73 30.01 78.48
N LEU H 148 -1.65 29.32 78.17
CA LEU H 148 -1.04 29.32 76.86
C LEU H 148 -0.70 27.91 76.45
N VAL H 149 -0.76 27.65 75.16
CA VAL H 149 -0.09 26.51 74.55
C VAL H 149 0.98 27.04 73.61
N LYS H 150 2.11 26.33 73.52
CA LYS H 150 3.21 26.65 72.62
C LYS H 150 3.78 25.39 71.99
N ASP H 151 4.37 25.55 70.81
CA ASP H 151 5.06 24.53 70.04
C ASP H 151 4.31 23.21 69.85
N TYR H 152 2.98 23.31 69.77
CA TYR H 152 2.09 22.17 69.61
C TYR H 152 1.96 21.73 68.14
N PHE H 153 1.82 20.44 67.83
CA PHE H 153 1.58 20.02 66.44
C PHE H 153 0.93 18.63 66.30
N PRO H 154 0.07 18.37 65.30
CA PRO H 154 -0.62 19.34 64.45
C PRO H 154 -1.88 19.88 65.13
N GLU H 155 -2.44 20.95 64.58
CA GLU H 155 -3.69 21.57 65.03
C GLU H 155 -4.92 20.64 65.14
N PRO H 156 -5.91 20.99 65.98
CA PRO H 156 -6.00 22.21 66.80
C PRO H 156 -5.68 22.04 68.28
N VAL H 157 -4.94 23.00 68.85
CA VAL H 157 -5.08 23.30 70.30
C VAL H 157 -6.56 23.57 70.59
N THR H 158 -7.15 22.95 71.62
CA THR H 158 -8.60 23.04 71.85
C THR H 158 -8.93 23.36 73.31
N VAL H 159 -8.89 24.65 73.66
CA VAL H 159 -8.93 25.16 75.05
C VAL H 159 -10.35 25.27 75.61
N SER H 160 -10.45 25.18 76.94
CA SER H 160 -11.64 25.35 77.78
C SER H 160 -11.17 25.64 79.22
N TRP H 161 -12.04 26.05 80.14
CA TRP H 161 -11.62 26.51 81.48
C TRP H 161 -12.43 25.91 82.63
N ASN H 162 -11.89 25.97 83.85
CA ASN H 162 -12.40 25.31 85.06
C ASN H 162 -12.70 23.83 84.80
N SER H 163 -11.74 23.11 84.22
CA SER H 163 -11.94 21.74 83.71
C SER H 163 -13.08 21.62 82.69
N GLY H 164 -13.20 22.62 81.82
CA GLY H 164 -14.27 22.73 80.82
C GLY H 164 -15.58 23.37 81.33
N SER H 165 -15.76 23.54 82.64
CA SER H 165 -17.02 24.07 83.22
C SER H 165 -17.21 25.59 83.07
N LEU H 166 -16.20 26.34 82.66
CA LEU H 166 -16.26 27.79 82.44
C LEU H 166 -16.30 28.13 80.94
N THR H 167 -17.34 28.86 80.53
CA THR H 167 -17.65 29.18 79.12
C THR H 167 -18.05 30.66 78.89
N SER H 168 -18.06 31.47 79.95
CA SER H 168 -18.37 32.91 79.97
C SER H 168 -17.49 33.59 81.02
N GLY H 169 -17.23 34.89 80.89
CA GLY H 169 -16.16 35.54 81.66
C GLY H 169 -14.77 35.03 81.22
N VAL H 170 -14.63 34.70 79.95
CA VAL H 170 -13.50 33.96 79.39
C VAL H 170 -13.36 34.32 77.92
N HIS H 171 -12.14 34.23 77.38
CA HIS H 171 -11.88 34.36 75.94
C HIS H 171 -10.93 33.28 75.47
N THR H 172 -11.28 32.67 74.35
CA THR H 172 -10.56 31.54 73.75
C THR H 172 -9.94 31.97 72.42
N PHE H 173 -8.98 32.90 72.48
CA PHE H 173 -8.35 33.44 71.27
C PHE H 173 -7.62 32.33 70.51
N PRO H 174 -7.80 32.23 69.18
CA PRO H 174 -7.35 31.08 68.43
C PRO H 174 -5.83 30.94 68.43
N ALA H 175 -5.37 29.72 68.17
CA ALA H 175 -3.96 29.46 67.95
C ALA H 175 -3.45 30.07 66.63
N VAL H 176 -2.15 30.26 66.55
CA VAL H 176 -1.40 30.79 65.41
C VAL H 176 -0.16 29.93 65.15
N LEU H 177 0.18 29.69 63.89
CA LEU H 177 1.41 29.01 63.48
C LEU H 177 2.63 29.87 63.80
N GLN H 178 3.52 29.35 64.66
CA GLN H 178 4.76 29.96 65.07
C GLN H 178 5.89 29.62 64.08
N SER H 179 6.95 30.42 64.07
CA SER H 179 8.14 30.25 63.21
C SER H 179 8.85 28.92 63.42
N SER H 180 8.62 28.27 64.57
CA SER H 180 9.06 26.90 64.87
C SER H 180 8.44 25.84 63.95
N GLY H 181 7.38 26.16 63.18
CA GLY H 181 6.61 25.18 62.41
C GLY H 181 5.52 24.48 63.23
N LEU H 182 5.13 25.10 64.35
CA LEU H 182 4.34 24.54 65.44
C LEU H 182 3.40 25.62 66.00
N TYR H 183 2.40 25.28 66.80
CA TYR H 183 1.28 26.15 67.13
C TYR H 183 1.34 26.73 68.55
N SER H 184 0.87 27.98 68.69
CA SER H 184 0.72 28.64 70.00
C SER H 184 -0.59 29.42 70.09
N LEU H 185 -1.11 29.52 71.31
CA LEU H 185 -2.38 30.12 71.69
C LEU H 185 -2.22 30.80 73.06
N SER H 186 -2.99 31.85 73.32
CA SER H 186 -3.24 32.37 74.67
C SER H 186 -4.75 32.47 74.90
N SER H 187 -5.25 32.01 76.03
CA SER H 187 -6.64 32.13 76.45
C SER H 187 -6.74 32.77 77.82
N VAL H 188 -7.84 33.47 78.10
CA VAL H 188 -7.98 34.37 79.25
C VAL H 188 -9.25 34.03 80.04
N VAL H 189 -9.16 34.00 81.36
CA VAL H 189 -10.33 34.22 82.23
C VAL H 189 -10.34 35.69 82.64
N THR H 190 -11.41 36.40 82.34
CA THR H 190 -11.63 37.76 82.86
C THR H 190 -12.09 37.64 84.31
N VAL H 191 -11.12 37.51 85.21
CA VAL H 191 -11.26 37.34 86.66
C VAL H 191 -12.16 38.42 87.25
N PRO H 192 -13.17 38.10 88.06
CA PRO H 192 -13.74 39.06 89.01
C PRO H 192 -12.76 39.18 90.19
N SER H 193 -11.60 39.82 89.98
CA SER H 193 -10.56 40.01 90.99
C SER H 193 -10.94 40.92 92.18
N SER H 194 -12.21 41.32 92.29
CA SER H 194 -12.84 41.68 93.57
C SER H 194 -12.80 40.49 94.55
N SER H 195 -12.63 39.26 94.06
CA SER H 195 -12.41 38.01 94.81
C SER H 195 -11.30 37.17 94.18
N LEU H 196 -10.60 36.35 94.97
CA LEU H 196 -9.60 35.41 94.46
C LEU H 196 -10.21 34.13 93.85
N GLY H 197 -11.15 34.28 92.92
CA GLY H 197 -11.74 33.16 92.16
C GLY H 197 -10.74 32.36 91.33
N THR H 198 -9.53 32.90 91.11
CA THR H 198 -8.42 32.29 90.33
C THR H 198 -8.11 30.85 90.73
N GLN H 199 -8.22 30.50 92.01
CA GLN H 199 -8.05 29.13 92.51
C GLN H 199 -8.99 28.08 91.84
N THR H 200 -10.00 28.49 91.09
CA THR H 200 -10.90 27.59 90.32
C THR H 200 -10.41 27.30 88.89
N TYR H 201 -9.45 28.08 88.37
CA TYR H 201 -9.27 28.21 86.92
C TYR H 201 -8.34 27.15 86.32
N VAL H 202 -8.87 25.93 86.18
CA VAL H 202 -8.23 24.80 85.50
C VAL H 202 -8.40 24.94 83.98
N CYS H 203 -7.38 25.47 83.30
CA CYS H 203 -7.34 25.56 81.85
C CYS H 203 -7.13 24.16 81.23
N ASN H 204 -8.19 23.66 80.62
CA ASN H 204 -8.32 22.27 80.17
C ASN H 204 -8.35 22.22 78.64
N VAL H 205 -7.45 21.44 78.04
CA VAL H 205 -7.11 21.59 76.63
C VAL H 205 -7.00 20.22 75.95
N ASN H 206 -7.90 19.95 75.01
CA ASN H 206 -7.83 18.80 74.10
C ASN H 206 -6.75 19.04 73.02
N HIS H 207 -5.96 17.99 72.76
CA HIS H 207 -4.86 17.93 71.81
C HIS H 207 -4.80 16.54 71.16
N LYS H 208 -5.95 15.92 70.89
CA LYS H 208 -6.04 14.55 70.37
C LYS H 208 -5.40 14.30 68.99
N PRO H 209 -5.11 15.31 68.14
CA PRO H 209 -4.22 15.10 66.98
C PRO H 209 -2.79 14.76 67.37
N SER H 210 -2.36 15.20 68.56
CA SER H 210 -1.16 14.72 69.26
C SER H 210 -1.51 13.69 70.32
N ASN H 211 -2.62 12.96 70.17
CA ASN H 211 -3.08 11.92 71.09
C ASN H 211 -3.17 12.35 72.57
N THR H 212 -3.49 13.62 72.85
CA THR H 212 -3.28 14.23 74.17
C THR H 212 -4.52 14.96 74.69
N LYS H 213 -4.73 14.98 76.01
CA LYS H 213 -5.55 15.98 76.70
C LYS H 213 -4.94 16.30 78.07
N VAL H 214 -5.04 17.56 78.47
CA VAL H 214 -4.33 18.13 79.64
C VAL H 214 -5.21 19.13 80.39
N ASP H 215 -4.90 19.37 81.66
CA ASP H 215 -5.51 20.43 82.46
C ASP H 215 -4.49 21.08 83.40
N LYS H 216 -4.66 22.36 83.70
CA LYS H 216 -3.75 23.15 84.52
C LYS H 216 -4.49 24.22 85.31
N ARG H 217 -4.55 24.07 86.63
CA ARG H 217 -5.03 25.14 87.53
C ARG H 217 -4.04 26.30 87.50
N VAL H 218 -4.50 27.45 87.03
CA VAL H 218 -3.77 28.72 87.06
C VAL H 218 -4.42 29.61 88.12
N GLU H 219 -3.63 30.22 89.01
CA GLU H 219 -4.09 31.05 90.14
C GLU H 219 -3.40 32.42 90.25
N GLN I 1 10.03 -6.43 31.91
CA GLN I 1 11.21 -6.75 32.75
C GLN I 1 11.21 -5.98 34.08
N ASP I 2 11.41 -4.66 34.06
CA ASP I 2 11.67 -3.88 35.27
C ASP I 2 10.42 -3.73 36.16
N LEU I 3 10.57 -3.92 37.47
CA LEU I 3 9.47 -3.99 38.42
C LEU I 3 8.65 -2.70 38.40
N LEU I 4 7.32 -2.81 38.48
CA LEU I 4 6.39 -1.67 38.43
C LEU I 4 6.75 -0.61 39.49
N LEU I 5 6.83 0.65 39.08
CA LEU I 5 7.48 1.71 39.84
C LEU I 5 6.63 2.17 41.01
N GLN I 6 7.04 1.81 42.23
CA GLN I 6 6.21 1.89 43.43
C GLN I 6 7.15 2.16 44.63
N SER I 7 6.72 2.92 45.65
CA SER I 7 7.69 3.63 46.51
C SER I 7 7.32 3.90 47.98
N GLY I 8 6.98 5.14 48.34
CA GLY I 8 7.17 5.68 49.69
C GLY I 8 6.20 5.17 50.77
N ALA I 9 6.75 4.68 51.88
CA ALA I 9 5.97 4.21 53.02
C ALA I 9 5.22 5.33 53.77
N GLU I 10 4.26 4.92 54.60
CA GLU I 10 3.50 5.79 55.50
C GLU I 10 2.89 4.99 56.66
N VAL I 11 2.54 5.68 57.74
CA VAL I 11 1.77 5.15 58.86
C VAL I 11 0.46 5.91 59.04
N ARG I 12 -0.56 5.18 59.46
CA ARG I 12 -2.00 5.42 59.36
C ARG I 12 -2.69 4.84 60.58
N GLU I 13 -4.00 5.01 60.65
CA GLU I 13 -4.82 4.85 61.86
C GLU I 13 -6.13 4.09 61.56
N PRO I 14 -6.76 3.43 62.55
CA PRO I 14 -7.92 2.58 62.32
C PRO I 14 -9.08 3.32 61.66
N GLY I 15 -9.74 2.66 60.70
CA GLY I 15 -10.86 3.21 59.95
C GLY I 15 -10.49 4.27 58.90
N ALA I 16 -9.21 4.57 58.71
CA ALA I 16 -8.73 5.48 57.67
C ALA I 16 -8.99 4.95 56.25
N SER I 17 -8.73 5.80 55.27
CA SER I 17 -8.63 5.42 53.86
C SER I 17 -7.32 5.92 53.27
N VAL I 18 -6.67 5.09 52.47
CA VAL I 18 -5.22 5.11 52.28
C VAL I 18 -4.89 4.80 50.83
N THR I 19 -3.79 5.37 50.34
CA THR I 19 -3.43 5.32 48.93
C THR I 19 -1.97 4.95 48.74
N VAL I 20 -1.66 4.19 47.70
CA VAL I 20 -0.29 3.94 47.26
C VAL I 20 -0.19 4.21 45.77
N SER I 21 0.86 4.92 45.39
CA SER I 21 1.12 5.23 43.99
C SER I 21 1.84 4.08 43.30
N CYS I 22 1.54 3.86 42.03
CA CYS I 22 2.28 2.94 41.18
C CYS I 22 2.32 3.44 39.74
N GLN I 23 3.49 3.40 39.12
CA GLN I 23 3.77 4.14 37.89
C GLN I 23 4.55 3.31 36.87
N ALA I 24 4.71 3.85 35.66
CA ALA I 24 5.59 3.29 34.64
C ALA I 24 7.01 3.04 35.17
N SER I 25 7.48 1.80 35.05
CA SER I 25 8.89 1.44 35.22
C SER I 25 9.62 1.62 33.87
N ASN I 26 10.71 0.88 33.62
CA ASN I 26 11.15 0.62 32.25
C ASN I 26 10.26 -0.47 31.60
N TYR I 27 8.98 -0.16 31.47
CA TYR I 27 7.91 -1.05 31.00
C TYR I 27 6.73 -0.23 30.41
N THR I 28 5.84 -0.86 29.65
CA THR I 28 4.74 -0.23 28.92
C THR I 28 3.56 0.16 29.81
N PHE I 29 2.57 0.87 29.23
CA PHE I 29 1.32 1.21 29.90
C PHE I 29 0.01 0.73 29.23
N PRO I 30 -0.27 0.99 27.94
CA PRO I 30 -1.66 0.99 27.47
C PRO I 30 -2.27 -0.41 27.23
N ASP I 31 -1.55 -1.49 27.51
CA ASP I 31 -1.70 -2.77 26.82
C ASP I 31 -2.39 -3.90 27.61
N TYR I 32 -2.35 -3.89 28.94
CA TYR I 32 -2.43 -5.12 29.75
C TYR I 32 -3.13 -4.92 31.07
N TYR I 33 -3.51 -6.01 31.73
CA TYR I 33 -4.05 -6.00 33.08
C TYR I 33 -2.99 -5.80 34.16
N ILE I 34 -3.06 -4.69 34.90
CA ILE I 34 -2.50 -4.61 36.23
C ILE I 34 -3.27 -5.54 37.17
N HIS I 35 -2.57 -6.05 38.17
CA HIS I 35 -3.11 -6.74 39.32
C HIS I 35 -2.70 -5.96 40.57
N TRP I 36 -3.33 -6.29 41.68
CA TRP I 36 -2.92 -5.89 43.00
C TRP I 36 -2.75 -7.12 43.86
N VAL I 37 -1.70 -7.08 44.67
CA VAL I 37 -1.22 -8.18 45.49
C VAL I 37 -0.74 -7.59 46.80
N ARG I 38 -0.78 -8.38 47.87
CA ARG I 38 -0.39 -7.99 49.21
C ARG I 38 0.45 -9.08 49.86
N LEU I 39 1.39 -8.70 50.73
CA LEU I 39 1.98 -9.59 51.72
C LEU I 39 1.46 -9.15 53.07
N VAL I 40 0.64 -9.98 53.68
CA VAL I 40 0.40 -9.83 55.11
C VAL I 40 1.70 -10.25 55.79
N PRO I 41 2.35 -9.34 56.53
CA PRO I 41 3.79 -9.37 56.76
C PRO I 41 4.23 -10.60 57.58
N GLY I 42 5.27 -11.28 57.08
CA GLY I 42 5.75 -12.55 57.63
C GLY I 42 4.78 -13.74 57.45
N GLN I 43 3.70 -13.56 56.69
CA GLN I 43 2.60 -14.51 56.51
C GLN I 43 2.31 -14.70 55.01
N GLY I 44 1.05 -14.93 54.62
CA GLY I 44 0.68 -15.22 53.25
C GLY I 44 0.85 -14.03 52.29
N LEU I 45 1.32 -14.31 51.09
CA LEU I 45 1.02 -13.44 49.96
C LEU I 45 -0.49 -13.54 49.64
N GLU I 46 -1.06 -12.54 48.98
CA GLU I 46 -2.50 -12.41 48.84
C GLU I 46 -2.84 -11.61 47.59
N TRP I 47 -3.49 -12.23 46.60
CA TRP I 47 -4.03 -11.44 45.50
C TRP I 47 -5.22 -10.62 45.97
N LEU I 48 -5.28 -9.38 45.52
CA LEU I 48 -6.39 -8.48 45.79
C LEU I 48 -7.33 -8.42 44.59
N GLY I 49 -6.80 -8.04 43.43
CA GLY I 49 -7.65 -7.62 42.33
C GLY I 49 -6.91 -7.43 41.02
N GLU I 50 -7.67 -7.18 39.98
CA GLU I 50 -7.26 -6.84 38.62
C GLU I 50 -7.78 -5.45 38.27
N MET I 51 -6.99 -4.67 37.55
CA MET I 51 -7.44 -3.49 36.85
C MET I 51 -6.81 -3.50 35.47
N LYS I 52 -7.54 -3.18 34.39
CA LYS I 52 -6.92 -2.73 33.15
C LYS I 52 -6.86 -1.20 33.19
N PRO I 53 -5.72 -0.62 33.58
CA PRO I 53 -5.65 0.76 34.01
C PRO I 53 -5.96 1.74 32.89
N LYS I 54 -5.44 1.49 31.68
CA LYS I 54 -5.68 2.40 30.55
C LYS I 54 -7.15 2.45 30.16
N VAL I 55 -7.79 1.28 30.17
CA VAL I 55 -9.23 1.15 29.86
C VAL I 55 -10.11 1.58 31.03
N GLY I 56 -9.58 1.62 32.26
CA GLY I 56 -10.27 2.19 33.42
C GLY I 56 -11.24 1.22 34.09
N VAL I 57 -10.91 -0.06 34.05
CA VAL I 57 -11.80 -1.18 34.38
C VAL I 57 -11.10 -2.13 35.35
N THR I 58 -11.86 -3.01 36.01
CA THR I 58 -11.35 -3.78 37.14
C THR I 58 -12.18 -5.04 37.47
N ASN I 59 -11.60 -6.05 38.13
CA ASN I 59 -12.31 -7.16 38.80
C ASN I 59 -11.55 -7.58 40.07
N VAL I 60 -12.21 -7.78 41.21
CA VAL I 60 -11.53 -7.81 42.51
C VAL I 60 -12.09 -8.88 43.42
N SER I 61 -11.25 -9.49 44.26
CA SER I 61 -11.68 -10.53 45.19
C SER I 61 -12.79 -10.06 46.13
N LYS I 62 -13.74 -10.95 46.38
CA LYS I 62 -14.84 -10.83 47.35
C LYS I 62 -14.38 -10.52 48.77
N LYS I 63 -13.13 -10.83 49.10
CA LYS I 63 -12.51 -10.49 50.39
C LYS I 63 -12.39 -8.98 50.66
N ILE I 64 -12.32 -8.14 49.61
CA ILE I 64 -11.94 -6.71 49.76
C ILE I 64 -12.57 -5.73 48.77
N ARG I 65 -13.29 -6.21 47.75
CA ARG I 65 -13.83 -5.41 46.63
C ARG I 65 -14.65 -4.18 47.01
N ASP I 66 -15.28 -4.20 48.18
CA ASP I 66 -16.11 -3.12 48.71
C ASP I 66 -15.23 -2.01 49.30
N ARG I 67 -14.22 -2.37 50.10
CA ARG I 67 -13.29 -1.40 50.69
C ARG I 67 -12.25 -0.88 49.69
N LEU I 68 -11.89 -1.70 48.71
CA LEU I 68 -10.96 -1.30 47.66
C LEU I 68 -11.59 -0.33 46.66
N PHE I 69 -10.74 0.36 45.93
CA PHE I 69 -11.03 0.93 44.63
C PHE I 69 -9.73 0.96 43.83
N MET I 70 -9.83 1.00 42.50
CA MET I 70 -8.69 1.10 41.62
C MET I 70 -8.94 2.10 40.52
N THR I 71 -7.94 2.86 40.10
CA THR I 71 -7.99 3.66 38.88
C THR I 71 -6.58 4.07 38.47
N ALA I 72 -6.42 4.67 37.29
CA ALA I 72 -5.14 5.20 36.88
C ALA I 72 -5.25 6.52 36.12
N ASP I 73 -4.31 7.41 36.42
CA ASP I 73 -3.96 8.47 35.50
C ASP I 73 -3.22 7.92 34.28
N THR I 74 -3.83 8.01 33.11
CA THR I 74 -3.16 7.69 31.84
C THR I 74 -2.03 8.66 31.53
N SER I 75 -2.10 9.91 31.99
CA SER I 75 -1.25 11.00 31.50
C SER I 75 0.22 10.78 31.86
N THR I 76 0.45 10.40 33.10
CA THR I 76 1.75 10.02 33.67
C THR I 76 2.01 8.52 33.64
N ASP I 77 0.95 7.73 33.41
CA ASP I 77 0.84 6.36 33.91
C ASP I 77 1.10 6.32 35.41
N THR I 78 0.04 6.58 36.16
CA THR I 78 -0.01 6.32 37.58
C THR I 78 -1.29 5.58 37.91
N ALA I 79 -1.21 4.27 38.10
CA ALA I 79 -2.22 3.58 38.86
C ALA I 79 -2.16 4.06 40.31
N TYR I 80 -3.32 4.26 40.91
CA TYR I 80 -3.46 4.38 42.36
C TYR I 80 -4.26 3.19 42.83
N MET I 81 -3.72 2.43 43.77
CA MET I 81 -4.59 1.61 44.59
C MET I 81 -5.19 2.50 45.65
N VAL I 82 -6.43 2.25 46.03
CA VAL I 82 -7.04 2.83 47.21
C VAL I 82 -7.67 1.74 48.04
N LEU I 83 -7.55 1.84 49.35
CA LEU I 83 -8.27 1.00 50.31
C LEU I 83 -8.92 1.89 51.35
N SER I 84 -10.05 1.45 51.91
CA SER I 84 -10.83 2.25 52.86
C SER I 84 -11.20 1.49 54.12
N ALA I 85 -11.56 2.25 55.16
CA ALA I 85 -11.94 1.74 56.47
C ALA I 85 -10.94 0.74 57.07
N LEU I 86 -9.65 1.05 56.99
CA LEU I 86 -8.61 0.06 57.24
C LEU I 86 -8.58 -0.45 58.68
N THR I 87 -8.48 -1.76 58.82
CA THR I 87 -8.09 -2.40 60.09
C THR I 87 -6.58 -2.33 60.29
N PRO I 88 -6.06 -2.34 61.53
CA PRO I 88 -4.67 -2.67 61.83
C PRO I 88 -4.14 -3.86 61.05
N GLY I 89 -4.96 -4.88 60.82
CA GLY I 89 -4.58 -6.05 60.01
C GLY I 89 -4.25 -5.74 58.55
N ASP I 90 -4.68 -4.60 58.01
CA ASP I 90 -4.27 -4.12 56.68
C ASP I 90 -2.84 -3.57 56.65
N THR I 91 -2.17 -3.50 57.80
CA THR I 91 -0.72 -3.26 57.88
C THR I 91 0.02 -4.32 57.08
N ALA I 92 0.55 -3.93 55.92
CA ALA I 92 1.05 -4.86 54.94
C ALA I 92 1.89 -4.19 53.88
N ILE I 93 2.65 -5.01 53.18
CA ILE I 93 3.31 -4.60 51.95
C ILE I 93 2.33 -4.85 50.81
N TYR I 94 2.07 -3.83 50.02
CA TYR I 94 1.20 -3.90 48.86
C TYR I 94 2.07 -3.91 47.61
N TYR I 95 1.63 -4.62 46.60
CA TYR I 95 2.37 -4.88 45.38
C TYR I 95 1.45 -4.62 44.20
N CYS I 96 1.73 -3.52 43.55
CA CYS I 96 1.25 -3.25 42.22
C CYS I 96 1.82 -4.31 41.30
N THR I 97 0.98 -4.96 40.53
CA THR I 97 1.35 -6.22 39.85
C THR I 97 0.70 -6.23 38.48
N ARG I 98 0.90 -7.29 37.69
CA ARG I 98 0.27 -7.41 36.37
C ARG I 98 0.17 -8.85 35.91
N LEU I 99 -0.70 -9.10 34.95
CA LEU I 99 -0.53 -10.21 34.02
C LEU I 99 0.48 -9.84 32.94
N GLU I 100 0.90 -10.84 32.18
CA GLU I 100 2.07 -10.74 31.32
C GLU I 100 1.67 -11.18 29.89
N PRO I 101 1.94 -10.43 28.81
CA PRO I 101 1.56 -10.85 27.45
C PRO I 101 2.12 -12.21 26.98
N ASP I 102 3.13 -12.74 27.66
CA ASP I 102 3.67 -14.09 27.48
C ASP I 102 3.44 -14.92 28.75
N PHE I 103 3.87 -14.39 29.90
CA PHE I 103 3.72 -15.11 31.14
C PHE I 103 2.32 -15.03 31.76
N LEU I 104 1.24 -14.65 31.05
CA LEU I 104 -0.12 -15.01 31.50
C LEU I 104 -0.26 -16.53 31.60
N SER I 105 0.58 -17.24 30.83
CA SER I 105 0.84 -18.67 30.95
C SER I 105 1.21 -19.09 32.38
N GLY I 106 1.66 -18.17 33.23
CA GLY I 106 1.57 -18.27 34.67
C GLY I 106 1.47 -16.89 35.31
N TRP I 107 2.61 -16.22 35.58
CA TRP I 107 2.63 -14.87 36.17
C TRP I 107 3.78 -13.95 35.73
N ALA I 108 3.58 -12.63 35.85
CA ALA I 108 4.56 -11.60 35.52
C ALA I 108 5.66 -11.42 36.58
N HIS I 109 6.67 -10.59 36.28
CA HIS I 109 7.49 -10.03 37.35
C HIS I 109 6.69 -9.01 38.20
N TRP I 110 7.26 -8.61 39.33
CA TRP I 110 6.56 -7.82 40.35
C TRP I 110 6.52 -6.30 40.13
N GLY I 111 5.86 -5.60 41.05
CA GLY I 111 6.11 -4.20 41.41
C GLY I 111 6.91 -4.08 42.69
N LYS I 112 7.53 -2.91 42.87
CA LYS I 112 8.33 -2.57 44.06
C LYS I 112 7.41 -2.29 45.26
N GLY I 113 6.99 -3.36 45.93
CA GLY I 113 5.94 -3.27 46.94
C GLY I 113 6.26 -2.32 48.10
N VAL I 114 5.23 -1.64 48.60
CA VAL I 114 5.31 -0.61 49.65
C VAL I 114 4.59 -1.04 50.92
N LEU I 115 5.30 -0.98 52.04
CA LEU I 115 4.70 -1.15 53.35
C LEU I 115 3.87 0.07 53.71
N VAL I 116 2.63 -0.17 54.11
CA VAL I 116 1.83 0.83 54.83
C VAL I 116 1.32 0.24 56.13
N THR I 117 1.28 1.09 57.14
CA THR I 117 1.27 0.70 58.54
C THR I 117 0.07 1.30 59.24
N VAL I 118 -0.72 0.53 59.97
CA VAL I 118 -2.00 0.94 60.53
C VAL I 118 -2.04 0.69 62.02
N SER I 119 -2.11 1.75 62.82
CA SER I 119 -2.09 1.69 64.28
C SER I 119 -2.77 2.90 64.91
N PRO I 120 -3.42 2.78 66.08
CA PRO I 120 -3.91 3.93 66.82
C PRO I 120 -2.81 4.73 67.53
N ALA I 121 -1.57 4.25 67.53
CA ALA I 121 -0.42 4.95 68.12
C ALA I 121 -0.09 6.27 67.40
N SER I 122 0.88 7.00 67.93
CA SER I 122 1.34 8.31 67.45
C SER I 122 2.85 8.46 67.68
N THR I 123 3.50 9.40 66.98
CA THR I 123 4.98 9.53 66.99
C THR I 123 5.54 9.63 68.42
N LYS I 124 6.54 8.79 68.74
CA LYS I 124 7.28 8.80 70.00
C LYS I 124 8.77 8.63 69.73
N GLY I 125 9.60 9.52 70.26
CA GLY I 125 11.04 9.30 70.28
C GLY I 125 11.34 8.01 71.06
N PRO I 126 12.24 7.14 70.58
CA PRO I 126 12.62 5.95 71.32
C PRO I 126 13.18 6.36 72.68
N SER I 127 12.64 5.77 73.75
CA SER I 127 13.33 5.73 75.03
C SER I 127 14.55 4.81 74.85
N VAL I 128 15.71 5.26 75.31
CA VAL I 128 16.99 4.60 75.06
C VAL I 128 17.73 4.38 76.37
N PHE I 129 18.30 3.19 76.57
CA PHE I 129 18.96 2.79 77.81
C PHE I 129 20.18 1.92 77.50
N PRO I 130 21.34 2.13 78.16
CA PRO I 130 22.55 1.37 77.90
C PRO I 130 22.56 0.08 78.73
N LEU I 131 21.61 -0.82 78.45
CA LEU I 131 21.32 -2.07 79.14
C LEU I 131 22.41 -2.62 80.07
N ALA I 132 23.57 -2.98 79.53
CA ALA I 132 24.49 -3.86 80.24
C ALA I 132 25.20 -3.24 81.46
N PRO I 133 25.73 -2.01 81.40
CA PRO I 133 26.19 -1.33 80.19
C PRO I 133 27.53 -1.93 79.71
N SER I 134 28.47 -2.15 80.62
CA SER I 134 29.52 -3.14 80.54
C SER I 134 29.07 -4.47 81.19
N SER I 135 29.99 -5.35 81.57
CA SER I 135 29.67 -6.52 82.41
C SER I 135 29.49 -6.11 83.89
N ARG I 136 28.48 -5.29 84.19
CA ARG I 136 28.25 -4.71 85.55
C ARG I 136 28.02 -5.80 86.62
N SER I 137 27.28 -6.83 86.23
CA SER I 137 27.07 -8.08 86.97
C SER I 137 26.57 -9.12 85.98
N THR I 138 27.19 -10.30 85.91
CA THR I 138 26.69 -11.41 85.09
C THR I 138 27.41 -12.73 85.43
N SER I 139 27.16 -13.81 84.69
CA SER I 139 28.05 -14.98 84.66
C SER I 139 29.36 -14.61 83.93
N GLU I 140 30.34 -14.10 84.66
CA GLU I 140 31.48 -13.34 84.09
C GLU I 140 32.34 -14.18 83.13
N SER I 141 32.30 -13.81 81.85
CA SER I 141 33.08 -14.41 80.75
C SER I 141 33.07 -13.42 79.58
N THR I 142 33.03 -13.89 78.33
CA THR I 142 32.54 -13.05 77.24
C THR I 142 31.10 -12.64 77.50
N ALA I 143 30.83 -11.36 77.32
CA ALA I 143 29.65 -10.65 77.76
C ALA I 143 29.30 -9.58 76.71
N ALA I 144 28.46 -8.61 77.07
CA ALA I 144 27.93 -7.66 76.11
C ALA I 144 28.05 -6.20 76.53
N LEU I 145 28.40 -5.37 75.55
CA LEU I 145 27.96 -3.99 75.57
C LEU I 145 26.50 -4.10 75.13
N GLY I 146 25.58 -3.48 75.84
CA GLY I 146 24.16 -3.62 75.52
C GLY I 146 23.47 -2.28 75.54
N CYS I 147 22.56 -2.09 74.59
CA CYS I 147 21.63 -0.97 74.57
C CYS I 147 20.25 -1.37 74.07
N LEU I 148 19.24 -0.63 74.51
CA LEU I 148 17.83 -0.88 74.33
C LEU I 148 17.16 0.36 73.76
N VAL I 149 16.30 0.15 72.78
CA VAL I 149 15.29 1.07 72.26
C VAL I 149 13.96 0.57 72.76
N LYS I 150 13.10 1.44 73.26
CA LYS I 150 11.77 1.11 73.78
C LYS I 150 10.85 2.30 73.56
N ASP I 151 9.54 2.10 73.66
CA ASP I 151 8.50 3.14 73.60
C ASP I 151 8.56 3.98 72.31
N TYR I 152 9.00 3.36 71.22
CA TYR I 152 9.44 4.00 70.01
C TYR I 152 8.33 4.02 68.94
N PHE I 153 8.10 5.11 68.23
CA PHE I 153 7.13 5.11 67.14
C PHE I 153 7.35 6.23 66.11
N PRO I 154 7.04 6.03 64.81
CA PRO I 154 6.84 4.75 64.14
C PRO I 154 8.18 4.07 63.85
N GLU I 155 8.20 2.80 63.45
CA GLU I 155 9.40 2.13 62.92
C GLU I 155 9.87 2.75 61.59
N PRO I 156 11.09 2.46 61.09
CA PRO I 156 12.15 1.65 61.71
C PRO I 156 13.37 2.46 62.17
N VAL I 157 13.97 2.05 63.29
CA VAL I 157 15.06 2.80 63.93
C VAL I 157 16.36 2.67 63.13
N THR I 158 17.33 3.53 63.41
CA THR I 158 18.74 3.31 63.07
C THR I 158 19.57 3.35 64.35
N VAL I 159 20.59 2.51 64.46
CA VAL I 159 21.52 2.50 65.62
C VAL I 159 22.90 2.00 65.23
N SER I 160 23.94 2.49 65.91
CA SER I 160 25.34 2.07 65.72
C SER I 160 26.12 2.10 67.03
N TRP I 161 27.31 1.50 67.06
CA TRP I 161 28.23 1.53 68.19
C TRP I 161 29.45 2.39 67.87
N ASN I 162 29.77 3.33 68.77
CA ASN I 162 30.80 4.35 68.56
C ASN I 162 30.65 5.06 67.19
N SER I 163 29.42 5.43 66.81
CA SER I 163 29.05 5.99 65.50
C SER I 163 29.46 5.09 64.31
N GLY I 164 29.33 3.78 64.46
CA GLY I 164 29.72 2.78 63.48
C GLY I 164 31.21 2.37 63.53
N SER I 165 32.00 2.94 64.44
CA SER I 165 33.42 2.58 64.58
C SER I 165 33.64 1.19 65.20
N LEU I 166 32.60 0.61 65.83
CA LEU I 166 32.67 -0.65 66.59
C LEU I 166 31.63 -1.66 66.07
N THR I 167 32.04 -2.91 65.86
CA THR I 167 31.24 -3.92 65.13
C THR I 167 31.35 -5.38 65.63
N SER I 168 32.18 -5.65 66.65
CA SER I 168 32.48 -7.01 67.17
C SER I 168 31.22 -7.76 67.62
N GLY I 169 30.80 -8.76 66.87
CA GLY I 169 29.57 -9.52 67.12
C GLY I 169 28.31 -8.64 67.22
N VAL I 170 28.25 -7.52 66.50
CA VAL I 170 27.08 -6.62 66.56
C VAL I 170 25.86 -7.24 65.89
N HIS I 171 24.72 -7.07 66.56
CA HIS I 171 23.39 -7.35 66.02
C HIS I 171 22.45 -6.21 66.38
N THR I 172 21.38 -6.08 65.62
CA THR I 172 20.38 -5.01 65.71
C THR I 172 19.01 -5.68 65.76
N PHE I 173 18.62 -6.11 66.96
CA PHE I 173 17.49 -7.02 67.14
C PHE I 173 16.16 -6.36 66.77
N PRO I 174 15.28 -7.03 65.99
CA PRO I 174 14.12 -6.40 65.35
C PRO I 174 13.11 -5.71 66.26
N ALA I 175 12.27 -4.88 65.63
CA ALA I 175 11.19 -4.09 66.24
C ALA I 175 10.07 -4.95 66.84
N VAL I 176 10.17 -5.22 68.14
CA VAL I 176 9.13 -5.85 68.97
C VAL I 176 7.97 -4.88 69.16
N LEU I 177 6.73 -5.29 68.89
CA LEU I 177 5.58 -4.52 69.36
C LEU I 177 5.33 -4.76 70.84
N GLN I 178 5.31 -3.69 71.62
CA GLN I 178 4.88 -3.70 73.03
C GLN I 178 3.35 -3.84 73.14
N SER I 179 2.84 -4.06 74.36
CA SER I 179 1.40 -3.95 74.68
C SER I 179 0.83 -2.54 74.43
N SER I 180 1.66 -1.48 74.49
CA SER I 180 1.32 -0.12 74.08
C SER I 180 1.25 0.05 72.55
N GLY I 181 1.66 -0.96 71.79
CA GLY I 181 1.87 -0.89 70.34
C GLY I 181 3.11 -0.09 69.94
N LEU I 182 3.83 0.49 70.90
CA LEU I 182 5.12 1.13 70.63
C LEU I 182 6.18 0.05 70.36
N TYR I 183 7.28 0.44 69.74
CA TYR I 183 8.34 -0.49 69.36
C TYR I 183 9.46 -0.59 70.40
N SER I 184 10.10 -1.75 70.43
CA SER I 184 11.37 -1.96 71.13
C SER I 184 12.36 -2.71 70.25
N LEU I 185 13.63 -2.33 70.33
CA LEU I 185 14.77 -2.96 69.65
C LEU I 185 15.93 -3.01 70.64
N SER I 186 17.00 -3.74 70.33
CA SER I 186 18.23 -3.69 71.11
C SER I 186 19.44 -3.81 70.19
N SER I 187 20.59 -3.25 70.58
CA SER I 187 21.85 -3.63 69.96
C SER I 187 22.86 -4.09 71.01
N VAL I 188 23.80 -4.91 70.55
CA VAL I 188 24.83 -5.60 71.34
C VAL I 188 26.20 -5.39 70.69
N VAL I 189 27.27 -5.31 71.48
CA VAL I 189 28.62 -5.69 71.02
C VAL I 189 29.10 -6.89 71.85
N THR I 190 29.57 -7.94 71.20
CA THR I 190 30.21 -9.08 71.89
C THR I 190 31.64 -8.71 72.33
N VAL I 191 31.94 -8.76 73.64
CA VAL I 191 33.21 -8.32 74.23
C VAL I 191 33.55 -9.10 75.53
N PRO I 192 34.82 -9.34 75.93
CA PRO I 192 35.18 -9.89 77.25
C PRO I 192 34.74 -9.02 78.44
N SER I 193 34.34 -9.62 79.57
CA SER I 193 33.95 -8.89 80.79
C SER I 193 35.06 -7.96 81.32
N SER I 194 36.32 -8.37 81.19
CA SER I 194 37.49 -7.56 81.55
C SER I 194 37.61 -6.29 80.70
N SER I 195 37.61 -6.42 79.37
CA SER I 195 37.61 -5.30 78.42
C SER I 195 36.40 -4.38 78.63
N LEU I 196 35.22 -4.97 78.85
CA LEU I 196 33.96 -4.27 79.14
C LEU I 196 34.06 -3.41 80.40
N GLY I 197 34.52 -3.98 81.51
CA GLY I 197 34.71 -3.22 82.75
C GLY I 197 35.84 -2.18 82.68
N THR I 198 36.72 -2.27 81.68
CA THR I 198 37.88 -1.37 81.49
C THR I 198 37.54 -0.13 80.66
N GLN I 199 36.96 -0.33 79.48
CA GLN I 199 36.79 0.72 78.47
C GLN I 199 35.36 1.28 78.46
N THR I 200 35.20 2.58 78.17
CA THR I 200 33.88 3.20 77.96
C THR I 200 33.60 3.45 76.47
N TYR I 201 32.33 3.31 76.12
CA TYR I 201 31.80 3.22 74.77
C TYR I 201 30.53 4.06 74.63
N VAL I 202 29.92 4.06 73.44
CA VAL I 202 28.65 4.73 73.19
C VAL I 202 27.80 3.89 72.24
N CYS I 203 26.50 3.84 72.48
CA CYS I 203 25.50 3.30 71.55
C CYS I 203 24.68 4.46 70.99
N ASN I 204 24.55 4.53 69.68
CA ASN I 204 24.21 5.72 68.91
C ASN I 204 22.91 5.51 68.11
N VAL I 205 21.77 5.70 68.77
CA VAL I 205 20.43 5.61 68.16
C VAL I 205 20.10 6.91 67.39
N ASN I 206 19.37 6.78 66.27
CA ASN I 206 18.73 7.90 65.56
C ASN I 206 17.45 7.42 64.85
N HIS I 207 16.41 8.27 64.77
CA HIS I 207 15.30 8.07 63.83
C HIS I 207 14.63 9.38 63.44
N LYS I 208 14.12 9.42 62.21
CA LYS I 208 13.10 10.35 61.71
C LYS I 208 12.02 9.51 61.02
N PRO I 209 10.72 9.76 61.23
CA PRO I 209 10.12 10.99 61.77
C PRO I 209 10.06 11.17 63.29
N SER I 210 10.54 10.24 64.12
CA SER I 210 10.55 10.47 65.59
C SER I 210 11.55 11.54 66.04
N ASN I 211 12.41 12.01 65.12
CA ASN I 211 13.34 13.13 65.23
C ASN I 211 14.12 13.14 66.54
N THR I 212 14.60 11.96 66.90
CA THR I 212 15.24 11.70 68.17
C THR I 212 16.55 10.98 67.92
N LYS I 213 17.63 11.47 68.51
CA LYS I 213 18.96 10.84 68.47
C LYS I 213 19.45 10.68 69.90
N VAL I 214 20.07 9.54 70.20
CA VAL I 214 20.61 9.26 71.53
C VAL I 214 21.94 8.52 71.41
N ASP I 215 23.03 9.27 71.63
CA ASP I 215 24.40 8.77 71.74
C ASP I 215 24.70 8.38 73.20
N LYS I 216 24.01 7.32 73.67
CA LYS I 216 24.00 6.89 75.05
C LYS I 216 25.37 6.32 75.43
N ARG I 217 26.01 6.89 76.45
CA ARG I 217 27.26 6.44 77.09
C ARG I 217 27.11 5.02 77.65
N VAL I 218 28.03 4.11 77.32
CA VAL I 218 27.98 2.70 77.73
C VAL I 218 29.26 2.28 78.47
N GLU I 219 29.15 2.11 79.80
CA GLU I 219 30.01 1.30 80.70
C GLU I 219 29.32 1.00 82.04
N GLU J 1 -10.57 -20.27 47.46
CA GLU J 1 -11.28 -21.57 47.25
C GLU J 1 -10.58 -22.53 46.28
N ILE J 2 -9.90 -22.10 45.20
CA ILE J 2 -8.94 -22.97 44.50
C ILE J 2 -7.83 -23.38 45.49
N VAL J 3 -7.71 -24.67 45.79
CA VAL J 3 -6.78 -25.15 46.83
C VAL J 3 -5.33 -24.96 46.40
N MET J 4 -4.47 -24.49 47.29
CA MET J 4 -3.02 -24.63 47.14
C MET J 4 -2.32 -24.78 48.49
N THR J 5 -1.67 -25.92 48.67
CA THR J 5 -0.84 -26.29 49.83
C THR J 5 0.62 -26.45 49.40
N GLN J 6 1.57 -25.75 50.03
CA GLN J 6 2.98 -25.70 49.60
C GLN J 6 3.86 -26.33 50.67
N THR J 7 4.67 -27.33 50.34
CA THR J 7 5.35 -28.21 51.32
C THR J 7 6.68 -28.75 50.78
N PRO J 8 7.72 -29.03 51.58
CA PRO J 8 7.85 -28.87 53.03
C PRO J 8 7.69 -27.42 53.49
N LEU J 9 7.12 -27.20 54.67
CA LEU J 9 6.76 -25.85 55.12
C LEU J 9 8.01 -25.00 55.41
N SER J 10 9.04 -25.64 55.95
CA SER J 10 10.40 -25.11 56.06
C SER J 10 11.42 -26.23 55.84
N LEU J 11 12.59 -25.88 55.32
CA LEU J 11 13.55 -26.82 54.75
C LEU J 11 14.97 -26.27 54.90
N SER J 12 15.64 -26.63 55.98
CA SER J 12 17.03 -26.25 56.22
C SER J 12 17.99 -27.23 55.56
N VAL J 13 18.90 -26.78 54.71
CA VAL J 13 19.62 -27.62 53.73
C VAL J 13 21.04 -27.12 53.42
N THR J 14 22.00 -28.00 53.20
CA THR J 14 23.38 -27.63 52.86
C THR J 14 23.60 -27.27 51.38
N PRO J 15 24.59 -26.40 51.08
CA PRO J 15 24.99 -26.12 49.70
C PRO J 15 25.44 -27.38 48.97
N GLY J 16 25.07 -27.48 47.70
CA GLY J 16 25.23 -28.64 46.84
C GLY J 16 23.94 -29.46 46.68
N GLU J 17 23.11 -29.57 47.72
CA GLU J 17 21.98 -30.50 47.71
C GLU J 17 20.90 -30.05 46.73
N PRO J 18 20.40 -30.90 45.83
CA PRO J 18 19.16 -30.60 45.16
C PRO J 18 18.02 -30.69 46.18
N ALA J 19 17.10 -29.74 46.16
CA ALA J 19 16.02 -29.63 47.15
C ALA J 19 14.67 -29.51 46.45
N SER J 20 13.67 -30.22 46.96
CA SER J 20 12.39 -30.46 46.30
C SER J 20 11.25 -29.80 47.07
N LEU J 21 10.40 -29.05 46.37
CA LEU J 21 9.26 -28.33 46.95
C LEU J 21 8.00 -28.65 46.15
N SER J 22 6.95 -29.08 46.84
CA SER J 22 5.70 -29.55 46.28
C SER J 22 4.59 -28.54 46.52
N CYS J 23 3.83 -28.27 45.47
CA CYS J 23 2.58 -27.54 45.53
C CYS J 23 1.46 -28.52 45.20
N ARG J 24 0.49 -28.62 46.09
CA ARG J 24 -0.65 -29.52 45.99
C ARG J 24 -1.96 -28.75 45.87
N SER J 25 -2.75 -29.14 44.88
CA SER J 25 -3.98 -28.49 44.47
C SER J 25 -5.06 -29.53 44.23
N SER J 26 -6.29 -29.06 44.10
CA SER J 26 -7.45 -29.84 43.66
C SER J 26 -7.61 -29.92 42.13
N ALA J 27 -6.89 -29.10 41.35
CA ALA J 27 -7.36 -28.71 40.02
C ALA J 27 -6.29 -28.63 38.92
N SER J 28 -6.74 -28.63 37.66
CA SER J 28 -6.03 -28.05 36.51
C SER J 28 -6.12 -26.52 36.55
N LEU J 29 -5.11 -25.80 36.08
CA LEU J 29 -4.82 -24.44 36.59
C LEU J 29 -4.83 -23.32 35.53
N LEU J 30 -5.85 -23.33 34.67
CA LEU J 30 -6.00 -22.42 33.53
C LEU J 30 -6.86 -21.17 33.82
N HIS J 31 -6.47 -20.02 33.28
CA HIS J 31 -7.38 -18.92 32.94
C HIS J 31 -8.13 -19.23 31.64
N GLY J 32 -7.47 -19.86 30.66
CA GLY J 32 -8.11 -20.29 29.41
C GLY J 32 -7.34 -21.37 28.64
N ASN J 33 -8.02 -22.02 27.71
CA ASN J 33 -7.53 -23.01 26.74
C ASN J 33 -6.88 -24.28 27.32
N GLY J 34 -6.79 -24.41 28.66
CA GLY J 34 -5.80 -25.30 29.25
C GLY J 34 -4.37 -24.91 28.84
N ASN J 35 -4.11 -23.61 28.62
CA ASN J 35 -2.79 -23.08 28.24
C ASN J 35 -2.04 -22.51 29.45
N THR J 36 -2.69 -21.69 30.27
CA THR J 36 -2.04 -21.12 31.46
C THR J 36 -2.05 -22.12 32.61
N TYR J 37 -1.03 -22.03 33.46
CA TYR J 37 -0.70 -22.97 34.52
C TYR J 37 0.16 -22.33 35.60
N LEU J 38 0.37 -23.10 36.65
CA LEU J 38 1.19 -22.76 37.79
C LEU J 38 2.58 -22.20 37.45
N HIS J 39 3.14 -21.47 38.40
CA HIS J 39 4.40 -20.73 38.26
C HIS J 39 5.00 -20.56 39.65
N TRP J 40 6.31 -20.37 39.74
CA TRP J 40 7.03 -20.35 41.01
C TRP J 40 7.99 -19.19 41.11
N TYR J 41 8.26 -18.78 42.34
CA TYR J 41 9.00 -17.57 42.66
C TYR J 41 9.52 -17.62 44.09
N LEU J 42 10.54 -16.80 44.32
CA LEU J 42 11.31 -16.68 45.55
C LEU J 42 11.12 -15.27 46.12
N ARG J 43 10.60 -15.14 47.33
CA ARG J 43 10.67 -13.90 48.11
C ARG J 43 11.81 -14.00 49.12
N LYS J 44 12.58 -12.94 49.24
CA LYS J 44 13.66 -12.77 50.21
C LYS J 44 13.56 -11.39 50.85
N ALA J 45 14.22 -11.22 51.99
CA ALA J 45 14.12 -10.04 52.82
C ALA J 45 14.61 -8.77 52.09
N GLY J 46 13.71 -7.83 51.82
CA GLY J 46 14.00 -6.54 51.18
C GLY J 46 13.63 -6.44 49.70
N GLN J 47 13.08 -7.49 49.09
CA GLN J 47 12.74 -7.55 47.66
C GLN J 47 11.29 -7.98 47.47
N SER J 48 10.73 -7.69 46.29
CA SER J 48 9.53 -8.41 45.85
C SER J 48 9.82 -9.91 45.75
N PRO J 49 8.81 -10.76 45.60
CA PRO J 49 9.04 -12.06 45.02
C PRO J 49 9.72 -11.94 43.66
N GLN J 50 10.57 -12.92 43.33
CA GLN J 50 11.37 -13.02 42.12
C GLN J 50 10.99 -14.30 41.38
N LEU J 51 10.67 -14.24 40.09
CA LEU J 51 10.26 -15.41 39.34
C LEU J 51 11.36 -16.48 39.28
N LEU J 52 10.98 -17.74 39.53
CA LEU J 52 11.76 -18.97 39.32
C LEU J 52 11.30 -19.73 38.06
N ILE J 53 9.98 -19.89 37.93
CA ILE J 53 9.28 -20.57 36.84
C ILE J 53 8.11 -19.69 36.44
N PHE J 54 7.95 -19.32 35.18
CA PHE J 54 6.99 -18.27 34.82
C PHE J 54 5.57 -18.78 34.53
N GLY J 55 5.42 -20.07 34.22
CA GLY J 55 4.14 -20.66 33.84
C GLY J 55 4.32 -22.10 33.39
N GLY J 56 3.39 -22.98 33.75
CA GLY J 56 3.58 -24.42 33.68
C GLY J 56 4.94 -24.85 34.26
N SER J 57 5.64 -25.73 33.55
CA SER J 57 7.03 -26.10 33.84
C SER J 57 8.07 -25.02 33.50
N LYS J 58 7.72 -23.95 32.79
CA LYS J 58 8.68 -23.19 31.98
C LYS J 58 9.64 -22.30 32.78
N ARG J 59 10.93 -22.53 32.58
CA ARG J 59 12.06 -21.87 33.26
C ARG J 59 12.13 -20.38 32.92
N VAL J 60 12.37 -19.56 33.93
CA VAL J 60 12.49 -18.10 33.77
C VAL J 60 13.77 -17.74 33.01
N PRO J 61 13.73 -16.78 32.06
CA PRO J 61 14.94 -16.37 31.34
C PRO J 61 16.00 -15.84 32.29
N GLY J 62 17.24 -16.30 32.14
CA GLY J 62 18.37 -15.87 32.97
C GLY J 62 18.35 -16.28 34.44
N ILE J 63 17.53 -17.28 34.83
CA ILE J 63 17.43 -17.77 36.23
C ILE J 63 18.61 -18.68 36.65
N SER J 64 18.58 -19.20 37.87
CA SER J 64 19.51 -20.18 38.42
C SER J 64 19.66 -21.45 37.57
N ASP J 65 20.61 -22.31 37.93
CA ASP J 65 20.54 -23.74 37.61
C ASP J 65 19.11 -24.26 37.89
N ARG J 66 18.59 -25.07 36.97
CA ARG J 66 17.13 -25.24 36.79
C ARG J 66 16.40 -25.77 38.03
N PHE J 67 15.27 -25.14 38.33
CA PHE J 67 14.36 -25.58 39.41
C PHE J 67 13.21 -26.46 38.89
N ILE J 68 13.09 -26.62 37.58
CA ILE J 68 11.89 -27.10 36.87
C ILE J 68 11.26 -28.33 37.53
N GLY J 69 9.97 -28.25 37.84
CA GLY J 69 9.30 -29.27 38.62
C GLY J 69 8.59 -30.37 37.84
N SER J 70 8.34 -31.47 38.53
CA SER J 70 7.57 -32.62 38.09
C SER J 70 6.07 -32.42 38.36
N GLY J 71 5.23 -33.21 37.69
CA GLY J 71 3.77 -33.17 37.83
C GLY J 71 3.09 -32.07 37.00
N ALA J 72 1.77 -31.96 37.14
CA ALA J 72 0.96 -30.82 36.77
C ALA J 72 -0.35 -30.85 37.57
N GLY J 73 -1.02 -29.70 37.68
CA GLY J 73 -2.34 -29.59 38.30
C GLY J 73 -2.34 -29.97 39.78
N THR J 74 -2.98 -31.09 40.12
CA THR J 74 -3.16 -31.53 41.51
C THR J 74 -1.84 -31.73 42.27
N ASN J 75 -0.74 -32.01 41.56
CA ASN J 75 0.61 -31.94 42.07
C ASN J 75 1.49 -31.24 41.06
N PHE J 76 2.27 -30.26 41.48
CA PHE J 76 3.49 -29.94 40.78
C PHE J 76 4.58 -29.71 41.83
N THR J 77 5.80 -30.11 41.52
CA THR J 77 6.87 -30.18 42.52
C THR J 77 8.18 -29.73 41.92
N LEU J 78 8.62 -28.52 42.25
CA LEU J 78 9.97 -28.01 41.95
C LEU J 78 11.07 -28.93 42.49
N LYS J 79 12.23 -28.92 41.82
CA LYS J 79 13.48 -29.39 42.41
C LYS J 79 14.69 -28.60 41.91
N ILE J 80 15.44 -27.96 42.81
CA ILE J 80 16.61 -27.18 42.41
C ILE J 80 17.76 -28.12 42.09
N SER J 81 18.48 -27.88 41.01
CA SER J 81 19.64 -28.71 40.66
C SER J 81 20.75 -28.67 41.71
N SER J 82 20.97 -27.54 42.40
CA SER J 82 21.84 -27.45 43.56
C SER J 82 21.45 -26.27 44.43
N VAL J 83 21.18 -26.53 45.70
CA VAL J 83 21.15 -25.50 46.74
C VAL J 83 22.50 -24.81 46.78
N GLU J 84 22.49 -23.51 47.00
CA GLU J 84 23.69 -22.71 47.26
C GLU J 84 23.46 -21.88 48.52
N ALA J 85 24.51 -21.42 49.20
CA ALA J 85 24.40 -20.75 50.50
C ALA J 85 23.54 -19.45 50.48
N ASP J 86 23.26 -18.93 49.29
CA ASP J 86 22.28 -17.87 49.04
C ASP J 86 20.84 -18.27 49.37
N ASP J 87 20.51 -19.56 49.41
CA ASP J 87 19.13 -20.04 49.23
C ASP J 87 18.23 -20.03 50.46
N VAL J 88 18.65 -19.38 51.56
CA VAL J 88 17.68 -18.94 52.56
C VAL J 88 16.62 -18.06 51.89
N GLY J 89 15.34 -18.39 52.05
CA GLY J 89 14.27 -17.60 51.47
C GLY J 89 12.90 -18.24 51.54
N PHE J 90 11.88 -17.54 51.06
CA PHE J 90 10.51 -18.02 50.98
C PHE J 90 10.21 -18.40 49.52
N TYR J 91 9.87 -19.65 49.29
CA TYR J 91 9.70 -20.19 47.94
C TYR J 91 8.27 -20.67 47.78
N TYR J 92 7.63 -20.33 46.67
CA TYR J 92 6.20 -20.53 46.47
C TYR J 92 5.89 -20.88 45.02
N CYS J 93 4.83 -21.63 44.82
CA CYS J 93 4.09 -21.59 43.57
C CYS J 93 2.94 -20.60 43.66
N ALA J 94 2.31 -20.30 42.53
CA ALA J 94 0.94 -19.82 42.38
C ALA J 94 0.40 -20.38 41.06
N GLN J 95 -0.90 -20.29 40.84
CA GLN J 95 -1.57 -21.22 39.93
C GLN J 95 -1.68 -20.73 38.49
N GLY J 96 -1.45 -19.46 38.17
CA GLY J 96 -1.58 -18.93 36.81
C GLY J 96 -3.01 -19.01 36.23
N VAL J 97 -3.97 -19.24 37.11
CA VAL J 97 -5.35 -19.67 36.85
C VAL J 97 -6.30 -18.47 36.71
N ALA J 98 -7.53 -18.69 36.27
CA ALA J 98 -8.57 -17.67 36.43
C ALA J 98 -8.73 -17.27 37.91
N PHE J 99 -8.42 -16.02 38.22
CA PHE J 99 -8.72 -15.36 39.49
C PHE J 99 -10.25 -15.17 39.60
N PRO J 100 -10.86 -15.09 40.81
CA PRO J 100 -10.22 -15.04 42.11
C PRO J 100 -9.51 -16.34 42.47
N TRP J 101 -8.31 -16.18 42.97
CA TRP J 101 -7.39 -17.25 43.35
C TRP J 101 -6.53 -16.78 44.54
N THR J 102 -5.93 -17.69 45.30
CA THR J 102 -5.10 -17.38 46.49
C THR J 102 -3.78 -18.12 46.49
N PHE J 103 -2.69 -17.43 46.85
CA PHE J 103 -1.41 -18.02 47.16
C PHE J 103 -1.56 -19.17 48.17
N GLY J 104 -0.74 -20.21 48.04
CA GLY J 104 -0.40 -21.05 49.18
C GLY J 104 0.75 -20.43 49.96
N GLN J 105 0.93 -20.82 51.21
CA GLN J 105 1.65 -20.01 52.20
C GLN J 105 3.18 -19.87 52.00
N GLY J 106 3.77 -20.46 50.98
CA GLY J 106 5.22 -20.44 50.78
C GLY J 106 5.99 -21.35 51.71
N THR J 107 7.22 -21.63 51.34
CA THR J 107 8.08 -22.62 51.98
C THR J 107 9.41 -21.96 52.37
N LYS J 108 9.75 -21.98 53.65
CA LYS J 108 10.99 -21.35 54.17
C LYS J 108 12.18 -22.27 53.93
N VAL J 109 12.92 -22.08 52.84
CA VAL J 109 14.24 -22.71 52.71
C VAL J 109 15.23 -21.96 53.60
N GLU J 110 16.17 -22.68 54.20
CA GLU J 110 17.27 -22.14 55.01
C GLU J 110 18.55 -22.92 54.69
N ILE J 111 19.72 -22.40 55.05
CA ILE J 111 20.94 -23.21 55.02
C ILE J 111 21.01 -24.09 56.27
N LYS J 112 21.52 -25.33 56.17
CA LYS J 112 21.76 -26.23 57.32
C LYS J 112 23.16 -26.03 57.91
N ARG J 113 23.29 -26.24 59.22
CA ARG J 113 24.51 -26.07 60.04
C ARG J 113 24.54 -27.11 61.17
N ALA J 114 25.69 -27.23 61.82
CA ALA J 114 25.82 -27.90 63.11
C ALA J 114 25.09 -27.12 64.22
N VAL J 115 24.79 -27.77 65.36
CA VAL J 115 24.03 -27.20 66.49
C VAL J 115 24.81 -26.18 67.33
N ALA J 116 25.30 -25.14 66.69
CA ALA J 116 26.07 -24.07 67.30
C ALA J 116 25.35 -23.49 68.53
N ALA J 117 26.11 -23.21 69.58
CA ALA J 117 25.60 -22.67 70.83
C ALA J 117 25.39 -21.15 70.75
N PRO J 118 24.39 -20.61 71.47
CA PRO J 118 24.35 -19.19 71.80
C PRO J 118 25.51 -18.83 72.73
N SER J 119 26.32 -17.84 72.37
CA SER J 119 27.02 -17.05 73.40
C SER J 119 25.93 -16.32 74.20
N VAL J 120 26.01 -16.36 75.53
CA VAL J 120 24.95 -15.85 76.43
C VAL J 120 25.46 -14.65 77.20
N PHE J 121 24.78 -13.51 77.03
CA PHE J 121 25.14 -12.25 77.67
C PHE J 121 23.92 -11.69 78.41
N ILE J 122 24.14 -11.19 79.62
CA ILE J 122 23.10 -10.75 80.55
C ILE J 122 23.72 -9.78 81.54
N PHE J 123 22.87 -9.05 82.24
CA PHE J 123 23.30 -7.90 83.01
C PHE J 123 22.12 -7.37 83.82
N PRO J 124 22.36 -6.65 84.93
CA PRO J 124 21.34 -5.81 85.53
C PRO J 124 21.04 -4.70 84.52
N PRO J 125 19.82 -4.65 83.94
CA PRO J 125 19.48 -3.56 83.03
C PRO J 125 19.74 -2.20 83.68
N SER J 126 20.35 -1.32 82.90
CA SER J 126 20.84 0.00 83.29
C SER J 126 19.83 0.84 84.06
N GLU J 127 20.35 1.59 85.00
CA GLU J 127 19.60 2.19 86.09
C GLU J 127 18.71 3.36 85.63
N ASP J 128 18.97 3.92 84.45
CA ASP J 128 18.06 4.85 83.80
C ASP J 128 16.75 4.14 83.42
N GLN J 129 16.80 2.92 82.87
CA GLN J 129 15.59 2.11 82.68
C GLN J 129 14.93 1.79 84.04
N VAL J 130 15.74 1.51 85.08
CA VAL J 130 15.24 1.20 86.43
C VAL J 130 14.46 2.36 87.02
N LYS J 131 14.98 3.60 87.01
CA LYS J 131 14.20 4.76 87.46
C LYS J 131 13.04 5.12 86.54
N SER J 132 13.00 4.61 85.30
CA SER J 132 11.93 4.82 84.32
C SER J 132 10.68 3.93 84.54
N GLY J 133 10.51 3.34 85.73
CA GLY J 133 9.24 2.78 86.21
C GLY J 133 8.92 1.37 85.74
N THR J 134 9.54 0.92 84.65
CA THR J 134 9.41 -0.42 84.08
C THR J 134 10.77 -0.89 83.57
N VAL J 135 11.04 -2.17 83.76
CA VAL J 135 12.33 -2.81 83.54
C VAL J 135 12.14 -4.07 82.73
N SER J 136 12.53 -4.00 81.47
CA SER J 136 12.94 -5.18 80.72
C SER J 136 14.29 -5.64 81.27
N VAL J 137 14.32 -6.82 81.88
CA VAL J 137 15.55 -7.60 81.98
C VAL J 137 15.74 -8.29 80.65
N VAL J 138 16.97 -8.21 80.14
CA VAL J 138 17.27 -8.55 78.76
C VAL J 138 18.47 -9.45 78.75
N CYS J 139 18.44 -10.45 77.88
CA CYS J 139 19.53 -11.35 77.61
C CYS J 139 19.84 -11.24 76.12
N LEU J 140 21.09 -10.98 75.78
CA LEU J 140 21.54 -10.81 74.40
C LEU J 140 22.34 -12.07 74.05
N LEU J 141 21.94 -12.75 72.98
CA LEU J 141 22.48 -14.04 72.63
C LEU J 141 22.96 -14.03 71.18
N ASN J 142 24.04 -14.73 70.90
CA ASN J 142 24.75 -14.64 69.64
C ASN J 142 25.13 -16.02 69.11
N ASN J 143 24.96 -16.27 67.82
CA ASN J 143 25.51 -17.40 67.09
C ASN J 143 24.99 -18.82 67.39
N PHE J 144 23.73 -18.98 67.80
CA PHE J 144 23.11 -20.30 67.86
C PHE J 144 22.68 -20.85 66.49
N TYR J 145 22.65 -22.17 66.31
CA TYR J 145 21.87 -22.86 65.27
C TYR J 145 21.29 -24.16 65.85
N PRO J 146 20.09 -24.64 65.47
CA PRO J 146 19.07 -23.96 64.66
C PRO J 146 18.51 -22.73 65.38
N ARG J 147 17.54 -22.01 64.78
CA ARG J 147 16.87 -20.86 65.42
C ARG J 147 16.10 -21.18 66.71
N GLU J 148 15.97 -22.47 67.05
CA GLU J 148 15.25 -22.97 68.23
C GLU J 148 16.04 -22.72 69.53
N ALA J 149 16.36 -21.47 69.85
CA ALA J 149 16.79 -21.04 71.18
C ALA J 149 15.73 -20.16 71.87
N SER J 150 15.51 -20.38 73.17
CA SER J 150 14.60 -19.56 73.98
C SER J 150 15.03 -19.50 75.44
N VAL J 151 14.68 -18.45 76.16
CA VAL J 151 15.10 -18.26 77.56
C VAL J 151 13.94 -18.45 78.52
N LYS J 152 14.06 -19.42 79.44
CA LYS J 152 13.03 -19.69 80.46
C LYS J 152 13.29 -18.85 81.71
N TRP J 153 13.22 -17.53 81.55
CA TRP J 153 13.53 -16.55 82.59
C TRP J 153 12.97 -16.90 83.97
N LYS J 154 13.83 -16.87 84.99
CA LYS J 154 13.43 -17.00 86.41
C LYS J 154 14.06 -15.91 87.25
N VAL J 155 13.31 -15.38 88.21
CA VAL J 155 13.67 -14.18 89.00
C VAL J 155 13.54 -14.49 90.50
N ASP J 156 14.66 -14.56 91.23
CA ASP J 156 14.75 -15.33 92.50
C ASP J 156 14.11 -16.72 92.42
N GLY J 157 14.25 -17.37 91.25
CA GLY J 157 13.62 -18.65 90.94
C GLY J 157 12.16 -18.59 90.48
N VAL J 158 11.48 -17.44 90.55
CA VAL J 158 10.11 -17.28 90.07
C VAL J 158 10.10 -17.23 88.55
N LEU J 159 9.48 -18.22 87.91
CA LEU J 159 9.34 -18.28 86.46
C LEU J 159 8.58 -17.05 85.93
N LYS J 160 8.98 -16.57 84.75
CA LYS J 160 8.47 -15.35 84.09
C LYS J 160 6.96 -15.13 84.16
N THR J 161 6.58 -13.86 84.29
CA THR J 161 5.20 -13.35 84.34
C THR J 161 4.41 -13.53 83.05
N GLY J 162 5.03 -14.04 81.99
CA GLY J 162 4.50 -14.03 80.62
C GLY J 162 4.67 -12.69 79.91
N ASN J 163 5.05 -11.62 80.62
CA ASN J 163 5.42 -10.33 80.00
C ASN J 163 6.86 -10.39 79.44
N SER J 164 7.12 -11.42 78.63
CA SER J 164 8.42 -11.76 78.07
C SER J 164 8.31 -11.84 76.56
N GLN J 165 9.34 -11.38 75.87
CA GLN J 165 9.39 -11.26 74.41
C GLN J 165 10.81 -11.60 73.94
N GLU J 166 10.97 -12.13 72.74
CA GLU J 166 12.23 -12.76 72.30
C GLU J 166 12.51 -12.46 70.82
N SER J 167 13.19 -11.35 70.58
CA SER J 167 13.48 -10.80 69.25
C SER J 167 14.71 -11.46 68.61
N VAL J 168 14.48 -12.50 67.82
CA VAL J 168 15.53 -13.22 67.07
C VAL J 168 15.98 -12.48 65.80
N THR J 169 17.17 -12.78 65.29
CA THR J 169 17.56 -12.51 63.90
C THR J 169 16.98 -13.56 62.93
N GLU J 170 16.92 -13.21 61.65
CA GLU J 170 16.96 -14.22 60.57
C GLU J 170 18.31 -14.97 60.58
N GLN J 171 18.46 -15.95 59.69
CA GLN J 171 19.71 -16.69 59.55
C GLN J 171 20.85 -15.75 59.13
N ASP J 172 21.98 -15.89 59.81
CA ASP J 172 23.20 -15.14 59.59
C ASP J 172 23.75 -15.44 58.19
N SER J 173 24.06 -14.42 57.40
CA SER J 173 24.51 -14.61 56.01
C SER J 173 25.81 -15.41 55.85
N LYS J 174 26.70 -15.35 56.85
CA LYS J 174 28.04 -15.96 56.84
C LYS J 174 28.08 -17.20 57.73
N ASP J 175 27.71 -17.01 58.99
CA ASP J 175 27.76 -18.04 60.03
C ASP J 175 26.65 -19.07 59.81
N ASN J 176 25.55 -18.65 59.17
CA ASN J 176 24.30 -19.38 59.09
C ASN J 176 23.72 -19.79 60.45
N THR J 177 24.16 -19.10 61.50
CA THR J 177 23.59 -19.14 62.84
C THR J 177 22.49 -18.09 62.96
N TYR J 178 22.08 -17.79 64.18
CA TYR J 178 21.08 -16.81 64.58
C TYR J 178 21.52 -16.19 65.91
N SER J 179 20.94 -15.04 66.24
CA SER J 179 21.18 -14.26 67.45
C SER J 179 19.84 -13.75 68.00
N LEU J 180 19.76 -13.31 69.26
CA LEU J 180 18.49 -12.99 69.94
C LEU J 180 18.64 -11.90 71.01
N SER J 181 17.71 -10.94 71.03
CA SER J 181 17.38 -10.18 72.24
C SER J 181 16.21 -10.85 72.96
N SER J 182 16.51 -11.69 73.94
CA SER J 182 15.52 -12.25 74.83
C SER J 182 15.18 -11.28 75.96
N THR J 183 13.92 -11.26 76.43
CA THR J 183 13.48 -10.25 77.40
C THR J 183 12.37 -10.75 78.30
N LEU J 184 12.35 -10.27 79.55
CA LEU J 184 11.24 -10.31 80.49
C LEU J 184 11.04 -8.91 81.08
N THR J 185 9.80 -8.46 81.22
CA THR J 185 9.47 -7.12 81.68
C THR J 185 8.71 -7.11 83.01
N LEU J 186 9.18 -6.26 83.91
CA LEU J 186 8.75 -6.05 85.29
C LEU J 186 8.41 -4.56 85.47
N SER J 187 7.59 -4.15 86.45
CA SER J 187 7.75 -2.78 86.96
C SER J 187 9.13 -2.61 87.59
N ASN J 188 9.58 -1.38 87.81
CA ASN J 188 10.81 -1.21 88.58
C ASN J 188 10.67 -1.72 90.02
N THR J 189 9.49 -1.58 90.65
CA THR J 189 9.20 -2.20 91.95
C THR J 189 9.37 -3.71 91.87
N ASP J 190 8.80 -4.36 90.86
CA ASP J 190 8.91 -5.80 90.69
C ASP J 190 10.34 -6.25 90.37
N TYR J 191 11.11 -5.44 89.65
CA TYR J 191 12.53 -5.70 89.44
C TYR J 191 13.33 -5.53 90.75
N GLN J 192 13.01 -4.54 91.59
CA GLN J 192 13.61 -4.43 92.91
C GLN J 192 13.16 -5.57 93.83
N SER J 193 11.96 -6.11 93.63
CA SER J 193 11.38 -7.22 94.40
C SER J 193 12.02 -8.59 94.15
N HIS J 194 12.93 -8.73 93.18
CA HIS J 194 13.74 -9.94 93.03
C HIS J 194 15.21 -9.58 92.79
N ASN J 195 16.13 -10.45 93.20
CA ASN J 195 17.56 -10.19 93.22
C ASN J 195 18.27 -10.81 92.01
N VAL J 196 18.24 -12.14 91.88
CA VAL J 196 18.97 -12.87 90.82
C VAL J 196 18.03 -13.24 89.68
N TYR J 197 18.47 -12.97 88.46
CA TYR J 197 17.74 -13.18 87.22
C TYR J 197 18.49 -14.19 86.38
N ALA J 198 17.89 -15.35 86.18
CA ALA J 198 18.44 -16.39 85.34
C ALA J 198 17.91 -16.24 83.91
N CYS J 199 18.79 -15.93 82.98
CA CYS J 199 18.60 -16.22 81.56
C CYS J 199 18.82 -17.73 81.36
N GLU J 200 17.74 -18.51 81.48
CA GLU J 200 17.77 -19.97 81.32
C GLU J 200 17.72 -20.40 79.85
N VAL J 201 18.88 -20.37 79.19
CA VAL J 201 18.99 -20.52 77.74
C VAL J 201 18.76 -21.96 77.28
N THR J 202 17.69 -22.19 76.56
CA THR J 202 17.23 -23.52 76.13
C THR J 202 17.57 -23.70 74.68
N HIS J 203 18.37 -24.70 74.32
CA HIS J 203 18.84 -24.88 72.94
C HIS J 203 19.37 -26.31 72.69
N GLN J 204 19.49 -26.71 71.42
CA GLN J 204 19.86 -28.07 71.00
C GLN J 204 21.33 -28.42 71.26
N GLY J 205 22.22 -27.44 71.10
CA GLY J 205 23.65 -27.55 71.41
C GLY J 205 23.99 -27.42 72.90
N LEU J 206 22.97 -27.28 73.75
CA LEU J 206 23.05 -27.06 75.20
C LEU J 206 22.33 -28.21 75.95
N SER J 207 22.59 -28.33 77.24
CA SER J 207 22.08 -29.40 78.09
C SER J 207 20.59 -29.28 78.45
N SER J 208 20.06 -28.05 78.45
CA SER J 208 18.89 -27.66 79.24
C SER J 208 18.55 -26.18 78.98
N PRO J 209 17.56 -25.59 79.67
CA PRO J 209 17.50 -24.17 79.96
C PRO J 209 18.71 -23.72 80.82
N VAL J 210 19.88 -23.55 80.22
CA VAL J 210 21.16 -23.27 80.90
C VAL J 210 21.12 -21.94 81.66
N THR J 211 21.24 -21.99 82.99
CA THR J 211 20.89 -20.88 83.89
C THR J 211 22.02 -19.88 84.08
N LYS J 212 22.45 -19.22 83.01
CA LYS J 212 23.31 -18.05 83.10
C LYS J 212 22.53 -16.93 83.80
N SER J 213 23.16 -16.12 84.64
CA SER J 213 22.44 -15.14 85.47
C SER J 213 23.15 -13.80 85.67
N PHE J 214 22.41 -12.81 86.17
CA PHE J 214 22.93 -11.60 86.80
C PHE J 214 22.18 -11.31 88.11
N ASN J 215 22.73 -10.46 88.96
CA ASN J 215 22.05 -9.96 90.16
C ASN J 215 21.90 -8.43 90.09
N ARG J 216 20.69 -7.94 90.36
CA ARG J 216 20.38 -6.51 90.35
C ARG J 216 20.86 -5.80 91.62
N GLY J 217 21.19 -4.51 91.49
CA GLY J 217 21.74 -3.68 92.56
C GLY J 217 23.25 -3.79 92.77
N GLU J 218 23.95 -4.69 92.06
CA GLU J 218 25.42 -4.80 92.07
C GLU J 218 26.14 -3.64 91.38
#